data_9ISD
#
_entry.id   9ISD
#
_cell.length_a   114.540
_cell.length_b   116.476
_cell.length_c   122.750
_cell.angle_alpha   96.21
_cell.angle_beta   114.92
_cell.angle_gamma   109.69
#
_symmetry.space_group_name_H-M   'P 1'
#
loop_
_entity.id
_entity.type
_entity.pdbx_description
1 polymer 'Glutaminyl-peptide cyclotransferase'
2 non-polymer 'ZINC ION'
3 non-polymer N-(1H-benzo[d]imidazol-5-yl)-1-phenylmethanesulfonamide
4 non-polymer GLYCEROL
5 non-polymer 'DIMETHYL SULFOXIDE'
6 non-polymer DIMETHYLFORMAMIDE
7 non-polymer DI(HYDROXYETHYL)ETHER
8 water water
#
_entity_poly.entity_id   1
_entity_poly.type   'polypeptide(L)'
_entity_poly.pdbx_seq_one_letter_code
;MAGGRHRRVVGTLHLLLLVAALPWASRGVSPSASAWPEEKNYHQPAILNSSALRQIAEGTSISEMWQNDLQPLLIERYPG
SPGSYAARQHIMQRIQRLQADWVLEIDTFLSQTPYGYRSFSNIISTLNPTAKRHLVLACHYDSKYFSHWNNRVFVGATDS
AVPCAMMLELARALDKKLLSLKTVSDSKPDLSLQLIFFDGEEAFLHWSPQDSLYGSRHLAAKMASTPHPPGARGTSQLHG
MDLLVLLDLIGAPNPTFPNFFPNSARWFERLQAIEHELHELGLLKDHSLEGRYFQNYSYGGVIQDDHIPFLRRGVPVLHL
IPSPFPEVWHTMDDNEENLDESTIDNLNKILQVFVLEYLHL
;
_entity_poly.pdbx_strand_id   A,B,C,D,E,F,G,H,I,J,K,L
#
# COMPACT_ATOMS: atom_id res chain seq x y z
N ALA A 33 -3.06 -31.71 17.82
CA ALA A 33 -3.96 -32.31 16.82
C ALA A 33 -5.31 -31.61 16.69
N SER A 34 -5.42 -30.26 16.81
CA SER A 34 -4.33 -29.22 16.99
C SER A 34 -3.03 -29.32 16.17
N ALA A 35 -3.02 -30.19 15.19
CA ALA A 35 -1.89 -30.43 14.30
C ALA A 35 -2.27 -30.19 12.86
N TRP A 36 -3.58 -29.97 12.57
CA TRP A 36 -4.07 -29.74 11.21
C TRP A 36 -3.20 -28.71 10.45
N PRO A 37 -2.61 -27.67 11.07
CA PRO A 37 -1.75 -26.77 10.26
C PRO A 37 -0.69 -27.44 9.37
N GLU A 38 -0.33 -28.70 9.60
CA GLU A 38 0.61 -29.46 8.79
C GLU A 38 -0.06 -29.98 7.53
N GLU A 39 -1.38 -29.90 7.47
CA GLU A 39 -2.09 -30.56 6.38
C GLU A 39 -1.71 -29.96 5.02
N LYS A 40 -1.64 -28.62 4.90
CA LYS A 40 -1.33 -27.94 3.62
C LYS A 40 0.03 -28.35 3.02
N ASN A 41 0.94 -28.86 3.89
CA ASN A 41 2.21 -29.39 3.40
C ASN A 41 2.03 -30.66 2.55
N TYR A 42 0.95 -31.42 2.79
CA TYR A 42 0.67 -32.69 2.11
C TYR A 42 -0.38 -32.60 1.02
N HIS A 43 -0.96 -31.41 0.78
CA HIS A 43 -2.02 -31.25 -0.21
C HIS A 43 -1.53 -31.38 -1.66
N GLN A 44 -2.35 -32.04 -2.48
CA GLN A 44 -2.13 -32.49 -3.84
C GLN A 44 -3.33 -32.10 -4.69
N PRO A 45 -3.14 -31.83 -5.97
CA PRO A 45 -4.29 -31.43 -6.79
C PRO A 45 -5.00 -32.62 -7.40
N ALA A 46 -6.16 -32.31 -7.98
CA ALA A 46 -7.00 -33.20 -8.77
C ALA A 46 -7.05 -32.69 -10.22
N ILE A 47 -6.21 -33.32 -11.09
CA ILE A 47 -5.83 -32.75 -12.40
C ILE A 47 -6.90 -33.06 -13.47
N LEU A 48 -7.35 -32.03 -14.16
CA LEU A 48 -8.44 -32.12 -15.08
C LEU A 48 -8.01 -32.66 -16.43
N ASN A 49 -8.92 -33.38 -17.07
CA ASN A 49 -8.70 -33.89 -18.41
C ASN A 49 -8.74 -32.71 -19.39
N SER A 50 -8.75 -33.03 -20.69
CA SER A 50 -8.72 -32.04 -21.76
C SER A 50 -10.09 -31.52 -22.17
N SER A 51 -11.16 -32.24 -21.88
CA SER A 51 -12.49 -31.73 -22.19
C SER A 51 -13.01 -30.86 -21.06
N ALA A 52 -12.54 -31.08 -19.83
CA ALA A 52 -12.85 -30.13 -18.76
C ALA A 52 -12.06 -28.85 -18.97
N LEU A 53 -10.80 -28.94 -19.47
CA LEU A 53 -10.00 -27.75 -19.80
C LEU A 53 -10.66 -26.92 -20.91
N ARG A 54 -11.32 -27.56 -21.88
CA ARG A 54 -12.06 -26.87 -22.93
C ARG A 54 -13.31 -26.15 -22.41
N GLN A 55 -13.95 -26.69 -21.37
CA GLN A 55 -15.13 -26.08 -20.75
C GLN A 55 -14.76 -24.81 -20.01
N ILE A 56 -13.68 -24.90 -19.22
CA ILE A 56 -13.12 -23.73 -18.56
C ILE A 56 -12.83 -22.62 -19.59
N ALA A 57 -12.11 -22.93 -20.68
CA ALA A 57 -11.78 -21.93 -21.68
C ALA A 57 -13.02 -21.26 -22.26
N GLU A 58 -14.00 -22.05 -22.62
CA GLU A 58 -15.26 -21.50 -23.09
C GLU A 58 -16.08 -20.78 -22.02
N GLY A 59 -15.76 -20.94 -20.74
CA GLY A 59 -16.59 -20.44 -19.67
C GLY A 59 -16.30 -19.06 -19.19
N THR A 60 -15.28 -18.37 -19.73
CA THR A 60 -14.85 -17.02 -19.31
C THR A 60 -14.87 -16.03 -20.48
N SER A 61 -15.43 -14.85 -20.25
CA SER A 61 -15.49 -13.81 -21.26
C SER A 61 -14.69 -12.60 -20.80
N ILE A 62 -13.70 -12.24 -21.61
CA ILE A 62 -12.89 -11.06 -21.41
C ILE A 62 -13.68 -9.75 -21.66
N SER A 63 -14.76 -9.74 -22.41
CA SER A 63 -15.41 -8.46 -22.68
C SER A 63 -16.49 -8.15 -21.67
N GLU A 64 -17.12 -9.20 -21.10
CA GLU A 64 -17.93 -9.01 -19.91
C GLU A 64 -17.08 -8.49 -18.76
N MET A 65 -15.91 -9.11 -18.53
CA MET A 65 -14.98 -8.61 -17.53
C MET A 65 -14.59 -7.19 -17.82
N TRP A 66 -14.17 -6.92 -19.05
CA TRP A 66 -13.72 -5.58 -19.43
C TRP A 66 -14.81 -4.55 -19.12
N GLN A 67 -16.04 -4.83 -19.51
CA GLN A 67 -17.09 -3.83 -19.38
C GLN A 67 -17.71 -3.76 -17.97
N ASN A 68 -17.95 -4.89 -17.30
CA ASN A 68 -18.74 -4.85 -16.08
C ASN A 68 -17.91 -4.96 -14.79
N ASP A 69 -16.60 -5.27 -14.90
CA ASP A 69 -15.74 -5.49 -13.73
C ASP A 69 -14.54 -4.53 -13.69
N LEU A 70 -13.85 -4.37 -14.83
CA LEU A 70 -12.68 -3.51 -14.95
C LEU A 70 -13.00 -2.00 -15.05
N GLN A 71 -13.78 -1.59 -16.05
CA GLN A 71 -13.86 -0.17 -16.37
C GLN A 71 -14.31 0.70 -15.21
N PRO A 72 -15.25 0.30 -14.36
CA PRO A 72 -15.65 1.22 -13.29
C PRO A 72 -14.52 1.49 -12.31
N LEU A 73 -13.49 0.63 -12.23
CA LEU A 73 -12.32 0.86 -11.36
C LEU A 73 -11.29 1.86 -11.90
N LEU A 74 -11.32 2.24 -13.19
CA LEU A 74 -10.25 3.05 -13.79
C LEU A 74 -10.48 4.53 -13.51
N ILE A 75 -10.41 4.82 -12.20
CA ILE A 75 -10.59 6.11 -11.56
C ILE A 75 -9.50 6.35 -10.51
N GLU A 76 -9.41 7.61 -10.06
CA GLU A 76 -8.63 8.02 -8.90
C GLU A 76 -9.22 7.53 -7.58
N ARG A 77 -8.45 6.72 -6.81
CA ARG A 77 -8.92 6.07 -5.56
C ARG A 77 -7.80 5.87 -4.52
N TYR A 78 -7.03 6.90 -4.18
CA TYR A 78 -6.09 6.77 -3.06
C TYR A 78 -6.87 6.68 -1.75
N PRO A 79 -6.21 6.25 -0.67
CA PRO A 79 -6.93 6.05 0.60
C PRO A 79 -7.55 7.35 1.13
N GLY A 80 -8.83 7.25 1.53
CA GLY A 80 -9.57 8.37 2.10
C GLY A 80 -10.45 9.12 1.10
N SER A 81 -10.30 8.83 -0.18
CA SER A 81 -10.84 9.67 -1.21
C SER A 81 -12.21 9.15 -1.63
N PRO A 82 -12.99 9.94 -2.37
CA PRO A 82 -14.29 9.40 -2.87
C PRO A 82 -14.16 8.20 -3.80
N GLY A 83 -13.13 8.11 -4.64
CA GLY A 83 -12.97 6.95 -5.51
C GLY A 83 -12.70 5.67 -4.77
N SER A 84 -12.29 5.77 -3.50
CA SER A 84 -11.99 4.60 -2.70
C SER A 84 -13.29 3.96 -2.18
N TYR A 85 -14.24 4.79 -1.68
CA TYR A 85 -15.57 4.33 -1.32
C TYR A 85 -16.36 3.80 -2.53
N ALA A 86 -16.19 4.40 -3.70
CA ALA A 86 -16.79 3.92 -4.93
C ALA A 86 -16.24 2.55 -5.36
N ALA A 87 -14.91 2.33 -5.33
CA ALA A 87 -14.40 1.01 -5.66
C ALA A 87 -14.82 -0.06 -4.65
N ARG A 88 -14.85 0.25 -3.37
CA ARG A 88 -15.39 -0.64 -2.37
C ARG A 88 -16.84 -1.07 -2.70
N GLN A 89 -17.70 -0.08 -3.07
CA GLN A 89 -19.10 -0.34 -3.33
C GLN A 89 -19.25 -1.19 -4.57
N HIS A 90 -18.41 -0.97 -5.58
CA HIS A 90 -18.45 -1.77 -6.80
C HIS A 90 -18.00 -3.23 -6.58
N ILE A 91 -16.95 -3.45 -5.80
CA ILE A 91 -16.46 -4.80 -5.49
C ILE A 91 -17.51 -5.60 -4.74
N MET A 92 -18.03 -5.05 -3.65
CA MET A 92 -19.11 -5.68 -2.90
C MET A 92 -20.35 -6.01 -3.78
N GLN A 93 -20.85 -5.06 -4.61
CA GLN A 93 -22.06 -5.29 -5.42
C GLN A 93 -21.88 -6.44 -6.39
N ARG A 94 -20.73 -6.47 -7.08
CA ARG A 94 -20.51 -7.51 -8.06
C ARG A 94 -20.41 -8.89 -7.43
N ILE A 95 -19.99 -8.99 -6.16
CA ILE A 95 -20.00 -10.29 -5.53
C ILE A 95 -21.40 -10.63 -5.05
N GLN A 96 -22.09 -9.63 -4.52
CA GLN A 96 -23.41 -9.85 -3.94
C GLN A 96 -24.44 -10.38 -4.91
N ARG A 97 -24.23 -10.28 -6.22
CA ARG A 97 -25.15 -10.83 -7.22
C ARG A 97 -24.90 -12.29 -7.61
N LEU A 98 -23.88 -12.93 -7.11
CA LEU A 98 -23.65 -14.30 -7.50
C LEU A 98 -24.39 -15.27 -6.57
N GLN A 99 -24.60 -16.48 -7.09
CA GLN A 99 -25.40 -17.47 -6.38
C GLN A 99 -24.63 -18.09 -5.22
N ALA A 100 -23.31 -18.24 -5.36
CA ALA A 100 -22.50 -18.76 -4.28
C ALA A 100 -22.65 -17.90 -3.01
N ASP A 101 -22.35 -18.56 -1.88
CA ASP A 101 -22.60 -18.03 -0.54
C ASP A 101 -21.39 -17.30 0.04
N TRP A 102 -21.16 -16.07 -0.43
CA TRP A 102 -20.02 -15.30 0.02
C TRP A 102 -20.37 -14.49 1.25
N VAL A 103 -19.56 -14.59 2.29
CA VAL A 103 -19.66 -13.71 3.45
C VAL A 103 -18.65 -12.57 3.34
N LEU A 104 -19.15 -11.31 3.42
CA LEU A 104 -18.34 -10.12 3.22
C LEU A 104 -18.07 -9.40 4.54
N GLU A 105 -16.79 -9.09 4.81
CA GLU A 105 -16.38 -8.37 6.03
C GLU A 105 -15.56 -7.15 5.59
N ILE A 106 -15.81 -6.01 6.24
CA ILE A 106 -15.11 -4.76 5.97
C ILE A 106 -14.29 -4.42 7.21
N ASP A 107 -12.94 -4.43 7.06
CA ASP A 107 -11.97 -4.29 8.14
C ASP A 107 -11.38 -2.88 8.10
N THR A 108 -11.81 -2.02 9.03
CA THR A 108 -11.54 -0.59 8.99
C THR A 108 -10.71 -0.19 10.19
N PHE A 109 -9.64 0.60 9.98
CA PHE A 109 -8.68 0.88 11.04
C PHE A 109 -8.05 2.27 10.84
N LEU A 110 -7.38 2.74 11.88
CA LEU A 110 -6.62 3.96 11.86
C LEU A 110 -5.14 3.65 11.87
N SER A 111 -4.38 4.52 11.20
CA SER A 111 -2.92 4.49 11.19
C SER A 111 -2.30 5.86 10.90
N GLN A 112 -1.08 6.05 11.41
CA GLN A 112 -0.26 7.24 11.21
C GLN A 112 0.44 7.21 9.85
N THR A 113 0.56 8.39 9.19
CA THR A 113 1.19 8.56 7.86
C THR A 113 2.02 9.85 7.83
N PRO A 114 2.82 10.06 6.78
CA PRO A 114 3.57 11.35 6.60
C PRO A 114 2.69 12.57 6.64
N TYR A 115 1.41 12.40 6.32
CA TYR A 115 0.42 13.47 6.47
C TYR A 115 -0.41 13.38 7.75
N GLY A 116 -0.13 12.49 8.70
CA GLY A 116 -0.94 12.40 9.90
C GLY A 116 -1.88 11.21 9.89
N TYR A 117 -2.73 11.15 10.90
CA TYR A 117 -3.67 10.04 11.05
C TYR A 117 -4.70 9.96 9.91
N ARG A 118 -4.90 8.76 9.37
CA ARG A 118 -5.83 8.48 8.26
C ARG A 118 -6.53 7.15 8.50
N SER A 119 -7.75 7.01 7.95
CA SER A 119 -8.52 5.77 8.05
C SER A 119 -8.44 4.93 6.77
N PHE A 120 -8.35 3.61 6.96
CA PHE A 120 -8.24 2.60 5.91
C PHE A 120 -9.31 1.49 6.06
N SER A 121 -9.58 0.80 4.96
CA SER A 121 -10.60 -0.30 4.95
C SER A 121 -10.22 -1.41 3.96
N ASN A 122 -9.87 -2.60 4.47
CA ASN A 122 -9.66 -3.77 3.62
C ASN A 122 -11.02 -4.45 3.29
N ILE A 123 -11.02 -5.39 2.31
CA ILE A 123 -12.23 -6.07 1.88
C ILE A 123 -11.98 -7.57 1.79
N ILE A 124 -12.70 -8.33 2.64
CA ILE A 124 -12.50 -9.77 2.73
C ILE A 124 -13.82 -10.47 2.38
N SER A 125 -13.78 -11.37 1.40
CA SER A 125 -14.95 -12.07 0.88
C SER A 125 -14.68 -13.57 1.02
N THR A 126 -15.51 -14.31 1.83
CA THR A 126 -15.16 -15.67 2.28
C THR A 126 -16.27 -16.71 2.01
N LEU A 127 -15.92 -17.81 1.37
CA LEU A 127 -16.83 -18.97 1.41
C LEU A 127 -16.52 -19.89 2.59
N ASN A 128 -17.58 -20.42 3.22
CA ASN A 128 -17.49 -21.35 4.34
C ASN A 128 -16.54 -20.83 5.46
N PRO A 129 -16.91 -19.71 6.06
CA PRO A 129 -15.96 -19.05 7.01
C PRO A 129 -15.56 -19.91 8.19
N THR A 130 -16.28 -20.99 8.43
CA THR A 130 -16.06 -21.88 9.57
C THR A 130 -15.08 -23.01 9.24
N ALA A 131 -14.81 -23.23 7.94
CA ALA A 131 -13.87 -24.26 7.49
C ALA A 131 -12.44 -23.91 7.96
N LYS A 132 -11.66 -24.92 8.32
CA LYS A 132 -10.39 -24.61 8.95
C LYS A 132 -9.39 -23.99 7.99
N ARG A 133 -9.37 -24.47 6.74
CA ARG A 133 -8.38 -24.11 5.73
C ARG A 133 -9.04 -23.37 4.57
N HIS A 134 -8.30 -22.36 4.05
CA HIS A 134 -8.73 -21.52 2.94
C HIS A 134 -7.54 -21.24 2.04
N LEU A 135 -7.71 -21.59 0.74
CA LEU A 135 -6.89 -21.05 -0.34
C LEU A 135 -7.24 -19.60 -0.59
N VAL A 136 -6.21 -18.74 -0.63
CA VAL A 136 -6.35 -17.29 -0.63
C VAL A 136 -5.77 -16.74 -1.93
N LEU A 137 -6.57 -15.87 -2.58
CA LEU A 137 -6.24 -15.03 -3.75
C LEU A 137 -6.32 -13.57 -3.36
N ALA A 138 -5.43 -12.72 -3.90
CA ALA A 138 -5.39 -11.35 -3.35
C ALA A 138 -4.74 -10.34 -4.29
N CYS A 139 -5.14 -9.08 -4.12
CA CYS A 139 -4.49 -7.91 -4.74
C CYS A 139 -4.75 -6.68 -3.83
N HIS A 140 -4.18 -5.52 -4.19
CA HIS A 140 -4.43 -4.23 -3.50
C HIS A 140 -5.37 -3.35 -4.35
N TYR A 141 -6.39 -2.77 -3.76
CA TYR A 141 -7.34 -1.98 -4.57
C TYR A 141 -7.11 -0.46 -4.50
N ASP A 142 -6.17 0.04 -3.64
CA ASP A 142 -5.89 1.46 -3.69
C ASP A 142 -5.12 1.81 -4.97
N SER A 143 -5.00 3.16 -5.23
CA SER A 143 -4.20 3.74 -6.31
C SER A 143 -3.33 4.84 -5.70
N LYS A 144 -2.13 4.95 -6.23
CA LYS A 144 -1.12 5.82 -5.65
C LYS A 144 -1.47 7.30 -5.80
N TYR A 145 -1.40 7.98 -4.65
CA TYR A 145 -1.45 9.44 -4.53
C TYR A 145 -0.39 10.22 -5.30
N PHE A 146 -0.85 10.99 -6.31
CA PHE A 146 -0.06 11.89 -7.17
C PHE A 146 -0.86 13.17 -7.41
N SER A 147 -0.12 14.25 -7.65
CA SER A 147 -0.71 15.44 -8.24
C SER A 147 -1.07 15.14 -9.71
N HIS A 148 -1.82 16.04 -10.36
CA HIS A 148 -2.25 15.79 -11.75
C HIS A 148 -1.18 16.33 -12.70
N TRP A 149 -0.15 15.54 -12.89
CA TRP A 149 0.93 15.92 -13.76
C TRP A 149 0.42 16.11 -15.20
N ASN A 150 0.60 17.32 -15.76
CA ASN A 150 0.17 17.69 -17.13
C ASN A 150 -1.35 17.60 -17.33
N ASN A 151 -2.11 17.93 -16.27
CA ASN A 151 -3.58 17.81 -16.28
C ASN A 151 -4.07 16.38 -16.64
N ARG A 152 -3.28 15.35 -16.29
CA ARG A 152 -3.68 13.94 -16.40
C ARG A 152 -3.77 13.30 -15.02
N VAL A 153 -4.53 12.19 -14.95
CA VAL A 153 -4.92 11.55 -13.67
C VAL A 153 -4.46 10.10 -13.62
N PHE A 154 -3.83 9.76 -12.49
CA PHE A 154 -3.20 8.45 -12.36
C PHE A 154 -4.25 7.48 -11.87
N VAL A 155 -4.42 6.36 -12.60
CA VAL A 155 -5.44 5.35 -12.31
C VAL A 155 -4.88 3.94 -12.17
N GLY A 156 -3.58 3.74 -12.31
CA GLY A 156 -2.98 2.41 -12.15
C GLY A 156 -3.75 1.22 -12.71
N ALA A 157 -3.73 1.08 -14.03
CA ALA A 157 -4.53 0.04 -14.66
C ALA A 157 -3.96 -1.34 -14.33
N THR A 158 -2.62 -1.51 -14.43
CA THR A 158 -1.95 -2.76 -14.00
C THR A 158 -1.70 -2.78 -12.49
N ASP A 159 -1.91 -1.65 -11.82
CA ASP A 159 -1.39 -1.35 -10.52
C ASP A 159 -2.46 -0.77 -9.65
N SER A 160 -3.51 -1.56 -9.31
CA SER A 160 -3.72 -2.97 -9.72
C SER A 160 -5.20 -3.15 -10.05
N ALA A 161 -5.72 -2.35 -11.00
CA ALA A 161 -7.15 -2.45 -11.34
C ALA A 161 -7.43 -3.75 -12.08
N VAL A 162 -6.54 -4.10 -12.99
CA VAL A 162 -6.70 -5.37 -13.67
C VAL A 162 -6.70 -6.52 -12.68
N PRO A 163 -5.70 -6.68 -11.83
CA PRO A 163 -5.81 -7.81 -10.91
C PRO A 163 -7.14 -7.86 -10.16
N CYS A 164 -7.78 -6.73 -9.78
CA CYS A 164 -9.10 -6.81 -9.11
C CYS A 164 -10.18 -7.44 -10.01
N ALA A 165 -10.24 -7.02 -11.30
CA ALA A 165 -11.26 -7.52 -12.24
C ALA A 165 -11.05 -9.01 -12.58
N MET A 166 -9.80 -9.45 -12.67
CA MET A 166 -9.50 -10.88 -12.78
C MET A 166 -10.11 -11.66 -11.61
N MET A 167 -10.03 -11.09 -10.39
CA MET A 167 -10.53 -11.85 -9.22
C MET A 167 -12.05 -11.92 -9.24
N LEU A 168 -12.73 -10.80 -9.60
CA LEU A 168 -14.18 -10.73 -9.79
C LEU A 168 -14.67 -11.59 -10.96
N GLU A 169 -13.95 -11.58 -12.10
CA GLU A 169 -14.27 -12.47 -13.22
C GLU A 169 -14.20 -13.94 -12.83
N LEU A 170 -13.23 -14.34 -11.96
CA LEU A 170 -13.10 -15.75 -11.56
C LEU A 170 -14.24 -16.19 -10.63
N ALA A 171 -14.67 -15.35 -9.68
CA ALA A 171 -15.82 -15.71 -8.88
C ALA A 171 -17.05 -15.90 -9.76
N ARG A 172 -17.22 -15.08 -10.80
CA ARG A 172 -18.45 -15.19 -11.62
C ARG A 172 -18.41 -16.46 -12.47
N ALA A 173 -17.29 -16.71 -13.17
CA ALA A 173 -17.21 -17.85 -14.09
C ALA A 173 -17.20 -19.17 -13.35
N LEU A 174 -16.70 -19.22 -12.13
CA LEU A 174 -16.73 -20.50 -11.44
C LEU A 174 -17.95 -20.63 -10.53
N ASP A 175 -18.91 -19.71 -10.66
CA ASP A 175 -19.97 -19.55 -9.66
C ASP A 175 -20.73 -20.86 -9.40
N LYS A 176 -21.09 -21.57 -10.48
CA LYS A 176 -21.85 -22.81 -10.32
C LYS A 176 -21.03 -23.86 -9.58
N LYS A 177 -19.76 -24.01 -9.93
CA LYS A 177 -19.01 -25.05 -9.21
C LYS A 177 -18.73 -24.61 -7.76
N LEU A 178 -18.46 -23.31 -7.51
CA LEU A 178 -18.19 -22.86 -6.12
C LEU A 178 -19.38 -23.10 -5.22
N LEU A 179 -20.58 -23.17 -5.82
CA LEU A 179 -21.84 -23.51 -5.13
C LEU A 179 -21.86 -24.91 -4.56
N SER A 180 -21.07 -25.81 -5.10
CA SER A 180 -21.03 -27.14 -4.53
C SER A 180 -20.65 -27.07 -3.06
N LEU A 181 -19.65 -26.25 -2.70
CA LEU A 181 -19.15 -26.19 -1.32
C LEU A 181 -20.17 -25.89 -0.23
N LYS A 182 -21.37 -25.47 -0.63
CA LYS A 182 -22.65 -25.50 0.13
C LYS A 182 -23.29 -24.14 0.24
N PRO A 189 -12.39 -33.20 2.91
CA PRO A 189 -11.35 -32.15 3.07
C PRO A 189 -11.95 -30.76 3.39
N ASP A 190 -11.76 -30.37 4.65
CA ASP A 190 -12.32 -29.14 5.18
C ASP A 190 -11.58 -27.93 4.61
N LEU A 191 -11.82 -27.65 3.33
CA LEU A 191 -11.10 -26.64 2.57
C LEU A 191 -12.00 -25.84 1.61
N SER A 192 -11.88 -24.52 1.65
CA SER A 192 -12.68 -23.63 0.78
C SER A 192 -11.78 -22.50 0.23
N LEU A 193 -12.42 -21.41 -0.22
CA LEU A 193 -11.86 -20.31 -0.98
C LEU A 193 -12.20 -18.96 -0.33
N GLN A 194 -11.21 -18.04 -0.30
CA GLN A 194 -11.31 -16.67 0.20
C GLN A 194 -10.55 -15.71 -0.75
N LEU A 195 -11.06 -14.47 -0.80
CA LEU A 195 -10.60 -13.32 -1.60
C LEU A 195 -10.31 -12.15 -0.68
N ILE A 196 -9.18 -11.49 -0.89
CA ILE A 196 -8.76 -10.32 -0.10
C ILE A 196 -8.37 -9.12 -1.02
N PHE A 197 -9.01 -7.97 -0.82
CA PHE A 197 -8.64 -6.68 -1.47
C PHE A 197 -7.99 -5.74 -0.41
N PHE A 198 -6.68 -5.59 -0.46
CA PHE A 198 -5.99 -4.71 0.48
C PHE A 198 -6.10 -3.22 0.11
N ASP A 199 -6.24 -2.34 1.13
CA ASP A 199 -6.05 -0.91 0.97
C ASP A 199 -4.61 -0.52 1.35
N GLY A 200 -4.24 0.70 0.97
CA GLY A 200 -3.01 1.25 1.54
C GLY A 200 -1.71 0.54 1.24
N GLU A 201 -1.63 -0.16 0.10
CA GLU A 201 -0.39 -0.80 -0.31
C GLU A 201 0.72 0.24 -0.66
N GLU A 202 0.40 1.32 -1.36
CA GLU A 202 1.43 2.23 -1.80
C GLU A 202 1.81 3.18 -0.66
N ALA A 203 3.07 3.62 -0.74
CA ALA A 203 3.58 4.73 0.03
C ALA A 203 2.89 6.03 -0.43
N PHE A 204 2.52 6.86 0.58
CA PHE A 204 1.96 8.20 0.38
C PHE A 204 3.01 9.20 -0.06
N LEU A 205 4.28 8.99 0.39
CA LEU A 205 5.41 9.92 0.24
C LEU A 205 6.79 9.33 -0.07
N HIS A 206 7.26 8.25 0.59
CA HIS A 206 8.59 7.70 0.30
C HIS A 206 8.65 6.33 0.96
N TRP A 207 8.71 5.26 0.14
CA TRP A 207 8.60 3.89 0.62
C TRP A 207 9.57 3.58 1.77
N SER A 208 8.97 3.24 2.94
CA SER A 208 9.62 3.05 4.22
C SER A 208 8.80 2.04 5.02
N PRO A 209 9.36 1.44 6.10
CA PRO A 209 8.60 0.42 6.86
C PRO A 209 7.32 0.94 7.46
N GLN A 210 7.28 2.21 7.78
CA GLN A 210 6.11 2.92 8.25
C GLN A 210 5.28 3.63 7.16
N ASP A 211 5.70 3.61 5.90
CA ASP A 211 4.96 4.28 4.79
C ASP A 211 4.88 3.30 3.61
N SER A 212 3.95 2.34 3.73
CA SER A 212 3.70 1.26 2.78
C SER A 212 3.00 0.14 3.52
N LEU A 213 2.29 -0.75 2.78
CA LEU A 213 1.65 -1.96 3.28
C LEU A 213 0.84 -1.70 4.54
N TYR A 214 -0.02 -0.67 4.51
CA TYR A 214 -0.82 -0.31 5.68
C TYR A 214 -1.90 -1.36 5.97
N GLY A 215 -2.53 -1.88 4.93
CA GLY A 215 -3.65 -2.83 5.11
C GLY A 215 -3.21 -4.25 5.37
N SER A 216 -2.05 -4.63 4.83
CA SER A 216 -1.59 -5.99 4.95
C SER A 216 -0.83 -6.21 6.24
N ARG A 217 -0.18 -5.18 6.76
CA ARG A 217 0.48 -5.30 8.05
C ARG A 217 -0.53 -5.33 9.16
N HIS A 218 -1.59 -4.52 9.04
CA HIS A 218 -2.71 -4.58 9.99
C HIS A 218 -3.41 -5.96 9.99
N LEU A 219 -3.70 -6.50 8.80
CA LEU A 219 -4.46 -7.74 8.66
C LEU A 219 -3.66 -8.98 9.01
N ALA A 220 -2.37 -9.05 8.68
CA ALA A 220 -1.58 -10.21 9.14
C ALA A 220 -1.46 -10.25 10.66
N ALA A 221 -1.27 -9.09 11.32
CA ALA A 221 -1.21 -9.09 12.78
C ALA A 221 -2.54 -9.46 13.42
N LYS A 222 -3.65 -8.93 12.87
CA LYS A 222 -5.00 -9.28 13.34
C LYS A 222 -5.29 -10.80 13.26
N MET A 223 -5.05 -11.44 12.09
CA MET A 223 -5.29 -12.85 11.90
C MET A 223 -4.43 -13.71 12.84
N ALA A 224 -3.21 -13.26 13.13
CA ALA A 224 -2.27 -14.03 13.94
C ALA A 224 -2.76 -14.17 15.38
N SER A 225 -3.58 -13.25 15.85
CA SER A 225 -4.12 -13.26 17.20
C SER A 225 -5.61 -13.55 17.24
N THR A 226 -6.16 -14.25 16.27
CA THR A 226 -7.58 -14.58 16.22
C THR A 226 -7.74 -16.10 16.22
N PRO A 227 -8.22 -16.72 17.31
CA PRO A 227 -8.42 -18.18 17.30
C PRO A 227 -9.26 -18.62 16.13
N HIS A 228 -8.84 -19.75 15.53
CA HIS A 228 -9.52 -20.39 14.40
C HIS A 228 -9.28 -21.88 14.40
N PRO A 229 -10.31 -22.73 14.13
CA PRO A 229 -11.69 -22.32 13.95
C PRO A 229 -12.20 -21.82 15.29
N PRO A 230 -13.43 -21.29 15.28
CA PRO A 230 -14.08 -20.80 16.50
C PRO A 230 -14.07 -21.77 17.68
N GLY A 231 -13.74 -21.23 18.85
CA GLY A 231 -13.57 -22.01 20.02
C GLY A 231 -12.21 -22.62 20.20
N ALA A 232 -11.35 -22.56 19.17
CA ALA A 232 -10.03 -23.15 19.25
C ALA A 232 -9.18 -22.51 20.35
N ARG A 233 -8.21 -23.29 20.80
CA ARG A 233 -7.42 -22.98 21.96
C ARG A 233 -5.95 -22.72 21.65
N GLY A 234 -5.42 -23.29 20.55
CA GLY A 234 -4.01 -23.06 20.18
C GLY A 234 -3.60 -22.90 18.73
N THR A 235 -4.54 -22.64 17.83
CA THR A 235 -4.26 -22.30 16.44
C THR A 235 -5.05 -21.04 16.03
N SER A 236 -4.58 -20.35 14.99
CA SER A 236 -5.05 -19.03 14.55
C SER A 236 -5.56 -19.02 13.10
N GLN A 237 -6.23 -17.91 12.75
CA GLN A 237 -6.67 -17.69 11.36
C GLN A 237 -5.49 -17.71 10.37
N LEU A 238 -4.35 -17.16 10.78
CA LEU A 238 -3.15 -17.18 9.97
C LEU A 238 -2.70 -18.62 9.67
N HIS A 239 -2.82 -19.52 10.67
CA HIS A 239 -2.52 -20.92 10.37
C HIS A 239 -3.48 -21.48 9.32
N GLY A 240 -4.72 -20.98 9.28
CA GLY A 240 -5.68 -21.42 8.29
C GLY A 240 -5.35 -21.08 6.84
N MET A 241 -4.41 -20.17 6.56
CA MET A 241 -4.18 -19.79 5.17
C MET A 241 -3.36 -20.89 4.48
N ASP A 242 -3.97 -21.62 3.55
CA ASP A 242 -3.26 -22.76 2.91
C ASP A 242 -2.12 -22.29 1.99
N LEU A 243 -2.40 -21.33 1.09
CA LEU A 243 -1.46 -20.74 0.16
C LEU A 243 -2.02 -19.35 -0.14
N LEU A 244 -1.11 -18.37 -0.19
CA LEU A 244 -1.39 -16.95 -0.49
C LEU A 244 -0.93 -16.64 -1.92
N VAL A 245 -1.88 -16.48 -2.85
CA VAL A 245 -1.58 -16.25 -4.26
C VAL A 245 -1.84 -14.77 -4.49
N LEU A 246 -0.78 -14.01 -4.75
CA LEU A 246 -0.88 -12.55 -4.73
C LEU A 246 -0.60 -12.02 -6.13
N LEU A 247 -1.61 -11.36 -6.72
CA LEU A 247 -1.50 -10.81 -8.07
C LEU A 247 -1.24 -9.29 -8.02
N ASP A 248 -0.32 -8.84 -8.87
CA ASP A 248 0.15 -7.47 -8.84
C ASP A 248 0.84 -7.16 -10.17
N LEU A 249 0.67 -5.89 -10.63
CA LEU A 249 1.32 -5.37 -11.85
C LEU A 249 1.10 -6.21 -13.14
N ILE A 250 -0.18 -6.55 -13.43
CA ILE A 250 -0.60 -7.40 -14.51
C ILE A 250 -1.50 -6.68 -15.55
N GLY A 251 -1.31 -7.12 -16.82
CA GLY A 251 -1.96 -6.52 -17.94
C GLY A 251 -1.09 -6.06 -19.10
N ALA A 252 0.16 -5.71 -18.91
CA ALA A 252 1.01 -5.35 -20.07
C ALA A 252 1.38 -6.60 -20.84
N PRO A 253 1.97 -6.45 -22.01
CA PRO A 253 2.31 -7.63 -22.80
C PRO A 253 3.68 -8.18 -22.50
N ASN A 254 3.80 -9.51 -22.73
CA ASN A 254 5.03 -10.31 -22.53
C ASN A 254 5.62 -10.27 -21.12
N PRO A 255 4.85 -10.65 -20.11
CA PRO A 255 5.38 -10.64 -18.76
C PRO A 255 6.14 -11.92 -18.46
N THR A 256 7.21 -11.79 -17.64
CA THR A 256 8.00 -12.94 -17.16
C THR A 256 7.88 -13.02 -15.62
N PHE A 257 7.20 -14.05 -15.14
CA PHE A 257 7.07 -14.32 -13.72
C PHE A 257 8.19 -15.27 -13.27
N PRO A 258 9.06 -14.89 -12.32
CA PRO A 258 10.03 -15.84 -11.71
C PRO A 258 9.41 -16.76 -10.65
N ASN A 259 10.27 -17.60 -10.05
CA ASN A 259 9.86 -18.57 -9.04
C ASN A 259 10.59 -18.28 -7.74
N PHE A 260 10.00 -17.44 -6.90
CA PHE A 260 10.69 -16.82 -5.78
C PHE A 260 10.97 -17.77 -4.57
N PHE A 261 10.14 -18.76 -4.26
CA PHE A 261 10.27 -19.43 -2.96
C PHE A 261 10.40 -20.96 -3.02
N PRO A 262 11.38 -21.55 -2.33
CA PRO A 262 11.53 -23.01 -2.29
C PRO A 262 10.34 -23.83 -1.74
N ASN A 263 9.55 -23.30 -0.82
CA ASN A 263 8.41 -24.06 -0.29
C ASN A 263 7.07 -23.90 -1.08
N SER A 264 7.01 -23.05 -2.10
CA SER A 264 5.82 -22.95 -2.94
C SER A 264 6.17 -23.31 -4.39
N ALA A 265 7.40 -23.82 -4.64
CA ALA A 265 7.92 -24.09 -5.98
C ALA A 265 7.20 -25.22 -6.69
N ARG A 266 6.77 -26.26 -5.97
CA ARG A 266 5.92 -27.24 -6.60
C ARG A 266 4.60 -26.64 -7.11
N TRP A 267 4.11 -25.51 -6.53
CA TRP A 267 2.89 -24.89 -7.10
C TRP A 267 3.17 -24.02 -8.31
N PHE A 268 4.38 -23.43 -8.42
CA PHE A 268 4.81 -22.73 -9.65
C PHE A 268 4.88 -23.71 -10.85
N GLU A 269 5.41 -24.89 -10.60
CA GLU A 269 5.43 -25.90 -11.65
C GLU A 269 4.01 -26.25 -12.13
N ARG A 270 3.03 -26.44 -11.23
CA ARG A 270 1.65 -26.58 -11.76
C ARG A 270 1.30 -25.45 -12.75
N LEU A 271 1.62 -24.20 -12.43
CA LEU A 271 1.28 -23.15 -13.38
C LEU A 271 1.87 -23.37 -14.77
N GLN A 272 3.15 -23.77 -14.84
CA GLN A 272 3.80 -24.00 -16.13
C GLN A 272 3.15 -25.15 -16.91
N ALA A 273 2.74 -26.19 -16.22
CA ALA A 273 2.12 -27.34 -16.85
C ALA A 273 0.75 -26.96 -17.41
N ILE A 274 0.02 -26.17 -16.66
CA ILE A 274 -1.26 -25.65 -17.14
C ILE A 274 -1.04 -24.83 -18.40
N GLU A 275 -0.03 -23.93 -18.38
CA GLU A 275 0.22 -23.06 -19.52
C GLU A 275 0.65 -23.86 -20.77
N HIS A 276 1.38 -24.98 -20.58
CA HIS A 276 1.78 -25.83 -21.70
C HIS A 276 0.61 -26.62 -22.28
N GLU A 277 -0.25 -27.16 -21.45
CA GLU A 277 -1.33 -27.95 -22.02
C GLU A 277 -2.28 -27.07 -22.81
N LEU A 278 -2.84 -26.05 -22.17
CA LEU A 278 -3.78 -25.16 -22.86
C LEU A 278 -3.26 -24.69 -24.22
N HIS A 279 -1.95 -24.48 -24.36
CA HIS A 279 -1.40 -24.01 -25.63
C HIS A 279 -1.36 -25.10 -26.71
N GLU A 280 -0.99 -26.35 -26.35
CA GLU A 280 -0.98 -27.44 -27.32
C GLU A 280 -2.39 -27.94 -27.65
N LEU A 281 -3.37 -27.67 -26.81
CA LEU A 281 -4.76 -27.91 -27.17
C LEU A 281 -5.35 -26.78 -28.05
N GLY A 282 -4.58 -25.71 -28.31
CA GLY A 282 -5.06 -24.56 -29.07
C GLY A 282 -6.02 -23.61 -28.37
N LEU A 283 -5.98 -23.55 -27.04
CA LEU A 283 -6.84 -22.70 -26.22
C LEU A 283 -6.18 -21.37 -25.78
N LEU A 284 -5.05 -20.99 -26.35
CA LEU A 284 -4.49 -19.71 -25.97
C LEU A 284 -4.67 -18.77 -27.17
N LYS A 285 -4.20 -17.52 -27.04
CA LYS A 285 -4.34 -16.57 -28.12
C LYS A 285 -3.10 -15.69 -28.24
N ASP A 286 -2.58 -15.62 -29.44
CA ASP A 286 -1.39 -14.82 -29.69
C ASP A 286 -0.31 -15.22 -28.68
N HIS A 287 -0.11 -16.55 -28.55
CA HIS A 287 0.73 -17.16 -27.50
C HIS A 287 1.85 -18.03 -28.08
N SER A 288 3.09 -17.73 -27.71
CA SER A 288 4.26 -18.45 -28.22
C SER A 288 4.93 -19.29 -27.12
N LEU A 289 5.32 -20.52 -27.44
CA LEU A 289 6.04 -21.28 -26.40
C LEU A 289 7.50 -20.87 -26.29
N GLU A 290 7.93 -19.86 -27.04
CA GLU A 290 9.22 -19.20 -26.82
C GLU A 290 9.12 -17.99 -25.89
N GLY A 291 7.91 -17.56 -25.59
CA GLY A 291 7.66 -16.45 -24.71
C GLY A 291 6.50 -16.82 -23.81
N ARG A 292 6.66 -17.96 -23.13
CA ARG A 292 5.68 -18.41 -22.16
C ARG A 292 5.73 -17.52 -20.94
N TYR A 293 4.60 -17.35 -20.26
CA TYR A 293 4.59 -16.47 -19.08
C TYR A 293 5.45 -17.05 -17.94
N PHE A 294 5.42 -18.38 -17.69
CA PHE A 294 6.12 -18.98 -16.54
C PHE A 294 7.46 -19.62 -16.92
N GLN A 295 8.55 -18.88 -16.75
CA GLN A 295 9.84 -19.36 -17.19
C GLN A 295 10.59 -19.76 -15.95
N ASN A 296 10.93 -21.05 -15.88
CA ASN A 296 11.57 -21.65 -14.71
C ASN A 296 12.96 -21.07 -14.65
N TYR A 297 13.00 -19.79 -14.35
CA TYR A 297 14.19 -19.06 -14.00
C TYR A 297 13.88 -18.54 -12.61
N SER A 298 14.86 -18.57 -11.72
CA SER A 298 14.65 -18.20 -10.33
C SER A 298 15.34 -16.89 -9.98
N TYR A 299 14.83 -16.27 -8.91
CA TYR A 299 15.14 -14.89 -8.53
C TYR A 299 15.26 -14.89 -7.00
N GLY A 300 16.43 -14.55 -6.49
CA GLY A 300 16.72 -14.66 -5.07
C GLY A 300 16.34 -13.44 -4.26
N GLY A 301 16.31 -12.26 -4.93
CA GLY A 301 15.98 -10.98 -4.31
C GLY A 301 14.51 -10.70 -4.06
N VAL A 302 14.12 -10.54 -2.82
CA VAL A 302 12.71 -10.32 -2.60
C VAL A 302 12.29 -8.92 -3.08
N ILE A 303 11.07 -8.85 -3.57
CA ILE A 303 10.43 -7.60 -3.93
C ILE A 303 9.45 -7.26 -2.82
N GLN A 304 9.53 -6.06 -2.26
CA GLN A 304 8.58 -5.75 -1.19
C GLN A 304 7.18 -5.67 -1.79
N ASP A 305 6.14 -6.07 -1.02
CA ASP A 305 4.74 -6.15 -1.48
C ASP A 305 3.93 -6.69 -0.30
N ASP A 306 2.59 -6.82 -0.44
CA ASP A 306 1.64 -7.13 0.65
C ASP A 306 1.87 -8.50 1.29
N HIS A 307 2.52 -9.43 0.62
CA HIS A 307 2.88 -10.73 1.21
C HIS A 307 3.90 -10.67 2.37
N ILE A 308 4.69 -9.59 2.52
CA ILE A 308 5.84 -9.63 3.44
C ILE A 308 5.42 -9.89 4.87
N PRO A 309 4.38 -9.26 5.40
CA PRO A 309 3.95 -9.53 6.80
C PRO A 309 3.46 -10.94 7.06
N PHE A 310 3.05 -11.66 6.02
CA PHE A 310 2.62 -13.03 6.13
C PHE A 310 3.82 -13.94 6.03
N LEU A 311 4.78 -13.59 5.13
CA LEU A 311 5.94 -14.45 4.87
C LEU A 311 6.74 -14.65 6.12
N ARG A 312 6.93 -13.58 6.88
CA ARG A 312 7.76 -13.51 8.08
C ARG A 312 7.09 -14.16 9.32
N ARG A 313 5.88 -14.68 9.16
CA ARG A 313 5.17 -15.43 10.18
C ARG A 313 4.90 -16.83 9.63
N GLY A 314 5.49 -17.18 8.48
CA GLY A 314 5.46 -18.54 7.98
C GLY A 314 4.40 -18.92 6.96
N VAL A 315 3.74 -17.98 6.30
CA VAL A 315 2.71 -18.35 5.33
C VAL A 315 3.35 -18.61 3.97
N PRO A 316 3.00 -19.70 3.25
CA PRO A 316 3.55 -19.92 1.89
C PRO A 316 2.90 -19.05 0.82
N VAL A 317 3.74 -18.52 -0.06
CA VAL A 317 3.34 -17.49 -1.03
C VAL A 317 3.63 -17.92 -2.45
N LEU A 318 2.66 -17.78 -3.29
CA LEU A 318 2.87 -17.82 -4.69
C LEU A 318 2.68 -16.37 -5.20
N HIS A 319 3.81 -15.69 -5.47
CA HIS A 319 3.84 -14.25 -5.69
C HIS A 319 3.86 -14.04 -7.22
N LEU A 320 2.75 -13.56 -7.77
CA LEU A 320 2.61 -13.41 -9.22
C LEU A 320 2.79 -11.92 -9.58
N ILE A 321 4.03 -11.46 -9.55
CA ILE A 321 4.45 -10.15 -10.01
C ILE A 321 5.51 -10.40 -11.06
N PRO A 322 5.58 -9.68 -12.17
CA PRO A 322 6.64 -9.99 -13.14
C PRO A 322 7.94 -9.21 -12.89
N SER A 323 9.02 -9.78 -13.43
CA SER A 323 10.31 -9.08 -13.44
C SER A 323 10.91 -9.10 -14.83
N PRO A 324 11.20 -7.90 -15.39
CA PRO A 324 10.99 -6.54 -14.89
C PRO A 324 9.54 -6.07 -14.80
N PHE A 325 9.34 -5.01 -14.02
CA PHE A 325 8.08 -4.31 -13.98
C PHE A 325 7.68 -3.84 -15.40
N PRO A 326 6.37 -3.63 -15.65
CA PRO A 326 5.92 -3.09 -16.95
C PRO A 326 6.56 -1.75 -17.27
N GLU A 327 6.68 -1.45 -18.54
CA GLU A 327 7.33 -0.20 -18.94
C GLU A 327 6.62 1.04 -18.39
N VAL A 328 5.28 0.98 -18.25
CA VAL A 328 4.45 2.12 -17.84
C VAL A 328 4.43 2.38 -16.34
N TRP A 329 5.19 1.57 -15.57
CA TRP A 329 5.18 1.53 -14.12
C TRP A 329 5.35 2.93 -13.51
N HIS A 330 4.36 3.29 -12.67
CA HIS A 330 4.23 4.59 -12.03
C HIS A 330 4.36 5.80 -12.97
N THR A 331 3.84 5.70 -14.20
CA THR A 331 3.69 6.89 -15.05
C THR A 331 2.21 7.09 -15.38
N MET A 332 1.88 8.32 -15.89
CA MET A 332 0.55 8.57 -16.43
C MET A 332 0.17 7.61 -17.60
N ASP A 333 1.12 6.89 -18.22
CA ASP A 333 0.65 5.96 -19.27
C ASP A 333 0.20 4.57 -18.83
N ASP A 334 0.19 4.25 -17.52
CA ASP A 334 -0.47 3.05 -17.00
C ASP A 334 -1.98 3.28 -17.01
N ASN A 335 -2.55 3.16 -18.20
CA ASN A 335 -3.97 3.35 -18.51
C ASN A 335 -4.52 2.19 -19.39
N GLU A 336 -5.80 2.31 -19.75
CA GLU A 336 -6.52 1.25 -20.46
C GLU A 336 -5.94 0.94 -21.85
N GLU A 337 -5.54 1.96 -22.62
CA GLU A 337 -5.08 1.74 -23.99
C GLU A 337 -3.77 0.96 -24.04
N ASN A 338 -2.93 1.06 -23.03
CA ASN A 338 -1.70 0.26 -23.01
C ASN A 338 -1.88 -1.15 -22.45
N LEU A 339 -3.11 -1.57 -22.09
CA LEU A 339 -3.36 -2.97 -21.73
C LEU A 339 -3.35 -3.85 -22.98
N ASP A 340 -3.03 -5.13 -22.80
CA ASP A 340 -3.10 -6.14 -23.86
C ASP A 340 -4.23 -7.13 -23.54
N GLU A 341 -5.30 -7.06 -24.32
CA GLU A 341 -6.44 -7.98 -24.19
C GLU A 341 -6.09 -9.46 -24.15
N SER A 342 -5.22 -9.92 -25.04
CA SER A 342 -5.06 -11.37 -25.20
C SER A 342 -4.29 -11.96 -24.03
N THR A 343 -3.32 -11.19 -23.50
CA THR A 343 -2.47 -11.64 -22.40
C THR A 343 -3.28 -11.94 -21.14
N ILE A 344 -4.27 -11.07 -20.86
CA ILE A 344 -5.09 -11.15 -19.66
C ILE A 344 -6.08 -12.30 -19.72
N ASP A 345 -6.60 -12.57 -20.92
CA ASP A 345 -7.54 -13.66 -21.18
C ASP A 345 -6.86 -15.02 -21.05
N ASN A 346 -5.63 -15.12 -21.53
CA ASN A 346 -4.86 -16.33 -21.30
C ASN A 346 -4.66 -16.57 -19.81
N LEU A 347 -4.26 -15.52 -19.05
CA LEU A 347 -4.07 -15.65 -17.61
C LEU A 347 -5.36 -15.98 -16.86
N ASN A 348 -6.51 -15.45 -17.29
CA ASN A 348 -7.74 -15.84 -16.59
C ASN A 348 -7.88 -17.35 -16.65
N LYS A 349 -7.60 -17.92 -17.80
CA LYS A 349 -7.82 -19.36 -18.03
C LYS A 349 -6.82 -20.20 -17.24
N ILE A 350 -5.56 -19.81 -17.24
CA ILE A 350 -4.59 -20.53 -16.42
C ILE A 350 -4.98 -20.52 -14.96
N LEU A 351 -5.57 -19.43 -14.49
CA LEU A 351 -5.80 -19.24 -13.08
C LEU A 351 -7.04 -19.95 -12.63
N GLN A 352 -8.07 -20.00 -13.47
CA GLN A 352 -9.27 -20.73 -13.02
C GLN A 352 -9.04 -22.24 -13.04
N VAL A 353 -8.10 -22.72 -13.84
CA VAL A 353 -7.74 -24.13 -13.84
C VAL A 353 -6.97 -24.47 -12.56
N PHE A 354 -6.04 -23.60 -12.20
CA PHE A 354 -5.40 -23.73 -10.90
C PHE A 354 -6.42 -23.91 -9.77
N VAL A 355 -7.40 -23.00 -9.68
CA VAL A 355 -8.26 -22.94 -8.50
C VAL A 355 -9.14 -24.18 -8.42
N LEU A 356 -9.63 -24.64 -9.56
CA LEU A 356 -10.40 -25.88 -9.61
C LEU A 356 -9.54 -27.11 -9.27
N GLU A 357 -8.32 -27.19 -9.78
CA GLU A 357 -7.47 -28.34 -9.44
C GLU A 357 -7.02 -28.32 -7.97
N TYR A 358 -6.79 -27.12 -7.39
CA TYR A 358 -6.46 -26.97 -5.95
C TYR A 358 -7.60 -27.48 -5.06
N LEU A 359 -8.84 -27.12 -5.39
CA LEU A 359 -10.01 -27.41 -4.59
C LEU A 359 -10.75 -28.69 -4.97
N HIS A 360 -10.27 -29.45 -5.96
CA HIS A 360 -10.90 -30.70 -6.40
C HIS A 360 -12.32 -30.56 -6.95
N LEU A 361 -12.62 -29.46 -7.69
CA LEU A 361 -13.88 -29.32 -8.44
C LEU A 361 -13.74 -29.44 -10.00
N ALA B 33 27.82 -48.23 -46.17
CA ALA B 33 26.63 -47.65 -45.52
C ALA B 33 25.26 -47.56 -46.36
N SER B 34 24.65 -48.63 -46.97
CA SER B 34 25.00 -50.10 -46.92
C SER B 34 25.42 -50.77 -45.55
N ALA B 35 25.36 -49.97 -44.50
CA ALA B 35 25.72 -50.32 -43.16
C ALA B 35 24.55 -50.06 -42.22
N TRP B 36 23.53 -49.37 -42.69
CA TRP B 36 22.38 -48.94 -41.93
C TRP B 36 21.77 -50.02 -41.03
N PRO B 37 21.98 -51.34 -41.23
CA PRO B 37 21.35 -52.30 -40.29
C PRO B 37 21.99 -52.28 -38.86
N GLU B 38 23.12 -51.56 -38.68
CA GLU B 38 23.73 -51.32 -37.37
C GLU B 38 23.01 -50.24 -36.55
N GLU B 39 22.20 -49.40 -37.17
CA GLU B 39 21.53 -48.36 -36.42
C GLU B 39 20.59 -48.88 -35.32
N LYS B 40 19.92 -49.99 -35.53
CA LYS B 40 18.97 -50.42 -34.51
C LYS B 40 19.65 -50.60 -33.16
N ASN B 41 20.95 -50.91 -33.18
CA ASN B 41 21.73 -51.18 -32.00
C ASN B 41 22.07 -49.94 -31.17
N TYR B 42 22.02 -48.72 -31.75
CA TYR B 42 22.26 -47.46 -31.06
C TYR B 42 20.97 -46.68 -30.73
N HIS B 43 19.81 -47.15 -31.19
CA HIS B 43 18.60 -46.35 -31.07
C HIS B 43 18.17 -46.12 -29.63
N GLN B 44 17.77 -44.89 -29.34
CA GLN B 44 17.33 -44.54 -28.00
C GLN B 44 15.91 -44.02 -28.01
N PRO B 45 15.14 -44.29 -26.95
CA PRO B 45 13.81 -43.69 -26.79
C PRO B 45 13.84 -42.22 -26.46
N ALA B 46 12.66 -41.63 -26.57
CA ALA B 46 12.34 -40.21 -26.28
C ALA B 46 11.16 -40.21 -25.32
N ILE B 47 11.52 -40.36 -24.05
CA ILE B 47 10.56 -40.59 -22.99
C ILE B 47 9.56 -39.46 -22.90
N LEU B 48 8.32 -39.81 -22.61
CA LEU B 48 7.24 -38.86 -22.41
C LEU B 48 7.19 -38.42 -20.94
N ASN B 49 6.59 -37.26 -20.71
CA ASN B 49 6.42 -36.66 -19.39
C ASN B 49 4.99 -36.86 -18.87
N SER B 50 4.74 -36.35 -17.66
CA SER B 50 3.54 -36.68 -16.89
C SER B 50 2.25 -36.25 -17.58
N SER B 51 2.26 -35.11 -18.27
CA SER B 51 1.04 -34.68 -18.94
C SER B 51 0.83 -35.41 -20.25
N ALA B 52 1.92 -35.94 -20.82
CA ALA B 52 1.81 -36.74 -22.02
C ALA B 52 1.35 -38.12 -21.70
N LEU B 53 1.68 -38.62 -20.48
CA LEU B 53 1.18 -39.93 -20.04
C LEU B 53 -0.32 -39.87 -19.73
N ARG B 54 -0.83 -38.69 -19.34
CA ARG B 54 -2.25 -38.54 -19.07
C ARG B 54 -3.03 -38.58 -20.36
N GLN B 55 -2.49 -37.99 -21.41
CA GLN B 55 -3.20 -37.91 -22.67
C GLN B 55 -3.33 -39.25 -23.36
N ILE B 56 -2.38 -40.16 -23.12
CA ILE B 56 -2.46 -41.51 -23.68
C ILE B 56 -3.45 -42.32 -22.86
N ALA B 57 -3.44 -42.13 -21.55
CA ALA B 57 -4.30 -42.94 -20.69
C ALA B 57 -5.75 -42.61 -20.97
N GLU B 58 -6.06 -41.32 -21.02
CA GLU B 58 -7.40 -40.91 -21.31
C GLU B 58 -7.79 -41.21 -22.74
N GLY B 59 -6.81 -41.49 -23.63
CA GLY B 59 -7.03 -41.65 -25.08
C GLY B 59 -7.45 -43.03 -25.66
N THR B 60 -7.54 -44.10 -24.86
CA THR B 60 -7.85 -45.46 -25.33
C THR B 60 -9.16 -45.91 -24.65
N SER B 61 -10.02 -46.66 -25.39
CA SER B 61 -11.33 -47.12 -24.88
C SER B 61 -11.47 -48.65 -24.86
N ILE B 62 -11.49 -49.26 -23.68
CA ILE B 62 -11.52 -50.71 -23.66
C ILE B 62 -12.86 -51.17 -24.17
N SER B 63 -13.87 -50.36 -23.97
CA SER B 63 -15.23 -50.75 -24.30
C SER B 63 -15.47 -50.64 -25.78
N GLU B 64 -14.84 -49.68 -26.44
CA GLU B 64 -14.91 -49.61 -27.91
C GLU B 64 -14.15 -50.77 -28.58
N MET B 65 -12.91 -51.04 -28.14
CA MET B 65 -12.19 -52.20 -28.63
C MET B 65 -13.02 -53.48 -28.48
N TRP B 66 -13.55 -53.69 -27.30
CA TRP B 66 -14.33 -54.89 -26.99
C TRP B 66 -15.48 -55.07 -27.97
N GLN B 67 -16.25 -54.03 -28.16
CA GLN B 67 -17.43 -54.12 -29.01
C GLN B 67 -17.08 -54.09 -30.50
N ASN B 68 -16.16 -53.20 -30.91
CA ASN B 68 -15.95 -52.97 -32.33
C ASN B 68 -14.76 -53.73 -32.89
N ASP B 69 -13.79 -54.10 -32.05
CA ASP B 69 -12.62 -54.79 -32.53
C ASP B 69 -12.58 -56.27 -32.15
N LEU B 70 -12.76 -56.58 -30.86
CA LEU B 70 -12.69 -57.96 -30.35
C LEU B 70 -13.89 -58.80 -30.73
N GLN B 71 -15.11 -58.36 -30.41
CA GLN B 71 -16.24 -59.31 -30.45
C GLN B 71 -16.37 -59.99 -31.79
N PRO B 72 -16.08 -59.33 -32.94
CA PRO B 72 -16.22 -60.01 -34.24
C PRO B 72 -15.21 -61.09 -34.51
N LEU B 73 -14.12 -61.23 -33.72
CA LEU B 73 -13.18 -62.33 -33.95
C LEU B 73 -13.42 -63.55 -33.04
N LEU B 74 -14.42 -63.52 -32.18
CA LEU B 74 -14.63 -64.62 -31.24
C LEU B 74 -15.44 -65.75 -31.89
N ILE B 75 -14.86 -66.29 -32.99
CA ILE B 75 -15.45 -67.34 -33.84
C ILE B 75 -14.43 -68.43 -34.21
N GLU B 76 -14.96 -69.52 -34.76
CA GLU B 76 -14.13 -70.58 -35.31
C GLU B 76 -13.51 -70.09 -36.62
N ARG B 77 -12.17 -70.06 -36.68
CA ARG B 77 -11.38 -69.45 -37.77
C ARG B 77 -10.07 -70.21 -38.02
N TYR B 78 -10.11 -71.57 -38.06
CA TYR B 78 -8.93 -72.35 -38.40
C TYR B 78 -8.59 -72.09 -39.86
N PRO B 79 -7.41 -72.49 -40.31
CA PRO B 79 -6.95 -72.08 -41.65
C PRO B 79 -7.74 -72.73 -42.78
N GLY B 80 -8.12 -71.89 -43.77
CA GLY B 80 -8.99 -72.31 -44.85
C GLY B 80 -10.48 -72.33 -44.55
N SER B 81 -10.89 -72.03 -43.32
CA SER B 81 -12.30 -72.07 -42.96
C SER B 81 -12.98 -70.79 -43.45
N PRO B 82 -14.31 -70.75 -43.48
CA PRO B 82 -14.98 -69.49 -43.81
C PRO B 82 -14.73 -68.41 -42.76
N GLY B 83 -14.53 -68.78 -41.49
CA GLY B 83 -14.21 -67.80 -40.45
C GLY B 83 -12.81 -67.19 -40.55
N SER B 84 -11.87 -67.89 -41.19
CA SER B 84 -10.56 -67.34 -41.50
C SER B 84 -10.68 -66.17 -42.48
N TYR B 85 -11.41 -66.37 -43.59
CA TYR B 85 -11.76 -65.30 -44.53
C TYR B 85 -12.45 -64.10 -43.85
N ALA B 86 -13.43 -64.39 -43.00
CA ALA B 86 -14.12 -63.34 -42.28
C ALA B 86 -13.16 -62.48 -41.48
N ALA B 87 -12.30 -63.14 -40.67
CA ALA B 87 -11.21 -62.50 -39.94
C ALA B 87 -10.33 -61.58 -40.80
N ARG B 88 -9.81 -62.08 -41.92
CA ARG B 88 -9.10 -61.26 -42.88
C ARG B 88 -9.89 -59.98 -43.23
N GLN B 89 -11.21 -60.13 -43.42
CA GLN B 89 -11.95 -59.00 -43.96
C GLN B 89 -12.17 -57.95 -42.89
N HIS B 90 -12.49 -58.39 -41.69
CA HIS B 90 -12.70 -57.50 -40.57
C HIS B 90 -11.43 -56.69 -40.29
N ILE B 91 -10.29 -57.38 -40.19
CA ILE B 91 -9.02 -56.72 -39.90
C ILE B 91 -8.70 -55.68 -40.98
N MET B 92 -8.89 -55.99 -42.26
CA MET B 92 -8.58 -54.95 -43.28
C MET B 92 -9.60 -53.81 -43.30
N GLN B 93 -10.85 -54.06 -42.91
CA GLN B 93 -11.85 -52.99 -42.92
C GLN B 93 -11.57 -52.00 -41.83
N ARG B 94 -11.16 -52.50 -40.65
CA ARG B 94 -10.95 -51.64 -39.51
C ARG B 94 -9.79 -50.70 -39.75
N ILE B 95 -8.81 -51.13 -40.53
CA ILE B 95 -7.65 -50.31 -40.83
C ILE B 95 -7.89 -49.42 -42.04
N GLN B 96 -8.82 -49.76 -42.88
CA GLN B 96 -9.10 -48.89 -44.00
C GLN B 96 -9.89 -47.66 -43.59
N ARG B 97 -10.58 -47.72 -42.45
CA ARG B 97 -11.38 -46.61 -41.95
C ARG B 97 -10.53 -45.51 -41.22
N LEU B 98 -9.23 -45.38 -41.50
CA LEU B 98 -8.35 -44.55 -40.68
C LEU B 98 -7.51 -43.59 -41.56
N GLN B 99 -7.17 -42.46 -40.94
CA GLN B 99 -6.51 -41.34 -41.62
C GLN B 99 -5.08 -41.65 -42.05
N ALA B 100 -4.28 -42.26 -41.15
CA ALA B 100 -2.90 -42.64 -41.45
C ALA B 100 -2.84 -43.43 -42.74
N ASP B 101 -1.70 -43.36 -43.42
CA ASP B 101 -1.60 -43.94 -44.76
C ASP B 101 -1.12 -45.42 -44.72
N TRP B 102 -1.96 -46.30 -44.17
CA TRP B 102 -1.71 -47.75 -44.15
C TRP B 102 -1.84 -48.40 -45.53
N VAL B 103 -0.95 -49.34 -45.79
CA VAL B 103 -0.82 -50.11 -47.01
C VAL B 103 -0.86 -51.62 -46.71
N LEU B 104 -1.89 -52.29 -47.13
CA LEU B 104 -2.10 -53.70 -46.86
C LEU B 104 -1.58 -54.61 -47.99
N GLU B 105 -0.97 -55.72 -47.62
CA GLU B 105 -0.54 -56.79 -48.52
C GLU B 105 -1.04 -58.08 -47.91
N ILE B 106 -1.55 -58.98 -48.76
CA ILE B 106 -2.01 -60.34 -48.43
C ILE B 106 -1.03 -61.35 -49.04
N ASP B 107 -0.36 -62.13 -48.19
CA ASP B 107 0.79 -62.97 -48.54
C ASP B 107 0.29 -64.42 -48.49
N THR B 108 -0.16 -64.89 -49.66
CA THR B 108 -0.87 -66.14 -49.84
C THR B 108 0.09 -67.17 -50.35
N PHE B 109 0.15 -68.32 -49.65
CA PHE B 109 1.11 -69.40 -49.91
C PHE B 109 0.52 -70.80 -49.70
N LEU B 110 1.15 -71.79 -50.39
CA LEU B 110 0.84 -73.21 -50.29
C LEU B 110 1.93 -73.96 -49.52
N SER B 111 1.47 -74.91 -48.69
CA SER B 111 2.28 -75.71 -47.74
C SER B 111 1.63 -77.08 -47.47
N GLN B 112 2.50 -78.08 -47.27
CA GLN B 112 2.11 -79.41 -46.82
C GLN B 112 1.81 -79.50 -45.34
N THR B 113 0.81 -80.34 -44.98
CA THR B 113 0.34 -80.52 -43.63
C THR B 113 0.15 -82.02 -43.42
N PRO B 114 -0.11 -82.47 -42.20
CA PRO B 114 -0.46 -83.90 -41.96
C PRO B 114 -1.75 -84.40 -42.64
N TYR B 115 -2.64 -83.50 -43.09
CA TYR B 115 -3.79 -83.82 -43.93
C TYR B 115 -3.58 -83.44 -45.38
N GLY B 116 -2.35 -83.15 -45.81
CA GLY B 116 -2.06 -82.80 -47.19
C GLY B 116 -1.84 -81.28 -47.37
N TYR B 117 -1.69 -80.92 -48.64
CA TYR B 117 -1.52 -79.54 -49.08
C TYR B 117 -2.73 -78.70 -48.71
N ARG B 118 -2.47 -77.48 -48.21
CA ARG B 118 -3.43 -76.48 -47.80
C ARG B 118 -2.87 -75.09 -48.10
N SER B 119 -3.77 -74.11 -48.33
CA SER B 119 -3.43 -72.71 -48.51
C SER B 119 -3.66 -71.85 -47.25
N PHE B 120 -2.82 -70.80 -47.13
CA PHE B 120 -2.73 -69.86 -46.01
C PHE B 120 -2.58 -68.42 -46.50
N SER B 121 -2.97 -67.50 -45.64
CA SER B 121 -2.90 -66.06 -45.92
C SER B 121 -2.42 -65.28 -44.69
N ASN B 122 -1.24 -64.67 -44.80
CA ASN B 122 -0.75 -63.67 -43.86
C ASN B 122 -1.31 -62.27 -44.22
N ILE B 123 -1.52 -61.41 -43.22
CA ILE B 123 -1.86 -59.98 -43.44
C ILE B 123 -0.71 -59.04 -42.94
N ILE B 124 -0.18 -58.18 -43.82
CA ILE B 124 0.89 -57.20 -43.51
C ILE B 124 0.38 -55.77 -43.76
N SER B 125 0.54 -54.89 -42.76
CA SER B 125 0.02 -53.52 -42.82
C SER B 125 1.17 -52.57 -42.47
N THR B 126 1.55 -51.69 -43.41
CA THR B 126 2.76 -50.89 -43.26
C THR B 126 2.53 -49.40 -43.57
N LEU B 127 2.95 -48.54 -42.62
CA LEU B 127 3.14 -47.11 -42.86
C LEU B 127 4.53 -46.85 -43.42
N ASN B 128 4.58 -46.01 -44.43
CA ASN B 128 5.85 -45.64 -45.07
C ASN B 128 6.60 -46.87 -45.58
N PRO B 129 6.06 -47.61 -46.58
CA PRO B 129 6.68 -48.89 -46.97
C PRO B 129 8.07 -48.78 -47.48
N THR B 130 8.46 -47.59 -47.89
CA THR B 130 9.72 -47.36 -48.57
C THR B 130 10.82 -47.04 -47.59
N ALA B 131 10.44 -46.82 -46.33
CA ALA B 131 11.37 -46.52 -45.26
C ALA B 131 12.29 -47.73 -44.93
N LYS B 132 13.52 -47.43 -44.60
CA LYS B 132 14.50 -48.49 -44.51
C LYS B 132 14.27 -49.37 -43.28
N ARG B 133 13.67 -48.79 -42.25
CA ARG B 133 13.61 -49.32 -40.88
C ARG B 133 12.17 -49.28 -40.38
N HIS B 134 11.74 -50.37 -39.72
CA HIS B 134 10.37 -50.43 -39.17
C HIS B 134 10.45 -51.19 -37.86
N LEU B 135 9.75 -50.66 -36.85
CA LEU B 135 9.42 -51.36 -35.60
C LEU B 135 8.20 -52.23 -35.83
N VAL B 136 8.23 -53.49 -35.39
CA VAL B 136 7.17 -54.45 -35.74
C VAL B 136 6.45 -54.97 -34.52
N LEU B 137 5.11 -54.81 -34.54
CA LEU B 137 4.15 -55.51 -33.67
C LEU B 137 3.55 -56.74 -34.38
N ALA B 138 3.25 -57.82 -33.62
CA ALA B 138 2.73 -59.03 -34.28
C ALA B 138 1.93 -59.95 -33.34
N CYS B 139 1.15 -60.84 -33.98
CA CYS B 139 0.37 -61.91 -33.32
C CYS B 139 -0.08 -62.90 -34.44
N HIS B 140 -0.76 -63.96 -34.05
CA HIS B 140 -1.39 -64.89 -35.00
C HIS B 140 -2.91 -64.80 -34.93
N TYR B 141 -3.57 -64.74 -36.04
CA TYR B 141 -5.03 -64.64 -36.09
C TYR B 141 -5.76 -65.98 -36.33
N ASP B 142 -5.04 -67.10 -36.55
CA ASP B 142 -5.73 -68.38 -36.63
C ASP B 142 -6.22 -68.83 -35.25
N SER B 143 -7.10 -69.82 -35.28
CA SER B 143 -7.60 -70.54 -34.11
C SER B 143 -7.35 -72.01 -34.40
N LYS B 144 -6.95 -72.71 -33.36
CA LYS B 144 -6.58 -74.11 -33.41
C LYS B 144 -7.75 -75.01 -33.88
N TYR B 145 -7.48 -75.81 -34.88
CA TYR B 145 -8.36 -76.91 -35.29
C TYR B 145 -8.65 -77.94 -34.17
N PHE B 146 -9.93 -78.01 -33.76
CA PHE B 146 -10.45 -78.95 -32.76
C PHE B 146 -11.83 -79.49 -33.19
N SER B 147 -12.16 -80.73 -32.83
CA SER B 147 -13.54 -81.20 -33.01
C SER B 147 -14.47 -80.50 -32.02
N HIS B 148 -15.79 -80.61 -32.22
CA HIS B 148 -16.74 -79.88 -31.36
C HIS B 148 -17.01 -80.70 -30.10
N TRP B 149 -16.00 -80.75 -29.25
CA TRP B 149 -16.02 -81.55 -28.04
C TRP B 149 -17.15 -81.09 -27.11
N ASN B 150 -17.98 -82.03 -26.65
CA ASN B 150 -19.06 -81.67 -25.74
C ASN B 150 -20.10 -80.71 -26.36
N ASN B 151 -20.15 -80.60 -27.67
CA ASN B 151 -21.08 -79.71 -28.34
C ASN B 151 -20.71 -78.23 -28.15
N ARG B 152 -19.44 -77.93 -28.06
CA ARG B 152 -18.92 -76.57 -28.09
C ARG B 152 -17.87 -76.39 -29.22
N VAL B 153 -17.47 -75.15 -29.41
CA VAL B 153 -16.55 -74.71 -30.46
C VAL B 153 -15.43 -73.90 -29.81
N PHE B 154 -14.16 -74.19 -30.15
CA PHE B 154 -13.00 -73.40 -29.65
C PHE B 154 -12.81 -72.10 -30.43
N VAL B 155 -12.73 -70.94 -29.73
CA VAL B 155 -12.57 -69.63 -30.37
C VAL B 155 -11.31 -68.90 -29.94
N GLY B 156 -10.49 -69.53 -29.13
CA GLY B 156 -9.24 -68.93 -28.68
C GLY B 156 -9.23 -67.47 -28.33
N ALA B 157 -9.95 -67.09 -27.26
CA ALA B 157 -10.09 -65.69 -26.87
C ALA B 157 -8.73 -65.03 -26.54
N THR B 158 -7.96 -65.60 -25.59
CA THR B 158 -6.62 -65.12 -25.33
C THR B 158 -5.60 -65.56 -26.37
N ASP B 159 -5.91 -66.59 -27.16
CA ASP B 159 -5.02 -67.27 -28.07
C ASP B 159 -5.55 -67.23 -29.50
N SER B 160 -5.48 -66.10 -30.25
CA SER B 160 -5.07 -64.78 -29.79
C SER B 160 -5.95 -63.67 -30.35
N ALA B 161 -7.27 -63.89 -30.27
CA ALA B 161 -8.22 -62.82 -30.58
C ALA B 161 -7.87 -61.47 -29.91
N VAL B 162 -7.53 -61.45 -28.62
CA VAL B 162 -7.24 -60.25 -27.81
C VAL B 162 -5.99 -59.50 -28.28
N PRO B 163 -4.80 -60.12 -28.34
CA PRO B 163 -3.71 -59.49 -29.10
C PRO B 163 -4.09 -58.86 -30.45
N CYS B 164 -4.93 -59.51 -31.28
CA CYS B 164 -5.36 -58.90 -32.54
C CYS B 164 -6.07 -57.57 -32.28
N ALA B 165 -7.13 -57.60 -31.47
CA ALA B 165 -7.87 -56.40 -31.11
C ALA B 165 -7.00 -55.39 -30.39
N MET B 166 -6.07 -55.83 -29.54
CA MET B 166 -5.16 -54.85 -28.92
C MET B 166 -4.39 -54.06 -29.98
N MET B 167 -4.16 -54.68 -31.17
CA MET B 167 -3.30 -54.09 -32.19
C MET B 167 -4.14 -53.12 -33.01
N LEU B 168 -5.42 -53.45 -33.15
CA LEU B 168 -6.37 -52.56 -33.83
C LEU B 168 -6.64 -51.28 -33.00
N GLU B 169 -6.91 -51.44 -31.69
CA GLU B 169 -7.07 -50.30 -30.80
C GLU B 169 -5.89 -49.37 -30.88
N LEU B 170 -4.65 -49.90 -30.84
CA LEU B 170 -3.47 -49.04 -30.82
C LEU B 170 -3.38 -48.11 -32.05
N ALA B 171 -3.63 -48.64 -33.26
CA ALA B 171 -3.68 -47.84 -34.47
C ALA B 171 -4.82 -46.80 -34.43
N ARG B 172 -5.90 -47.11 -33.72
CA ARG B 172 -7.00 -46.15 -33.60
C ARG B 172 -6.62 -45.03 -32.65
N ALA B 173 -6.12 -45.38 -31.46
CA ALA B 173 -5.89 -44.37 -30.45
C ALA B 173 -4.74 -43.45 -30.84
N LEU B 174 -3.92 -43.85 -31.79
CA LEU B 174 -2.71 -43.12 -32.11
C LEU B 174 -2.75 -42.60 -33.54
N ASP B 175 -3.93 -42.60 -34.18
CA ASP B 175 -4.06 -42.27 -35.63
C ASP B 175 -3.52 -40.87 -35.97
N LYS B 176 -3.84 -39.86 -35.16
CA LYS B 176 -3.38 -38.49 -35.44
C LYS B 176 -1.85 -38.38 -35.42
N LYS B 177 -1.19 -38.87 -34.33
CA LYS B 177 0.28 -38.86 -34.26
C LYS B 177 0.89 -39.66 -35.40
N LEU B 178 0.33 -40.83 -35.73
CA LEU B 178 0.87 -41.67 -36.81
C LEU B 178 0.64 -41.05 -38.18
N LEU B 179 -0.39 -40.23 -38.32
CA LEU B 179 -0.54 -39.51 -39.58
C LEU B 179 0.69 -38.60 -39.89
N SER B 180 1.54 -38.28 -38.90
CA SER B 180 2.58 -37.28 -39.01
C SER B 180 3.79 -37.74 -39.81
N LEU B 181 3.94 -39.04 -40.04
CA LEU B 181 5.03 -39.56 -40.86
C LEU B 181 4.66 -39.56 -42.37
N LYS B 182 3.68 -38.74 -42.76
CA LYS B 182 3.35 -38.43 -44.15
C LYS B 182 2.51 -39.57 -44.65
N PRO B 189 15.05 -39.25 -38.48
CA PRO B 189 15.54 -40.62 -38.82
C PRO B 189 14.48 -41.54 -39.50
N ASP B 190 14.93 -42.30 -40.50
CA ASP B 190 14.08 -43.01 -41.44
C ASP B 190 13.40 -44.29 -40.92
N LEU B 191 12.46 -44.14 -39.95
CA LEU B 191 11.82 -45.19 -39.21
C LEU B 191 10.29 -45.00 -39.21
N SER B 192 9.55 -46.13 -39.17
CA SER B 192 8.07 -46.11 -39.12
C SER B 192 7.59 -47.43 -38.53
N LEU B 193 6.31 -47.74 -38.72
CA LEU B 193 5.63 -48.84 -38.04
C LEU B 193 5.07 -49.89 -38.99
N GLN B 194 5.13 -51.15 -38.54
CA GLN B 194 4.53 -52.27 -39.26
C GLN B 194 3.76 -53.25 -38.36
N LEU B 195 2.60 -53.72 -38.83
CA LEU B 195 1.77 -54.75 -38.20
C LEU B 195 1.72 -56.07 -39.00
N ILE B 196 1.88 -57.18 -38.27
CA ILE B 196 1.89 -58.51 -38.86
C ILE B 196 0.86 -59.37 -38.12
N PHE B 197 -0.05 -59.99 -38.87
CA PHE B 197 -1.03 -60.97 -38.34
C PHE B 197 -0.70 -62.31 -39.03
N PHE B 198 -0.04 -63.27 -38.35
CA PHE B 198 0.28 -64.56 -39.01
C PHE B 198 -0.91 -65.50 -39.12
N ASP B 199 -0.91 -66.30 -40.18
CA ASP B 199 -1.79 -67.45 -40.33
C ASP B 199 -1.01 -68.75 -39.96
N GLY B 200 -1.73 -69.76 -39.49
CA GLY B 200 -1.09 -71.09 -39.39
C GLY B 200 0.01 -71.28 -38.33
N GLU B 201 -0.04 -70.50 -37.24
CA GLU B 201 0.80 -70.70 -36.05
C GLU B 201 0.55 -72.05 -35.35
N GLU B 202 -0.69 -72.36 -34.95
CA GLU B 202 -0.98 -73.60 -34.25
C GLU B 202 -0.79 -74.83 -35.18
N ALA B 203 -0.38 -75.97 -34.58
CA ALA B 203 -0.31 -77.27 -35.21
C ALA B 203 -1.71 -77.83 -35.49
N PHE B 204 -1.82 -78.57 -36.59
CA PHE B 204 -3.06 -79.20 -37.05
C PHE B 204 -3.37 -80.50 -36.30
N LEU B 205 -2.32 -81.30 -36.00
CA LEU B 205 -2.40 -82.61 -35.37
C LEU B 205 -1.41 -82.84 -34.21
N HIS B 206 -0.09 -82.62 -34.38
CA HIS B 206 0.91 -82.80 -33.30
C HIS B 206 2.15 -81.92 -33.54
N TRP B 207 2.52 -81.04 -32.57
CA TRP B 207 3.56 -80.01 -32.75
C TRP B 207 4.97 -80.54 -33.09
N SER B 208 5.50 -80.08 -34.24
CA SER B 208 6.79 -80.47 -34.75
C SER B 208 7.28 -79.39 -35.72
N PRO B 209 8.50 -79.54 -36.23
CA PRO B 209 9.07 -78.54 -37.17
C PRO B 209 8.34 -78.37 -38.45
N GLN B 210 7.56 -79.35 -38.89
CA GLN B 210 6.88 -79.26 -40.16
C GLN B 210 5.36 -79.13 -40.01
N ASP B 211 4.84 -79.24 -38.77
CA ASP B 211 3.42 -79.06 -38.40
C ASP B 211 3.42 -78.05 -37.24
N SER B 212 3.32 -76.76 -37.58
CA SER B 212 3.42 -75.60 -36.68
C SER B 212 4.10 -74.45 -37.45
N LEU B 213 3.81 -73.21 -37.04
CA LEU B 213 4.39 -71.93 -37.54
C LEU B 213 4.47 -71.84 -39.09
N TYR B 214 3.38 -72.18 -39.75
CA TYR B 214 3.39 -72.19 -41.20
C TYR B 214 3.60 -70.77 -41.79
N GLY B 215 3.12 -69.75 -41.12
CA GLY B 215 3.05 -68.42 -41.74
C GLY B 215 4.24 -67.56 -41.44
N SER B 216 4.81 -67.79 -40.26
CA SER B 216 6.08 -67.15 -39.92
C SER B 216 7.25 -67.82 -40.66
N ARG B 217 7.36 -69.14 -40.62
CA ARG B 217 8.46 -69.77 -41.36
C ARG B 217 8.54 -69.28 -42.78
N HIS B 218 7.41 -69.21 -43.47
CA HIS B 218 7.32 -68.67 -44.83
C HIS B 218 7.67 -67.17 -44.86
N LEU B 219 7.11 -66.35 -43.99
CA LEU B 219 7.32 -64.91 -44.21
C LEU B 219 8.76 -64.47 -43.92
N ALA B 220 9.46 -65.13 -42.99
CA ALA B 220 10.90 -64.90 -42.72
C ALA B 220 11.81 -65.19 -43.93
N ALA B 221 11.62 -66.32 -44.57
CA ALA B 221 12.41 -66.65 -45.75
C ALA B 221 12.12 -65.71 -46.92
N LYS B 222 10.85 -65.35 -47.07
CA LYS B 222 10.50 -64.36 -48.06
C LYS B 222 11.22 -63.04 -47.80
N MET B 223 11.12 -62.45 -46.59
CA MET B 223 11.77 -61.16 -46.35
C MET B 223 13.31 -61.22 -46.34
N ALA B 224 13.92 -62.37 -46.02
CA ALA B 224 15.39 -62.49 -46.10
C ALA B 224 15.89 -62.49 -47.56
N SER B 225 15.04 -62.81 -48.51
CA SER B 225 15.47 -62.82 -49.90
C SER B 225 14.82 -61.70 -50.71
N THR B 226 14.25 -60.70 -50.03
CA THR B 226 13.77 -59.53 -50.77
C THR B 226 14.64 -58.27 -50.54
N PRO B 227 15.16 -57.60 -51.60
CA PRO B 227 15.97 -56.38 -51.38
C PRO B 227 15.13 -55.26 -50.85
N HIS B 228 15.74 -54.48 -49.94
CA HIS B 228 15.09 -53.41 -49.20
C HIS B 228 16.19 -52.38 -48.81
N PRO B 229 15.94 -51.06 -48.96
CA PRO B 229 14.85 -50.43 -49.68
C PRO B 229 14.93 -50.77 -51.17
N PRO B 230 13.89 -50.45 -51.92
CA PRO B 230 13.86 -50.89 -53.31
C PRO B 230 15.08 -50.42 -54.09
N GLY B 231 15.54 -51.27 -55.01
CA GLY B 231 16.75 -51.03 -55.74
C GLY B 231 18.00 -51.40 -55.00
N ALA B 232 17.90 -51.89 -53.76
CA ALA B 232 19.13 -52.06 -53.02
C ALA B 232 19.91 -53.24 -53.55
N ARG B 233 21.24 -53.20 -53.38
CA ARG B 233 22.13 -54.23 -53.88
C ARG B 233 22.57 -55.23 -52.83
N GLY B 234 22.55 -54.82 -51.55
CA GLY B 234 23.21 -55.60 -50.54
C GLY B 234 22.46 -55.84 -49.26
N THR B 235 21.24 -55.34 -49.12
CA THR B 235 20.46 -55.43 -47.87
C THR B 235 19.03 -55.90 -48.14
N SER B 236 18.39 -56.40 -47.07
CA SER B 236 17.20 -57.23 -47.13
C SER B 236 16.12 -56.66 -46.24
N GLN B 237 14.88 -56.94 -46.60
CA GLN B 237 13.76 -56.48 -45.78
C GLN B 237 13.90 -56.91 -44.35
N LEU B 238 14.45 -58.09 -44.17
CA LEU B 238 14.61 -58.70 -42.87
C LEU B 238 15.62 -57.96 -42.03
N HIS B 239 16.58 -57.22 -42.68
CA HIS B 239 17.45 -56.29 -41.94
C HIS B 239 16.71 -55.07 -41.45
N GLY B 240 15.66 -54.64 -42.15
CA GLY B 240 14.88 -53.52 -41.66
C GLY B 240 14.03 -53.78 -40.47
N MET B 241 14.01 -54.97 -39.84
CA MET B 241 13.08 -55.17 -38.71
C MET B 241 13.74 -54.65 -37.43
N ASP B 242 13.43 -53.44 -37.02
CA ASP B 242 14.23 -52.85 -35.93
C ASP B 242 14.16 -53.68 -34.69
N LEU B 243 13.00 -54.27 -34.43
CA LEU B 243 12.68 -55.03 -33.24
C LEU B 243 11.30 -55.63 -33.47
N LEU B 244 11.18 -56.91 -33.16
CA LEU B 244 9.91 -57.65 -33.26
C LEU B 244 9.23 -57.88 -31.89
N VAL B 245 8.03 -57.27 -31.73
CA VAL B 245 7.23 -57.32 -30.49
C VAL B 245 6.09 -58.33 -30.71
N LEU B 246 6.17 -59.50 -30.04
CA LEU B 246 5.24 -60.60 -30.29
C LEU B 246 4.27 -60.77 -29.12
N LEU B 247 3.02 -60.39 -29.36
CA LEU B 247 1.95 -60.51 -28.37
C LEU B 247 1.29 -61.89 -28.49
N ASP B 248 1.06 -62.57 -27.36
CA ASP B 248 0.50 -63.93 -27.43
C ASP B 248 0.00 -64.38 -26.08
N LEU B 249 -1.22 -64.93 -26.00
CA LEU B 249 -1.74 -65.53 -24.75
C LEU B 249 -2.01 -64.47 -23.65
N ILE B 250 -2.70 -63.40 -24.03
CA ILE B 250 -2.97 -62.23 -23.21
C ILE B 250 -4.51 -62.10 -23.02
N GLY B 251 -4.91 -61.80 -21.82
CA GLY B 251 -6.28 -61.53 -21.51
C GLY B 251 -6.73 -62.13 -20.21
N ALA B 252 -6.00 -63.10 -19.70
CA ALA B 252 -6.35 -63.66 -18.40
C ALA B 252 -5.83 -62.71 -17.29
N PRO B 253 -6.24 -62.90 -16.03
CA PRO B 253 -5.71 -62.09 -14.92
C PRO B 253 -4.40 -62.56 -14.28
N ASN B 254 -3.62 -61.63 -13.82
CA ASN B 254 -2.34 -61.82 -13.09
C ASN B 254 -1.18 -62.46 -13.85
N PRO B 255 -0.94 -61.96 -15.07
CA PRO B 255 0.13 -62.50 -15.90
C PRO B 255 1.53 -62.04 -15.50
N THR B 256 2.52 -62.91 -15.74
CA THR B 256 3.92 -62.58 -15.45
C THR B 256 4.77 -62.95 -16.64
N PHE B 257 5.38 -61.91 -17.28
CA PHE B 257 6.24 -62.03 -18.47
C PHE B 257 7.72 -62.07 -18.10
N PRO B 258 8.46 -63.11 -18.42
CA PRO B 258 9.88 -63.13 -18.11
C PRO B 258 10.60 -62.27 -19.13
N ASN B 259 11.95 -62.14 -18.93
CA ASN B 259 12.85 -61.42 -19.83
C ASN B 259 13.75 -62.43 -20.54
N PHE B 260 13.54 -62.63 -21.83
CA PHE B 260 14.04 -63.85 -22.44
C PHE B 260 15.43 -63.71 -23.01
N PHE B 261 15.80 -62.54 -23.48
CA PHE B 261 17.02 -62.40 -24.27
C PHE B 261 17.94 -61.26 -23.85
N PRO B 262 19.24 -61.52 -23.64
CA PRO B 262 20.14 -60.47 -23.15
C PRO B 262 20.23 -59.27 -24.04
N ASN B 263 19.95 -59.41 -25.32
CA ASN B 263 20.18 -58.37 -26.27
C ASN B 263 18.95 -57.53 -26.56
N SER B 264 17.83 -57.76 -25.85
CA SER B 264 16.64 -56.92 -25.94
C SER B 264 16.18 -56.49 -24.55
N ALA B 265 17.02 -56.75 -23.51
CA ALA B 265 16.69 -56.58 -22.08
C ALA B 265 16.47 -55.14 -21.70
N ARG B 266 17.26 -54.25 -22.24
CA ARG B 266 17.11 -52.81 -22.03
C ARG B 266 15.78 -52.26 -22.58
N TRP B 267 15.14 -52.96 -23.53
CA TRP B 267 13.77 -52.61 -23.91
C TRP B 267 12.75 -53.25 -22.98
N PHE B 268 13.02 -54.43 -22.43
CA PHE B 268 12.14 -54.97 -21.40
C PHE B 268 12.10 -54.04 -20.19
N GLU B 269 13.24 -53.47 -19.84
CA GLU B 269 13.33 -52.61 -18.71
C GLU B 269 12.61 -51.32 -18.94
N ARG B 270 12.56 -50.81 -20.18
CA ARG B 270 11.66 -49.70 -20.42
C ARG B 270 10.19 -50.06 -20.12
N LEU B 271 9.74 -51.32 -20.32
CA LEU B 271 8.34 -51.65 -19.97
C LEU B 271 8.10 -51.60 -18.45
N GLN B 272 9.03 -52.16 -17.66
CA GLN B 272 9.05 -51.97 -16.22
C GLN B 272 8.93 -50.50 -15.82
N ALA B 273 9.81 -49.63 -16.37
CA ALA B 273 9.73 -48.18 -16.13
C ALA B 273 8.36 -47.59 -16.49
N ILE B 274 7.82 -47.91 -17.65
CA ILE B 274 6.51 -47.38 -18.03
C ILE B 274 5.40 -47.85 -17.05
N GLU B 275 5.37 -49.14 -16.68
CA GLU B 275 4.37 -49.65 -15.76
C GLU B 275 4.42 -48.94 -14.41
N HIS B 276 5.62 -48.74 -13.87
CA HIS B 276 5.75 -48.24 -12.50
C HIS B 276 5.28 -46.79 -12.42
N GLU B 277 5.65 -45.98 -13.40
CA GLU B 277 5.31 -44.57 -13.43
C GLU B 277 3.84 -44.30 -13.72
N LEU B 278 3.18 -45.17 -14.47
CA LEU B 278 1.74 -45.00 -14.71
C LEU B 278 0.97 -45.44 -13.48
N HIS B 279 1.48 -46.44 -12.79
CA HIS B 279 0.94 -46.82 -11.50
C HIS B 279 1.01 -45.65 -10.52
N GLU B 280 2.12 -44.88 -10.58
CA GLU B 280 2.38 -43.79 -9.64
C GLU B 280 1.49 -42.58 -9.92
N LEU B 281 1.38 -42.17 -11.18
CA LEU B 281 0.42 -41.13 -11.58
C LEU B 281 -1.03 -41.52 -11.31
N GLY B 282 -1.26 -42.68 -10.70
CA GLY B 282 -2.62 -43.18 -10.54
C GLY B 282 -3.35 -43.39 -11.84
N LEU B 283 -2.69 -43.96 -12.86
CA LEU B 283 -3.34 -44.15 -14.15
C LEU B 283 -3.63 -45.62 -14.50
N LEU B 284 -3.48 -46.58 -13.57
CA LEU B 284 -3.79 -48.01 -13.76
C LEU B 284 -4.93 -48.46 -12.84
N LYS B 285 -5.76 -49.39 -13.32
CA LYS B 285 -6.95 -49.81 -12.55
C LYS B 285 -6.75 -51.15 -11.88
N ASP B 286 -7.10 -51.24 -10.61
CA ASP B 286 -7.08 -52.52 -9.94
C ASP B 286 -5.71 -53.16 -10.06
N HIS B 287 -4.70 -52.37 -9.72
CA HIS B 287 -3.32 -52.73 -9.90
C HIS B 287 -2.59 -52.60 -8.58
N SER B 288 -1.60 -53.47 -8.39
CA SER B 288 -0.68 -53.39 -7.27
C SER B 288 0.73 -53.75 -7.72
N LEU B 289 1.74 -53.16 -7.05
CA LEU B 289 3.16 -53.42 -7.36
C LEU B 289 3.71 -54.67 -6.71
N GLU B 290 2.92 -55.34 -5.89
CA GLU B 290 3.30 -56.69 -5.47
C GLU B 290 2.79 -57.68 -6.47
N GLY B 291 2.20 -57.23 -7.55
CA GLY B 291 1.75 -58.12 -8.60
C GLY B 291 1.97 -57.48 -9.96
N ARG B 292 3.18 -56.97 -10.21
CA ARG B 292 3.53 -56.33 -11.47
C ARG B 292 3.56 -57.37 -12.60
N TYR B 293 3.22 -56.89 -13.80
CA TYR B 293 3.27 -57.73 -15.00
C TYR B 293 4.70 -58.06 -15.40
N PHE B 294 5.59 -57.07 -15.39
CA PHE B 294 6.92 -57.24 -15.93
C PHE B 294 7.94 -57.33 -14.80
N GLN B 295 8.25 -58.53 -14.34
CA GLN B 295 9.04 -58.68 -13.13
C GLN B 295 10.44 -59.18 -13.41
N ASN B 296 11.40 -58.65 -12.63
CA ASN B 296 12.82 -58.82 -12.87
C ASN B 296 13.30 -60.20 -12.43
N TYR B 297 13.74 -60.98 -13.42
CA TYR B 297 14.10 -62.39 -13.33
C TYR B 297 13.99 -62.91 -14.76
N SER B 298 15.12 -63.39 -15.28
CA SER B 298 15.18 -63.86 -16.65
C SER B 298 14.43 -65.18 -16.80
N TYR B 299 14.49 -65.76 -18.01
CA TYR B 299 14.02 -67.12 -18.19
C TYR B 299 14.99 -67.94 -19.06
N GLY B 300 15.34 -67.43 -20.25
CA GLY B 300 16.11 -68.23 -21.23
C GLY B 300 15.33 -69.03 -22.28
N GLY B 301 14.66 -68.30 -23.20
CA GLY B 301 14.00 -68.79 -24.39
C GLY B 301 13.05 -69.97 -24.36
N VAL B 302 13.52 -71.06 -24.96
CA VAL B 302 12.84 -72.35 -25.14
C VAL B 302 11.31 -72.36 -25.26
N ILE B 303 10.61 -71.23 -25.31
CA ILE B 303 9.17 -71.28 -25.67
C ILE B 303 8.97 -71.12 -27.17
N GLN B 304 8.43 -72.14 -27.83
CA GLN B 304 8.31 -72.11 -29.30
C GLN B 304 7.11 -71.24 -29.73
N ASP B 305 7.29 -70.46 -30.83
CA ASP B 305 6.31 -69.46 -31.28
C ASP B 305 6.86 -68.81 -32.54
N ASP B 306 6.09 -67.86 -33.10
CA ASP B 306 6.34 -67.25 -34.41
C ASP B 306 7.67 -66.49 -34.45
N HIS B 307 8.23 -66.10 -33.31
CA HIS B 307 9.56 -65.45 -33.32
C HIS B 307 10.71 -66.37 -33.78
N ILE B 308 10.59 -67.68 -33.60
CA ILE B 308 11.74 -68.58 -33.85
C ILE B 308 12.33 -68.45 -35.27
N PRO B 309 11.55 -68.42 -36.34
CA PRO B 309 12.18 -68.28 -37.67
C PRO B 309 12.94 -66.99 -37.86
N PHE B 310 12.61 -65.94 -37.09
CA PHE B 310 13.28 -64.67 -37.21
C PHE B 310 14.45 -64.52 -36.27
N LEU B 311 14.41 -65.16 -35.08
CA LEU B 311 15.50 -65.14 -34.12
C LEU B 311 16.76 -65.77 -34.70
N ARG B 312 16.60 -66.89 -35.40
CA ARG B 312 17.66 -67.75 -35.86
C ARG B 312 18.38 -67.16 -37.08
N ARG B 313 17.88 -66.03 -37.58
CA ARG B 313 18.50 -65.19 -38.60
C ARG B 313 18.97 -63.86 -38.02
N GLY B 314 18.72 -63.60 -36.75
CA GLY B 314 19.31 -62.50 -36.05
C GLY B 314 18.43 -61.30 -35.81
N VAL B 315 17.11 -61.42 -36.01
CA VAL B 315 16.22 -60.33 -35.65
C VAL B 315 16.01 -60.32 -34.14
N PRO B 316 16.32 -59.20 -33.43
CA PRO B 316 16.02 -59.09 -32.00
C PRO B 316 14.52 -59.07 -31.70
N VAL B 317 14.17 -59.65 -30.51
CA VAL B 317 12.79 -60.03 -30.17
C VAL B 317 12.45 -59.70 -28.71
N LEU B 318 11.23 -59.14 -28.52
CA LEU B 318 10.63 -58.86 -27.23
C LEU B 318 9.32 -59.65 -27.12
N HIS B 319 9.37 -60.74 -26.36
CA HIS B 319 8.40 -61.80 -26.49
C HIS B 319 7.41 -61.66 -25.38
N LEU B 320 6.25 -61.11 -25.74
CA LEU B 320 5.22 -60.74 -24.77
C LEU B 320 4.23 -61.90 -24.69
N ILE B 321 4.76 -63.00 -24.18
CA ILE B 321 4.01 -64.18 -23.80
C ILE B 321 4.23 -64.42 -22.31
N PRO B 322 3.17 -64.70 -21.51
CA PRO B 322 3.36 -65.00 -20.10
C PRO B 322 3.74 -66.44 -19.81
N SER B 323 4.48 -66.59 -18.71
CA SER B 323 4.81 -67.88 -18.11
C SER B 323 4.48 -67.81 -16.56
N PRO B 324 3.50 -68.61 -16.11
CA PRO B 324 2.70 -69.64 -16.80
C PRO B 324 1.66 -69.23 -17.84
N PHE B 325 1.31 -70.20 -18.71
CA PHE B 325 0.21 -70.00 -19.60
C PHE B 325 -1.06 -69.77 -18.79
N PRO B 326 -2.07 -69.13 -19.37
CA PRO B 326 -3.38 -68.97 -18.69
C PRO B 326 -4.04 -70.29 -18.29
N GLU B 327 -4.74 -70.29 -17.16
CA GLU B 327 -5.31 -71.55 -16.66
C GLU B 327 -6.18 -72.28 -17.69
N VAL B 328 -6.85 -71.54 -18.60
CA VAL B 328 -7.74 -72.06 -19.64
C VAL B 328 -7.04 -72.46 -20.95
N TRP B 329 -5.72 -72.47 -20.97
CA TRP B 329 -4.99 -72.73 -22.21
C TRP B 329 -5.44 -74.04 -22.84
N HIS B 330 -5.67 -73.99 -24.14
CA HIS B 330 -6.24 -75.06 -24.96
C HIS B 330 -7.38 -75.85 -24.28
N THR B 331 -8.39 -75.12 -23.79
CA THR B 331 -9.67 -75.68 -23.33
C THR B 331 -10.82 -74.89 -23.99
N MET B 332 -12.04 -75.46 -23.89
CA MET B 332 -13.24 -74.82 -24.46
C MET B 332 -13.65 -73.54 -23.74
N ASP B 333 -13.04 -73.26 -22.56
CA ASP B 333 -13.27 -72.11 -21.69
C ASP B 333 -12.33 -70.93 -21.94
N ASP B 334 -11.42 -71.01 -22.88
CA ASP B 334 -10.71 -69.84 -23.38
C ASP B 334 -11.69 -69.04 -24.21
N ASN B 335 -12.56 -68.29 -23.51
CA ASN B 335 -13.73 -67.57 -24.04
C ASN B 335 -13.83 -66.14 -23.47
N GLU B 336 -14.86 -65.41 -23.92
CA GLU B 336 -15.06 -64.03 -23.46
C GLU B 336 -15.26 -63.95 -21.94
N GLU B 337 -15.95 -64.94 -21.33
CA GLU B 337 -16.31 -64.80 -19.93
C GLU B 337 -15.09 -64.74 -19.06
N ASN B 338 -14.07 -65.51 -19.39
CA ASN B 338 -12.88 -65.58 -18.56
C ASN B 338 -11.84 -64.50 -18.92
N LEU B 339 -12.18 -63.49 -19.75
CA LEU B 339 -11.28 -62.35 -19.91
C LEU B 339 -11.33 -61.44 -18.69
N ASP B 340 -10.32 -60.58 -18.58
CA ASP B 340 -10.24 -59.60 -17.48
C ASP B 340 -10.00 -58.21 -18.05
N GLU B 341 -11.03 -57.39 -17.97
CA GLU B 341 -11.08 -56.08 -18.60
C GLU B 341 -9.99 -55.13 -18.07
N SER B 342 -9.80 -55.07 -16.77
CA SER B 342 -8.81 -54.12 -16.24
C SER B 342 -7.38 -54.49 -16.64
N THR B 343 -7.10 -55.78 -16.76
CA THR B 343 -5.79 -56.20 -17.23
C THR B 343 -5.53 -55.75 -18.69
N ILE B 344 -6.42 -56.11 -19.60
CA ILE B 344 -6.21 -55.72 -21.00
C ILE B 344 -6.04 -54.18 -21.14
N ASP B 345 -6.77 -53.39 -20.34
CA ASP B 345 -6.72 -51.92 -20.42
C ASP B 345 -5.41 -51.39 -19.90
N ASN B 346 -4.92 -51.95 -18.81
CA ASN B 346 -3.61 -51.55 -18.31
C ASN B 346 -2.51 -51.86 -19.30
N LEU B 347 -2.64 -52.98 -20.05
CA LEU B 347 -1.65 -53.36 -21.05
C LEU B 347 -1.73 -52.56 -22.32
N ASN B 348 -2.92 -52.06 -22.67
CA ASN B 348 -3.07 -51.14 -23.82
C ASN B 348 -2.33 -49.83 -23.57
N LYS B 349 -2.48 -49.33 -22.36
CA LYS B 349 -1.79 -48.11 -21.97
C LYS B 349 -0.29 -48.29 -21.99
N ILE B 350 0.17 -49.33 -21.34
CA ILE B 350 1.61 -49.60 -21.33
C ILE B 350 2.18 -49.73 -22.75
N LEU B 351 1.47 -50.42 -23.64
CA LEU B 351 2.02 -50.65 -24.97
C LEU B 351 2.03 -49.38 -25.81
N GLN B 352 0.97 -48.58 -25.76
CA GLN B 352 0.90 -47.35 -26.59
C GLN B 352 2.01 -46.36 -26.21
N VAL B 353 2.23 -46.15 -24.90
CA VAL B 353 3.39 -45.38 -24.42
C VAL B 353 4.69 -45.87 -25.07
N PHE B 354 5.01 -47.18 -24.96
CA PHE B 354 6.26 -47.72 -25.53
C PHE B 354 6.39 -47.47 -27.05
N VAL B 355 5.30 -47.67 -27.81
CA VAL B 355 5.38 -47.42 -29.26
C VAL B 355 5.73 -45.95 -29.54
N LEU B 356 5.02 -45.00 -28.92
CA LEU B 356 5.33 -43.55 -29.16
C LEU B 356 6.75 -43.17 -28.73
N GLU B 357 7.23 -43.73 -27.60
CA GLU B 357 8.62 -43.50 -27.19
C GLU B 357 9.59 -44.02 -28.26
N TYR B 358 9.36 -45.24 -28.78
CA TYR B 358 10.25 -45.82 -29.79
C TYR B 358 10.29 -44.94 -31.05
N LEU B 359 9.13 -44.51 -31.53
CA LEU B 359 9.03 -43.66 -32.70
C LEU B 359 9.28 -42.16 -32.41
N HIS B 360 9.51 -41.74 -31.15
CA HIS B 360 9.81 -40.33 -30.81
C HIS B 360 8.62 -39.43 -31.22
N LEU B 361 7.38 -39.76 -30.80
CA LEU B 361 6.21 -38.97 -31.25
C LEU B 361 5.43 -38.44 -30.05
N ALA C 33 3.34 20.34 2.97
CA ALA C 33 4.18 19.62 2.02
C ALA C 33 3.82 19.77 0.50
N SER C 34 4.79 20.28 -0.29
CA SER C 34 4.60 20.35 -1.73
C SER C 34 4.83 18.99 -2.39
N ALA C 35 4.58 19.01 -3.70
CA ALA C 35 4.54 17.84 -4.57
C ALA C 35 5.88 17.54 -5.21
N TRP C 36 6.75 18.53 -5.35
CA TRP C 36 7.99 18.35 -6.11
C TRP C 36 8.75 17.03 -5.89
N PRO C 37 8.61 16.33 -4.76
CA PRO C 37 9.32 15.05 -4.63
C PRO C 37 8.91 14.00 -5.63
N GLU C 38 7.74 14.19 -6.25
CA GLU C 38 7.28 13.39 -7.38
C GLU C 38 8.15 13.58 -8.62
N GLU C 39 8.80 14.71 -8.77
CA GLU C 39 9.32 15.02 -10.08
C GLU C 39 10.28 13.94 -10.56
N LYS C 40 11.01 13.30 -9.64
CA LYS C 40 12.05 12.33 -10.04
C LYS C 40 11.45 11.17 -10.83
N ASN C 41 10.24 10.73 -10.47
CA ASN C 41 9.64 9.59 -11.15
C ASN C 41 9.27 9.90 -12.60
N TYR C 42 9.11 11.15 -12.99
CA TYR C 42 8.77 11.40 -14.40
C TYR C 42 9.96 11.79 -15.23
N HIS C 43 11.08 12.09 -14.61
CA HIS C 43 12.19 12.73 -15.30
C HIS C 43 12.69 11.83 -16.38
N GLN C 44 13.16 12.44 -17.47
CA GLN C 44 13.57 11.72 -18.67
C GLN C 44 14.85 12.31 -19.26
N PRO C 45 15.64 11.50 -19.98
CA PRO C 45 16.88 12.04 -20.53
C PRO C 45 16.71 12.67 -21.90
N ALA C 46 17.71 13.53 -22.19
CA ALA C 46 17.92 14.37 -23.37
C ALA C 46 19.19 13.89 -24.11
N ILE C 47 19.01 12.85 -24.95
CA ILE C 47 20.10 12.04 -25.51
C ILE C 47 20.97 12.83 -26.50
N LEU C 48 22.23 12.35 -26.66
CA LEU C 48 23.25 13.00 -27.50
C LEU C 48 23.37 12.31 -28.86
N ASN C 49 23.69 13.14 -29.88
CA ASN C 49 23.86 12.74 -31.27
C ASN C 49 25.31 12.33 -31.48
N SER C 50 25.51 11.43 -32.46
CA SER C 50 26.84 10.89 -32.77
C SER C 50 27.96 11.92 -32.58
N SER C 51 27.68 13.18 -32.89
CA SER C 51 28.73 14.19 -32.93
C SER C 51 29.06 14.78 -31.56
N ALA C 52 28.03 15.09 -30.74
CA ALA C 52 28.35 15.45 -29.35
C ALA C 52 29.02 14.27 -28.62
N LEU C 53 28.68 13.02 -29.01
CA LEU C 53 29.23 11.75 -28.47
C LEU C 53 30.71 11.51 -28.82
N ARG C 54 31.31 12.29 -29.72
CA ARG C 54 32.74 12.29 -30.01
C ARG C 54 33.47 13.36 -29.24
N GLN C 55 32.81 14.50 -29.14
CA GLN C 55 33.29 15.59 -28.31
C GLN C 55 33.60 15.09 -26.91
N ILE C 56 32.82 14.13 -26.41
CA ILE C 56 33.04 13.58 -25.07
C ILE C 56 34.27 12.68 -25.06
N ALA C 57 34.26 11.62 -25.88
CA ALA C 57 35.41 10.72 -26.10
C ALA C 57 36.72 11.48 -26.11
N GLU C 58 36.70 12.65 -26.72
CA GLU C 58 37.90 13.37 -27.04
C GLU C 58 38.30 14.36 -25.95
N GLY C 59 37.34 14.79 -25.08
CA GLY C 59 37.52 15.72 -23.94
C GLY C 59 37.95 15.12 -22.59
N THR C 60 38.22 13.81 -22.49
CA THR C 60 38.67 13.15 -21.26
C THR C 60 40.04 12.52 -21.46
N SER C 61 40.92 12.66 -20.49
CA SER C 61 42.27 12.14 -20.57
C SER C 61 42.48 11.11 -19.46
N ILE C 62 42.51 9.85 -19.83
CA ILE C 62 42.96 8.85 -18.86
C ILE C 62 44.36 9.15 -18.28
N SER C 63 45.29 9.73 -19.07
CA SER C 63 46.65 9.93 -18.54
C SER C 63 46.75 11.12 -17.56
N GLU C 64 45.88 12.11 -17.69
CA GLU C 64 45.90 13.21 -16.73
C GLU C 64 45.27 12.78 -15.41
N MET C 65 44.26 11.90 -15.49
CA MET C 65 43.59 11.45 -14.30
C MET C 65 44.58 10.63 -13.49
N TRP C 66 45.20 9.66 -14.16
CA TRP C 66 46.10 8.69 -13.53
C TRP C 66 47.17 9.39 -12.70
N GLN C 67 47.75 10.48 -13.22
CA GLN C 67 48.85 11.13 -12.54
C GLN C 67 48.41 12.16 -11.54
N ASN C 68 47.39 12.97 -11.89
CA ASN C 68 47.03 14.16 -11.10
C ASN C 68 45.97 13.88 -10.00
N ASP C 69 45.16 12.82 -10.20
CA ASP C 69 44.02 12.50 -9.35
C ASP C 69 44.17 11.19 -8.58
N LEU C 70 44.54 10.12 -9.27
CA LEU C 70 44.76 8.82 -8.69
C LEU C 70 45.96 8.74 -7.74
N GLN C 71 47.17 8.93 -8.28
CA GLN C 71 48.38 8.50 -7.58
C GLN C 71 48.52 9.18 -6.22
N PRO C 72 48.21 10.43 -6.09
CA PRO C 72 48.22 11.05 -4.77
C PRO C 72 47.42 10.33 -3.71
N LEU C 73 46.42 9.52 -4.10
CA LEU C 73 45.55 8.81 -3.17
C LEU C 73 45.96 7.37 -2.88
N LEU C 74 47.10 6.89 -3.37
CA LEU C 74 47.44 5.47 -3.21
C LEU C 74 48.37 5.29 -2.02
N ILE C 75 47.81 5.46 -0.82
CA ILE C 75 48.50 5.47 0.44
C ILE C 75 47.56 4.87 1.49
N GLU C 76 48.10 4.71 2.69
CA GLU C 76 47.39 4.25 3.88
C GLU C 76 46.52 5.33 4.41
N ARG C 77 45.20 5.17 4.38
CA ARG C 77 44.31 6.24 4.77
C ARG C 77 43.08 5.77 5.55
N TYR C 78 43.28 4.83 6.48
CA TYR C 78 42.20 4.38 7.35
C TYR C 78 41.81 5.50 8.35
N PRO C 79 40.63 5.38 8.98
CA PRO C 79 40.02 6.55 9.64
C PRO C 79 40.85 7.11 10.82
N GLY C 80 41.07 8.42 10.83
CA GLY C 80 41.96 8.99 11.83
C GLY C 80 43.47 9.02 11.51
N SER C 81 43.94 8.39 10.43
CA SER C 81 45.37 8.33 10.10
C SER C 81 45.88 9.63 9.49
N PRO C 82 47.20 9.89 9.47
CA PRO C 82 47.63 11.07 8.69
C PRO C 82 47.24 10.96 7.18
N GLY C 83 47.10 9.74 6.64
CA GLY C 83 46.77 9.60 5.22
C GLY C 83 45.34 10.02 4.90
N SER C 84 44.44 9.97 5.90
CA SER C 84 43.03 10.37 5.73
C SER C 84 42.90 11.88 5.65
N TYR C 85 43.64 12.63 6.49
CA TYR C 85 43.66 14.08 6.40
C TYR C 85 44.23 14.58 5.07
N ALA C 86 45.25 13.92 4.57
CA ALA C 86 45.88 14.29 3.32
C ALA C 86 44.99 13.98 2.14
N ALA C 87 44.14 12.93 2.26
CA ALA C 87 43.30 12.61 1.10
C ALA C 87 42.08 13.52 1.03
N ARG C 88 41.56 13.99 2.18
CA ARG C 88 40.64 15.15 2.25
C ARG C 88 41.17 16.35 1.46
N GLN C 89 42.45 16.73 1.73
CA GLN C 89 43.11 17.92 1.20
C GLN C 89 43.43 17.80 -0.28
N HIS C 90 43.88 16.65 -0.74
CA HIS C 90 43.99 16.44 -2.19
C HIS C 90 42.61 16.73 -2.83
N ILE C 91 41.66 15.81 -2.61
CA ILE C 91 40.28 15.92 -3.08
C ILE C 91 39.75 17.35 -3.09
N MET C 92 39.83 18.08 -1.98
CA MET C 92 39.33 19.46 -1.96
C MET C 92 40.14 20.33 -2.88
N GLN C 93 41.46 20.19 -2.87
CA GLN C 93 42.28 21.12 -3.63
C GLN C 93 42.00 20.96 -5.11
N ARG C 94 41.79 19.73 -5.57
CA ARG C 94 41.49 19.50 -6.96
C ARG C 94 40.12 20.14 -7.34
N ILE C 95 39.16 20.09 -6.43
CA ILE C 95 37.86 20.64 -6.83
C ILE C 95 37.87 22.15 -6.80
N GLN C 96 38.64 22.75 -5.92
CA GLN C 96 38.67 24.19 -5.69
C GLN C 96 39.35 24.94 -6.82
N ARG C 97 40.08 24.24 -7.65
CA ARG C 97 40.82 24.84 -8.74
C ARG C 97 40.03 24.87 -10.07
N LEU C 98 38.70 24.71 -10.03
CA LEU C 98 37.90 24.60 -11.24
C LEU C 98 36.88 25.74 -11.32
N GLN C 99 36.46 26.09 -12.53
CA GLN C 99 35.67 27.32 -12.73
C GLN C 99 34.27 27.22 -12.11
N ALA C 100 33.54 26.14 -12.43
CA ALA C 100 32.23 25.86 -11.84
C ALA C 100 32.28 26.15 -10.38
N ASP C 101 31.18 26.52 -9.75
CA ASP C 101 31.44 26.91 -8.37
C ASP C 101 30.74 25.90 -7.46
N TRP C 102 31.61 24.97 -7.06
CA TRP C 102 31.29 23.95 -6.12
C TRP C 102 31.37 24.50 -4.71
N VAL C 103 30.38 24.12 -3.90
CA VAL C 103 30.37 24.37 -2.47
C VAL C 103 30.76 23.08 -1.74
N LEU C 104 31.89 23.15 -1.01
CA LEU C 104 32.45 22.12 -0.14
C LEU C 104 32.01 22.29 1.32
N GLU C 105 31.66 21.16 1.93
CA GLU C 105 31.34 21.02 3.34
C GLU C 105 32.11 19.80 3.86
N ILE C 106 32.58 19.87 5.09
CA ILE C 106 33.25 18.77 5.75
C ILE C 106 32.40 18.32 6.92
N ASP C 107 31.94 17.09 6.87
CA ASP C 107 30.96 16.58 7.88
C ASP C 107 31.71 15.65 8.83
N THR C 108 32.02 16.16 10.03
CA THR C 108 32.80 15.51 11.08
C THR C 108 31.88 14.92 12.16
N PHE C 109 32.21 13.74 12.70
CA PHE C 109 31.33 13.17 13.71
C PHE C 109 32.07 12.12 14.54
N LEU C 110 31.45 11.77 15.65
CA LEU C 110 32.02 10.86 16.61
C LEU C 110 31.18 9.59 16.63
N SER C 111 31.84 8.42 16.56
CA SER C 111 31.17 7.14 16.70
C SER C 111 32.01 6.15 17.49
N GLN C 112 31.30 5.23 18.15
CA GLN C 112 31.83 4.10 18.86
C GLN C 112 32.29 2.99 17.91
N THR C 113 33.41 2.35 18.22
CA THR C 113 34.01 1.34 17.35
C THR C 113 34.51 0.18 18.21
N PRO C 114 34.93 -0.95 17.63
CA PRO C 114 35.47 -2.06 18.46
C PRO C 114 36.78 -1.71 19.18
N TYR C 115 37.43 -0.61 18.83
CA TYR C 115 38.58 -0.14 19.58
C TYR C 115 38.30 1.12 20.42
N GLY C 116 37.06 1.55 20.56
CA GLY C 116 36.77 2.80 21.27
C GLY C 116 36.15 3.86 20.36
N TYR C 117 35.95 5.04 20.96
CA TYR C 117 35.38 6.22 20.27
C TYR C 117 36.37 6.86 19.30
N ARG C 118 35.88 7.31 18.13
CA ARG C 118 36.73 7.78 17.04
C ARG C 118 36.09 8.92 16.25
N SER C 119 36.92 9.78 15.65
CA SER C 119 36.44 10.88 14.79
C SER C 119 36.55 10.54 13.29
N PHE C 120 35.52 10.94 12.54
CA PHE C 120 35.37 10.66 11.12
C PHE C 120 34.90 11.93 10.36
N SER C 121 35.17 12.00 9.05
CA SER C 121 34.90 13.23 8.28
C SER C 121 34.49 12.91 6.83
N ASN C 122 33.20 13.08 6.49
CA ASN C 122 32.73 12.96 5.13
C ASN C 122 33.07 14.23 4.34
N ILE C 123 33.24 14.08 3.02
CA ILE C 123 33.46 15.21 2.09
C ILE C 123 32.25 15.34 1.14
N ILE C 124 31.62 16.52 1.10
CA ILE C 124 30.42 16.74 0.29
C ILE C 124 30.57 17.95 -0.63
N SER C 125 30.36 17.75 -1.93
CA SER C 125 30.60 18.78 -2.95
C SER C 125 29.29 19.03 -3.73
N THR C 126 28.72 20.24 -3.63
CA THR C 126 27.45 20.54 -4.27
C THR C 126 27.52 21.77 -5.22
N LEU C 127 27.00 21.60 -6.42
CA LEU C 127 26.54 22.72 -7.27
C LEU C 127 25.07 23.16 -6.97
N ASN C 128 24.82 24.45 -6.95
CA ASN C 128 23.52 25.02 -6.64
C ASN C 128 22.90 24.49 -5.31
N PRO C 129 23.52 24.78 -4.18
CA PRO C 129 23.15 24.07 -2.96
C PRO C 129 21.70 24.19 -2.56
N THR C 130 20.98 25.13 -3.18
CA THR C 130 19.61 25.54 -2.82
C THR C 130 18.53 25.04 -3.79
N ALA C 131 18.90 24.49 -4.95
CA ALA C 131 17.97 23.79 -5.85
C ALA C 131 17.19 22.71 -5.09
N LYS C 132 16.00 22.36 -5.55
CA LYS C 132 15.21 21.39 -4.80
C LYS C 132 15.80 20.02 -4.93
N ARG C 133 16.29 19.67 -6.14
CA ARG C 133 16.71 18.34 -6.54
C ARG C 133 18.19 18.27 -6.92
N HIS C 134 18.81 17.09 -6.76
CA HIS C 134 20.20 16.87 -7.10
C HIS C 134 20.40 15.41 -7.46
N LEU C 135 20.98 15.17 -8.65
CA LEU C 135 21.60 13.88 -8.98
C LEU C 135 22.90 13.69 -8.18
N VAL C 136 23.14 12.47 -7.65
CA VAL C 136 24.19 12.19 -6.66
C VAL C 136 25.09 11.05 -7.12
N LEU C 137 26.40 11.39 -7.20
CA LEU C 137 27.57 10.53 -7.46
C LEU C 137 28.34 10.27 -6.17
N ALA C 138 28.73 9.02 -5.93
CA ALA C 138 29.45 8.78 -4.66
C ALA C 138 30.36 7.54 -4.63
N CYS C 139 31.28 7.57 -3.66
CA CYS C 139 32.16 6.43 -3.32
C CYS C 139 32.63 6.57 -1.88
N HIS C 140 33.41 5.61 -1.39
CA HIS C 140 34.16 5.77 -0.13
C HIS C 140 35.64 6.11 -0.33
N TYR C 141 36.21 6.94 0.58
CA TYR C 141 37.61 7.32 0.43
C TYR C 141 38.59 6.69 1.42
N ASP C 142 38.10 6.02 2.42
CA ASP C 142 38.91 5.41 3.45
C ASP C 142 39.41 4.07 2.94
N SER C 143 40.49 3.63 3.54
CA SER C 143 41.20 2.42 3.15
C SER C 143 41.14 1.52 4.37
N LYS C 144 40.83 0.24 4.11
CA LYS C 144 40.66 -0.76 5.20
C LYS C 144 41.88 -0.87 6.15
N TYR C 145 41.57 -0.97 7.41
CA TYR C 145 42.56 -1.12 8.46
C TYR C 145 43.12 -2.54 8.54
N PHE C 146 44.41 -2.68 8.21
CA PHE C 146 45.18 -3.92 8.16
C PHE C 146 46.60 -3.75 8.72
N SER C 147 47.08 -4.75 9.43
CA SER C 147 48.51 -4.77 9.77
C SER C 147 49.39 -4.96 8.50
N HIS C 148 50.70 -4.70 8.63
CA HIS C 148 51.58 -4.68 7.48
C HIS C 148 52.07 -6.11 7.24
N TRP C 149 51.21 -6.90 6.58
CA TRP C 149 51.49 -8.26 6.17
C TRP C 149 52.71 -8.29 5.26
N ASN C 150 53.67 -9.19 5.55
CA ASN C 150 54.88 -9.45 4.74
C ASN C 150 55.61 -8.16 4.35
N ASN C 151 55.62 -7.18 5.24
CA ASN C 151 56.25 -5.87 5.04
C ASN C 151 55.58 -5.05 3.93
N ARG C 152 54.34 -5.39 3.60
CA ARG C 152 53.53 -4.71 2.57
C ARG C 152 52.43 -3.83 3.19
N VAL C 153 51.99 -2.78 2.47
CA VAL C 153 50.95 -1.86 2.98
C VAL C 153 49.71 -1.90 2.07
N PHE C 154 48.54 -2.17 2.67
CA PHE C 154 47.28 -2.15 1.92
C PHE C 154 46.88 -0.70 1.50
N VAL C 155 46.76 -0.45 0.19
CA VAL C 155 46.32 0.86 -0.32
C VAL C 155 44.98 0.84 -1.10
N GLY C 156 44.35 -0.33 -1.32
CA GLY C 156 43.04 -0.35 -2.01
C GLY C 156 42.90 0.49 -3.27
N ALA C 157 43.50 -0.02 -4.37
CA ALA C 157 43.48 0.68 -5.64
C ALA C 157 42.08 0.71 -6.24
N THR C 158 41.39 -0.42 -6.28
CA THR C 158 39.98 -0.43 -6.73
C THR C 158 39.00 -0.14 -5.61
N ASP C 159 39.40 -0.38 -4.35
CA ASP C 159 38.57 -0.35 -3.14
C ASP C 159 38.96 0.82 -2.19
N SER C 160 38.71 2.11 -2.55
CA SER C 160 38.15 2.59 -3.78
C SER C 160 38.88 3.83 -4.38
N ALA C 161 40.22 3.84 -4.41
CA ALA C 161 40.95 4.99 -4.96
C ALA C 161 40.52 5.38 -6.39
N VAL C 162 40.29 4.40 -7.29
CA VAL C 162 39.88 4.73 -8.65
C VAL C 162 38.50 5.40 -8.70
N PRO C 163 37.44 4.86 -8.09
CA PRO C 163 36.20 5.66 -7.99
C PRO C 163 36.46 7.11 -7.52
N CYS C 164 37.37 7.38 -6.59
CA CYS C 164 37.59 8.78 -6.26
C CYS C 164 38.09 9.57 -7.49
N ALA C 165 39.16 9.08 -8.10
CA ALA C 165 39.72 9.80 -9.26
C ALA C 165 38.74 9.91 -10.43
N MET C 166 37.89 8.87 -10.66
CA MET C 166 36.87 8.96 -11.68
C MET C 166 35.96 10.16 -11.44
N MET C 167 35.51 10.30 -10.19
CA MET C 167 34.65 11.44 -9.85
C MET C 167 35.41 12.77 -10.01
N LEU C 168 36.71 12.78 -9.83
CA LEU C 168 37.54 13.98 -10.07
C LEU C 168 37.72 14.29 -11.59
N GLU C 169 37.98 13.25 -12.43
CA GLU C 169 38.06 13.47 -13.88
C GLU C 169 36.73 14.01 -14.48
N LEU C 170 35.58 13.55 -13.99
CA LEU C 170 34.28 13.95 -14.54
C LEU C 170 33.98 15.42 -14.34
N ALA C 171 34.27 15.94 -13.13
CA ALA C 171 34.04 17.36 -12.83
C ALA C 171 34.95 18.23 -13.65
N ARG C 172 36.17 17.74 -13.91
CA ARG C 172 37.13 18.46 -14.76
C ARG C 172 36.74 18.34 -16.23
N ALA C 173 36.52 17.11 -16.72
CA ALA C 173 36.23 16.90 -18.13
C ALA C 173 34.95 17.56 -18.59
N LEU C 174 34.14 18.03 -17.61
CA LEU C 174 32.84 18.63 -17.84
C LEU C 174 32.77 19.97 -17.18
N ASP C 175 33.90 20.55 -16.74
CA ASP C 175 33.79 21.77 -15.94
C ASP C 175 33.02 22.83 -16.70
N LYS C 176 33.17 22.86 -18.04
CA LYS C 176 32.67 24.00 -18.81
C LYS C 176 31.16 23.96 -18.97
N LYS C 177 30.58 22.82 -19.30
CA LYS C 177 29.12 22.72 -19.32
C LYS C 177 28.50 23.04 -17.95
N LEU C 178 28.98 22.38 -16.87
CA LEU C 178 28.39 22.52 -15.55
C LEU C 178 28.46 23.94 -15.01
N LEU C 179 29.26 24.78 -15.63
CA LEU C 179 29.20 26.20 -15.29
C LEU C 179 27.96 26.90 -15.88
N SER C 180 27.22 26.27 -16.84
CA SER C 180 25.94 26.83 -17.34
C SER C 180 24.84 26.74 -16.32
N LEU C 181 25.14 26.20 -15.15
CA LEU C 181 24.16 26.22 -14.06
C LEU C 181 24.33 27.39 -13.10
N LYS C 182 25.42 28.15 -13.20
CA LYS C 182 25.59 29.55 -12.71
C LYS C 182 26.73 29.71 -11.69
N PRO C 189 13.72 23.33 -15.00
CA PRO C 189 14.32 22.11 -14.40
C PRO C 189 15.25 22.43 -13.19
N ASP C 190 14.75 22.40 -11.93
CA ASP C 190 15.53 22.79 -10.74
C ASP C 190 16.41 21.61 -10.27
N LEU C 191 17.31 21.16 -11.18
CA LEU C 191 18.12 19.96 -11.02
C LEU C 191 19.60 20.34 -11.23
N SER C 192 20.47 19.81 -10.36
CA SER C 192 21.94 20.00 -10.40
C SER C 192 22.54 18.70 -9.90
N LEU C 193 23.80 18.76 -9.55
CA LEU C 193 24.64 17.60 -9.29
C LEU C 193 25.27 17.68 -7.89
N GLN C 194 25.50 16.52 -7.32
CA GLN C 194 26.19 16.40 -6.03
C GLN C 194 27.16 15.26 -6.09
N LEU C 195 28.31 15.46 -5.47
CA LEU C 195 29.34 14.45 -5.19
C LEU C 195 29.50 14.17 -3.68
N ILE C 196 29.69 12.90 -3.34
CA ILE C 196 29.83 12.50 -1.93
C ILE C 196 30.90 11.42 -1.79
N PHE C 197 31.89 11.70 -0.97
CA PHE C 197 33.01 10.77 -0.70
C PHE C 197 32.91 10.39 0.78
N PHE C 198 32.44 9.18 1.09
CA PHE C 198 32.27 8.77 2.49
C PHE C 198 33.56 8.35 3.21
N ASP C 199 33.66 8.68 4.50
CA ASP C 199 34.61 8.12 5.47
C ASP C 199 33.98 6.91 6.20
N GLY C 200 34.82 5.96 6.65
CA GLY C 200 34.42 4.87 7.52
C GLY C 200 33.55 3.76 6.96
N GLU C 201 33.64 3.50 5.67
CA GLU C 201 32.90 2.41 5.04
C GLU C 201 33.37 1.01 5.55
N GLU C 202 34.68 0.74 5.60
CA GLU C 202 35.10 -0.59 6.01
C GLU C 202 34.96 -0.80 7.53
N ALA C 203 34.79 -2.06 7.86
CA ALA C 203 34.82 -2.50 9.25
C ALA C 203 36.24 -2.42 9.82
N PHE C 204 36.40 -1.87 11.01
CA PHE C 204 37.67 -1.90 11.72
C PHE C 204 38.11 -3.34 12.05
N LEU C 205 37.17 -4.21 12.48
CA LEU C 205 37.50 -5.57 12.95
C LEU C 205 36.72 -6.77 12.34
N HIS C 206 35.38 -6.72 12.26
CA HIS C 206 34.55 -7.80 11.73
C HIS C 206 33.23 -7.20 11.28
N TRP C 207 32.80 -7.49 10.04
CA TRP C 207 31.62 -6.80 9.48
C TRP C 207 30.35 -7.12 10.23
N SER C 208 29.64 -6.06 10.66
CA SER C 208 28.36 -6.13 11.36
C SER C 208 27.66 -4.77 11.33
N PRO C 209 26.39 -4.69 11.71
CA PRO C 209 25.67 -3.43 11.55
C PRO C 209 26.20 -2.34 12.47
N GLN C 210 26.90 -2.72 13.54
CA GLN C 210 27.57 -1.74 14.35
C GLN C 210 29.01 -1.49 13.91
N ASP C 211 29.59 -2.29 12.97
CA ASP C 211 31.01 -2.14 12.61
C ASP C 211 31.15 -2.21 11.10
N SER C 212 30.78 -1.10 10.43
CA SER C 212 30.83 -0.91 8.97
C SER C 212 29.97 0.29 8.75
N LEU C 213 30.08 0.91 7.56
CA LEU C 213 29.22 2.02 7.09
C LEU C 213 29.02 3.16 8.12
N TYR C 214 30.10 3.58 8.78
CA TYR C 214 29.99 4.69 9.75
C TYR C 214 29.53 6.00 9.10
N GLY C 215 29.99 6.32 7.91
CA GLY C 215 29.71 7.65 7.37
C GLY C 215 28.34 7.82 6.71
N SER C 216 27.99 6.82 5.88
CA SER C 216 26.68 6.73 5.25
C SER C 216 25.56 6.59 6.27
N ARG C 217 25.64 5.64 7.17
CA ARG C 217 24.63 5.60 8.25
C ARG C 217 24.43 6.96 8.88
N HIS C 218 25.56 7.66 9.24
CA HIS C 218 25.48 8.98 9.91
C HIS C 218 24.87 10.04 8.99
N LEU C 219 25.21 10.03 7.67
CA LEU C 219 24.80 11.13 6.80
C LEU C 219 23.35 10.98 6.27
N ALA C 220 22.83 9.75 6.10
CA ALA C 220 21.42 9.56 5.77
C ALA C 220 20.50 10.04 6.89
N ALA C 221 20.87 9.80 8.14
CA ALA C 221 20.03 10.29 9.22
C ALA C 221 20.00 11.81 9.29
N LYS C 222 21.18 12.49 9.19
CA LYS C 222 21.26 13.95 9.18
C LYS C 222 20.43 14.58 8.02
N MET C 223 20.45 13.97 6.83
CA MET C 223 19.71 14.52 5.69
C MET C 223 18.19 14.36 5.91
N ALA C 224 17.78 13.20 6.46
CA ALA C 224 16.36 12.94 6.71
C ALA C 224 15.77 13.94 7.72
N SER C 225 16.59 14.53 8.59
CA SER C 225 16.14 15.47 9.62
C SER C 225 16.49 16.91 9.31
N THR C 226 16.96 17.20 8.07
CA THR C 226 17.23 18.57 7.56
C THR C 226 16.18 19.07 6.54
N PRO C 227 15.44 20.13 6.90
CA PRO C 227 14.43 20.66 5.95
C PRO C 227 15.12 21.24 4.72
N HIS C 228 14.59 20.89 3.55
CA HIS C 228 15.03 21.27 2.21
C HIS C 228 13.78 21.50 1.18
N PRO C 229 13.74 22.62 0.48
CA PRO C 229 14.84 23.60 0.58
C PRO C 229 14.68 24.44 1.87
N PRO C 230 15.68 25.32 2.10
CA PRO C 230 15.63 26.28 3.21
C PRO C 230 14.29 26.97 3.41
N GLY C 231 13.83 26.95 4.67
CA GLY C 231 12.51 27.42 5.00
C GLY C 231 11.42 26.36 4.86
N ALA C 232 11.72 25.15 4.36
CA ALA C 232 10.63 24.22 4.09
C ALA C 232 10.09 23.65 5.40
N ARG C 233 8.78 23.35 5.42
CA ARG C 233 8.05 22.83 6.58
C ARG C 233 7.71 21.34 6.49
N GLY C 234 7.73 20.75 5.30
CA GLY C 234 7.28 19.39 5.10
C GLY C 234 8.20 18.42 4.40
N THR C 235 9.39 18.84 3.97
CA THR C 235 10.28 18.09 3.08
C THR C 235 11.74 18.14 3.55
N SER C 236 12.54 17.15 3.13
CA SER C 236 13.95 17.01 3.57
C SER C 236 15.00 16.84 2.45
N GLN C 237 16.26 17.06 2.87
CA GLN C 237 17.39 16.96 1.96
C GLN C 237 17.41 15.64 1.26
N LEU C 238 16.89 14.63 1.91
CA LEU C 238 16.87 13.27 1.40
C LEU C 238 15.78 13.11 0.33
N HIS C 239 14.67 13.81 0.52
CA HIS C 239 13.69 13.93 -0.57
C HIS C 239 14.28 14.49 -1.88
N GLY C 240 15.26 15.40 -1.80
CA GLY C 240 15.94 16.00 -2.95
C GLY C 240 16.89 15.10 -3.76
N MET C 241 17.36 13.98 -3.20
CA MET C 241 18.32 13.12 -3.90
C MET C 241 17.60 12.37 -5.02
N ASP C 242 17.87 12.72 -6.28
CA ASP C 242 17.10 12.21 -7.42
C ASP C 242 17.41 10.73 -7.64
N LEU C 243 18.70 10.40 -7.80
CA LEU C 243 19.19 9.06 -7.98
C LEU C 243 20.59 9.04 -7.36
N LEU C 244 20.87 7.97 -6.58
CA LEU C 244 22.16 7.77 -5.93
C LEU C 244 22.92 6.72 -6.73
N VAL C 245 23.98 7.17 -7.38
CA VAL C 245 24.88 6.29 -8.17
C VAL C 245 26.13 6.05 -7.35
N LEU C 246 26.25 4.86 -6.80
CA LEU C 246 27.38 4.47 -5.93
C LEU C 246 28.41 3.65 -6.68
N LEU C 247 29.67 4.17 -6.74
CA LEU C 247 30.75 3.50 -7.45
C LEU C 247 31.68 2.86 -6.42
N ASP C 248 32.08 1.63 -6.68
CA ASP C 248 32.80 0.81 -5.72
C ASP C 248 33.48 -0.33 -6.46
N LEU C 249 34.71 -0.66 -6.03
CA LEU C 249 35.41 -1.87 -6.47
C LEU C 249 35.66 -1.89 -7.99
N ILE C 250 36.12 -0.76 -8.52
CA ILE C 250 36.28 -0.49 -9.94
C ILE C 250 37.75 -0.29 -10.24
N GLY C 251 38.19 -0.91 -11.34
CA GLY C 251 39.56 -0.83 -11.81
C GLY C 251 40.15 -2.09 -12.40
N ALA C 252 39.52 -3.20 -12.15
CA ALA C 252 39.97 -4.46 -12.67
C ALA C 252 39.53 -4.69 -14.12
N PRO C 253 40.16 -5.62 -14.82
CA PRO C 253 39.66 -5.97 -16.15
C PRO C 253 38.35 -6.75 -16.16
N ASN C 254 37.63 -6.56 -17.27
CA ASN C 254 36.43 -7.31 -17.57
C ASN C 254 35.38 -7.39 -16.45
N PRO C 255 34.88 -6.24 -16.00
CA PRO C 255 33.84 -6.22 -14.95
C PRO C 255 32.43 -6.53 -15.47
N THR C 256 31.68 -7.39 -14.72
CA THR C 256 30.26 -7.64 -15.03
C THR C 256 29.38 -7.02 -13.95
N PHE C 257 28.67 -5.95 -14.30
CA PHE C 257 27.79 -5.25 -13.38
C PHE C 257 26.35 -5.71 -13.54
N PRO C 258 25.71 -6.29 -12.51
CA PRO C 258 24.31 -6.75 -12.61
C PRO C 258 23.29 -5.63 -12.45
N ASN C 259 21.99 -6.00 -12.57
CA ASN C 259 20.89 -5.05 -12.33
C ASN C 259 20.13 -5.46 -11.06
N PHE C 260 20.20 -4.61 -10.03
CA PHE C 260 19.83 -5.04 -8.69
C PHE C 260 18.35 -4.84 -8.31
N PHE C 261 17.71 -3.78 -8.82
CA PHE C 261 16.42 -3.26 -8.27
C PHE C 261 15.43 -2.93 -9.38
N PRO C 262 14.17 -3.44 -9.33
CA PRO C 262 13.22 -3.14 -10.41
C PRO C 262 12.89 -1.66 -10.59
N ASN C 263 12.98 -0.84 -9.53
CA ASN C 263 12.60 0.58 -9.57
C ASN C 263 13.70 1.51 -10.03
N SER C 264 14.87 1.01 -10.39
CA SER C 264 15.91 1.82 -11.02
C SER C 264 16.35 1.21 -12.35
N ALA C 265 15.73 0.08 -12.76
CA ALA C 265 16.05 -0.60 -14.02
C ALA C 265 16.09 0.33 -15.24
N ARG C 266 15.18 1.28 -15.36
CA ARG C 266 15.23 2.03 -16.60
C ARG C 266 16.57 2.78 -16.75
N TRP C 267 17.24 3.17 -15.65
CA TRP C 267 18.48 3.95 -15.77
C TRP C 267 19.69 3.06 -16.07
N PHE C 268 19.62 1.79 -15.71
CA PHE C 268 20.61 0.80 -16.09
C PHE C 268 20.55 0.50 -17.58
N GLU C 269 19.32 0.33 -18.13
CA GLU C 269 19.13 0.22 -19.58
C GLU C 269 19.81 1.39 -20.34
N ARG C 270 19.79 2.58 -19.75
CA ARG C 270 20.55 3.67 -20.36
C ARG C 270 22.04 3.38 -20.37
N LEU C 271 22.60 2.90 -19.27
CA LEU C 271 24.02 2.50 -19.32
C LEU C 271 24.25 1.51 -20.47
N GLN C 272 23.43 0.47 -20.54
CA GLN C 272 23.62 -0.59 -21.50
C GLN C 272 23.59 -0.06 -22.94
N ALA C 273 22.75 0.95 -23.20
CA ALA C 273 22.56 1.55 -24.51
C ALA C 273 23.66 2.58 -24.84
N ILE C 274 23.92 3.51 -23.92
CA ILE C 274 25.12 4.35 -24.06
C ILE C 274 26.32 3.48 -24.43
N GLU C 275 26.53 2.38 -23.70
CA GLU C 275 27.71 1.53 -23.95
C GLU C 275 27.77 1.02 -25.40
N HIS C 276 26.62 0.60 -25.95
CA HIS C 276 26.62 -0.06 -27.26
C HIS C 276 26.82 0.94 -28.39
N GLU C 277 26.30 2.13 -28.29
CA GLU C 277 26.54 3.09 -29.36
C GLU C 277 27.96 3.63 -29.35
N LEU C 278 28.59 3.75 -28.18
CA LEU C 278 30.00 4.13 -28.17
C LEU C 278 30.88 3.08 -28.83
N HIS C 279 30.51 1.81 -28.73
CA HIS C 279 31.25 0.77 -29.45
C HIS C 279 31.09 0.93 -30.95
N GLU C 280 29.83 1.03 -31.43
CA GLU C 280 29.55 1.16 -32.85
C GLU C 280 30.27 2.34 -33.49
N LEU C 281 30.32 3.48 -32.81
CA LEU C 281 30.96 4.66 -33.37
C LEU C 281 32.48 4.58 -33.35
N GLY C 282 33.03 3.49 -32.81
CA GLY C 282 34.47 3.35 -32.63
C GLY C 282 35.12 4.28 -31.63
N LEU C 283 34.46 4.63 -30.54
CA LEU C 283 35.09 5.49 -29.53
C LEU C 283 35.52 4.68 -28.32
N LEU C 284 35.58 3.37 -28.46
CA LEU C 284 35.91 2.49 -27.36
C LEU C 284 37.17 1.68 -27.65
N LYS C 285 37.97 1.39 -26.62
CA LYS C 285 39.26 0.74 -26.80
C LYS C 285 39.30 -0.60 -26.11
N ASP C 286 39.84 -1.60 -26.78
CA ASP C 286 39.97 -2.93 -26.22
C ASP C 286 38.61 -3.51 -25.81
N HIS C 287 37.55 -3.11 -26.53
CA HIS C 287 36.18 -3.41 -26.17
C HIS C 287 35.47 -4.23 -27.25
N SER C 288 34.90 -5.38 -26.79
CA SER C 288 34.04 -6.27 -27.54
C SER C 288 32.58 -6.13 -27.05
N LEU C 289 31.70 -6.94 -27.65
CA LEU C 289 30.27 -6.99 -27.31
C LEU C 289 29.92 -8.28 -26.60
N GLU C 290 30.79 -9.25 -26.65
CA GLU C 290 30.64 -10.41 -25.84
C GLU C 290 31.25 -10.20 -24.48
N GLY C 291 31.98 -9.10 -24.28
CA GLY C 291 32.62 -8.81 -23.00
C GLY C 291 32.03 -7.57 -22.42
N ARG C 292 30.72 -7.44 -22.65
CA ARG C 292 29.96 -6.27 -22.23
C ARG C 292 30.08 -6.01 -20.72
N TYR C 293 30.39 -4.76 -20.35
CA TYR C 293 30.36 -4.40 -18.94
C TYR C 293 28.96 -4.58 -18.35
N PHE C 294 27.93 -4.05 -19.05
CA PHE C 294 26.53 -4.08 -18.60
C PHE C 294 25.77 -5.11 -19.41
N GLN C 295 25.71 -6.30 -18.87
CA GLN C 295 25.00 -7.36 -19.54
C GLN C 295 23.62 -7.52 -18.89
N ASN C 296 22.77 -8.36 -19.49
CA ASN C 296 21.42 -8.63 -18.98
C ASN C 296 21.54 -9.67 -17.89
N TYR C 297 21.52 -9.23 -16.63
CA TYR C 297 21.86 -10.10 -15.51
C TYR C 297 21.12 -9.54 -14.31
N SER C 298 20.31 -10.39 -13.68
CA SER C 298 19.49 -10.01 -12.54
C SER C 298 20.00 -10.81 -11.35
N TYR C 299 20.52 -10.10 -10.34
CA TYR C 299 21.00 -10.69 -9.11
C TYR C 299 19.92 -10.53 -8.04
N GLY C 300 20.06 -11.32 -6.97
CA GLY C 300 19.15 -11.24 -5.83
C GLY C 300 19.09 -9.87 -5.20
N GLY C 301 20.20 -9.44 -4.57
CA GLY C 301 20.35 -8.08 -4.13
C GLY C 301 21.12 -8.04 -2.82
N VAL C 302 22.02 -7.05 -2.70
CA VAL C 302 22.81 -6.78 -1.48
C VAL C 302 23.52 -8.00 -1.01
N ILE C 303 24.82 -7.98 -0.74
CA ILE C 303 25.80 -6.91 -0.94
C ILE C 303 25.53 -5.65 -0.12
N GLN C 304 26.07 -5.71 1.08
CA GLN C 304 26.06 -4.57 1.95
C GLN C 304 27.07 -3.52 1.44
N ASP C 305 26.69 -2.24 1.60
CA ASP C 305 27.47 -1.10 1.13
C ASP C 305 26.75 0.19 1.60
N ASP C 306 27.31 1.33 1.21
CA ASP C 306 26.95 2.68 1.67
C ASP C 306 25.54 3.07 1.20
N HIS C 307 24.95 2.31 0.29
CA HIS C 307 23.61 2.61 -0.23
C HIS C 307 22.52 2.10 0.68
N ILE C 308 22.85 1.09 1.52
CA ILE C 308 21.88 0.48 2.41
C ILE C 308 21.07 1.50 3.20
N PRO C 309 21.67 2.47 3.88
CA PRO C 309 20.89 3.31 4.81
C PRO C 309 19.95 4.32 4.12
N PHE C 310 20.27 4.71 2.87
CA PHE C 310 19.42 5.47 1.95
C PHE C 310 18.28 4.60 1.42
N LEU C 311 18.56 3.31 1.16
CA LEU C 311 17.59 2.44 0.50
C LEU C 311 16.38 2.26 1.37
N ARG C 312 16.62 1.97 2.66
CA ARG C 312 15.65 1.74 3.74
C ARG C 312 14.78 2.96 3.99
N ARG C 313 15.06 4.06 3.33
CA ARG C 313 14.24 5.26 3.37
C ARG C 313 13.72 5.65 1.97
N GLY C 314 13.89 4.81 0.94
CA GLY C 314 13.27 5.09 -0.34
C GLY C 314 14.02 5.93 -1.35
N VAL C 315 15.30 6.26 -1.12
CA VAL C 315 16.08 6.90 -2.20
C VAL C 315 16.27 5.86 -3.29
N PRO C 316 16.08 6.15 -4.59
CA PRO C 316 16.36 5.14 -5.62
C PRO C 316 17.85 5.06 -5.83
N VAL C 317 18.34 3.84 -6.16
CA VAL C 317 19.78 3.57 -6.19
C VAL C 317 20.23 2.88 -7.49
N LEU C 318 21.26 3.45 -8.11
CA LEU C 318 22.03 2.80 -9.15
C LEU C 318 23.41 2.36 -8.59
N HIS C 319 23.58 1.08 -8.41
CA HIS C 319 24.68 0.52 -7.66
C HIS C 319 25.74 -0.10 -8.63
N LEU C 320 26.84 0.63 -8.88
CA LEU C 320 27.86 0.17 -9.85
C LEU C 320 29.02 -0.54 -9.13
N ILE C 321 28.71 -1.72 -8.60
CA ILE C 321 29.68 -2.63 -8.01
C ILE C 321 29.59 -3.92 -8.81
N PRO C 322 30.69 -4.59 -9.18
CA PRO C 322 30.58 -5.82 -9.97
C PRO C 322 30.39 -7.07 -9.11
N SER C 323 29.95 -8.13 -9.82
CA SER C 323 29.89 -9.53 -9.34
C SER C 323 30.35 -10.50 -10.45
N PRO C 324 31.42 -11.29 -10.20
CA PRO C 324 32.17 -11.35 -8.93
C PRO C 324 32.98 -10.11 -8.65
N PHE C 325 33.35 -9.92 -7.38
CA PHE C 325 34.35 -8.94 -6.99
C PHE C 325 35.69 -9.22 -7.69
N PRO C 326 36.54 -8.20 -7.82
CA PRO C 326 37.84 -8.44 -8.43
C PRO C 326 38.64 -9.49 -7.69
N GLU C 327 39.55 -10.12 -8.43
CA GLU C 327 40.32 -11.23 -7.88
C GLU C 327 41.19 -10.80 -6.73
N VAL C 328 41.71 -9.58 -6.79
CA VAL C 328 42.65 -9.08 -5.78
C VAL C 328 41.99 -8.57 -4.49
N TRP C 329 40.67 -8.75 -4.33
CA TRP C 329 39.91 -8.03 -3.30
C TRP C 329 40.42 -8.41 -1.92
N HIS C 330 40.76 -7.36 -1.15
CA HIS C 330 41.25 -7.41 0.26
C HIS C 330 42.54 -8.22 0.41
N THR C 331 43.37 -8.16 -0.64
CA THR C 331 44.76 -8.63 -0.62
C THR C 331 45.69 -7.45 -0.91
N MET C 332 46.97 -7.68 -0.60
CA MET C 332 48.02 -6.68 -0.85
C MET C 332 48.31 -6.43 -2.35
N ASP C 333 47.73 -7.20 -3.28
CA ASP C 333 47.90 -7.02 -4.73
C ASP C 333 46.87 -6.08 -5.35
N ASP C 334 46.00 -5.48 -4.53
CA ASP C 334 45.09 -4.44 -5.00
C ASP C 334 45.89 -3.13 -5.03
N ASN C 335 46.81 -3.07 -6.04
CA ASN C 335 47.77 -1.98 -6.22
C ASN C 335 47.64 -1.37 -7.62
N GLU C 336 48.55 -0.40 -7.91
CA GLU C 336 48.55 0.29 -9.22
C GLU C 336 48.81 -0.66 -10.42
N GLU C 337 49.57 -1.76 -10.25
CA GLU C 337 50.01 -2.60 -11.38
C GLU C 337 48.91 -3.48 -11.91
N ASN C 338 47.94 -3.85 -11.09
CA ASN C 338 46.89 -4.75 -11.52
C ASN C 338 45.62 -4.03 -11.99
N LEU C 339 45.64 -2.71 -12.12
CA LEU C 339 44.55 -1.98 -12.76
C LEU C 339 44.72 -2.08 -14.26
N ASP C 340 43.61 -1.88 -14.98
CA ASP C 340 43.55 -1.87 -16.44
C ASP C 340 43.18 -0.47 -16.91
N GLU C 341 44.07 0.15 -17.70
CA GLU C 341 43.84 1.51 -18.21
C GLU C 341 42.62 1.58 -19.15
N SER C 342 42.50 0.67 -20.11
CA SER C 342 41.39 0.69 -21.06
C SER C 342 40.05 0.58 -20.34
N THR C 343 39.90 -0.48 -19.50
CA THR C 343 38.63 -0.72 -18.81
C THR C 343 38.13 0.52 -18.09
N ILE C 344 39.04 1.25 -17.40
CA ILE C 344 38.67 2.47 -16.66
C ILE C 344 38.40 3.63 -17.60
N ASP C 345 39.21 3.75 -18.68
CA ASP C 345 38.99 4.82 -19.68
C ASP C 345 37.61 4.69 -20.33
N ASN C 346 37.19 3.45 -20.66
CA ASN C 346 35.87 3.24 -21.25
C ASN C 346 34.77 3.57 -20.27
N LEU C 347 34.97 3.26 -18.99
CA LEU C 347 33.94 3.61 -18.02
C LEU C 347 33.82 5.11 -17.83
N ASN C 348 34.95 5.83 -17.87
CA ASN C 348 34.85 7.27 -17.76
C ASN C 348 33.96 7.87 -18.85
N LYS C 349 33.99 7.26 -20.04
CA LYS C 349 33.28 7.82 -21.19
C LYS C 349 31.78 7.61 -21.05
N ILE C 350 31.37 6.39 -20.76
CA ILE C 350 29.98 6.14 -20.47
C ILE C 350 29.49 7.06 -19.35
N LEU C 351 30.10 6.95 -18.19
CA LEU C 351 29.55 7.66 -17.04
C LEU C 351 29.35 9.13 -17.33
N GLN C 352 30.25 9.75 -18.13
CA GLN C 352 30.16 11.20 -18.39
C GLN C 352 28.99 11.56 -19.30
N VAL C 353 28.67 10.68 -20.28
CA VAL C 353 27.54 10.89 -21.17
C VAL C 353 26.26 10.87 -20.37
N PHE C 354 26.10 9.79 -19.57
CA PHE C 354 24.96 9.57 -18.68
C PHE C 354 24.62 10.83 -17.89
N VAL C 355 25.64 11.51 -17.34
CA VAL C 355 25.39 12.72 -16.52
C VAL C 355 24.88 13.89 -17.35
N LEU C 356 25.53 14.19 -18.48
CA LEU C 356 25.02 15.27 -19.33
C LEU C 356 23.62 14.98 -19.88
N GLU C 357 23.31 13.70 -20.20
CA GLU C 357 21.98 13.30 -20.66
C GLU C 357 20.95 13.44 -19.53
N TYR C 358 21.29 12.92 -18.33
CA TYR C 358 20.46 13.12 -17.13
C TYR C 358 20.21 14.59 -16.86
N LEU C 359 21.23 15.45 -17.01
CA LEU C 359 21.12 16.88 -16.64
C LEU C 359 20.66 17.81 -17.79
N HIS C 360 20.42 17.26 -19.01
CA HIS C 360 20.07 18.00 -20.23
C HIS C 360 21.15 18.98 -20.67
N LEU C 361 22.41 18.60 -20.50
CA LEU C 361 23.52 19.44 -20.96
C LEU C 361 24.21 18.86 -22.19
N ALA D 33 44.38 12.25 30.15
CA ALA D 33 44.30 13.62 29.62
C ALA D 33 42.88 13.87 29.13
N SER D 34 42.27 12.78 28.68
CA SER D 34 40.90 12.82 28.19
C SER D 34 40.05 11.55 28.46
N ALA D 35 39.66 11.18 29.67
CA ALA D 35 39.98 11.60 31.11
C ALA D 35 39.24 12.81 31.69
N TRP D 36 39.30 14.04 31.09
CA TRP D 36 38.72 15.28 31.67
C TRP D 36 37.22 15.23 31.96
N PRO D 37 36.43 14.33 31.38
CA PRO D 37 35.02 14.26 31.78
C PRO D 37 34.76 13.87 33.30
N GLU D 38 35.79 13.47 34.08
CA GLU D 38 35.62 13.16 35.50
C GLU D 38 35.70 14.43 36.36
N GLU D 39 36.22 15.52 35.81
CA GLU D 39 36.44 16.71 36.60
C GLU D 39 35.16 17.34 37.14
N LYS D 40 33.99 16.99 36.60
CA LYS D 40 32.75 17.49 37.20
C LYS D 40 32.38 16.73 38.50
N ASN D 41 32.89 15.49 38.67
CA ASN D 41 32.74 14.72 39.89
C ASN D 41 33.47 15.37 41.09
N TYR D 42 34.46 16.22 40.82
CA TYR D 42 35.31 16.77 41.87
C TYR D 42 35.15 18.27 42.06
N HIS D 43 34.27 18.90 41.27
CA HIS D 43 34.14 20.34 41.29
C HIS D 43 33.42 20.80 42.56
N GLN D 44 33.83 21.97 43.09
CA GLN D 44 33.33 22.58 44.33
C GLN D 44 33.10 24.09 44.17
N PRO D 45 32.11 24.64 44.85
CA PRO D 45 31.88 26.08 44.73
C PRO D 45 32.89 26.89 45.53
N ALA D 46 32.85 28.23 45.24
CA ALA D 46 33.50 29.32 45.97
C ALA D 46 32.43 30.13 46.69
N ILE D 47 32.24 29.92 47.98
CA ILE D 47 31.07 30.53 48.60
C ILE D 47 31.36 32.00 48.84
N LEU D 48 30.33 32.81 48.65
CA LEU D 48 30.39 34.24 48.78
C LEU D 48 29.99 34.67 50.19
N ASN D 49 30.64 35.76 50.66
CA ASN D 49 30.44 36.32 52.00
C ASN D 49 29.08 36.99 52.11
N SER D 50 28.76 37.51 53.30
CA SER D 50 27.53 38.24 53.52
C SER D 50 27.47 39.57 52.76
N SER D 51 28.60 40.17 52.41
CA SER D 51 28.54 41.46 51.70
C SER D 51 28.29 41.25 50.20
N ALA D 52 28.89 40.22 49.60
CA ALA D 52 28.63 39.92 48.20
C ALA D 52 27.18 39.56 47.98
N LEU D 53 26.51 38.99 49.00
CA LEU D 53 25.09 38.60 48.88
C LEU D 53 24.14 39.80 48.85
N ARG D 54 24.36 40.83 49.66
CA ARG D 54 23.52 42.02 49.54
C ARG D 54 23.73 42.70 48.18
N GLN D 55 24.91 42.47 47.57
CA GLN D 55 25.31 43.06 46.28
C GLN D 55 24.46 42.51 45.14
N ILE D 56 24.46 41.16 45.02
CA ILE D 56 23.62 40.46 44.06
C ILE D 56 22.17 40.88 44.25
N ALA D 57 21.71 40.77 45.49
CA ALA D 57 20.34 41.10 45.86
C ALA D 57 19.90 42.42 45.28
N GLU D 58 20.59 43.52 45.61
CA GLU D 58 20.24 44.81 45.04
C GLU D 58 20.45 44.85 43.52
N GLY D 59 21.05 43.81 42.95
CA GLY D 59 21.44 43.80 41.56
C GLY D 59 20.38 43.38 40.55
N THR D 60 19.26 42.78 40.99
CA THR D 60 18.24 42.40 40.02
C THR D 60 16.96 43.23 40.20
N SER D 61 16.23 43.42 39.09
CA SER D 61 15.01 44.21 39.04
C SER D 61 13.86 43.34 38.55
N ILE D 62 12.91 43.05 39.45
CA ILE D 62 11.80 42.16 39.12
C ILE D 62 10.78 42.83 38.23
N SER D 63 10.70 44.15 38.25
CA SER D 63 9.79 44.88 37.37
C SER D 63 10.39 45.13 35.98
N GLU D 64 11.71 45.26 35.88
CA GLU D 64 12.34 45.38 34.58
C GLU D 64 12.41 44.04 33.81
N MET D 65 12.56 42.90 34.49
CA MET D 65 12.29 41.63 33.82
C MET D 65 10.84 41.57 33.34
N TRP D 66 9.91 41.84 34.27
CA TRP D 66 8.49 41.78 33.98
C TRP D 66 8.14 42.60 32.78
N GLN D 67 8.73 43.78 32.68
CA GLN D 67 8.41 44.73 31.63
C GLN D 67 9.03 44.34 30.29
N ASN D 68 10.36 44.16 30.26
CA ASN D 68 11.09 44.02 29.00
C ASN D 68 11.37 42.59 28.56
N ASP D 69 11.35 41.59 29.48
CA ASP D 69 11.67 40.19 29.17
C ASP D 69 10.48 39.25 29.15
N LEU D 70 9.59 39.35 30.13
CA LEU D 70 8.45 38.44 30.22
C LEU D 70 7.25 38.88 29.36
N GLN D 71 6.78 40.11 29.49
CA GLN D 71 5.54 40.50 28.79
C GLN D 71 5.51 40.24 27.29
N PRO D 72 6.55 40.50 26.50
CA PRO D 72 6.47 40.16 25.07
C PRO D 72 6.36 38.68 24.80
N LEU D 73 6.58 37.83 25.79
CA LEU D 73 6.45 36.38 25.62
C LEU D 73 5.05 35.84 25.89
N LEU D 74 4.11 36.65 26.38
CA LEU D 74 2.83 36.13 26.82
C LEU D 74 1.95 36.15 25.60
N ILE D 75 2.15 35.14 24.73
CA ILE D 75 1.43 35.02 23.45
C ILE D 75 1.33 33.58 23.01
N GLU D 76 0.43 33.32 22.07
CA GLU D 76 0.37 31.97 21.47
C GLU D 76 1.65 31.62 20.78
N ARG D 77 2.27 30.51 21.12
CA ARG D 77 3.55 30.18 20.47
C ARG D 77 3.80 28.66 20.30
N TYR D 78 2.79 27.89 19.84
CA TYR D 78 3.05 26.47 19.51
C TYR D 78 3.95 26.36 18.27
N PRO D 79 4.56 25.21 18.06
CA PRO D 79 5.63 25.12 17.06
C PRO D 79 5.09 25.36 15.64
N GLY D 80 5.89 26.04 14.81
CA GLY D 80 5.47 26.53 13.49
C GLY D 80 4.49 27.70 13.46
N SER D 81 3.99 28.16 14.60
CA SER D 81 3.12 29.31 14.65
C SER D 81 3.91 30.64 14.50
N PRO D 82 3.26 31.71 14.04
CA PRO D 82 3.91 33.04 14.06
C PRO D 82 4.42 33.45 15.43
N GLY D 83 3.68 33.24 16.52
CA GLY D 83 4.24 33.41 17.86
C GLY D 83 5.57 32.70 18.08
N SER D 84 5.77 31.52 17.47
CA SER D 84 7.05 30.84 17.55
C SER D 84 8.19 31.68 16.97
N TYR D 85 8.07 32.19 15.71
CA TYR D 85 9.07 33.10 15.10
C TYR D 85 9.22 34.42 15.88
N ALA D 86 8.12 35.01 16.31
CA ALA D 86 8.21 36.23 17.12
C ALA D 86 8.94 36.03 18.44
N ALA D 87 8.76 34.85 19.09
CA ALA D 87 9.38 34.60 20.38
C ALA D 87 10.85 34.38 20.21
N ARG D 88 11.21 33.67 19.16
CA ARG D 88 12.61 33.38 18.89
C ARG D 88 13.40 34.68 18.69
N GLN D 89 12.76 35.68 18.03
CA GLN D 89 13.39 36.96 17.69
C GLN D 89 13.63 37.85 18.94
N HIS D 90 12.68 37.89 19.89
CA HIS D 90 12.85 38.70 21.10
C HIS D 90 13.95 38.14 22.05
N ILE D 91 13.96 36.83 22.26
CA ILE D 91 15.05 36.19 22.97
C ILE D 91 16.41 36.56 22.36
N MET D 92 16.57 36.47 21.06
CA MET D 92 17.92 36.69 20.59
C MET D 92 18.30 38.14 20.68
N GLN D 93 17.36 39.02 20.31
CA GLN D 93 17.59 40.47 20.35
C GLN D 93 18.00 40.95 21.74
N ARG D 94 17.37 40.43 22.80
CA ARG D 94 17.69 40.84 24.15
C ARG D 94 19.06 40.33 24.60
N ILE D 95 19.46 39.12 24.17
CA ILE D 95 20.80 38.65 24.50
C ILE D 95 21.83 39.50 23.81
N GLN D 96 21.63 39.78 22.50
CA GLN D 96 22.64 40.44 21.65
C GLN D 96 23.01 41.85 22.08
N ARG D 97 22.18 42.47 22.93
CA ARG D 97 22.35 43.82 23.45
C ARG D 97 23.17 43.87 24.76
N LEU D 98 23.65 42.76 25.24
CA LEU D 98 24.58 42.79 26.36
C LEU D 98 26.04 42.79 25.87
N GLN D 99 26.95 43.12 26.80
CA GLN D 99 28.36 43.26 26.47
C GLN D 99 29.07 41.92 26.36
N ALA D 100 28.83 41.01 27.33
CA ALA D 100 29.39 39.67 27.28
C ALA D 100 29.40 39.07 25.86
N ASP D 101 30.38 38.24 25.57
CA ASP D 101 30.59 37.78 24.20
C ASP D 101 29.74 36.55 23.90
N TRP D 102 28.42 36.77 23.83
CA TRP D 102 27.49 35.67 23.73
C TRP D 102 27.42 35.20 22.28
N VAL D 103 27.65 33.90 22.07
CA VAL D 103 27.54 33.32 20.73
C VAL D 103 26.17 32.65 20.58
N LEU D 104 25.42 33.07 19.57
CA LEU D 104 24.06 32.59 19.32
C LEU D 104 24.07 31.57 18.18
N GLU D 105 23.25 30.53 18.31
CA GLU D 105 23.13 29.46 17.31
C GLU D 105 21.69 28.95 17.28
N ILE D 106 21.21 28.53 16.10
CA ILE D 106 19.79 28.16 15.85
C ILE D 106 19.73 26.76 15.24
N ASP D 107 19.14 25.81 15.97
CA ASP D 107 19.23 24.40 15.63
C ASP D 107 17.88 23.99 15.06
N THR D 108 17.78 24.02 13.73
CA THR D 108 16.55 23.87 12.97
C THR D 108 16.52 22.47 12.39
N PHE D 109 15.45 21.72 12.64
CA PHE D 109 15.36 20.35 12.16
C PHE D 109 13.92 20.07 11.78
N LEU D 110 13.73 18.92 11.12
CA LEU D 110 12.44 18.39 10.71
C LEU D 110 12.18 17.09 11.46
N SER D 111 10.89 16.80 11.66
CA SER D 111 10.41 15.70 12.45
C SER D 111 8.94 15.43 12.22
N GLN D 112 8.54 14.15 12.35
CA GLN D 112 7.18 13.66 12.16
C GLN D 112 6.36 13.77 13.44
N THR D 113 5.09 14.17 13.29
CA THR D 113 4.12 14.39 14.37
C THR D 113 2.78 13.74 14.04
N PRO D 114 1.87 13.67 15.03
CA PRO D 114 0.46 13.32 14.78
C PRO D 114 -0.26 14.07 13.62
N TYR D 115 0.13 15.30 13.35
CA TYR D 115 -0.43 16.02 12.20
C TYR D 115 0.54 16.08 11.01
N GLY D 116 1.57 15.22 10.99
CA GLY D 116 2.54 15.09 9.91
C GLY D 116 3.81 15.85 10.16
N TYR D 117 4.63 15.96 9.10
CA TYR D 117 5.95 16.60 9.17
C TYR D 117 5.86 18.07 9.50
N ARG D 118 6.84 18.53 10.26
CA ARG D 118 6.91 19.89 10.85
C ARG D 118 8.37 20.30 11.18
N SER D 119 8.60 21.62 11.22
CA SER D 119 9.92 22.20 11.43
C SER D 119 10.04 22.86 12.80
N PHE D 120 11.19 22.61 13.48
CA PHE D 120 11.43 23.21 14.80
C PHE D 120 12.84 23.83 14.86
N SER D 121 13.01 24.77 15.81
CA SER D 121 14.28 25.50 16.00
C SER D 121 14.58 25.71 17.49
N ASN D 122 15.59 25.00 18.02
CA ASN D 122 16.11 25.25 19.35
C ASN D 122 16.98 26.54 19.36
N ILE D 123 17.09 27.23 20.50
CA ILE D 123 17.95 28.38 20.59
C ILE D 123 19.04 28.07 21.59
N ILE D 124 20.31 28.12 21.14
CA ILE D 124 21.49 27.88 21.98
C ILE D 124 22.36 29.12 22.01
N SER D 125 22.70 29.60 23.20
CA SER D 125 23.53 30.78 23.42
C SER D 125 24.72 30.47 24.36
N THR D 126 25.95 30.65 23.87
CA THR D 126 27.14 30.13 24.57
C THR D 126 28.31 31.13 24.75
N LEU D 127 28.85 31.22 26.00
CA LEU D 127 30.09 31.94 26.27
C LEU D 127 31.30 30.99 26.21
N ASN D 128 32.35 31.39 25.52
CA ASN D 128 33.62 30.64 25.42
C ASN D 128 33.43 29.25 24.79
N PRO D 129 32.99 29.20 23.54
CA PRO D 129 32.57 27.91 22.97
C PRO D 129 33.65 26.83 22.97
N THR D 130 34.92 27.26 22.95
CA THR D 130 36.09 26.40 22.89
C THR D 130 36.39 25.70 24.22
N ALA D 131 35.83 26.20 25.32
CA ALA D 131 36.08 25.67 26.64
C ALA D 131 35.49 24.26 26.75
N LYS D 132 36.23 23.35 27.39
CA LYS D 132 35.79 21.95 27.35
C LYS D 132 34.48 21.74 28.08
N ARG D 133 34.26 22.55 29.14
CA ARG D 133 33.17 22.38 30.09
C ARG D 133 32.29 23.63 30.16
N HIS D 134 30.96 23.39 30.30
CA HIS D 134 29.92 24.41 30.44
C HIS D 134 28.91 23.92 31.47
N LEU D 135 28.57 24.80 32.43
CA LEU D 135 27.35 24.75 33.22
C LEU D 135 26.15 25.12 32.36
N VAL D 136 25.09 24.32 32.39
CA VAL D 136 23.99 24.53 31.45
C VAL D 136 22.74 24.89 32.20
N LEU D 137 22.10 25.98 31.77
CA LEU D 137 20.76 26.37 32.19
C LEU D 137 19.85 26.29 31.01
N ALA D 138 18.61 25.84 31.23
CA ALA D 138 17.66 25.59 30.14
C ALA D 138 16.19 25.61 30.61
N CYS D 139 15.32 25.85 29.63
CA CYS D 139 13.87 25.66 29.69
C CYS D 139 13.38 25.36 28.27
N HIS D 140 12.06 25.29 28.06
CA HIS D 140 11.41 25.26 26.74
C HIS D 140 10.64 26.55 26.45
N TYR D 141 10.58 26.95 25.17
CA TYR D 141 10.01 28.24 24.84
C TYR D 141 8.72 28.16 24.03
N ASP D 142 8.39 27.00 23.46
CA ASP D 142 7.05 26.80 22.87
C ASP D 142 5.96 26.75 23.96
N SER D 143 4.72 27.07 23.54
CA SER D 143 3.48 26.92 24.29
C SER D 143 2.60 25.85 23.62
N LYS D 144 1.79 25.16 24.45
CA LYS D 144 1.06 23.98 24.01
C LYS D 144 -0.07 24.34 23.01
N TYR D 145 -0.26 23.45 22.03
CA TYR D 145 -1.35 23.56 21.07
C TYR D 145 -2.76 23.21 21.66
N PHE D 146 -3.64 24.18 21.65
CA PHE D 146 -5.03 24.12 22.00
C PHE D 146 -5.78 25.01 21.01
N SER D 147 -7.09 24.85 21.00
CA SER D 147 -8.05 25.72 20.33
C SER D 147 -8.49 26.82 21.31
N HIS D 148 -9.32 27.75 20.83
CA HIS D 148 -9.73 28.88 21.66
C HIS D 148 -10.99 28.48 22.43
N TRP D 149 -10.73 27.82 23.55
CA TRP D 149 -11.73 27.39 24.50
C TRP D 149 -12.40 28.59 25.15
N ASN D 150 -13.74 28.67 25.09
CA ASN D 150 -14.52 29.78 25.67
C ASN D 150 -14.15 31.16 25.13
N ASN D 151 -13.48 31.25 23.98
CA ASN D 151 -12.93 32.50 23.45
C ASN D 151 -11.76 33.02 24.29
N ARG D 152 -10.87 32.12 24.67
CA ARG D 152 -9.64 32.48 25.36
C ARG D 152 -8.46 31.84 24.61
N VAL D 153 -7.23 32.33 24.88
CA VAL D 153 -5.99 31.86 24.23
C VAL D 153 -4.95 31.44 25.27
N PHE D 154 -4.42 30.24 25.10
CA PHE D 154 -3.52 29.63 26.08
C PHE D 154 -2.09 30.19 25.92
N VAL D 155 -1.49 30.77 26.96
CA VAL D 155 -0.15 31.34 26.80
C VAL D 155 0.90 30.70 27.68
N GLY D 156 0.53 29.82 28.61
CA GLY D 156 1.51 29.14 29.49
C GLY D 156 2.49 30.09 30.20
N ALA D 157 1.92 30.90 31.05
CA ALA D 157 2.70 31.88 31.78
C ALA D 157 3.78 31.22 32.60
N THR D 158 3.40 30.25 33.46
CA THR D 158 4.35 29.47 34.24
C THR D 158 5.04 28.43 33.40
N ASP D 159 4.47 28.11 32.22
CA ASP D 159 4.73 26.86 31.45
C ASP D 159 5.09 27.18 29.96
N SER D 160 6.21 27.84 29.67
CA SER D 160 7.26 28.22 30.62
C SER D 160 7.85 29.63 30.37
N ALA D 161 6.95 30.60 30.17
CA ALA D 161 7.36 31.97 29.86
C ALA D 161 8.22 32.57 30.98
N VAL D 162 7.83 32.34 32.25
CA VAL D 162 8.62 32.86 33.37
C VAL D 162 10.03 32.30 33.41
N PRO D 163 10.25 31.00 33.27
CA PRO D 163 11.64 30.51 33.23
C PRO D 163 12.44 31.13 32.13
N CYS D 164 11.83 31.35 30.95
CA CYS D 164 12.53 32.08 29.90
C CYS D 164 13.00 33.46 30.40
N ALA D 165 12.09 34.24 30.98
CA ALA D 165 12.41 35.55 31.51
C ALA D 165 13.51 35.48 32.56
N MET D 166 13.47 34.45 33.40
CA MET D 166 14.47 34.37 34.45
C MET D 166 15.87 34.18 33.88
N MET D 167 15.96 33.42 32.78
CA MET D 167 17.24 33.16 32.16
C MET D 167 17.82 34.43 31.55
N LEU D 168 16.95 35.28 30.98
CA LEU D 168 17.35 36.55 30.37
C LEU D 168 17.75 37.60 31.40
N GLU D 169 16.90 37.82 32.43
CA GLU D 169 17.26 38.69 33.54
C GLU D 169 18.54 38.25 34.24
N LEU D 170 18.81 36.94 34.30
CA LEU D 170 20.05 36.51 34.95
C LEU D 170 21.25 36.96 34.11
N ALA D 171 21.09 36.98 32.76
CA ALA D 171 22.26 37.20 31.92
C ALA D 171 22.59 38.68 31.81
N ARG D 172 21.57 39.56 31.97
CA ARG D 172 21.69 41.02 32.13
C ARG D 172 22.21 41.40 33.52
N ALA D 173 21.53 40.91 34.57
CA ALA D 173 21.91 41.20 35.96
C ALA D 173 23.37 40.85 36.28
N LEU D 174 23.98 39.90 35.57
CA LEU D 174 25.35 39.52 35.88
C LEU D 174 26.28 39.90 34.76
N ASP D 175 25.84 40.77 33.85
CA ASP D 175 26.56 40.94 32.58
C ASP D 175 28.03 41.29 32.80
N LYS D 176 28.33 42.21 33.76
CA LYS D 176 29.70 42.67 33.89
C LYS D 176 30.62 41.62 34.55
N LYS D 177 30.10 40.79 35.46
CA LYS D 177 30.92 39.68 35.99
C LYS D 177 31.22 38.62 34.92
N LEU D 178 30.24 38.24 34.08
CA LEU D 178 30.49 37.24 33.03
C LEU D 178 31.39 37.76 31.94
N LEU D 179 31.46 39.07 31.79
CA LEU D 179 32.32 39.67 30.78
C LEU D 179 33.80 39.43 31.09
N SER D 180 34.11 39.15 32.37
CA SER D 180 35.47 38.80 32.85
C SER D 180 35.99 37.47 32.34
N LEU D 181 35.11 36.58 31.89
CA LEU D 181 35.53 35.28 31.38
C LEU D 181 36.29 35.39 30.06
N LYS D 182 36.46 36.62 29.54
CA LYS D 182 37.33 37.02 28.43
C LYS D 182 36.47 37.15 27.22
N PRO D 189 40.67 26.68 35.87
CA PRO D 189 39.57 25.75 35.51
C PRO D 189 38.94 26.17 34.17
N ASP D 190 38.96 25.28 33.17
CA ASP D 190 38.51 25.60 31.81
C ASP D 190 37.00 25.45 31.66
N LEU D 191 36.27 26.37 32.26
CA LEU D 191 34.84 26.21 32.41
C LEU D 191 34.09 27.51 32.11
N SER D 192 32.88 27.39 31.57
CA SER D 192 32.09 28.64 31.35
C SER D 192 30.60 28.27 31.35
N LEU D 193 29.77 29.07 30.69
CA LEU D 193 28.33 29.05 30.86
C LEU D 193 27.64 28.99 29.50
N GLN D 194 26.59 28.12 29.41
CA GLN D 194 25.74 27.97 28.26
C GLN D 194 24.30 28.14 28.68
N LEU D 195 23.50 28.64 27.76
CA LEU D 195 22.04 28.78 27.89
C LEU D 195 21.34 28.00 26.79
N ILE D 196 20.22 27.32 27.11
CA ILE D 196 19.42 26.59 26.09
C ILE D 196 17.92 26.84 26.25
N PHE D 197 17.25 27.22 25.15
CA PHE D 197 15.78 27.26 25.04
C PHE D 197 15.23 26.21 24.02
N PHE D 198 14.54 25.15 24.49
CA PHE D 198 14.00 24.10 23.64
C PHE D 198 12.65 24.45 23.00
N ASP D 199 12.48 23.98 21.78
CA ASP D 199 11.23 23.92 21.04
C ASP D 199 10.62 22.49 21.10
N GLY D 200 9.32 22.43 20.88
CA GLY D 200 8.55 21.20 20.81
C GLY D 200 8.58 20.29 22.02
N GLU D 201 8.57 20.86 23.21
CA GLU D 201 8.57 20.06 24.44
C GLU D 201 7.24 19.33 24.61
N GLU D 202 6.13 20.03 24.40
CA GLU D 202 4.81 19.52 24.72
C GLU D 202 4.33 18.61 23.61
N ALA D 203 3.41 17.73 23.94
CA ALA D 203 2.80 16.95 22.89
C ALA D 203 1.83 17.80 22.06
N PHE D 204 1.62 17.36 20.84
CA PHE D 204 0.60 17.98 19.99
C PHE D 204 -0.78 17.43 20.31
N LEU D 205 -0.86 16.09 20.49
CA LEU D 205 -2.10 15.34 20.58
C LEU D 205 -2.20 14.35 21.78
N HIS D 206 -1.25 13.42 22.01
CA HIS D 206 -1.27 12.47 23.15
C HIS D 206 0.18 12.14 23.56
N TRP D 207 0.57 12.52 24.79
CA TRP D 207 1.90 12.27 25.32
C TRP D 207 2.33 10.81 25.15
N SER D 208 3.48 10.64 24.50
CA SER D 208 4.06 9.33 24.18
C SER D 208 5.51 9.55 23.84
N PRO D 209 6.29 8.47 23.67
CA PRO D 209 7.72 8.66 23.36
C PRO D 209 7.96 9.39 22.06
N GLN D 210 7.13 9.15 21.07
CA GLN D 210 7.14 9.93 19.81
C GLN D 210 6.27 11.22 19.81
N ASP D 211 5.63 11.62 20.87
CA ASP D 211 4.86 12.87 20.74
C ASP D 211 5.10 13.64 22.03
N SER D 212 6.27 14.30 22.08
CA SER D 212 6.81 14.98 23.23
C SER D 212 8.33 15.14 22.99
N LEU D 213 8.93 16.14 23.64
CA LEU D 213 10.38 16.24 23.78
C LEU D 213 11.10 16.23 22.43
N TYR D 214 10.55 16.96 21.45
CA TYR D 214 11.12 16.95 20.10
C TYR D 214 12.47 17.65 20.03
N GLY D 215 12.58 18.81 20.67
CA GLY D 215 13.82 19.58 20.54
C GLY D 215 14.95 19.01 21.36
N SER D 216 14.60 18.53 22.58
CA SER D 216 15.56 17.91 23.48
C SER D 216 16.04 16.55 22.97
N ARG D 217 15.13 15.72 22.38
CA ARG D 217 15.57 14.43 21.87
C ARG D 217 16.45 14.65 20.68
N HIS D 218 16.23 15.71 19.89
CA HIS D 218 17.11 15.95 18.75
C HIS D 218 18.51 16.36 19.19
N LEU D 219 18.57 17.41 20.03
CA LEU D 219 19.79 18.08 20.47
C LEU D 219 20.72 17.17 21.32
N ALA D 220 20.14 16.27 22.16
CA ALA D 220 20.94 15.34 22.94
C ALA D 220 21.71 14.39 22.08
N ALA D 221 21.05 13.85 21.00
CA ALA D 221 21.72 12.95 20.08
C ALA D 221 22.73 13.68 19.21
N LYS D 222 22.48 14.93 18.85
CA LYS D 222 23.50 15.73 18.15
C LYS D 222 24.79 15.92 18.96
N MET D 223 24.68 16.46 20.20
CA MET D 223 25.86 16.68 21.07
C MET D 223 26.61 15.37 21.38
N ALA D 224 25.91 14.24 21.46
CA ALA D 224 26.59 12.99 21.75
C ALA D 224 27.41 12.50 20.56
N SER D 225 27.19 13.08 19.40
CA SER D 225 27.95 12.66 18.21
C SER D 225 28.75 13.79 17.59
N THR D 226 29.07 14.85 18.36
CA THR D 226 29.98 15.93 17.94
C THR D 226 31.30 15.85 18.72
N PRO D 227 32.47 15.85 18.10
CA PRO D 227 33.71 15.90 18.90
C PRO D 227 33.88 17.24 19.64
N HIS D 228 34.37 17.17 20.87
CA HIS D 228 34.55 18.37 21.70
C HIS D 228 35.66 18.06 22.70
N PRO D 229 36.68 18.96 22.88
CA PRO D 229 36.81 20.19 22.11
C PRO D 229 37.19 19.94 20.66
N PRO D 230 37.31 21.01 19.87
CA PRO D 230 37.55 20.87 18.43
C PRO D 230 38.82 20.10 18.10
N GLY D 231 38.68 19.19 17.14
CA GLY D 231 39.75 18.28 16.82
C GLY D 231 39.95 17.12 17.78
N ALA D 232 39.16 17.01 18.82
CA ALA D 232 39.31 15.87 19.71
C ALA D 232 38.88 14.60 19.00
N ARG D 233 39.49 13.52 19.44
CA ARG D 233 39.34 12.18 18.87
C ARG D 233 38.40 11.25 19.66
N GLY D 234 38.19 11.46 20.99
CA GLY D 234 37.42 10.47 21.76
C GLY D 234 36.47 10.99 22.82
N THR D 235 36.15 12.27 22.74
CA THR D 235 35.21 12.87 23.68
C THR D 235 34.17 13.67 22.86
N SER D 236 33.13 14.18 23.52
CA SER D 236 31.99 14.70 22.83
C SER D 236 31.41 15.89 23.61
N GLN D 237 30.57 16.68 22.92
CA GLN D 237 29.96 17.88 23.52
C GLN D 237 29.10 17.57 24.72
N LEU D 238 28.39 16.41 24.68
CA LEU D 238 27.60 15.85 25.80
C LEU D 238 28.43 15.64 27.07
N HIS D 239 29.70 15.15 26.95
CA HIS D 239 30.60 15.04 28.13
C HIS D 239 30.98 16.39 28.69
N GLY D 240 30.96 17.43 27.86
CA GLY D 240 31.30 18.67 28.48
C GLY D 240 30.15 19.33 29.21
N MET D 241 28.95 18.73 29.32
CA MET D 241 27.92 19.36 30.14
C MET D 241 28.27 19.06 31.59
N ASP D 242 28.75 20.07 32.34
CA ASP D 242 29.06 19.86 33.77
C ASP D 242 27.82 19.39 34.54
N LEU D 243 26.70 20.08 34.35
CA LEU D 243 25.46 19.86 35.09
C LEU D 243 24.32 20.55 34.31
N LEU D 244 23.14 19.95 34.29
CA LEU D 244 22.01 20.50 33.56
C LEU D 244 20.96 21.06 34.50
N VAL D 245 20.71 22.35 34.44
CA VAL D 245 19.83 22.99 35.40
C VAL D 245 18.58 23.42 34.64
N LEU D 246 17.44 22.65 34.80
CA LEU D 246 16.24 22.76 33.96
C LEU D 246 15.08 23.37 34.75
N LEU D 247 14.74 24.63 34.43
CA LEU D 247 13.64 25.32 35.09
C LEU D 247 12.34 25.05 34.33
N ASP D 248 11.29 24.63 35.05
CA ASP D 248 10.00 24.28 34.45
C ASP D 248 8.89 24.55 35.46
N LEU D 249 7.76 25.10 34.96
CA LEU D 249 6.51 25.32 35.72
C LEU D 249 6.68 26.19 36.96
N ILE D 250 7.38 27.29 36.81
CA ILE D 250 7.68 28.25 37.89
C ILE D 250 6.94 29.58 37.72
N GLY D 251 6.67 30.25 38.86
CA GLY D 251 5.91 31.49 38.92
C GLY D 251 4.68 31.47 39.83
N ALA D 252 4.12 30.30 40.12
CA ALA D 252 3.03 30.20 41.08
C ALA D 252 3.54 30.36 42.50
N PRO D 253 2.65 30.69 43.41
CA PRO D 253 3.07 30.91 44.80
C PRO D 253 3.20 29.59 45.55
N ASN D 254 4.17 29.54 46.49
CA ASN D 254 4.39 28.42 47.43
C ASN D 254 4.86 27.09 46.82
N PRO D 255 5.83 27.12 45.89
CA PRO D 255 6.33 25.87 45.27
C PRO D 255 7.17 25.03 46.22
N THR D 256 7.04 23.69 46.13
CA THR D 256 7.87 22.73 46.88
C THR D 256 8.69 21.87 45.90
N PHE D 257 10.02 21.99 45.97
CA PHE D 257 10.93 21.37 45.00
C PHE D 257 11.58 20.12 45.56
N PRO D 258 11.42 18.94 44.94
CA PRO D 258 12.12 17.74 45.42
C PRO D 258 13.56 17.66 44.95
N ASN D 259 14.25 16.70 45.52
CA ASN D 259 15.64 16.38 45.23
C ASN D 259 15.63 14.97 44.61
N PHE D 260 15.64 14.92 43.28
CA PHE D 260 15.28 13.71 42.54
C PHE D 260 16.45 12.74 42.36
N PHE D 261 17.69 13.25 42.31
CA PHE D 261 18.76 12.36 41.87
C PHE D 261 19.91 12.34 42.87
N PRO D 262 20.49 11.16 43.15
CA PRO D 262 21.61 11.11 44.08
C PRO D 262 22.90 11.80 43.65
N ASN D 263 23.26 11.82 42.35
CA ASN D 263 24.49 12.43 41.86
C ASN D 263 24.43 13.97 41.71
N SER D 264 23.36 14.62 42.16
CA SER D 264 23.36 16.09 42.17
C SER D 264 22.88 16.62 43.53
N ALA D 265 22.73 15.73 44.52
CA ALA D 265 22.16 16.01 45.85
C ALA D 265 23.03 16.99 46.63
N ARG D 266 24.34 16.89 46.46
CA ARG D 266 25.22 17.90 47.02
C ARG D 266 25.00 19.29 46.46
N TRP D 267 24.47 19.43 45.23
CA TRP D 267 24.08 20.73 44.66
C TRP D 267 22.65 21.10 44.98
N PHE D 268 21.79 20.12 45.30
CA PHE D 268 20.51 20.50 45.92
C PHE D 268 20.74 21.17 47.30
N GLU D 269 21.47 20.49 48.18
CA GLU D 269 22.03 21.09 49.37
C GLU D 269 22.39 22.56 49.25
N ARG D 270 23.33 22.90 48.33
CA ARG D 270 23.73 24.31 48.13
C ARG D 270 22.53 25.22 47.89
N LEU D 271 21.60 24.83 47.04
CA LEU D 271 20.34 25.59 46.93
C LEU D 271 19.64 25.76 48.29
N GLN D 272 19.46 24.66 49.03
CA GLN D 272 18.85 24.70 50.37
C GLN D 272 19.54 25.73 51.27
N ALA D 273 20.88 25.74 51.26
CA ALA D 273 21.67 26.65 52.09
C ALA D 273 21.62 28.08 51.58
N ILE D 274 21.57 28.29 50.26
CA ILE D 274 21.46 29.67 49.75
C ILE D 274 20.12 30.31 50.18
N GLU D 275 19.01 29.55 50.13
CA GLU D 275 17.72 30.07 50.59
C GLU D 275 17.77 30.43 52.09
N HIS D 276 18.52 29.67 52.89
CA HIS D 276 18.59 29.95 54.33
C HIS D 276 19.38 31.24 54.63
N GLU D 277 20.60 31.37 54.12
CA GLU D 277 21.37 32.58 54.41
C GLU D 277 20.62 33.85 53.98
N LEU D 278 20.04 33.87 52.77
CA LEU D 278 19.36 35.07 52.26
C LEU D 278 18.17 35.49 53.11
N HIS D 279 17.49 34.52 53.71
CA HIS D 279 16.39 34.84 54.60
C HIS D 279 16.88 35.43 55.92
N GLU D 280 18.02 34.96 56.44
CA GLU D 280 18.49 35.43 57.74
C GLU D 280 19.13 36.82 57.68
N LEU D 281 19.66 37.22 56.53
CA LEU D 281 20.02 38.61 56.29
C LEU D 281 18.82 39.45 55.87
N GLY D 282 17.61 38.87 55.88
CA GLY D 282 16.38 39.56 55.51
C GLY D 282 16.35 40.13 54.10
N LEU D 283 16.92 39.40 53.13
CA LEU D 283 17.01 39.80 51.74
C LEU D 283 15.86 39.22 50.89
N LEU D 284 14.95 38.44 51.48
CA LEU D 284 13.78 37.89 50.77
C LEU D 284 12.52 38.66 51.17
N LYS D 285 11.44 38.40 50.43
CA LYS D 285 10.17 39.08 50.64
C LYS D 285 9.02 38.09 50.82
N ASP D 286 8.14 38.39 51.77
CA ASP D 286 6.93 37.61 51.95
C ASP D 286 7.27 36.15 52.07
N HIS D 287 8.44 35.86 52.66
CA HIS D 287 9.05 34.54 52.64
C HIS D 287 9.18 33.97 54.06
N SER D 288 8.72 32.72 54.25
CA SER D 288 8.68 32.06 55.57
C SER D 288 9.51 30.79 55.62
N LEU D 289 10.37 30.68 56.65
CA LEU D 289 11.20 29.49 56.83
C LEU D 289 10.38 28.26 57.12
N GLU D 290 9.06 28.44 57.16
CA GLU D 290 8.15 27.32 57.27
C GLU D 290 7.55 26.94 55.93
N GLY D 291 7.65 27.82 54.92
CA GLY D 291 7.21 27.51 53.58
C GLY D 291 8.35 27.73 52.60
N ARG D 292 9.53 27.31 53.03
CA ARG D 292 10.74 27.41 52.25
C ARG D 292 10.63 26.53 51.01
N TYR D 293 11.22 27.01 49.91
CA TYR D 293 11.02 26.35 48.61
C TYR D 293 11.66 24.97 48.54
N PHE D 294 12.79 24.78 49.20
CA PHE D 294 13.58 23.55 49.05
C PHE D 294 13.48 22.67 50.29
N GLN D 295 12.30 22.15 50.52
CA GLN D 295 12.20 21.12 51.54
C GLN D 295 12.94 19.91 51.00
N ASN D 296 13.73 19.30 51.87
CA ASN D 296 14.61 18.19 51.50
C ASN D 296 13.88 16.87 51.29
N TYR D 297 12.58 16.75 51.63
CA TYR D 297 11.88 15.50 51.27
C TYR D 297 12.20 15.21 49.80
N SER D 298 12.26 13.92 49.46
CA SER D 298 12.69 13.51 48.14
C SER D 298 11.55 12.84 47.34
N TYR D 299 11.95 12.02 46.35
CA TYR D 299 11.12 11.45 45.28
C TYR D 299 12.00 10.31 44.72
N GLY D 300 11.48 9.12 44.47
CA GLY D 300 10.08 8.78 44.43
C GLY D 300 10.02 7.97 43.15
N GLY D 301 10.63 8.53 42.09
CA GLY D 301 10.51 8.05 40.71
C GLY D 301 10.87 9.16 39.73
N VAL D 302 10.02 9.46 38.73
CA VAL D 302 10.40 10.47 37.75
C VAL D 302 9.22 11.14 37.08
N ILE D 303 9.49 12.34 36.58
CA ILE D 303 8.57 13.17 35.85
C ILE D 303 9.18 13.35 34.47
N GLN D 304 8.46 12.98 33.43
CA GLN D 304 9.03 13.21 32.11
C GLN D 304 9.25 14.70 31.86
N ASP D 305 10.37 15.07 31.21
CA ASP D 305 10.72 16.45 30.90
C ASP D 305 11.97 16.39 29.99
N ASP D 306 12.42 17.59 29.54
CA ASP D 306 13.51 17.76 28.54
C ASP D 306 14.84 17.16 29.04
N HIS D 307 14.94 16.79 30.30
CA HIS D 307 16.17 16.23 30.88
C HIS D 307 16.35 14.73 30.59
N ILE D 308 15.29 14.04 30.18
CA ILE D 308 15.30 12.59 30.09
C ILE D 308 16.29 12.14 29.02
N PRO D 309 16.37 12.76 27.82
CA PRO D 309 17.35 12.28 26.79
C PRO D 309 18.82 12.41 27.18
N PHE D 310 19.09 13.41 28.04
CA PHE D 310 20.42 13.67 28.58
C PHE D 310 20.70 12.79 29.80
N LEU D 311 19.67 12.60 30.69
CA LEU D 311 19.84 11.81 31.92
C LEU D 311 20.23 10.36 31.62
N ARG D 312 19.50 9.75 30.69
CA ARG D 312 19.67 8.39 30.17
C ARG D 312 21.03 8.09 29.49
N ARG D 313 21.90 9.09 29.45
CA ARG D 313 23.20 9.02 28.80
C ARG D 313 24.30 9.51 29.76
N GLY D 314 23.95 9.88 30.99
CA GLY D 314 24.92 10.04 32.06
C GLY D 314 25.21 11.45 32.49
N VAL D 315 24.49 12.41 31.91
CA VAL D 315 24.58 13.83 32.24
C VAL D 315 23.95 14.03 33.61
N PRO D 316 24.57 14.78 34.54
CA PRO D 316 23.91 15.06 35.82
C PRO D 316 22.92 16.20 35.70
N VAL D 317 21.82 16.05 36.41
CA VAL D 317 20.66 16.93 36.29
C VAL D 317 20.21 17.39 37.67
N LEU D 318 20.02 18.70 37.80
CA LEU D 318 19.30 19.36 38.87
C LEU D 318 17.96 19.84 38.33
N HIS D 319 16.89 19.12 38.65
CA HIS D 319 15.61 19.30 37.94
C HIS D 319 14.68 20.17 38.79
N LEU D 320 14.57 21.45 38.42
CA LEU D 320 13.77 22.39 39.20
C LEU D 320 12.36 22.50 38.63
N ILE D 321 11.68 21.36 38.69
CA ILE D 321 10.22 21.30 38.50
C ILE D 321 9.61 21.07 39.88
N PRO D 322 8.51 21.72 40.26
CA PRO D 322 7.92 21.48 41.58
C PRO D 322 6.90 20.35 41.63
N SER D 323 6.77 19.76 42.84
CA SER D 323 5.76 18.72 43.18
C SER D 323 4.90 19.06 44.44
N PRO D 324 3.58 19.24 44.27
CA PRO D 324 2.84 19.20 43.00
C PRO D 324 2.96 20.43 42.11
N PHE D 325 2.46 20.20 40.90
CA PHE D 325 2.26 21.17 39.85
C PHE D 325 1.32 22.31 40.30
N PRO D 326 1.51 23.54 39.78
CA PRO D 326 0.51 24.60 40.04
C PRO D 326 -0.91 24.15 39.83
N GLU D 327 -1.84 24.82 40.51
CA GLU D 327 -3.26 24.59 40.31
C GLU D 327 -3.72 24.95 38.89
N VAL D 328 -3.10 25.98 38.29
CA VAL D 328 -3.51 26.41 36.94
C VAL D 328 -2.94 25.54 35.82
N TRP D 329 -2.16 24.49 36.13
CA TRP D 329 -1.53 23.64 35.14
C TRP D 329 -2.41 23.21 33.96
N HIS D 330 -2.09 23.71 32.78
CA HIS D 330 -2.74 23.31 31.52
C HIS D 330 -4.20 23.82 31.47
N THR D 331 -4.47 24.95 32.11
CA THR D 331 -5.77 25.62 32.05
C THR D 331 -5.57 27.00 31.46
N MET D 332 -6.68 27.58 30.89
CA MET D 332 -6.68 28.97 30.36
C MET D 332 -6.39 30.03 31.41
N ASP D 333 -6.49 29.72 32.72
CA ASP D 333 -6.10 30.55 33.84
C ASP D 333 -4.58 30.51 34.18
N ASP D 334 -3.71 29.92 33.35
CA ASP D 334 -2.25 30.06 33.53
C ASP D 334 -1.79 31.30 32.76
N ASN D 335 -2.08 32.49 33.32
CA ASN D 335 -1.92 33.80 32.70
C ASN D 335 -1.14 34.74 33.63
N GLU D 336 -0.86 35.98 33.18
CA GLU D 336 -0.16 36.96 34.05
C GLU D 336 -0.82 37.13 35.43
N GLU D 337 -2.16 37.17 35.51
CA GLU D 337 -2.78 37.57 36.77
C GLU D 337 -2.42 36.64 37.92
N ASN D 338 -2.31 35.33 37.67
CA ASN D 338 -2.09 34.36 38.74
C ASN D 338 -0.62 34.16 39.10
N LEU D 339 0.31 34.86 38.44
CA LEU D 339 1.71 34.87 38.89
C LEU D 339 1.83 35.51 40.27
N ASP D 340 2.90 35.18 41.01
CA ASP D 340 3.22 35.85 42.26
C ASP D 340 4.58 36.51 42.14
N GLU D 341 4.58 37.84 42.15
CA GLU D 341 5.79 38.62 41.89
C GLU D 341 6.88 38.34 42.91
N SER D 342 6.50 38.08 44.15
CA SER D 342 7.50 37.98 45.19
C SER D 342 8.21 36.65 45.15
N THR D 343 7.49 35.56 44.84
CA THR D 343 8.13 34.27 44.74
C THR D 343 9.19 34.26 43.62
N ILE D 344 8.93 34.95 42.53
CA ILE D 344 9.87 34.88 41.42
C ILE D 344 11.13 35.66 41.76
N ASP D 345 10.95 36.94 42.13
CA ASP D 345 12.05 37.78 42.65
C ASP D 345 12.97 37.01 43.62
N ASN D 346 12.39 36.32 44.61
CA ASN D 346 13.22 35.57 45.57
C ASN D 346 14.04 34.50 44.87
N LEU D 347 13.42 33.80 43.92
CA LEU D 347 14.08 32.71 43.23
C LEU D 347 15.12 33.22 42.20
N ASN D 348 14.84 34.35 41.53
CA ASN D 348 15.89 35.01 40.77
C ASN D 348 17.19 35.14 41.59
N LYS D 349 17.08 35.57 42.86
CA LYS D 349 18.27 35.91 43.65
C LYS D 349 19.03 34.65 44.06
N ILE D 350 18.30 33.71 44.64
CA ILE D 350 18.87 32.39 44.93
C ILE D 350 19.71 31.90 43.76
N LEU D 351 19.14 31.98 42.54
CA LEU D 351 19.72 31.29 41.40
C LEU D 351 20.97 31.96 40.92
N GLN D 352 20.98 33.30 40.88
CA GLN D 352 22.19 34.02 40.44
C GLN D 352 23.34 33.80 41.44
N VAL D 353 23.01 33.52 42.68
CA VAL D 353 24.03 33.21 43.67
C VAL D 353 24.53 31.78 43.49
N PHE D 354 23.64 30.84 43.14
CA PHE D 354 24.06 29.50 42.72
C PHE D 354 25.01 29.54 41.56
N VAL D 355 24.80 30.45 40.61
CA VAL D 355 25.59 30.38 39.38
C VAL D 355 26.97 31.00 39.59
N LEU D 356 27.01 32.12 40.30
CA LEU D 356 28.27 32.81 40.56
C LEU D 356 29.18 31.92 41.37
N GLU D 357 28.61 31.18 42.32
CA GLU D 357 29.43 30.28 43.13
C GLU D 357 29.88 29.10 42.31
N TYR D 358 29.04 28.60 41.38
CA TYR D 358 29.48 27.50 40.52
C TYR D 358 30.69 27.92 39.70
N LEU D 359 30.67 29.13 39.12
CA LEU D 359 31.74 29.62 38.24
C LEU D 359 32.93 30.34 38.95
N HIS D 360 33.01 30.35 40.29
CA HIS D 360 34.03 31.09 41.03
C HIS D 360 34.15 32.57 40.61
N LEU D 361 33.03 33.32 40.63
CA LEU D 361 33.09 34.78 40.50
C LEU D 361 32.28 35.63 41.60
N ALA E 33 -51.60 -56.06 45.45
CA ALA E 33 -51.40 -54.61 45.78
C ALA E 33 -50.25 -54.33 46.79
N SER E 34 -49.76 -55.38 47.44
CA SER E 34 -48.48 -55.29 48.14
C SER E 34 -47.35 -55.86 47.28
N ALA E 35 -47.69 -56.76 46.36
CA ALA E 35 -46.69 -57.54 45.66
C ALA E 35 -46.54 -57.11 44.18
N TRP E 36 -46.95 -55.88 43.85
CA TRP E 36 -46.68 -55.28 42.55
C TRP E 36 -45.20 -55.19 42.26
N PRO E 37 -44.26 -55.34 43.25
CA PRO E 37 -42.86 -55.47 42.87
C PRO E 37 -42.48 -56.77 42.21
N GLU E 38 -43.43 -57.65 42.00
CA GLU E 38 -43.17 -58.89 41.28
C GLU E 38 -43.42 -58.75 39.77
N GLU E 39 -44.13 -57.73 39.31
CA GLU E 39 -44.37 -57.65 37.87
C GLU E 39 -43.07 -57.61 37.04
N LYS E 40 -42.06 -56.84 37.48
CA LYS E 40 -40.82 -56.83 36.68
C LYS E 40 -40.41 -58.23 36.27
N ASN E 41 -40.68 -59.18 37.14
CA ASN E 41 -40.26 -60.54 36.91
C ASN E 41 -40.91 -61.15 35.66
N TYR E 42 -42.09 -60.68 35.27
CA TYR E 42 -42.84 -61.29 34.16
C TYR E 42 -42.86 -60.46 32.90
N HIS E 43 -42.25 -59.27 32.91
CA HIS E 43 -42.40 -58.32 31.82
C HIS E 43 -41.80 -58.88 30.55
N GLN E 44 -42.54 -58.72 29.46
CA GLN E 44 -42.16 -59.15 28.14
C GLN E 44 -42.00 -57.96 27.21
N PRO E 45 -41.01 -58.03 26.29
CA PRO E 45 -40.86 -57.04 25.22
C PRO E 45 -41.79 -57.19 24.03
N ALA E 46 -42.13 -56.04 23.47
CA ALA E 46 -42.86 -55.89 22.21
C ALA E 46 -41.92 -55.50 21.06
N ILE E 47 -41.47 -56.52 20.30
CA ILE E 47 -40.41 -56.41 19.30
C ILE E 47 -40.80 -55.61 18.07
N LEU E 48 -39.88 -54.80 17.57
CA LEU E 48 -40.20 -53.90 16.46
C LEU E 48 -40.00 -54.55 15.09
N ASN E 49 -40.71 -54.01 14.09
CA ASN E 49 -40.70 -54.60 12.75
C ASN E 49 -39.46 -54.13 11.97
N SER E 50 -39.33 -54.60 10.72
CA SER E 50 -38.20 -54.23 9.87
C SER E 50 -38.24 -52.77 9.45
N SER E 51 -39.46 -52.22 9.22
CA SER E 51 -39.65 -50.80 8.92
C SER E 51 -39.52 -49.94 10.17
N ALA E 52 -40.03 -50.43 11.31
CA ALA E 52 -39.87 -49.70 12.55
C ALA E 52 -38.39 -49.54 12.89
N LEU E 53 -37.58 -50.59 12.72
CA LEU E 53 -36.12 -50.49 12.92
C LEU E 53 -35.50 -49.41 12.04
N ARG E 54 -35.97 -49.27 10.80
CA ARG E 54 -35.40 -48.28 9.88
C ARG E 54 -35.59 -46.86 10.41
N GLN E 55 -36.80 -46.51 10.81
CA GLN E 55 -37.08 -45.20 11.37
C GLN E 55 -36.12 -44.83 12.51
N ILE E 56 -35.81 -45.79 13.40
CA ILE E 56 -34.88 -45.54 14.50
C ILE E 56 -33.53 -45.14 13.93
N ALA E 57 -32.98 -45.97 13.03
CA ALA E 57 -31.64 -45.78 12.51
C ALA E 57 -31.48 -44.44 11.78
N GLU E 58 -32.53 -43.99 11.10
CA GLU E 58 -32.57 -42.70 10.44
C GLU E 58 -32.91 -41.56 11.39
N GLY E 59 -33.30 -41.88 12.64
CA GLY E 59 -33.89 -40.92 13.54
C GLY E 59 -32.94 -40.34 14.56
N THR E 60 -31.71 -40.84 14.60
CA THR E 60 -30.66 -40.43 15.53
C THR E 60 -29.48 -39.87 14.75
N SER E 61 -28.81 -38.84 15.29
CA SER E 61 -27.69 -38.19 14.62
C SER E 61 -26.46 -38.18 15.53
N ILE E 62 -25.39 -38.81 15.07
CA ILE E 62 -24.16 -38.74 15.79
C ILE E 62 -23.58 -37.34 15.81
N SER E 63 -23.90 -36.51 14.83
CA SER E 63 -23.13 -35.28 14.67
C SER E 63 -23.70 -34.15 15.48
N GLU E 64 -24.99 -34.21 15.79
CA GLU E 64 -25.63 -33.23 16.65
C GLU E 64 -25.32 -33.53 18.10
N MET E 65 -25.50 -34.80 18.51
CA MET E 65 -24.96 -35.26 19.78
C MET E 65 -23.50 -34.82 19.96
N TRP E 66 -22.62 -35.14 19.00
CA TRP E 66 -21.18 -34.85 19.14
C TRP E 66 -20.91 -33.37 19.50
N GLN E 67 -21.69 -32.47 18.94
CA GLN E 67 -21.44 -31.07 19.11
C GLN E 67 -22.36 -30.41 20.13
N ASN E 68 -23.64 -30.79 20.16
CA ASN E 68 -24.61 -30.17 21.07
C ASN E 68 -24.55 -30.80 22.46
N ASP E 69 -24.34 -32.13 22.57
CA ASP E 69 -24.26 -32.72 23.92
C ASP E 69 -22.85 -33.11 24.43
N LEU E 70 -22.01 -33.75 23.60
CA LEU E 70 -20.68 -34.22 24.04
C LEU E 70 -19.69 -33.10 24.34
N GLN E 71 -19.39 -32.25 23.36
CA GLN E 71 -18.28 -31.31 23.49
C GLN E 71 -18.39 -30.40 24.72
N PRO E 72 -19.57 -29.91 25.16
CA PRO E 72 -19.57 -29.01 26.35
C PRO E 72 -19.22 -29.74 27.66
N LEU E 73 -19.15 -31.07 27.69
CA LEU E 73 -18.73 -31.81 28.86
C LEU E 73 -17.27 -32.25 28.89
N LEU E 74 -16.47 -32.07 27.81
CA LEU E 74 -15.05 -32.43 27.89
C LEU E 74 -14.23 -31.33 28.57
N ILE E 75 -14.38 -31.29 29.91
CA ILE E 75 -13.76 -30.33 30.83
C ILE E 75 -13.41 -30.97 32.18
N GLU E 76 -12.61 -30.28 32.98
CA GLU E 76 -12.40 -30.68 34.37
C GLU E 76 -13.68 -30.50 35.19
N ARG E 77 -14.17 -31.59 35.83
CA ARG E 77 -15.47 -31.57 36.57
C ARG E 77 -15.48 -32.53 37.79
N TYR E 78 -14.35 -32.66 38.51
CA TYR E 78 -14.33 -33.49 39.72
C TYR E 78 -15.26 -32.77 40.73
N PRO E 79 -15.66 -33.43 41.85
CA PRO E 79 -16.71 -32.91 42.73
C PRO E 79 -16.34 -31.59 43.42
N GLY E 80 -17.33 -30.72 43.56
CA GLY E 80 -17.15 -29.39 44.09
C GLY E 80 -16.43 -28.38 43.21
N SER E 81 -15.94 -28.77 42.00
CA SER E 81 -15.22 -27.87 41.08
C SER E 81 -16.16 -26.98 40.27
N PRO E 82 -15.69 -25.87 39.72
CA PRO E 82 -16.64 -25.12 38.89
C PRO E 82 -17.13 -25.91 37.70
N GLY E 83 -16.36 -26.86 37.16
CA GLY E 83 -16.82 -27.64 36.02
C GLY E 83 -17.90 -28.65 36.36
N SER E 84 -17.94 -29.14 37.62
CA SER E 84 -19.11 -29.90 38.11
C SER E 84 -20.41 -29.12 37.92
N TYR E 85 -20.48 -27.92 38.50
CA TYR E 85 -21.64 -27.07 38.34
C TYR E 85 -21.97 -26.79 36.88
N ALA E 86 -20.96 -26.44 36.08
CA ALA E 86 -21.16 -26.23 34.65
C ALA E 86 -21.84 -27.43 33.98
N ALA E 87 -21.27 -28.65 34.22
CA ALA E 87 -21.84 -29.95 33.79
C ALA E 87 -23.31 -30.11 34.16
N ARG E 88 -23.65 -29.92 35.42
CA ARG E 88 -25.02 -29.92 35.94
C ARG E 88 -25.97 -28.97 35.20
N GLN E 89 -25.51 -27.76 34.85
CA GLN E 89 -26.41 -26.88 34.09
C GLN E 89 -26.63 -27.33 32.61
N HIS E 90 -25.61 -27.84 31.92
CA HIS E 90 -25.77 -28.32 30.55
C HIS E 90 -26.76 -29.51 30.49
N ILE E 91 -26.46 -30.59 31.26
CA ILE E 91 -27.39 -31.71 31.37
C ILE E 91 -28.81 -31.24 31.68
N MET E 92 -28.97 -30.38 32.67
CA MET E 92 -30.31 -29.91 32.98
C MET E 92 -30.96 -29.19 31.80
N GLN E 93 -30.19 -28.35 31.08
CA GLN E 93 -30.74 -27.40 30.10
C GLN E 93 -31.20 -28.11 28.84
N ARG E 94 -30.37 -29.01 28.33
CA ARG E 94 -30.70 -29.79 27.15
C ARG E 94 -31.94 -30.66 27.37
N ILE E 95 -32.30 -30.96 28.62
CA ILE E 95 -33.48 -31.77 28.82
C ILE E 95 -34.76 -30.93 28.85
N GLN E 96 -34.69 -29.67 29.24
CA GLN E 96 -35.87 -28.84 29.26
C GLN E 96 -36.23 -28.31 27.87
N ARG E 97 -35.29 -28.35 26.97
CA ARG E 97 -35.57 -27.95 25.60
C ARG E 97 -36.49 -28.94 24.88
N LEU E 98 -36.73 -30.09 25.48
CA LEU E 98 -37.49 -31.19 24.91
C LEU E 98 -38.99 -31.07 25.21
N GLN E 99 -39.74 -31.85 24.47
CA GLN E 99 -41.17 -31.73 24.49
C GLN E 99 -41.83 -32.59 25.55
N ALA E 100 -41.21 -33.74 25.92
CA ALA E 100 -41.82 -34.62 26.91
C ALA E 100 -41.67 -34.00 28.30
N ASP E 101 -42.63 -34.36 29.18
CA ASP E 101 -42.79 -33.79 30.51
C ASP E 101 -41.74 -34.26 31.55
N TRP E 102 -40.44 -34.18 31.21
CA TRP E 102 -39.41 -34.55 32.17
C TRP E 102 -39.50 -33.67 33.41
N VAL E 103 -39.35 -34.30 34.56
CA VAL E 103 -39.35 -33.70 35.87
C VAL E 103 -37.98 -33.96 36.49
N LEU E 104 -37.28 -32.88 36.81
CA LEU E 104 -35.86 -32.86 37.17
C LEU E 104 -35.69 -32.63 38.66
N GLU E 105 -34.71 -33.31 39.28
CA GLU E 105 -34.44 -33.21 40.70
C GLU E 105 -32.94 -33.28 40.96
N ILE E 106 -32.48 -32.43 41.90
CA ILE E 106 -31.10 -32.35 42.38
C ILE E 106 -31.01 -32.97 43.77
N ASP E 107 -30.06 -33.88 43.98
CA ASP E 107 -29.91 -34.64 45.21
C ASP E 107 -28.58 -34.28 45.87
N THR E 108 -28.65 -33.25 46.71
CA THR E 108 -27.48 -32.66 47.36
C THR E 108 -27.30 -33.26 48.75
N PHE E 109 -26.07 -33.67 49.04
CA PHE E 109 -25.74 -34.32 50.31
C PHE E 109 -24.27 -34.09 50.69
N LEU E 110 -23.98 -34.30 51.97
CA LEU E 110 -22.65 -34.17 52.55
C LEU E 110 -22.09 -35.53 52.90
N SER E 111 -20.80 -35.73 52.65
CA SER E 111 -20.11 -36.98 52.89
C SER E 111 -18.65 -36.74 53.24
N GLN E 112 -18.05 -37.67 54.01
CA GLN E 112 -16.66 -37.55 54.43
C GLN E 112 -15.69 -38.33 53.53
N THR E 113 -14.59 -37.66 53.16
CA THR E 113 -13.62 -38.12 52.17
C THR E 113 -12.23 -38.13 52.78
N PRO E 114 -11.23 -38.70 52.08
CA PRO E 114 -9.81 -38.58 52.52
C PRO E 114 -9.26 -37.15 52.72
N TYR E 115 -9.83 -36.07 52.13
CA TYR E 115 -9.51 -34.66 52.49
C TYR E 115 -10.56 -34.01 53.42
N GLY E 116 -11.36 -34.77 54.15
CA GLY E 116 -12.44 -34.17 54.91
C GLY E 116 -13.76 -34.07 54.17
N TYR E 117 -14.69 -33.42 54.81
CA TYR E 117 -16.02 -33.27 54.27
C TYR E 117 -16.08 -32.48 52.95
N ARG E 118 -17.01 -32.89 52.07
CA ARG E 118 -17.33 -32.27 50.79
C ARG E 118 -18.83 -32.40 50.51
N SER E 119 -19.37 -31.54 49.63
CA SER E 119 -20.73 -31.62 49.10
C SER E 119 -20.74 -32.20 47.67
N PHE E 120 -21.79 -32.98 47.37
CA PHE E 120 -22.03 -33.72 46.14
C PHE E 120 -23.47 -33.52 45.64
N SER E 121 -23.72 -33.76 44.35
CA SER E 121 -25.06 -33.59 43.75
C SER E 121 -25.32 -34.56 42.58
N ASN E 122 -26.22 -35.54 42.80
CA ASN E 122 -26.82 -36.37 41.77
C ASN E 122 -27.90 -35.57 40.99
N ILE E 123 -28.20 -36.04 39.76
CA ILE E 123 -29.27 -35.53 38.87
C ILE E 123 -30.21 -36.67 38.46
N ILE E 124 -31.50 -36.52 38.74
CA ILE E 124 -32.52 -37.52 38.38
C ILE E 124 -33.62 -36.90 37.49
N SER E 125 -33.77 -37.42 36.27
CA SER E 125 -34.77 -36.92 35.36
C SER E 125 -35.82 -38.01 35.16
N THR E 126 -37.10 -37.69 35.44
CA THR E 126 -38.18 -38.69 35.44
C THR E 126 -39.37 -38.31 34.55
N LEU E 127 -39.93 -39.29 33.85
CA LEU E 127 -41.26 -39.08 33.30
C LEU E 127 -42.29 -39.78 34.20
N ASN E 128 -43.45 -39.15 34.40
CA ASN E 128 -44.53 -39.85 35.10
C ASN E 128 -44.03 -40.23 36.50
N PRO E 129 -43.69 -39.22 37.31
CA PRO E 129 -42.98 -39.44 38.58
C PRO E 129 -43.69 -40.39 39.50
N THR E 130 -45.00 -40.42 39.34
CA THR E 130 -45.97 -41.04 40.21
C THR E 130 -46.30 -42.47 39.80
N ALA E 131 -45.87 -42.92 38.62
CA ALA E 131 -46.04 -44.31 38.21
C ALA E 131 -45.24 -45.30 39.10
N LYS E 132 -45.84 -46.42 39.41
CA LYS E 132 -45.20 -47.43 40.26
C LYS E 132 -43.80 -47.82 39.79
N ARG E 133 -43.68 -48.19 38.51
CA ARG E 133 -42.51 -48.84 37.94
C ARG E 133 -41.76 -47.93 36.94
N HIS E 134 -40.45 -48.09 36.90
CA HIS E 134 -39.62 -47.32 35.99
C HIS E 134 -38.50 -48.19 35.52
N LEU E 135 -38.18 -48.08 34.22
CA LEU E 135 -36.94 -48.61 33.70
C LEU E 135 -35.90 -47.51 33.85
N VAL E 136 -34.65 -47.90 34.20
CA VAL E 136 -33.60 -46.95 34.63
C VAL E 136 -32.34 -47.06 33.79
N LEU E 137 -31.98 -45.94 33.14
CA LEU E 137 -30.69 -45.70 32.45
C LEU E 137 -29.79 -44.81 33.29
N ALA E 138 -28.48 -45.14 33.38
CA ALA E 138 -27.59 -44.41 34.31
C ALA E 138 -26.12 -44.38 33.91
N CYS E 139 -25.38 -43.40 34.46
CA CYS E 139 -23.91 -43.25 34.30
C CYS E 139 -23.47 -42.19 35.33
N HIS E 140 -22.17 -42.10 35.57
CA HIS E 140 -21.54 -41.00 36.35
C HIS E 140 -21.04 -39.82 35.48
N TYR E 141 -21.37 -38.59 35.90
CA TYR E 141 -20.96 -37.36 35.22
C TYR E 141 -19.73 -36.66 35.84
N ASP E 142 -19.12 -37.22 36.89
CA ASP E 142 -17.92 -36.59 37.50
C ASP E 142 -16.68 -36.99 36.74
N SER E 143 -15.61 -36.17 36.81
CA SER E 143 -14.27 -36.58 36.33
C SER E 143 -13.31 -36.76 37.48
N LYS E 144 -12.41 -37.72 37.34
CA LYS E 144 -11.50 -38.09 38.41
C LYS E 144 -10.46 -37.00 38.65
N TYR E 145 -10.24 -36.68 39.94
CA TYR E 145 -9.31 -35.66 40.39
C TYR E 145 -7.86 -36.07 40.20
N PHE E 146 -7.14 -35.33 39.35
CA PHE E 146 -5.72 -35.54 39.12
C PHE E 146 -4.98 -34.21 39.18
N SER E 147 -3.67 -34.25 39.43
CA SER E 147 -2.90 -33.03 39.15
C SER E 147 -2.71 -32.83 37.63
N HIS E 148 -2.24 -31.65 37.24
CA HIS E 148 -1.95 -31.35 35.82
C HIS E 148 -0.59 -31.90 35.40
N TRP E 149 -0.60 -33.05 34.76
CA TRP E 149 0.58 -33.86 34.54
C TRP E 149 1.15 -33.64 33.14
N ASN E 150 2.43 -33.21 33.06
CA ASN E 150 3.04 -32.66 31.84
C ASN E 150 2.20 -31.51 31.27
N ASN E 151 1.59 -30.73 32.15
CA ASN E 151 0.79 -29.59 31.74
C ASN E 151 -0.37 -29.99 30.81
N ARG E 152 -0.91 -31.17 31.03
CA ARG E 152 -2.16 -31.59 30.43
C ARG E 152 -3.24 -31.71 31.53
N VAL E 153 -4.45 -32.03 31.10
CA VAL E 153 -5.63 -31.99 31.98
C VAL E 153 -6.58 -33.16 31.61
N PHE E 154 -7.06 -33.88 32.66
CA PHE E 154 -7.88 -35.10 32.52
C PHE E 154 -9.37 -34.76 32.40
N VAL E 155 -10.04 -35.26 31.34
CA VAL E 155 -11.46 -34.97 31.05
C VAL E 155 -12.28 -36.22 30.84
N GLY E 156 -11.66 -37.39 30.88
CA GLY E 156 -12.42 -38.63 30.93
C GLY E 156 -13.49 -38.75 29.85
N ALA E 157 -13.05 -39.00 28.62
CA ALA E 157 -13.95 -38.94 27.47
C ALA E 157 -14.91 -40.11 27.47
N THR E 158 -14.39 -41.32 27.69
CA THR E 158 -15.21 -42.49 27.77
C THR E 158 -15.65 -42.82 29.19
N ASP E 159 -15.27 -41.99 30.19
CA ASP E 159 -15.28 -42.25 31.63
C ASP E 159 -15.72 -40.94 32.28
N SER E 160 -17.00 -40.59 32.15
CA SER E 160 -17.94 -41.16 31.18
C SER E 160 -18.69 -40.01 30.46
N ALA E 161 -17.90 -39.14 29.80
CA ALA E 161 -18.49 -38.10 28.97
C ALA E 161 -19.44 -38.67 27.89
N VAL E 162 -19.02 -39.70 27.16
CA VAL E 162 -19.78 -40.33 26.07
C VAL E 162 -21.09 -40.95 26.57
N PRO E 163 -21.07 -41.89 27.59
CA PRO E 163 -22.32 -42.28 28.25
C PRO E 163 -23.27 -41.16 28.64
N CYS E 164 -22.82 -39.99 29.13
CA CYS E 164 -23.75 -38.87 29.40
C CYS E 164 -24.44 -38.43 28.11
N ALA E 165 -23.62 -38.14 27.10
CA ALA E 165 -24.18 -37.67 25.84
C ALA E 165 -25.03 -38.71 25.15
N MET E 166 -24.70 -40.00 25.34
CA MET E 166 -25.50 -41.03 24.70
C MET E 166 -26.94 -40.95 25.19
N MET E 167 -27.11 -40.72 26.53
CA MET E 167 -28.43 -40.70 27.18
C MET E 167 -29.21 -39.44 26.79
N LEU E 168 -28.51 -38.32 26.63
CA LEU E 168 -29.12 -37.07 26.14
C LEU E 168 -29.67 -37.22 24.70
N GLU E 169 -28.82 -37.71 23.78
CA GLU E 169 -29.24 -38.05 22.41
C GLU E 169 -30.49 -38.94 22.40
N LEU E 170 -30.45 -40.09 23.09
CA LEU E 170 -31.61 -41.02 23.19
C LEU E 170 -32.95 -40.33 23.53
N ALA E 171 -32.95 -39.40 24.50
CA ALA E 171 -34.16 -38.69 24.92
C ALA E 171 -34.69 -37.77 23.83
N ARG E 172 -33.78 -37.20 23.02
CA ARG E 172 -34.13 -36.39 21.84
C ARG E 172 -34.68 -37.26 20.71
N ALA E 173 -33.87 -38.16 20.19
CA ALA E 173 -34.33 -38.93 19.06
C ALA E 173 -35.72 -39.53 19.31
N LEU E 174 -36.04 -39.81 20.57
CA LEU E 174 -37.24 -40.55 20.91
C LEU E 174 -38.31 -39.65 21.52
N ASP E 175 -38.08 -38.36 21.47
CA ASP E 175 -38.90 -37.42 22.21
C ASP E 175 -40.36 -37.53 21.78
N LYS E 176 -40.62 -37.80 20.50
CA LYS E 176 -42.01 -37.74 20.05
C LYS E 176 -42.83 -38.88 20.61
N LYS E 177 -42.26 -40.10 20.65
CA LYS E 177 -42.98 -41.26 21.19
C LYS E 177 -43.14 -41.19 22.70
N LEU E 178 -42.06 -40.75 23.39
CA LEU E 178 -42.02 -40.53 24.85
C LEU E 178 -43.10 -39.54 25.32
N LEU E 179 -43.46 -38.57 24.49
CA LEU E 179 -44.61 -37.74 24.84
C LEU E 179 -45.91 -38.56 25.07
N SER E 180 -46.06 -39.76 24.45
CA SER E 180 -47.34 -40.51 24.56
C SER E 180 -47.70 -41.02 25.99
N LEU E 181 -46.87 -40.82 27.01
CA LEU E 181 -47.19 -41.25 28.38
C LEU E 181 -47.83 -40.13 29.21
N LYS E 182 -47.99 -38.95 28.60
CA LYS E 182 -48.91 -37.87 29.00
C LYS E 182 -48.01 -36.65 29.13
N PRO E 189 -49.87 -51.34 30.94
CA PRO E 189 -49.31 -51.44 32.28
C PRO E 189 -48.64 -50.12 32.70
N ASP E 190 -48.37 -50.00 34.03
CA ASP E 190 -48.07 -48.71 34.67
C ASP E 190 -46.55 -48.46 34.82
N LEU E 191 -45.90 -48.17 33.67
CA LEU E 191 -44.46 -48.24 33.52
C LEU E 191 -43.99 -47.01 32.73
N SER E 192 -42.76 -46.54 33.02
CA SER E 192 -42.20 -45.31 32.37
C SER E 192 -40.67 -45.30 32.54
N LEU E 193 -40.03 -44.18 32.17
CA LEU E 193 -38.56 -44.11 32.03
C LEU E 193 -37.96 -43.06 32.94
N GLN E 194 -36.76 -43.38 33.44
CA GLN E 194 -36.02 -42.53 34.36
C GLN E 194 -34.53 -42.53 34.01
N LEU E 195 -33.90 -41.37 34.25
CA LEU E 195 -32.48 -41.16 34.00
C LEU E 195 -31.75 -40.70 35.25
N ILE E 196 -30.57 -41.26 35.47
CA ILE E 196 -29.77 -40.91 36.63
C ILE E 196 -28.37 -40.59 36.16
N PHE E 197 -27.86 -39.45 36.64
CA PHE E 197 -26.46 -39.02 36.47
C PHE E 197 -25.84 -38.97 37.88
N PHE E 198 -24.91 -39.88 38.20
CA PHE E 198 -24.32 -39.92 39.56
C PHE E 198 -23.11 -39.00 39.73
N ASP E 199 -23.03 -38.35 40.90
CA ASP E 199 -21.80 -37.64 41.27
C ASP E 199 -20.90 -38.60 42.09
N GLY E 200 -19.58 -38.40 42.00
CA GLY E 200 -18.73 -39.05 42.99
C GLY E 200 -18.47 -40.51 42.82
N GLU E 201 -18.49 -41.01 41.59
CA GLU E 201 -18.10 -42.38 41.32
C GLU E 201 -16.61 -42.63 41.62
N GLU E 202 -15.69 -41.79 41.13
CA GLU E 202 -14.28 -42.14 41.24
C GLU E 202 -13.77 -41.87 42.64
N ALA E 203 -12.80 -42.70 43.08
CA ALA E 203 -12.12 -42.45 44.35
C ALA E 203 -11.28 -41.15 44.29
N PHE E 204 -11.24 -40.39 45.39
CA PHE E 204 -10.38 -39.18 45.47
C PHE E 204 -8.88 -39.54 45.56
N LEU E 205 -8.54 -40.49 46.48
CA LEU E 205 -7.17 -40.87 46.84
C LEU E 205 -6.78 -42.32 46.52
N HIS E 206 -7.53 -43.35 46.98
CA HIS E 206 -7.24 -44.77 46.76
C HIS E 206 -8.56 -45.54 46.87
N TRP E 207 -8.91 -46.39 45.87
CA TRP E 207 -10.21 -47.12 45.85
C TRP E 207 -10.40 -47.96 47.13
N SER E 208 -11.55 -47.82 47.76
CA SER E 208 -11.89 -48.43 49.03
C SER E 208 -13.40 -48.29 49.24
N PRO E 209 -14.00 -49.11 50.15
CA PRO E 209 -15.42 -48.93 50.52
C PRO E 209 -15.78 -47.50 50.86
N GLN E 210 -14.90 -46.80 51.58
CA GLN E 210 -15.14 -45.44 52.00
C GLN E 210 -14.64 -44.37 51.00
N ASP E 211 -13.90 -44.73 49.98
CA ASP E 211 -13.49 -43.76 48.94
C ASP E 211 -13.85 -44.29 47.54
N SER E 212 -15.05 -43.93 47.07
CA SER E 212 -15.63 -44.37 45.78
C SER E 212 -17.14 -44.38 45.95
N LEU E 213 -17.89 -44.29 44.86
CA LEU E 213 -19.37 -44.47 44.80
C LEU E 213 -20.09 -43.63 45.86
N TYR E 214 -19.55 -42.46 46.17
CA TYR E 214 -20.27 -41.57 47.04
C TYR E 214 -21.75 -41.43 46.59
N GLY E 215 -22.00 -41.07 45.32
CA GLY E 215 -23.35 -40.68 44.93
C GLY E 215 -24.39 -41.79 44.85
N SER E 216 -23.99 -42.96 44.32
CA SER E 216 -24.83 -44.16 44.37
C SER E 216 -24.95 -44.80 45.77
N ARG E 217 -23.94 -44.74 46.66
CA ARG E 217 -24.22 -45.32 47.97
C ARG E 217 -25.29 -44.48 48.67
N HIS E 218 -25.26 -43.17 48.44
CA HIS E 218 -26.25 -42.29 49.04
C HIS E 218 -27.63 -42.52 48.44
N LEU E 219 -27.75 -42.65 47.11
CA LEU E 219 -29.11 -42.63 46.50
C LEU E 219 -29.89 -43.93 46.73
N ALA E 220 -29.20 -45.07 46.89
CA ALA E 220 -29.84 -46.35 47.15
C ALA E 220 -30.45 -46.41 48.57
N ALA E 221 -29.66 -46.04 49.59
CA ALA E 221 -30.19 -45.82 50.93
C ALA E 221 -31.36 -44.84 50.94
N LYS E 222 -31.23 -43.71 50.27
CA LYS E 222 -32.35 -42.76 50.21
C LYS E 222 -33.60 -43.42 49.66
N MET E 223 -33.49 -44.08 48.48
CA MET E 223 -34.65 -44.63 47.77
C MET E 223 -35.31 -45.81 48.50
N ALA E 224 -34.55 -46.55 49.32
CA ALA E 224 -35.00 -47.74 50.00
C ALA E 224 -35.87 -47.44 51.21
N SER E 225 -35.74 -46.23 51.74
CA SER E 225 -36.48 -45.69 52.86
C SER E 225 -37.46 -44.58 52.45
N THR E 226 -37.75 -44.42 51.14
CA THR E 226 -38.82 -43.54 50.68
C THR E 226 -40.06 -44.32 50.17
N PRO E 227 -41.25 -44.12 50.77
CA PRO E 227 -42.45 -44.83 50.31
C PRO E 227 -42.81 -44.55 48.85
N HIS E 228 -43.18 -45.63 48.14
CA HIS E 228 -43.56 -45.49 46.74
C HIS E 228 -44.61 -46.54 46.30
N PRO E 229 -45.69 -46.12 45.56
CA PRO E 229 -46.03 -44.74 45.17
C PRO E 229 -46.50 -43.83 46.35
N PRO E 230 -46.55 -42.56 46.13
CA PRO E 230 -46.91 -41.70 47.24
C PRO E 230 -48.09 -42.24 48.04
N GLY E 231 -48.01 -42.09 49.37
CA GLY E 231 -49.00 -42.50 50.32
C GLY E 231 -48.97 -43.97 50.70
N ALA E 232 -48.10 -44.75 50.08
CA ALA E 232 -48.04 -46.21 50.26
C ALA E 232 -47.45 -46.55 51.61
N ARG E 233 -47.87 -47.71 52.13
CA ARG E 233 -47.63 -48.15 53.48
C ARG E 233 -46.54 -49.18 53.58
N GLY E 234 -46.44 -50.00 52.56
CA GLY E 234 -45.52 -51.13 52.56
C GLY E 234 -44.45 -51.24 51.48
N THR E 235 -44.36 -50.37 50.44
CA THR E 235 -43.36 -50.46 49.33
C THR E 235 -42.47 -49.20 49.21
N SER E 236 -41.31 -49.35 48.53
CA SER E 236 -40.28 -48.32 48.41
C SER E 236 -40.00 -47.92 46.96
N GLN E 237 -39.34 -46.78 46.85
CA GLN E 237 -38.86 -46.31 45.56
C GLN E 237 -37.92 -47.34 44.93
N LEU E 238 -37.09 -48.00 45.73
CA LEU E 238 -36.11 -49.00 45.23
C LEU E 238 -36.77 -50.27 44.65
N HIS E 239 -37.91 -50.69 45.21
CA HIS E 239 -38.76 -51.72 44.60
C HIS E 239 -39.22 -51.38 43.19
N GLY E 240 -39.41 -50.05 42.89
CA GLY E 240 -39.95 -49.56 41.63
C GLY E 240 -39.01 -49.67 40.42
N MET E 241 -37.72 -49.97 40.63
CA MET E 241 -36.74 -50.02 39.54
C MET E 241 -36.80 -51.36 38.81
N ASP E 242 -37.48 -51.39 37.68
CA ASP E 242 -37.67 -52.66 36.94
C ASP E 242 -36.34 -53.30 36.56
N LEU E 243 -35.35 -52.50 36.14
CA LEU E 243 -34.06 -52.94 35.64
C LEU E 243 -33.11 -51.75 35.64
N LEU E 244 -31.90 -51.95 36.15
CA LEU E 244 -30.86 -50.89 36.13
C LEU E 244 -29.84 -51.11 35.03
N VAL E 245 -29.75 -50.14 34.09
CA VAL E 245 -28.89 -50.27 32.89
C VAL E 245 -27.83 -49.19 32.93
N LEU E 246 -26.61 -49.60 33.28
CA LEU E 246 -25.54 -48.68 33.58
C LEU E 246 -24.45 -48.75 32.49
N LEU E 247 -24.28 -47.64 31.79
CA LEU E 247 -23.22 -47.42 30.80
C LEU E 247 -21.99 -46.82 31.45
N ASP E 248 -20.80 -47.33 31.09
CA ASP E 248 -19.57 -46.82 31.65
C ASP E 248 -18.41 -47.25 30.74
N LEU E 249 -17.41 -46.36 30.47
CA LEU E 249 -16.16 -46.68 29.70
C LEU E 249 -16.44 -47.01 28.21
N ILE E 250 -17.36 -46.31 27.64
CA ILE E 250 -17.78 -46.43 26.25
C ILE E 250 -17.17 -45.32 25.36
N GLY E 251 -16.70 -45.72 24.18
CA GLY E 251 -16.43 -44.73 23.15
C GLY E 251 -15.21 -45.09 22.36
N ALA E 252 -14.46 -46.01 22.92
CA ALA E 252 -13.36 -46.63 22.26
C ALA E 252 -13.82 -47.64 21.18
N PRO E 253 -12.92 -48.02 20.29
CA PRO E 253 -13.27 -49.00 19.26
C PRO E 253 -13.18 -50.43 19.73
N ASN E 254 -14.02 -51.32 19.13
CA ASN E 254 -13.84 -52.77 19.32
C ASN E 254 -14.15 -53.31 20.69
N PRO E 255 -15.16 -52.81 21.40
CA PRO E 255 -15.38 -53.25 22.78
C PRO E 255 -15.99 -54.66 22.85
N THR E 256 -15.82 -55.31 24.01
CA THR E 256 -16.40 -56.63 24.24
C THR E 256 -16.97 -56.65 25.66
N PHE E 257 -18.38 -56.70 25.74
CA PHE E 257 -19.21 -56.75 26.96
C PHE E 257 -19.49 -58.18 27.42
N PRO E 258 -19.29 -58.51 28.68
CA PRO E 258 -19.73 -59.81 29.20
C PRO E 258 -21.14 -59.82 29.82
N ASN E 259 -21.60 -61.05 30.15
CA ASN E 259 -22.90 -61.33 30.76
C ASN E 259 -22.63 -61.64 32.22
N PHE E 260 -22.95 -60.71 33.09
CA PHE E 260 -22.48 -60.78 34.47
C PHE E 260 -23.42 -61.55 35.39
N PHE E 261 -24.73 -61.35 35.24
CA PHE E 261 -25.73 -61.77 36.20
C PHE E 261 -26.77 -62.77 35.63
N PRO E 262 -26.96 -63.96 36.23
CA PRO E 262 -28.02 -64.87 35.76
C PRO E 262 -29.43 -64.35 35.70
N ASN E 263 -29.79 -63.38 36.53
CA ASN E 263 -31.11 -62.81 36.58
C ASN E 263 -31.31 -61.62 35.64
N SER E 264 -30.42 -61.35 34.72
CA SER E 264 -30.66 -60.30 33.75
C SER E 264 -30.31 -60.79 32.34
N ALA E 265 -29.96 -62.08 32.21
CA ALA E 265 -29.37 -62.68 31.00
C ALA E 265 -30.31 -62.62 29.80
N ARG E 266 -31.61 -62.76 30.02
CA ARG E 266 -32.55 -62.71 28.91
C ARG E 266 -32.70 -61.33 28.32
N TRP E 267 -32.50 -60.27 29.13
CA TRP E 267 -32.48 -58.89 28.62
C TRP E 267 -31.21 -58.57 27.85
N PHE E 268 -30.10 -59.22 28.22
CA PHE E 268 -28.86 -59.11 27.48
C PHE E 268 -28.86 -59.93 26.17
N GLU E 269 -29.57 -61.07 26.14
CA GLU E 269 -29.83 -61.81 24.90
C GLU E 269 -30.67 -61.02 23.91
N ARG E 270 -31.50 -60.07 24.38
CA ARG E 270 -32.19 -59.21 23.45
C ARG E 270 -31.26 -58.15 22.85
N LEU E 271 -30.13 -57.79 23.53
CA LEU E 271 -29.18 -56.92 22.88
C LEU E 271 -28.46 -57.67 21.76
N GLN E 272 -28.11 -58.93 21.99
CA GLN E 272 -27.47 -59.74 20.96
C GLN E 272 -28.30 -59.79 19.69
N ALA E 273 -29.61 -60.01 19.86
CA ALA E 273 -30.55 -60.17 18.75
C ALA E 273 -30.93 -58.84 18.09
N ILE E 274 -30.91 -57.73 18.80
CA ILE E 274 -31.06 -56.45 18.14
C ILE E 274 -29.83 -56.17 17.28
N GLU E 275 -28.64 -56.33 17.88
CA GLU E 275 -27.40 -56.09 17.15
C GLU E 275 -27.39 -56.93 15.87
N HIS E 276 -27.78 -58.21 15.96
CA HIS E 276 -27.68 -59.11 14.84
C HIS E 276 -28.53 -58.68 13.66
N GLU E 277 -29.78 -58.26 13.89
CA GLU E 277 -30.71 -57.89 12.83
C GLU E 277 -30.48 -56.48 12.32
N LEU E 278 -29.92 -55.58 13.12
CA LEU E 278 -29.62 -54.27 12.56
C LEU E 278 -28.43 -54.37 11.61
N HIS E 279 -27.55 -55.35 11.81
CA HIS E 279 -26.41 -55.55 10.93
C HIS E 279 -26.84 -56.18 9.62
N GLU E 280 -27.81 -57.11 9.74
CA GLU E 280 -28.41 -57.87 8.64
C GLU E 280 -29.31 -56.99 7.77
N LEU E 281 -30.03 -56.03 8.36
CA LEU E 281 -30.82 -55.07 7.59
C LEU E 281 -29.98 -53.90 7.05
N GLY E 282 -28.65 -53.94 7.19
CA GLY E 282 -27.79 -52.94 6.60
C GLY E 282 -27.65 -51.62 7.36
N LEU E 283 -28.11 -51.56 8.62
CA LEU E 283 -28.26 -50.30 9.34
C LEU E 283 -27.11 -49.97 10.32
N LEU E 284 -26.01 -50.73 10.30
CA LEU E 284 -24.80 -50.43 11.04
C LEU E 284 -23.67 -50.08 10.08
N LYS E 285 -22.60 -49.42 10.59
CA LYS E 285 -21.48 -48.87 9.82
C LYS E 285 -20.16 -49.35 10.34
N ASP E 286 -19.32 -49.83 9.44
CA ASP E 286 -17.99 -50.36 9.81
C ASP E 286 -18.13 -51.44 10.85
N HIS E 287 -19.11 -52.29 10.65
CA HIS E 287 -19.53 -53.27 11.64
C HIS E 287 -19.45 -54.66 11.04
N SER E 288 -18.75 -55.53 11.77
CA SER E 288 -18.50 -56.91 11.45
C SER E 288 -19.10 -57.86 12.48
N LEU E 289 -19.57 -59.02 12.02
CA LEU E 289 -20.02 -60.06 12.93
C LEU E 289 -18.86 -60.80 13.58
N GLU E 290 -17.71 -60.76 13.00
CA GLU E 290 -16.61 -61.45 13.65
C GLU E 290 -16.07 -60.63 14.81
N GLY E 291 -16.63 -59.42 14.98
CA GLY E 291 -16.35 -58.49 16.06
C GLY E 291 -17.62 -57.91 16.66
N ARG E 292 -18.58 -58.76 17.04
CA ARG E 292 -19.77 -58.30 17.74
C ARG E 292 -19.37 -57.70 19.06
N TYR E 293 -20.19 -56.75 19.53
CA TYR E 293 -20.00 -56.12 20.84
C TYR E 293 -20.56 -56.99 21.98
N PHE E 294 -21.60 -57.76 21.73
CA PHE E 294 -22.19 -58.65 22.73
C PHE E 294 -22.00 -60.10 22.28
N GLN E 295 -21.05 -60.80 22.84
CA GLN E 295 -20.87 -62.21 22.50
C GLN E 295 -20.98 -63.05 23.75
N ASN E 296 -21.45 -64.28 23.58
CA ASN E 296 -21.81 -65.11 24.74
C ASN E 296 -20.56 -65.79 25.27
N TYR E 297 -19.79 -64.97 26.00
CA TYR E 297 -18.78 -65.39 26.97
C TYR E 297 -19.22 -64.75 28.29
N SER E 298 -19.30 -65.55 29.33
CA SER E 298 -19.70 -65.02 30.63
C SER E 298 -18.46 -64.58 31.42
N TYR E 299 -18.68 -63.67 32.37
CA TYR E 299 -17.65 -63.22 33.31
C TYR E 299 -18.01 -63.77 34.69
N GLY E 300 -17.07 -64.53 35.27
CA GLY E 300 -17.29 -65.13 36.58
C GLY E 300 -17.60 -64.09 37.64
N GLY E 301 -16.71 -63.10 37.80
CA GLY E 301 -16.70 -62.14 38.92
C GLY E 301 -17.42 -60.84 38.60
N VAL E 302 -16.86 -59.74 39.08
CA VAL E 302 -17.55 -58.46 38.97
C VAL E 302 -16.54 -57.33 39.11
N ILE E 303 -16.90 -56.19 38.54
CA ILE E 303 -16.14 -54.98 38.63
C ILE E 303 -16.95 -54.09 39.52
N GLN E 304 -16.27 -53.35 40.41
CA GLN E 304 -16.94 -52.40 41.28
C GLN E 304 -17.31 -51.14 40.50
N ASP E 305 -18.53 -50.64 40.71
CA ASP E 305 -19.17 -49.51 40.03
C ASP E 305 -20.47 -49.17 40.77
N ASP E 306 -21.22 -48.19 40.24
CA ASP E 306 -22.41 -47.54 40.81
C ASP E 306 -23.59 -48.50 41.04
N HIS E 307 -23.56 -49.69 40.43
CA HIS E 307 -24.60 -50.70 40.62
C HIS E 307 -24.53 -51.42 41.99
N ILE E 308 -23.35 -51.55 42.62
CA ILE E 308 -23.21 -52.36 43.85
C ILE E 308 -24.24 -51.99 44.93
N PRO E 309 -24.40 -50.74 45.33
CA PRO E 309 -25.33 -50.50 46.43
C PRO E 309 -26.76 -50.86 46.08
N PHE E 310 -27.07 -50.99 44.79
CA PHE E 310 -28.42 -51.34 44.37
C PHE E 310 -28.56 -52.86 44.20
N LEU E 311 -27.51 -53.47 43.66
CA LEU E 311 -27.46 -54.92 43.46
C LEU E 311 -27.54 -55.68 44.76
N ARG E 312 -26.96 -55.13 45.82
CA ARG E 312 -26.89 -55.80 47.11
C ARG E 312 -28.19 -55.69 47.87
N ARG E 313 -29.18 -55.00 47.29
CA ARG E 313 -30.57 -54.94 47.79
C ARG E 313 -31.53 -55.60 46.81
N GLY E 314 -31.01 -56.33 45.85
CA GLY E 314 -31.86 -57.10 44.98
C GLY E 314 -32.43 -56.40 43.79
N VAL E 315 -31.87 -55.26 43.38
CA VAL E 315 -32.23 -54.65 42.10
C VAL E 315 -31.50 -55.37 40.98
N PRO E 316 -32.16 -55.72 39.86
CA PRO E 316 -31.48 -56.43 38.76
C PRO E 316 -30.73 -55.48 37.85
N VAL E 317 -29.57 -55.93 37.31
CA VAL E 317 -28.62 -55.05 36.63
C VAL E 317 -28.19 -55.61 35.27
N LEU E 318 -28.15 -54.71 34.27
CA LEU E 318 -27.53 -54.91 32.96
C LEU E 318 -26.36 -53.96 32.90
N HIS E 319 -25.19 -54.45 33.20
CA HIS E 319 -24.03 -53.59 33.46
C HIS E 319 -23.23 -53.53 32.15
N LEU E 320 -23.35 -52.40 31.41
CA LEU E 320 -22.70 -52.24 30.10
C LEU E 320 -21.40 -51.45 30.30
N ILE E 321 -20.39 -52.19 30.80
CA ILE E 321 -18.99 -51.80 30.90
C ILE E 321 -18.21 -52.89 30.16
N PRO E 322 -17.18 -52.59 29.37
CA PRO E 322 -16.48 -53.67 28.64
C PRO E 322 -15.34 -54.34 29.41
N SER E 323 -14.88 -55.47 28.84
CA SER E 323 -13.67 -56.18 29.32
C SER E 323 -12.83 -56.70 28.11
N PRO E 324 -11.64 -56.12 27.90
CA PRO E 324 -10.97 -55.17 28.84
C PRO E 324 -11.42 -53.72 28.83
N PHE E 325 -10.93 -52.98 29.80
CA PHE E 325 -11.10 -51.55 29.77
C PHE E 325 -10.40 -50.96 28.55
N PRO E 326 -10.93 -49.87 28.04
CA PRO E 326 -10.19 -49.02 27.07
C PRO E 326 -8.69 -48.86 27.30
N GLU E 327 -7.92 -48.81 26.20
CA GLU E 327 -6.47 -48.74 26.31
C GLU E 327 -6.01 -47.50 27.07
N VAL E 328 -6.76 -46.40 26.97
CA VAL E 328 -6.39 -45.13 27.57
C VAL E 328 -6.94 -44.95 28.97
N TRP E 329 -7.48 -46.01 29.57
CA TRP E 329 -8.12 -45.89 30.86
C TRP E 329 -7.18 -45.19 31.82
N HIS E 330 -7.70 -44.15 32.43
CA HIS E 330 -6.97 -43.28 33.38
C HIS E 330 -5.56 -42.92 32.88
N THR E 331 -5.56 -42.31 31.70
CA THR E 331 -4.43 -41.58 31.13
C THR E 331 -4.97 -40.26 30.59
N MET E 332 -4.02 -39.34 30.26
CA MET E 332 -4.37 -38.02 29.70
C MET E 332 -4.82 -38.11 28.26
N ASP E 333 -4.59 -39.26 27.61
CA ASP E 333 -5.07 -39.58 26.27
C ASP E 333 -6.47 -40.16 26.22
N ASP E 334 -7.27 -40.03 27.30
CA ASP E 334 -8.71 -40.32 27.20
C ASP E 334 -9.46 -39.05 26.82
N ASN E 335 -9.45 -38.75 25.52
CA ASN E 335 -9.94 -37.47 24.93
C ASN E 335 -10.80 -37.72 23.69
N GLU E 336 -11.23 -36.59 23.08
CA GLU E 336 -12.05 -36.61 21.85
C GLU E 336 -11.34 -37.29 20.66
N GLU E 337 -10.02 -37.13 20.52
CA GLU E 337 -9.37 -37.64 19.31
C GLU E 337 -9.23 -39.15 19.33
N ASN E 338 -9.23 -39.76 20.50
CA ASN E 338 -9.21 -41.22 20.57
C ASN E 338 -10.60 -41.85 20.68
N LEU E 339 -11.69 -41.09 20.50
CA LEU E 339 -13.00 -41.70 20.32
C LEU E 339 -13.13 -42.35 18.93
N ASP E 340 -14.12 -43.25 18.77
CA ASP E 340 -14.49 -43.90 17.49
C ASP E 340 -15.97 -43.69 17.20
N GLU E 341 -16.25 -42.84 16.21
CA GLU E 341 -17.60 -42.32 15.97
C GLU E 341 -18.56 -43.39 15.43
N SER E 342 -18.11 -44.31 14.58
CA SER E 342 -19.04 -45.33 14.07
C SER E 342 -19.43 -46.32 15.17
N THR E 343 -18.53 -46.59 16.14
CA THR E 343 -18.92 -47.43 17.25
C THR E 343 -19.97 -46.72 18.10
N ILE E 344 -19.81 -45.43 18.36
CA ILE E 344 -20.82 -44.83 19.23
C ILE E 344 -22.17 -44.72 18.50
N ASP E 345 -22.15 -44.56 17.18
CA ASP E 345 -23.36 -44.50 16.38
C ASP E 345 -24.12 -45.83 16.45
N ASN E 346 -23.40 -46.93 16.35
CA ASN E 346 -24.04 -48.23 16.33
C ASN E 346 -24.71 -48.52 17.66
N LEU E 347 -24.09 -48.06 18.76
CA LEU E 347 -24.59 -48.36 20.10
C LEU E 347 -25.83 -47.56 20.43
N ASN E 348 -25.92 -46.35 19.86
CA ASN E 348 -27.10 -45.48 19.96
C ASN E 348 -28.33 -46.08 19.34
N LYS E 349 -28.17 -46.72 18.20
CA LYS E 349 -29.31 -47.41 17.59
C LYS E 349 -29.75 -48.59 18.44
N ILE E 350 -28.81 -49.43 18.82
CA ILE E 350 -29.11 -50.66 19.55
C ILE E 350 -29.81 -50.37 20.85
N LEU E 351 -29.28 -49.40 21.62
CA LEU E 351 -29.90 -48.99 22.87
C LEU E 351 -31.32 -48.40 22.64
N GLN E 352 -31.48 -47.52 21.65
CA GLN E 352 -32.81 -46.89 21.53
C GLN E 352 -33.88 -47.89 21.06
N VAL E 353 -33.50 -48.91 20.27
CA VAL E 353 -34.45 -49.98 19.96
C VAL E 353 -34.88 -50.71 21.24
N PHE E 354 -33.89 -51.16 22.03
CA PHE E 354 -34.15 -51.77 23.32
C PHE E 354 -35.10 -50.94 24.22
N VAL E 355 -34.92 -49.62 24.30
CA VAL E 355 -35.81 -48.84 25.18
C VAL E 355 -37.24 -48.87 24.63
N LEU E 356 -37.41 -48.73 23.31
CA LEU E 356 -38.77 -48.74 22.76
C LEU E 356 -39.43 -50.12 22.89
N GLU E 357 -38.65 -51.21 22.76
CA GLU E 357 -39.18 -52.56 22.92
C GLU E 357 -39.59 -52.85 24.37
N TYR E 358 -38.80 -52.38 25.36
CA TYR E 358 -39.15 -52.51 26.79
C TYR E 358 -40.51 -51.86 27.10
N LEU E 359 -40.71 -50.64 26.60
CA LEU E 359 -41.83 -49.79 26.95
C LEU E 359 -43.06 -50.02 26.10
N HIS E 360 -43.06 -51.01 25.18
CA HIS E 360 -44.14 -51.27 24.25
C HIS E 360 -44.51 -49.98 23.47
N LEU E 361 -43.50 -49.27 22.91
CA LEU E 361 -43.79 -48.05 22.12
C LEU E 361 -43.32 -48.26 20.73
N ALA F 33 -55.00 30.20 -23.91
CA ALA F 33 -53.81 29.35 -23.92
C ALA F 33 -53.65 28.92 -25.41
N SER F 34 -52.61 29.38 -26.14
CA SER F 34 -51.64 30.41 -25.73
C SER F 34 -52.30 31.54 -24.97
N ALA F 35 -51.48 32.39 -24.39
CA ALA F 35 -51.93 33.33 -23.37
C ALA F 35 -51.44 32.91 -22.00
N TRP F 36 -51.42 31.59 -21.67
CA TRP F 36 -51.09 31.22 -20.30
C TRP F 36 -49.75 31.81 -19.84
N PRO F 37 -48.76 32.06 -20.71
CA PRO F 37 -47.50 32.57 -20.18
C PRO F 37 -47.60 33.84 -19.37
N GLU F 38 -48.79 34.49 -19.31
CA GLU F 38 -48.95 35.74 -18.60
C GLU F 38 -49.53 35.52 -17.22
N GLU F 39 -50.15 34.36 -17.01
CA GLU F 39 -50.69 33.97 -15.71
C GLU F 39 -49.74 34.34 -14.56
N LYS F 40 -48.42 34.22 -14.78
CA LYS F 40 -47.44 34.49 -13.72
C LYS F 40 -47.46 35.94 -13.26
N ASN F 41 -47.65 36.92 -14.18
CA ASN F 41 -47.83 38.34 -13.79
C ASN F 41 -48.92 38.54 -12.74
N TYR F 42 -49.97 37.73 -12.79
CA TYR F 42 -51.07 37.95 -11.85
C TYR F 42 -50.94 37.17 -10.57
N HIS F 43 -50.32 35.99 -10.65
CA HIS F 43 -50.38 35.02 -9.54
C HIS F 43 -50.27 35.69 -8.18
N GLN F 44 -51.05 35.18 -7.22
CA GLN F 44 -51.06 35.71 -5.85
C GLN F 44 -50.87 34.62 -4.81
N PRO F 45 -50.21 34.94 -3.69
CA PRO F 45 -50.03 33.93 -2.65
C PRO F 45 -51.24 33.80 -1.74
N ALA F 46 -51.51 32.54 -1.35
CA ALA F 46 -52.41 32.18 -0.27
C ALA F 46 -51.63 32.14 1.05
N ILE F 47 -51.77 33.20 1.86
CA ILE F 47 -50.92 33.40 3.03
C ILE F 47 -51.41 32.52 4.18
N LEU F 48 -50.49 32.24 5.12
CA LEU F 48 -50.78 31.32 6.23
C LEU F 48 -51.04 32.04 7.55
N ASN F 49 -51.86 31.39 8.40
CA ASN F 49 -52.15 31.90 9.72
C ASN F 49 -51.25 31.24 10.78
N SER F 50 -51.21 31.90 11.96
CA SER F 50 -50.37 31.49 13.09
C SER F 50 -50.37 30.01 13.40
N SER F 51 -51.57 29.39 13.43
CA SER F 51 -51.66 27.97 13.77
C SER F 51 -50.85 27.13 12.80
N ALA F 52 -51.05 27.37 11.49
CA ALA F 52 -50.35 26.58 10.48
C ALA F 52 -48.84 26.89 10.46
N LEU F 53 -48.45 28.15 10.70
CA LEU F 53 -47.04 28.53 10.72
C LEU F 53 -46.26 27.70 11.75
N ARG F 54 -46.60 27.85 13.02
CA ARG F 54 -46.03 27.04 14.09
C ARG F 54 -45.89 25.56 13.72
N GLN F 55 -46.73 25.07 12.80
CA GLN F 55 -46.69 23.67 12.47
C GLN F 55 -45.74 23.39 11.35
N ILE F 56 -45.32 24.41 10.62
CA ILE F 56 -44.23 24.25 9.66
C ILE F 56 -42.89 24.24 10.39
N ALA F 57 -42.71 25.19 11.32
CA ALA F 57 -41.56 25.19 12.21
C ALA F 57 -41.34 23.83 12.86
N GLU F 58 -42.36 23.32 13.56
CA GLU F 58 -42.23 22.05 14.28
C GLU F 58 -42.03 20.88 13.36
N GLY F 59 -42.07 21.11 12.05
CA GLY F 59 -41.95 20.03 11.07
C GLY F 59 -40.60 19.91 10.36
N THR F 60 -39.65 20.80 10.64
CA THR F 60 -38.37 20.79 9.92
C THR F 60 -37.27 20.46 10.91
N SER F 61 -36.44 19.46 10.55
CA SER F 61 -35.33 18.97 11.37
C SER F 61 -33.96 19.26 10.78
N ILE F 62 -33.27 20.23 11.36
CA ILE F 62 -31.88 20.55 10.99
C ILE F 62 -30.89 19.43 11.38
N SER F 63 -31.15 18.70 12.45
CA SER F 63 -30.25 17.64 12.84
C SER F 63 -30.36 16.43 11.92
N GLU F 64 -31.59 16.07 11.54
CA GLU F 64 -31.80 15.03 10.53
C GLU F 64 -31.27 15.48 9.15
N MET F 65 -31.28 16.80 8.88
CA MET F 65 -30.71 17.25 7.63
C MET F 65 -29.19 17.09 7.66
N TRP F 66 -28.56 17.60 8.70
CA TRP F 66 -27.10 17.69 8.75
C TRP F 66 -26.43 16.35 8.48
N GLN F 67 -27.00 15.29 9.04
CA GLN F 67 -26.58 13.90 8.97
C GLN F 67 -27.13 13.15 7.76
N ASN F 68 -28.38 13.39 7.35
CA ASN F 68 -28.89 12.55 6.27
C ASN F 68 -28.66 13.17 4.88
N ASP F 69 -28.69 14.51 4.79
CA ASP F 69 -28.67 15.25 3.52
C ASP F 69 -27.31 15.92 3.22
N LEU F 70 -26.76 16.65 4.22
CA LEU F 70 -25.58 17.48 4.11
C LEU F 70 -24.27 16.69 4.18
N GLN F 71 -24.13 15.75 5.10
CA GLN F 71 -22.76 15.25 5.33
C GLN F 71 -22.19 14.40 4.20
N PRO F 72 -22.96 13.53 3.52
CA PRO F 72 -22.41 12.81 2.34
C PRO F 72 -21.93 13.70 1.19
N LEU F 73 -22.22 15.02 1.23
CA LEU F 73 -21.84 15.95 0.17
C LEU F 73 -20.59 16.77 0.52
N LEU F 74 -19.94 16.56 1.67
CA LEU F 74 -18.77 17.38 1.96
C LEU F 74 -17.49 16.68 1.50
N ILE F 75 -17.30 16.61 0.17
CA ILE F 75 -16.22 15.88 -0.49
C ILE F 75 -15.77 16.65 -1.74
N GLU F 76 -14.64 16.20 -2.34
CA GLU F 76 -14.12 16.73 -3.61
C GLU F 76 -15.04 16.31 -4.77
N ARG F 77 -15.67 17.28 -5.44
CA ARG F 77 -16.67 16.94 -6.43
C ARG F 77 -16.66 17.86 -7.68
N TYR F 78 -15.47 18.20 -8.21
CA TYR F 78 -15.39 18.93 -9.48
C TYR F 78 -15.87 18.03 -10.60
N PRO F 79 -16.28 18.60 -11.72
CA PRO F 79 -16.83 17.78 -12.80
C PRO F 79 -15.82 16.76 -13.33
N GLY F 80 -16.32 15.55 -13.50
CA GLY F 80 -15.60 14.47 -14.10
C GLY F 80 -15.00 13.47 -13.13
N SER F 81 -15.00 13.76 -11.87
CA SER F 81 -14.32 13.15 -10.75
C SER F 81 -15.25 12.18 -10.06
N PRO F 82 -14.72 11.20 -9.33
CA PRO F 82 -15.60 10.23 -8.68
C PRO F 82 -16.59 10.87 -7.70
N GLY F 83 -16.21 11.95 -7.04
CA GLY F 83 -17.09 12.64 -6.13
C GLY F 83 -18.36 13.17 -6.81
N SER F 84 -18.24 13.62 -8.08
CA SER F 84 -19.39 14.10 -8.86
C SER F 84 -20.43 13.00 -9.04
N TYR F 85 -20.01 11.84 -9.52
CA TYR F 85 -20.92 10.69 -9.65
C TYR F 85 -21.55 10.28 -8.29
N ALA F 86 -20.74 10.24 -7.21
CA ALA F 86 -21.20 9.97 -5.84
C ALA F 86 -22.34 10.92 -5.38
N ALA F 87 -22.21 12.22 -5.69
CA ALA F 87 -23.16 13.26 -5.28
C ALA F 87 -24.50 13.19 -6.02
N ARG F 88 -24.48 12.92 -7.32
CA ARG F 88 -25.66 12.59 -8.12
C ARG F 88 -26.45 11.37 -7.57
N GLN F 89 -25.73 10.25 -7.39
CA GLN F 89 -26.27 9.04 -6.82
C GLN F 89 -26.92 9.33 -5.46
N HIS F 90 -26.26 10.17 -4.62
CA HIS F 90 -26.84 10.62 -3.35
C HIS F 90 -28.12 11.44 -3.57
N ILE F 91 -28.05 12.54 -4.35
CA ILE F 91 -29.22 13.40 -4.50
C ILE F 91 -30.40 12.63 -5.04
N MET F 92 -30.17 11.73 -6.02
CA MET F 92 -31.26 10.89 -6.50
C MET F 92 -31.85 9.98 -5.41
N GLN F 93 -31.00 9.22 -4.67
CA GLN F 93 -31.50 8.22 -3.69
C GLN F 93 -32.38 8.88 -2.64
N ARG F 94 -31.95 10.02 -2.14
CA ARG F 94 -32.71 10.75 -1.16
C ARG F 94 -34.13 11.12 -1.68
N ILE F 95 -34.28 11.39 -2.95
CA ILE F 95 -35.55 11.94 -3.43
C ILE F 95 -36.47 10.78 -3.77
N GLN F 96 -35.88 9.69 -4.20
CA GLN F 96 -36.53 8.48 -4.64
C GLN F 96 -37.06 7.67 -3.50
N ARG F 97 -36.88 8.15 -2.28
CA ARG F 97 -37.49 7.54 -1.12
C ARG F 97 -38.65 8.34 -0.55
N LEU F 98 -39.22 9.29 -1.29
CA LEU F 98 -40.36 10.08 -0.86
C LEU F 98 -41.65 9.61 -1.57
N GLN F 99 -42.80 9.98 -0.97
CA GLN F 99 -44.10 9.53 -1.48
C GLN F 99 -44.64 10.36 -2.67
N ALA F 100 -44.42 11.68 -2.68
CA ALA F 100 -44.70 12.50 -3.86
C ALA F 100 -44.03 11.87 -5.08
N ASP F 101 -44.65 12.11 -6.23
CA ASP F 101 -44.35 11.43 -7.49
C ASP F 101 -43.22 12.16 -8.28
N TRP F 102 -42.11 12.45 -7.61
CA TRP F 102 -40.98 13.05 -8.30
C TRP F 102 -40.56 12.21 -9.51
N VAL F 103 -40.27 12.90 -10.62
CA VAL F 103 -39.72 12.36 -11.84
C VAL F 103 -38.32 12.95 -12.12
N LEU F 104 -37.35 12.08 -12.37
CA LEU F 104 -35.95 12.46 -12.48
C LEU F 104 -35.38 12.34 -13.89
N GLU F 105 -34.73 13.42 -14.36
CA GLU F 105 -33.90 13.45 -15.58
C GLU F 105 -32.43 13.73 -15.22
N ILE F 106 -31.53 12.98 -15.86
CA ILE F 106 -30.10 13.26 -15.85
C ILE F 106 -29.72 13.78 -17.23
N ASP F 107 -29.37 15.09 -17.30
CA ASP F 107 -29.14 15.83 -18.58
C ASP F 107 -27.65 15.90 -18.82
N THR F 108 -27.13 15.03 -19.69
CA THR F 108 -25.69 14.81 -19.89
C THR F 108 -25.22 15.44 -21.23
N PHE F 109 -24.12 16.22 -21.19
CA PHE F 109 -23.67 17.01 -22.33
C PHE F 109 -22.15 17.17 -22.28
N LEU F 110 -21.63 17.56 -23.42
CA LEU F 110 -20.21 17.69 -23.74
C LEU F 110 -19.88 19.11 -24.19
N SER F 111 -18.91 19.74 -23.55
CA SER F 111 -18.51 21.12 -23.80
C SER F 111 -16.98 21.28 -23.81
N GLN F 112 -16.53 22.35 -24.40
CA GLN F 112 -15.13 22.66 -24.48
C GLN F 112 -14.71 23.47 -23.24
N THR F 113 -13.46 23.20 -22.71
CA THR F 113 -12.85 23.85 -21.53
C THR F 113 -11.39 24.22 -21.81
N PRO F 114 -10.77 25.04 -20.95
CA PRO F 114 -9.33 25.32 -21.04
C PRO F 114 -8.44 24.07 -20.96
N TYR F 115 -8.98 22.93 -20.56
CA TYR F 115 -8.26 21.68 -20.61
C TYR F 115 -8.70 20.75 -21.72
N GLY F 116 -9.66 21.14 -22.57
CA GLY F 116 -10.21 20.29 -23.61
C GLY F 116 -11.67 19.91 -23.36
N TYR F 117 -12.19 19.10 -24.27
CA TYR F 117 -13.53 18.54 -24.16
C TYR F 117 -13.69 17.71 -22.89
N ARG F 118 -14.83 17.93 -22.20
CA ARG F 118 -15.17 17.31 -20.92
C ARG F 118 -16.65 17.03 -20.95
N SER F 119 -17.13 16.18 -20.01
CA SER F 119 -18.52 15.78 -19.89
C SER F 119 -19.12 16.21 -18.55
N PHE F 120 -20.39 16.67 -18.64
CA PHE F 120 -21.16 17.23 -17.53
C PHE F 120 -22.57 16.64 -17.45
N SER F 121 -23.13 16.63 -16.25
CA SER F 121 -24.52 16.19 -16.07
C SER F 121 -25.28 17.00 -15.04
N ASN F 122 -26.35 17.69 -15.49
CA ASN F 122 -27.35 18.32 -14.63
C ASN F 122 -28.38 17.28 -14.14
N ILE F 123 -28.93 17.50 -12.95
CA ILE F 123 -30.05 16.73 -12.40
C ILE F 123 -31.32 17.59 -12.32
N ILE F 124 -32.41 17.10 -12.91
CA ILE F 124 -33.66 17.84 -12.92
C ILE F 124 -34.73 16.92 -12.32
N SER F 125 -35.47 17.47 -11.38
CA SER F 125 -36.40 16.70 -10.57
C SER F 125 -37.74 17.43 -10.57
N THR F 126 -38.76 16.86 -11.27
CA THR F 126 -40.02 17.58 -11.44
C THR F 126 -41.26 16.81 -10.94
N LEU F 127 -42.14 17.55 -10.29
CA LEU F 127 -43.47 17.09 -9.93
C LEU F 127 -44.44 17.59 -10.99
N ASN F 128 -45.32 16.67 -11.54
CA ASN F 128 -46.34 17.08 -12.52
C ASN F 128 -45.61 17.61 -13.77
N PRO F 129 -44.82 16.75 -14.40
CA PRO F 129 -44.06 17.14 -15.59
C PRO F 129 -44.82 17.91 -16.64
N THR F 130 -46.15 17.63 -16.81
CA THR F 130 -47.02 18.12 -17.89
C THR F 130 -47.83 19.36 -17.51
N ALA F 131 -47.84 19.77 -16.23
CA ALA F 131 -48.36 21.06 -15.86
C ALA F 131 -47.67 22.18 -16.67
N LYS F 132 -48.42 23.22 -17.03
CA LYS F 132 -47.81 24.25 -17.86
C LYS F 132 -46.84 25.13 -17.08
N ARG F 133 -47.20 25.49 -15.84
CA ARG F 133 -46.40 26.42 -15.02
C ARG F 133 -45.66 25.68 -13.90
N HIS F 134 -44.46 26.19 -13.54
CA HIS F 134 -43.63 25.60 -12.49
C HIS F 134 -42.85 26.65 -11.71
N LEU F 135 -42.99 26.60 -10.37
CA LEU F 135 -42.09 27.29 -9.46
C LEU F 135 -40.75 26.58 -9.53
N VAL F 136 -39.63 27.31 -9.68
CA VAL F 136 -38.33 26.65 -9.79
C VAL F 136 -37.37 27.03 -8.67
N LEU F 137 -36.86 26.00 -7.98
CA LEU F 137 -35.80 26.08 -6.98
C LEU F 137 -34.48 25.49 -7.50
N ALA F 138 -33.34 26.17 -7.27
CA ALA F 138 -32.10 25.72 -7.94
C ALA F 138 -30.85 26.01 -7.12
N CYS F 139 -29.77 25.25 -7.43
CA CYS F 139 -28.39 25.53 -6.95
C CYS F 139 -27.37 24.73 -7.80
N HIS F 140 -26.06 25.01 -7.58
CA HIS F 140 -25.02 24.20 -8.25
C HIS F 140 -24.46 23.18 -7.25
N TYR F 141 -24.33 21.91 -7.69
CA TYR F 141 -23.82 20.80 -6.88
C TYR F 141 -22.30 20.49 -7.08
N ASP F 142 -21.62 21.16 -8.03
CA ASP F 142 -20.18 20.92 -8.19
C ASP F 142 -19.33 21.72 -7.18
N SER F 143 -18.07 21.29 -7.02
CA SER F 143 -17.11 22.03 -6.20
C SER F 143 -15.97 22.52 -7.11
N LYS F 144 -15.39 23.66 -6.77
CA LYS F 144 -14.37 24.27 -7.61
C LYS F 144 -13.08 23.42 -7.58
N TYR F 145 -12.54 23.21 -8.77
CA TYR F 145 -11.30 22.47 -8.97
C TYR F 145 -10.09 23.21 -8.39
N PHE F 146 -9.42 22.61 -7.39
CA PHE F 146 -8.24 23.16 -6.73
C PHE F 146 -7.22 22.05 -6.45
N SER F 147 -5.91 22.40 -6.37
CA SER F 147 -4.92 21.43 -5.88
C SER F 147 -5.00 21.30 -4.35
N HIS F 148 -4.26 20.39 -3.75
CA HIS F 148 -4.35 20.26 -2.28
C HIS F 148 -3.33 21.19 -1.61
N TRP F 149 -3.80 22.35 -1.23
CA TRP F 149 -2.97 23.46 -0.81
C TRP F 149 -2.71 23.33 0.70
N ASN F 150 -1.44 23.18 1.08
CA ASN F 150 -1.07 22.81 2.46
C ASN F 150 -1.69 21.46 2.86
N ASN F 151 -1.81 20.53 1.90
CA ASN F 151 -2.36 19.20 2.14
C ASN F 151 -3.81 19.25 2.65
N ARG F 152 -4.58 20.23 2.22
CA ARG F 152 -6.02 20.26 2.45
C ARG F 152 -6.76 20.00 1.12
N VAL F 153 -8.06 19.69 1.25
CA VAL F 153 -8.95 19.48 0.09
C VAL F 153 -10.21 20.35 0.17
N PHE F 154 -10.54 21.07 -0.95
CA PHE F 154 -11.66 22.01 -0.96
C PHE F 154 -13.03 21.31 -1.14
N VAL F 155 -13.97 21.64 -0.26
CA VAL F 155 -15.27 20.96 -0.21
C VAL F 155 -16.48 21.89 -0.37
N GLY F 156 -16.34 23.18 -0.16
CA GLY F 156 -17.37 24.10 -0.60
C GLY F 156 -18.65 23.85 0.14
N ALA F 157 -18.55 23.93 1.46
CA ALA F 157 -19.67 23.65 2.32
C ALA F 157 -20.82 24.66 2.09
N THR F 158 -20.52 25.96 2.10
CA THR F 158 -21.48 27.03 1.73
C THR F 158 -21.60 27.16 0.21
N ASP F 159 -20.53 26.84 -0.51
CA ASP F 159 -20.45 26.88 -1.96
C ASP F 159 -20.41 25.52 -2.64
N SER F 160 -21.55 24.83 -2.85
CA SER F 160 -22.87 25.15 -2.32
C SER F 160 -23.54 23.88 -1.74
N ALA F 161 -22.80 23.17 -0.86
CA ALA F 161 -23.32 21.92 -0.34
C ALA F 161 -24.52 22.19 0.60
N VAL F 162 -24.53 23.29 1.33
CA VAL F 162 -25.69 23.55 2.16
C VAL F 162 -26.94 23.80 1.33
N PRO F 163 -26.86 24.66 0.30
CA PRO F 163 -28.04 24.82 -0.58
C PRO F 163 -28.57 23.50 -1.12
N CYS F 164 -27.71 22.48 -1.43
CA CYS F 164 -28.27 21.20 -1.92
C CYS F 164 -29.08 20.55 -0.83
N ALA F 165 -28.53 20.59 0.39
CA ALA F 165 -29.16 19.95 1.52
C ALA F 165 -30.44 20.67 1.93
N MET F 166 -30.41 21.99 1.98
CA MET F 166 -31.65 22.73 2.18
C MET F 166 -32.79 22.26 1.25
N MET F 167 -32.47 21.96 -0.04
CA MET F 167 -33.49 21.54 -1.03
C MET F 167 -33.97 20.15 -0.72
N LEU F 168 -33.07 19.23 -0.35
CA LEU F 168 -33.48 17.86 -0.02
C LEU F 168 -34.43 17.82 1.20
N GLU F 169 -34.10 18.55 2.28
CA GLU F 169 -34.95 18.69 3.46
C GLU F 169 -36.30 19.32 3.10
N LEU F 170 -36.30 20.42 2.31
CA LEU F 170 -37.58 21.06 2.01
C LEU F 170 -38.57 20.08 1.38
N ALA F 171 -38.10 19.29 0.40
CA ALA F 171 -38.87 18.20 -0.23
C ALA F 171 -39.32 17.12 0.77
N ARG F 172 -38.48 16.80 1.77
CA ARG F 172 -38.80 15.74 2.74
C ARG F 172 -39.93 16.17 3.65
N ALA F 173 -39.78 17.35 4.24
CA ALA F 173 -40.73 17.89 5.19
C ALA F 173 -42.05 18.37 4.59
N LEU F 174 -42.17 18.55 3.26
CA LEU F 174 -43.45 18.87 2.68
C LEU F 174 -44.05 17.68 1.98
N ASP F 175 -43.37 16.55 2.05
CA ASP F 175 -43.82 15.42 1.24
C ASP F 175 -45.33 15.18 1.36
N LYS F 176 -45.89 15.25 2.58
CA LYS F 176 -47.30 14.94 2.77
C LYS F 176 -48.15 15.88 1.93
N LYS F 177 -47.89 17.19 2.02
CA LYS F 177 -48.61 18.15 1.22
C LYS F 177 -48.28 17.96 -0.26
N LEU F 178 -46.98 18.01 -0.60
CA LEU F 178 -46.59 18.05 -2.02
C LEU F 178 -47.22 16.89 -2.80
N LEU F 179 -47.67 15.89 -2.10
CA LEU F 179 -48.33 14.78 -2.79
C LEU F 179 -49.81 15.04 -3.15
N SER F 180 -50.40 16.13 -2.68
CA SER F 180 -51.78 16.51 -2.96
C SER F 180 -52.03 17.06 -4.35
N LEU F 181 -50.98 17.17 -5.19
CA LEU F 181 -51.07 17.66 -6.56
C LEU F 181 -51.19 16.51 -7.52
N LYS F 182 -51.15 15.28 -6.99
CA LYS F 182 -51.55 13.98 -7.63
C LYS F 182 -50.37 13.09 -7.94
N PRO F 189 -55.77 26.37 -12.10
CA PRO F 189 -54.46 26.86 -11.59
C PRO F 189 -53.48 25.77 -11.80
N ASP F 190 -52.85 25.70 -12.99
CA ASP F 190 -52.02 24.54 -13.42
C ASP F 190 -50.53 24.74 -13.09
N LEU F 191 -50.20 24.65 -11.78
CA LEU F 191 -48.91 24.99 -11.21
C LEU F 191 -48.41 23.87 -10.30
N SER F 192 -47.11 23.62 -10.35
CA SER F 192 -46.46 22.70 -9.42
C SER F 192 -45.03 23.20 -9.21
N LEU F 193 -44.13 22.27 -8.88
CA LEU F 193 -42.85 22.58 -8.28
C LEU F 193 -41.77 21.80 -9.01
N GLN F 194 -40.62 22.47 -9.19
CA GLN F 194 -39.47 21.90 -9.86
C GLN F 194 -38.21 22.28 -9.12
N LEU F 195 -37.24 21.30 -9.09
CA LEU F 195 -35.86 21.44 -8.58
C LEU F 195 -34.81 21.22 -9.64
N ILE F 196 -33.79 22.06 -9.62
CA ILE F 196 -32.65 21.87 -10.54
C ILE F 196 -31.32 21.87 -9.78
N PHE F 197 -30.46 20.90 -10.07
CA PHE F 197 -29.10 20.93 -9.53
C PHE F 197 -28.07 21.09 -10.69
N PHE F 198 -27.47 22.27 -10.88
CA PHE F 198 -26.57 22.42 -12.04
C PHE F 198 -25.16 21.88 -11.74
N ASP F 199 -24.58 21.17 -12.70
CA ASP F 199 -23.13 20.94 -12.88
C ASP F 199 -22.42 22.17 -13.50
N GLY F 200 -21.12 22.27 -13.26
CA GLY F 200 -20.27 23.15 -14.06
C GLY F 200 -20.35 24.67 -13.84
N GLU F 201 -20.74 25.14 -12.66
CA GLU F 201 -20.89 26.55 -12.36
C GLU F 201 -19.56 27.27 -12.16
N GLU F 202 -18.60 26.64 -11.50
CA GLU F 202 -17.29 27.27 -11.27
C GLU F 202 -16.45 27.33 -12.53
N ALA F 203 -15.58 28.32 -12.61
CA ALA F 203 -14.58 28.26 -13.67
C ALA F 203 -13.53 27.17 -13.42
N PHE F 204 -13.03 26.52 -14.50
CA PHE F 204 -11.88 25.59 -14.37
C PHE F 204 -10.55 26.33 -14.08
N LEU F 205 -10.30 27.50 -14.74
CA LEU F 205 -9.05 28.29 -14.67
C LEU F 205 -9.19 29.79 -14.34
N HIS F 206 -9.94 30.51 -15.18
CA HIS F 206 -10.09 31.95 -15.03
C HIS F 206 -11.50 32.28 -15.52
N TRP F 207 -12.31 32.93 -14.66
CA TRP F 207 -13.71 33.25 -14.98
C TRP F 207 -13.85 34.16 -16.24
N SER F 208 -14.54 33.63 -17.27
CA SER F 208 -14.89 34.31 -18.49
C SER F 208 -16.27 33.86 -18.98
N PRO F 209 -16.78 34.41 -20.08
CA PRO F 209 -18.03 33.88 -20.67
C PRO F 209 -17.90 32.47 -21.19
N GLN F 210 -16.71 32.07 -21.66
CA GLN F 210 -16.52 30.66 -22.04
C GLN F 210 -16.10 29.73 -20.88
N ASP F 211 -15.53 30.22 -19.79
CA ASP F 211 -15.07 29.32 -18.73
C ASP F 211 -15.84 29.62 -17.43
N SER F 212 -17.05 29.04 -17.33
CA SER F 212 -18.01 29.16 -16.23
C SER F 212 -19.40 28.85 -16.77
N LEU F 213 -20.35 28.58 -15.85
CA LEU F 213 -21.81 28.29 -16.11
C LEU F 213 -21.99 27.30 -17.25
N TYR F 214 -21.15 26.26 -17.30
CA TYR F 214 -21.37 25.22 -18.30
C TYR F 214 -22.81 24.70 -18.26
N GLY F 215 -23.30 24.25 -17.11
CA GLY F 215 -24.57 23.54 -17.07
C GLY F 215 -25.80 24.45 -17.24
N SER F 216 -25.85 25.58 -16.55
CA SER F 216 -26.95 26.50 -16.70
C SER F 216 -27.06 27.08 -18.11
N ARG F 217 -25.90 27.36 -18.80
CA ARG F 217 -25.94 27.91 -20.17
C ARG F 217 -26.46 26.88 -21.18
N HIS F 218 -26.08 25.62 -21.02
CA HIS F 218 -26.65 24.52 -21.84
C HIS F 218 -28.14 24.29 -21.57
N LEU F 219 -28.59 24.36 -20.30
CA LEU F 219 -29.99 24.05 -19.98
C LEU F 219 -30.97 25.19 -20.37
N ALA F 220 -30.68 26.45 -20.02
CA ALA F 220 -31.47 27.57 -20.56
C ALA F 220 -31.74 27.41 -22.05
N ALA F 221 -30.72 27.06 -22.82
CA ALA F 221 -30.87 27.03 -24.26
C ALA F 221 -31.74 25.87 -24.69
N LYS F 222 -31.54 24.71 -24.07
CA LYS F 222 -32.38 23.54 -24.35
C LYS F 222 -33.86 23.84 -24.09
N MET F 223 -34.19 24.41 -22.92
CA MET F 223 -35.58 24.62 -22.56
C MET F 223 -36.26 25.60 -23.50
N ALA F 224 -35.48 26.53 -24.06
CA ALA F 224 -36.02 27.54 -24.97
C ALA F 224 -36.30 26.99 -26.37
N SER F 225 -35.73 25.83 -26.71
CA SER F 225 -36.06 25.15 -27.96
C SER F 225 -36.88 23.89 -27.74
N THR F 226 -37.55 23.78 -26.59
CA THR F 226 -38.42 22.63 -26.30
C THR F 226 -39.89 23.06 -26.18
N PRO F 227 -40.79 22.61 -27.03
CA PRO F 227 -42.18 23.02 -26.87
C PRO F 227 -42.73 22.51 -25.56
N HIS F 228 -43.51 23.36 -24.90
CA HIS F 228 -44.22 23.01 -23.68
C HIS F 228 -45.60 23.72 -23.68
N PRO F 229 -46.70 22.98 -23.34
CA PRO F 229 -46.64 21.56 -23.00
C PRO F 229 -46.55 20.69 -24.29
N PRO F 230 -46.29 19.39 -24.12
CA PRO F 230 -46.40 18.42 -25.22
C PRO F 230 -47.45 18.69 -26.27
N GLY F 231 -46.94 18.88 -27.50
CA GLY F 231 -47.74 19.19 -28.66
C GLY F 231 -47.96 20.65 -28.96
N ALA F 232 -47.43 21.57 -28.16
CA ALA F 232 -47.63 23.00 -28.38
C ALA F 232 -46.82 23.57 -29.58
N ARG F 233 -47.35 24.66 -30.19
CA ARG F 233 -46.81 25.27 -31.40
C ARG F 233 -46.08 26.61 -31.21
N GLY F 234 -46.38 27.39 -30.19
CA GLY F 234 -45.61 28.59 -29.94
C GLY F 234 -45.25 29.00 -28.50
N THR F 235 -45.01 28.03 -27.64
CA THR F 235 -44.70 28.29 -26.22
C THR F 235 -43.66 27.26 -25.79
N SER F 236 -42.66 27.65 -24.98
CA SER F 236 -41.49 26.80 -24.67
C SER F 236 -41.41 26.47 -23.17
N GLN F 237 -40.59 25.45 -22.81
CA GLN F 237 -40.37 25.10 -21.41
C GLN F 237 -39.97 26.32 -20.63
N LEU F 238 -39.15 27.17 -21.22
CA LEU F 238 -38.73 28.42 -20.61
C LEU F 238 -39.94 29.28 -20.23
N HIS F 239 -40.90 29.42 -21.14
CA HIS F 239 -42.07 30.23 -20.80
C HIS F 239 -42.80 29.75 -19.56
N GLY F 240 -42.58 28.45 -19.15
CA GLY F 240 -43.22 27.67 -18.10
C GLY F 240 -42.69 27.90 -16.72
N MET F 241 -41.55 28.62 -16.61
CA MET F 241 -40.88 28.91 -15.34
C MET F 241 -41.47 30.16 -14.71
N ASP F 242 -42.30 29.97 -13.69
CA ASP F 242 -42.99 31.07 -13.01
C ASP F 242 -42.02 32.09 -12.42
N LEU F 243 -41.02 31.60 -11.70
CA LEU F 243 -39.98 32.35 -11.01
C LEU F 243 -38.85 31.36 -10.73
N LEU F 244 -37.60 31.84 -10.92
CA LEU F 244 -36.35 31.12 -10.56
C LEU F 244 -35.77 31.64 -9.20
N VAL F 245 -35.88 30.82 -8.16
CA VAL F 245 -35.28 31.10 -6.84
C VAL F 245 -33.95 30.36 -6.77
N LEU F 246 -32.85 31.13 -6.85
CA LEU F 246 -31.51 30.59 -6.93
C LEU F 246 -30.77 30.85 -5.62
N LEU F 247 -30.30 29.77 -5.00
CA LEU F 247 -29.58 29.82 -3.73
C LEU F 247 -28.08 29.55 -3.93
N ASP F 248 -27.25 30.35 -3.29
CA ASP F 248 -25.82 30.28 -3.48
C ASP F 248 -25.19 30.96 -2.26
N LEU F 249 -24.13 30.33 -1.72
CA LEU F 249 -23.20 30.87 -0.72
C LEU F 249 -23.84 31.02 0.66
N ILE F 250 -24.69 30.05 1.06
CA ILE F 250 -25.49 30.06 2.28
C ILE F 250 -24.87 29.14 3.34
N GLY F 251 -24.92 29.58 4.62
CA GLY F 251 -24.44 28.82 5.75
C GLY F 251 -23.55 29.54 6.74
N ALA F 252 -22.89 30.62 6.36
CA ALA F 252 -22.26 31.46 7.32
C ALA F 252 -23.27 32.19 8.22
N PRO F 253 -22.80 32.76 9.32
CA PRO F 253 -23.66 33.58 10.17
C PRO F 253 -23.75 35.03 9.74
N ASN F 254 -24.90 35.69 10.06
CA ASN F 254 -25.14 37.11 9.73
C ASN F 254 -25.20 37.42 8.22
N PRO F 255 -25.86 36.65 7.39
CA PRO F 255 -26.02 37.07 5.98
C PRO F 255 -26.96 38.26 5.79
N THR F 256 -26.59 39.15 4.86
CA THR F 256 -27.50 40.21 4.43
C THR F 256 -27.77 40.12 2.92
N PHE F 257 -28.98 39.71 2.53
CA PHE F 257 -29.31 39.48 1.12
C PHE F 257 -29.99 40.71 0.53
N PRO F 258 -29.47 41.30 -0.57
CA PRO F 258 -30.14 42.45 -1.18
C PRO F 258 -31.23 42.12 -2.18
N ASN F 259 -31.91 43.19 -2.59
CA ASN F 259 -33.00 43.16 -3.58
C ASN F 259 -32.43 43.46 -4.94
N PHE F 260 -32.28 42.47 -5.78
CA PHE F 260 -31.62 42.73 -7.07
C PHE F 260 -32.56 43.25 -8.19
N PHE F 261 -33.85 42.86 -8.27
CA PHE F 261 -34.58 43.12 -9.51
C PHE F 261 -35.93 43.78 -9.25
N PRO F 262 -36.30 44.82 -10.02
CA PRO F 262 -37.63 45.44 -9.84
C PRO F 262 -38.79 44.54 -10.18
N ASN F 263 -38.70 43.66 -11.19
CA ASN F 263 -39.80 42.79 -11.54
C ASN F 263 -40.07 41.62 -10.58
N SER F 264 -39.12 41.25 -9.67
CA SER F 264 -39.38 40.23 -8.63
C SER F 264 -39.54 40.84 -7.23
N ALA F 265 -39.52 42.18 -7.13
CA ALA F 265 -39.41 42.78 -5.81
C ALA F 265 -40.58 42.47 -4.86
N ARG F 266 -41.75 42.04 -5.35
CA ARG F 266 -42.82 41.75 -4.39
C ARG F 266 -42.71 40.37 -3.80
N TRP F 267 -42.01 39.46 -4.48
CA TRP F 267 -41.72 38.16 -3.89
C TRP F 267 -40.63 38.25 -2.81
N PHE F 268 -39.77 39.26 -2.90
CA PHE F 268 -38.77 39.56 -1.89
C PHE F 268 -39.41 40.17 -0.63
N GLU F 269 -40.32 41.12 -0.81
CA GLU F 269 -41.08 41.67 0.30
C GLU F 269 -41.90 40.60 1.02
N ARG F 270 -42.46 39.63 0.28
CA ARG F 270 -43.09 38.50 0.94
C ARG F 270 -42.10 37.72 1.82
N LEU F 271 -40.79 37.68 1.45
CA LEU F 271 -39.79 37.05 2.32
C LEU F 271 -39.51 37.90 3.55
N GLN F 272 -39.31 39.20 3.37
CA GLN F 272 -38.95 39.94 4.57
C GLN F 272 -40.13 40.12 5.53
N ALA F 273 -41.37 39.87 5.07
CA ALA F 273 -42.57 39.88 5.92
C ALA F 273 -42.74 38.58 6.69
N ILE F 274 -42.56 37.46 6.01
CA ILE F 274 -42.48 36.15 6.63
C ILE F 274 -41.42 36.08 7.73
N GLU F 275 -40.23 36.60 7.47
CA GLU F 275 -39.18 36.56 8.48
C GLU F 275 -39.68 37.21 9.78
N HIS F 276 -40.33 38.37 9.64
CA HIS F 276 -40.76 39.21 10.75
C HIS F 276 -41.92 38.59 11.54
N GLU F 277 -42.87 37.96 10.88
CA GLU F 277 -43.89 37.25 11.62
C GLU F 277 -43.26 36.16 12.47
N LEU F 278 -42.36 35.37 11.88
CA LEU F 278 -41.84 34.22 12.62
C LEU F 278 -40.99 34.61 13.83
N HIS F 279 -40.35 35.77 13.84
CA HIS F 279 -39.67 36.29 15.02
C HIS F 279 -40.67 36.59 16.12
N GLU F 280 -41.73 37.34 15.76
CA GLU F 280 -42.76 37.81 16.68
C GLU F 280 -43.51 36.68 17.36
N LEU F 281 -43.78 35.61 16.65
CA LEU F 281 -44.26 34.38 17.30
C LEU F 281 -43.13 33.58 17.99
N GLY F 282 -41.97 34.15 18.17
CA GLY F 282 -40.86 33.43 18.77
C GLY F 282 -40.48 32.07 18.17
N LEU F 283 -40.55 31.89 16.84
CA LEU F 283 -40.21 30.59 16.21
C LEU F 283 -38.90 30.64 15.43
N LEU F 284 -38.14 31.73 15.56
CA LEU F 284 -36.73 31.73 15.18
C LEU F 284 -35.85 31.69 16.44
N LYS F 285 -34.62 31.23 16.28
CA LYS F 285 -33.72 30.97 17.39
C LYS F 285 -32.47 31.78 17.13
N ASP F 286 -31.93 32.37 18.19
CA ASP F 286 -30.73 33.18 18.04
C ASP F 286 -30.88 34.20 16.94
N HIS F 287 -32.10 34.68 16.72
CA HIS F 287 -32.43 35.70 15.73
C HIS F 287 -32.80 37.02 16.38
N SER F 288 -32.41 38.13 15.74
CA SER F 288 -32.79 39.48 16.14
C SER F 288 -33.25 40.31 14.92
N LEU F 289 -34.05 41.34 15.18
CA LEU F 289 -34.54 42.19 14.07
C LEU F 289 -33.59 43.28 13.67
N GLU F 290 -32.61 43.62 14.50
CA GLU F 290 -31.51 44.47 14.02
C GLU F 290 -30.57 43.72 13.08
N GLY F 291 -30.61 42.37 13.11
CA GLY F 291 -29.88 41.55 12.18
C GLY F 291 -30.79 40.79 11.23
N ARG F 292 -31.61 41.51 10.46
CA ARG F 292 -32.50 40.88 9.49
C ARG F 292 -31.68 40.27 8.36
N TYR F 293 -32.03 39.05 7.94
CA TYR F 293 -31.36 38.49 6.77
C TYR F 293 -31.70 39.31 5.57
N PHE F 294 -32.99 39.60 5.40
CA PHE F 294 -33.52 40.28 4.19
C PHE F 294 -33.77 41.74 4.46
N GLN F 295 -32.84 42.58 4.06
CA GLN F 295 -32.90 43.97 4.38
C GLN F 295 -33.37 44.74 3.16
N ASN F 296 -34.17 45.76 3.41
CA ASN F 296 -34.78 46.59 2.41
C ASN F 296 -33.78 47.46 1.65
N TYR F 297 -32.70 46.86 1.15
CA TYR F 297 -31.67 47.61 0.44
C TYR F 297 -31.44 46.90 -0.90
N SER F 298 -31.67 47.61 -2.00
CA SER F 298 -31.54 47.03 -3.34
C SER F 298 -30.08 47.11 -3.81
N TYR F 299 -29.82 46.54 -5.00
CA TYR F 299 -28.47 46.47 -5.60
C TYR F 299 -28.60 46.56 -7.13
N GLY F 300 -27.85 47.49 -7.73
CA GLY F 300 -27.79 47.68 -9.18
C GLY F 300 -27.02 46.56 -9.89
N GLY F 301 -25.73 46.42 -9.57
CA GLY F 301 -24.81 45.62 -10.38
C GLY F 301 -24.81 44.11 -10.22
N VAL F 302 -25.49 43.41 -11.12
CA VAL F 302 -25.63 41.96 -11.03
C VAL F 302 -24.31 41.30 -10.59
N ILE F 303 -24.44 40.20 -9.90
CA ILE F 303 -23.36 39.27 -9.63
C ILE F 303 -23.50 38.12 -10.62
N GLN F 304 -22.41 37.69 -11.20
CA GLN F 304 -22.58 36.65 -12.22
C GLN F 304 -22.74 35.27 -11.57
N ASP F 305 -23.76 34.55 -12.01
CA ASP F 305 -24.15 33.31 -11.39
C ASP F 305 -25.04 32.56 -12.40
N ASP F 306 -25.65 31.42 -11.96
CA ASP F 306 -26.38 30.53 -12.86
C ASP F 306 -27.65 31.17 -13.38
N HIS F 307 -28.04 32.33 -12.87
CA HIS F 307 -29.29 32.93 -13.35
C HIS F 307 -29.11 33.66 -14.69
N ILE F 308 -27.86 34.12 -15.01
CA ILE F 308 -27.64 35.00 -16.18
C ILE F 308 -28.26 34.46 -17.44
N PRO F 309 -28.08 33.17 -17.82
CA PRO F 309 -28.71 32.70 -19.08
C PRO F 309 -30.23 32.73 -19.12
N PHE F 310 -30.91 32.48 -18.01
CA PHE F 310 -32.39 32.56 -17.93
C PHE F 310 -32.86 34.01 -17.85
N LEU F 311 -32.14 34.85 -17.09
CA LEU F 311 -32.55 36.24 -16.98
C LEU F 311 -32.54 36.91 -18.36
N ARG F 312 -31.54 36.60 -19.19
CA ARG F 312 -31.40 37.33 -20.41
C ARG F 312 -32.42 36.90 -21.47
N ARG F 313 -33.17 35.83 -21.25
CA ARG F 313 -34.34 35.45 -22.07
C ARG F 313 -35.69 35.77 -21.43
N GLY F 314 -35.73 36.53 -20.35
CA GLY F 314 -36.97 37.05 -19.80
C GLY F 314 -37.53 36.36 -18.54
N VAL F 315 -36.80 35.44 -17.91
CA VAL F 315 -37.30 34.70 -16.73
C VAL F 315 -37.11 35.57 -15.48
N PRO F 316 -38.14 35.71 -14.63
CA PRO F 316 -37.94 36.46 -13.37
C PRO F 316 -37.21 35.61 -12.33
N VAL F 317 -36.32 36.29 -11.58
CA VAL F 317 -35.28 35.64 -10.77
C VAL F 317 -35.32 36.25 -9.38
N LEU F 318 -35.41 35.40 -8.38
CA LEU F 318 -35.18 35.79 -6.98
C LEU F 318 -33.81 35.18 -6.56
N HIS F 319 -32.79 35.99 -6.62
CA HIS F 319 -31.42 35.50 -6.45
C HIS F 319 -31.09 35.57 -4.95
N LEU F 320 -31.13 34.43 -4.24
CA LEU F 320 -30.73 34.37 -2.83
C LEU F 320 -29.22 34.11 -2.69
N ILE F 321 -28.41 35.15 -2.87
CA ILE F 321 -26.97 35.10 -2.65
C ILE F 321 -26.61 36.28 -1.72
N PRO F 322 -25.69 36.17 -0.75
CA PRO F 322 -25.45 37.32 0.13
C PRO F 322 -24.49 38.37 -0.44
N SER F 323 -24.62 39.58 0.11
CA SER F 323 -23.61 40.61 -0.09
C SER F 323 -23.32 41.27 1.26
N PRO F 324 -22.06 41.19 1.68
CA PRO F 324 -20.87 40.61 1.01
C PRO F 324 -20.80 39.10 1.17
N PHE F 325 -19.88 38.48 0.45
CA PHE F 325 -19.75 37.03 0.41
C PHE F 325 -19.22 36.55 1.77
N PRO F 326 -19.50 35.28 2.14
CA PRO F 326 -18.77 34.67 3.26
C PRO F 326 -17.28 35.01 3.26
N GLU F 327 -16.85 35.33 4.46
CA GLU F 327 -15.44 35.53 4.75
C GLU F 327 -14.59 34.40 4.21
N VAL F 328 -14.99 33.14 4.47
CA VAL F 328 -14.19 31.97 4.06
C VAL F 328 -14.20 31.62 2.57
N TRP F 329 -14.71 32.52 1.73
CA TRP F 329 -15.04 32.23 0.35
C TRP F 329 -13.81 31.85 -0.45
N HIS F 330 -13.88 30.68 -1.12
CA HIS F 330 -12.77 30.12 -1.90
C HIS F 330 -11.46 30.05 -1.11
N THR F 331 -11.57 29.71 0.17
CA THR F 331 -10.42 29.26 0.95
C THR F 331 -10.69 27.85 1.47
N MET F 332 -9.63 27.19 1.95
CA MET F 332 -9.71 25.86 2.59
C MET F 332 -10.51 25.85 3.89
N ASP F 333 -10.72 27.01 4.51
CA ASP F 333 -11.57 27.07 5.69
C ASP F 333 -13.11 27.09 5.46
N ASP F 334 -13.62 26.96 4.22
CA ASP F 334 -15.05 26.84 3.96
C ASP F 334 -15.45 25.39 4.21
N ASN F 335 -15.62 25.08 5.49
CA ASN F 335 -15.86 23.70 5.92
C ASN F 335 -17.08 23.61 6.85
N GLU F 336 -17.39 22.39 7.31
CA GLU F 336 -18.43 22.12 8.32
C GLU F 336 -18.20 22.90 9.64
N GLU F 337 -16.94 22.98 10.11
CA GLU F 337 -16.68 23.66 11.39
C GLU F 337 -17.28 25.06 11.36
N ASN F 338 -17.01 25.84 10.28
CA ASN F 338 -17.38 27.25 10.22
C ASN F 338 -18.85 27.53 9.78
N LEU F 339 -19.73 26.55 9.60
CA LEU F 339 -21.16 26.86 9.39
C LEU F 339 -21.89 27.19 10.70
N ASP F 340 -23.09 27.73 10.57
CA ASP F 340 -23.94 28.12 11.69
C ASP F 340 -25.29 27.40 11.65
N GLU F 341 -25.46 26.41 12.54
CA GLU F 341 -26.71 25.63 12.63
C GLU F 341 -27.96 26.53 12.71
N SER F 342 -27.89 27.61 13.49
CA SER F 342 -29.14 28.30 13.82
C SER F 342 -29.64 29.17 12.66
N THR F 343 -28.73 29.90 12.00
CA THR F 343 -29.00 30.54 10.71
C THR F 343 -29.63 29.59 9.66
N ILE F 344 -29.09 28.36 9.51
CA ILE F 344 -29.61 27.46 8.46
C ILE F 344 -30.98 26.88 8.79
N ASP F 345 -31.28 26.71 10.08
CA ASP F 345 -32.60 26.25 10.58
C ASP F 345 -33.68 27.31 10.31
N ASN F 346 -33.36 28.58 10.64
CA ASN F 346 -34.23 29.72 10.39
C ASN F 346 -34.51 29.94 8.90
N LEU F 347 -33.50 29.70 8.02
CA LEU F 347 -33.74 29.87 6.59
C LEU F 347 -34.56 28.72 6.00
N ASN F 348 -34.40 27.51 6.48
CA ASN F 348 -35.22 26.42 6.00
C ASN F 348 -36.72 26.67 6.24
N LYS F 349 -37.03 27.45 7.28
CA LYS F 349 -38.41 27.64 7.74
C LYS F 349 -39.11 28.76 6.98
N ILE F 350 -38.42 29.90 6.84
CA ILE F 350 -38.80 30.98 5.96
C ILE F 350 -39.03 30.53 4.52
N LEU F 351 -38.26 29.53 4.05
CA LEU F 351 -38.37 29.14 2.66
C LEU F 351 -39.51 28.16 2.50
N GLN F 352 -39.58 27.22 3.41
CA GLN F 352 -40.72 26.32 3.48
C GLN F 352 -42.05 27.08 3.47
N VAL F 353 -42.14 28.19 4.19
CA VAL F 353 -43.35 29.01 4.22
C VAL F 353 -43.64 29.60 2.83
N PHE F 354 -42.65 30.32 2.26
CA PHE F 354 -42.78 30.92 0.94
C PHE F 354 -43.33 29.94 -0.10
N VAL F 355 -42.73 28.77 -0.19
CA VAL F 355 -43.18 27.81 -1.18
C VAL F 355 -44.66 27.52 -0.98
N LEU F 356 -45.01 27.00 0.20
CA LEU F 356 -46.39 26.66 0.45
C LEU F 356 -47.35 27.83 0.09
N GLU F 357 -47.01 29.08 0.47
CA GLU F 357 -47.87 30.21 0.12
C GLU F 357 -48.05 30.31 -1.38
N TYR F 358 -47.00 29.91 -2.16
CA TYR F 358 -46.97 30.10 -3.62
C TYR F 358 -47.84 29.07 -4.32
N LEU F 359 -47.66 27.83 -3.96
CA LEU F 359 -48.46 26.72 -4.41
C LEU F 359 -49.83 26.62 -3.70
N HIS F 360 -50.30 27.62 -2.95
CA HIS F 360 -51.56 27.56 -2.22
C HIS F 360 -51.73 26.21 -1.53
N LEU F 361 -50.97 25.98 -0.42
CA LEU F 361 -50.87 24.63 0.15
C LEU F 361 -50.77 24.56 1.67
N ALA G 33 43.73 -5.08 20.04
CA ALA G 33 44.13 -6.45 20.35
C ALA G 33 44.88 -7.05 19.15
N SER G 34 45.80 -8.02 19.40
CA SER G 34 46.58 -8.63 18.33
C SER G 34 45.64 -8.94 17.15
N ALA G 35 46.25 -9.18 16.00
CA ALA G 35 45.56 -9.12 14.73
C ALA G 35 45.36 -10.49 14.11
N TRP G 36 45.57 -11.55 14.86
CA TRP G 36 45.48 -12.85 14.18
C TRP G 36 44.13 -13.04 13.48
N PRO G 37 43.01 -12.37 13.91
CA PRO G 37 41.76 -12.53 13.12
C PRO G 37 41.88 -12.04 11.69
N GLU G 38 43.06 -11.49 11.30
CA GLU G 38 43.37 -11.12 9.91
C GLU G 38 43.80 -12.29 9.06
N GLU G 39 44.44 -13.25 9.71
CA GLU G 39 45.12 -14.37 9.04
C GLU G 39 44.21 -15.09 8.04
N LYS G 40 42.91 -15.25 8.35
CA LYS G 40 42.05 -16.05 7.48
C LYS G 40 41.91 -15.47 6.08
N ASN G 41 41.95 -14.13 5.98
CA ASN G 41 41.85 -13.46 4.69
C ASN G 41 43.07 -13.74 3.83
N TYR G 42 44.18 -14.19 4.44
CA TYR G 42 45.38 -14.48 3.67
C TYR G 42 45.63 -15.98 3.46
N HIS G 43 44.96 -16.87 4.20
CA HIS G 43 45.23 -18.31 4.11
C HIS G 43 45.10 -18.80 2.67
N GLN G 44 45.98 -19.72 2.33
CA GLN G 44 46.00 -20.35 1.03
C GLN G 44 46.07 -21.87 1.21
N PRO G 45 45.47 -22.64 0.30
CA PRO G 45 45.53 -24.12 0.40
C PRO G 45 46.88 -24.72 -0.02
N ALA G 46 47.02 -26.01 0.24
CA ALA G 46 48.19 -26.81 -0.15
C ALA G 46 47.76 -27.95 -1.10
N ILE G 47 47.78 -27.67 -2.42
CA ILE G 47 47.20 -28.57 -3.42
C ILE G 47 47.94 -29.91 -3.50
N LEU G 48 47.13 -30.99 -3.62
CA LEU G 48 47.57 -32.39 -3.70
C LEU G 48 47.86 -32.79 -5.14
N ASN G 49 48.81 -33.75 -5.28
CA ASN G 49 49.23 -34.32 -6.57
C ASN G 49 48.26 -35.44 -6.97
N SER G 50 48.48 -36.00 -8.17
CA SER G 50 47.58 -37.04 -8.70
C SER G 50 47.68 -38.33 -7.91
N SER G 51 48.90 -38.73 -7.51
CA SER G 51 49.05 -39.94 -6.67
C SER G 51 48.35 -39.82 -5.31
N ALA G 52 48.29 -38.62 -4.71
CA ALA G 52 47.67 -38.43 -3.39
C ALA G 52 46.15 -38.27 -3.49
N LEU G 53 45.63 -37.76 -4.61
CA LEU G 53 44.19 -37.83 -4.82
C LEU G 53 43.70 -39.28 -4.87
N ARG G 54 44.39 -40.13 -5.64
CA ARG G 54 43.99 -41.53 -5.72
C ARG G 54 43.93 -42.15 -4.35
N GLN G 55 44.89 -41.82 -3.48
CA GLN G 55 44.88 -42.48 -2.18
C GLN G 55 43.60 -42.19 -1.43
N ILE G 56 42.98 -41.03 -1.68
CA ILE G 56 41.87 -40.56 -0.84
C ILE G 56 40.61 -41.30 -1.18
N ALA G 57 40.35 -41.46 -2.49
CA ALA G 57 39.30 -42.35 -2.96
C ALA G 57 39.38 -43.73 -2.30
N GLU G 58 40.54 -44.38 -2.39
CA GLU G 58 40.68 -45.67 -1.76
C GLU G 58 40.39 -45.60 -0.27
N GLY G 59 40.70 -44.47 0.37
CA GLY G 59 40.57 -44.33 1.82
C GLY G 59 39.14 -44.30 2.33
N THR G 60 38.16 -44.07 1.45
CA THR G 60 36.78 -43.78 1.85
C THR G 60 35.82 -44.89 1.39
N SER G 61 34.99 -45.37 2.34
CA SER G 61 34.04 -46.44 2.07
C SER G 61 32.59 -46.10 2.46
N ILE G 62 31.75 -45.97 1.43
CA ILE G 62 30.33 -45.59 1.54
C ILE G 62 29.49 -46.63 2.25
N SER G 63 29.82 -47.90 2.07
CA SER G 63 29.00 -48.97 2.61
C SER G 63 29.25 -49.13 4.08
N GLU G 64 30.47 -48.76 4.51
CA GLU G 64 30.80 -48.68 5.93
C GLU G 64 30.08 -47.51 6.59
N MET G 65 30.04 -46.35 5.93
CA MET G 65 29.19 -45.26 6.36
C MET G 65 27.75 -45.70 6.43
N TRP G 66 27.24 -46.24 5.31
CA TRP G 66 25.86 -46.65 5.16
C TRP G 66 25.39 -47.53 6.33
N GLN G 67 26.21 -48.53 6.73
CA GLN G 67 25.87 -49.48 7.78
C GLN G 67 26.14 -48.94 9.19
N ASN G 68 27.37 -48.41 9.42
CA ASN G 68 27.82 -48.08 10.78
C ASN G 68 27.57 -46.63 11.20
N ASP G 69 27.48 -45.71 10.23
CA ASP G 69 27.26 -44.29 10.52
C ASP G 69 25.82 -43.85 10.27
N LEU G 70 25.29 -44.14 9.06
CA LEU G 70 24.02 -43.56 8.57
C LEU G 70 22.77 -44.27 9.11
N GLN G 71 22.67 -45.58 8.92
CA GLN G 71 21.43 -46.29 9.24
C GLN G 71 20.93 -46.09 10.68
N PRO G 72 21.78 -46.00 11.71
CA PRO G 72 21.23 -45.84 13.06
C PRO G 72 20.61 -44.46 13.32
N LEU G 73 20.75 -43.51 12.38
CA LEU G 73 20.13 -42.19 12.46
C LEU G 73 18.75 -42.11 11.81
N LEU G 74 18.44 -42.95 10.81
CA LEU G 74 17.11 -42.97 10.18
C LEU G 74 15.96 -43.31 11.14
N ILE G 75 15.62 -42.38 12.04
CA ILE G 75 14.66 -42.55 13.13
C ILE G 75 14.05 -41.20 13.59
N GLU G 76 12.86 -41.27 14.18
CA GLU G 76 12.23 -40.07 14.73
C GLU G 76 13.07 -39.46 15.82
N ARG G 77 13.57 -38.24 15.59
CA ARG G 77 14.54 -37.58 16.48
C ARG G 77 14.30 -36.09 16.58
N TYR G 78 13.01 -35.66 16.64
CA TYR G 78 12.73 -34.23 16.85
C TYR G 78 13.22 -33.84 18.27
N PRO G 79 13.54 -32.56 18.51
CA PRO G 79 13.96 -32.13 19.87
C PRO G 79 13.06 -32.61 21.00
N GLY G 80 13.69 -33.12 22.08
CA GLY G 80 13.05 -33.68 23.24
C GLY G 80 12.61 -35.14 23.14
N SER G 81 12.66 -35.74 21.99
CA SER G 81 12.15 -37.08 21.84
C SER G 81 13.23 -38.10 22.19
N PRO G 82 12.82 -39.36 22.50
CA PRO G 82 13.83 -40.42 22.84
C PRO G 82 14.77 -40.73 21.71
N GLY G 83 14.45 -40.27 20.50
CA GLY G 83 15.33 -40.38 19.38
C GLY G 83 16.45 -39.35 19.35
N SER G 84 16.15 -38.12 19.81
CA SER G 84 17.18 -37.10 19.98
C SER G 84 18.34 -37.65 20.79
N TYR G 85 18.02 -38.24 21.94
CA TYR G 85 19.01 -38.80 22.85
C TYR G 85 19.79 -39.98 22.24
N ALA G 86 19.07 -41.01 21.74
CA ALA G 86 19.73 -42.08 21.01
C ALA G 86 20.69 -41.56 19.97
N ALA G 87 20.28 -40.51 19.21
CA ALA G 87 21.08 -40.01 18.10
C ALA G 87 22.35 -39.31 18.59
N ARG G 88 22.26 -38.54 19.65
CA ARG G 88 23.38 -37.86 20.28
C ARG G 88 24.41 -38.87 20.84
N GLN G 89 23.93 -39.98 21.41
CA GLN G 89 24.87 -40.96 21.93
C GLN G 89 25.56 -41.73 20.80
N HIS G 90 24.83 -42.03 19.74
CA HIS G 90 25.46 -42.74 18.64
C HIS G 90 26.55 -41.91 18.01
N ILE G 91 26.34 -40.59 17.93
CA ILE G 91 27.30 -39.69 17.30
C ILE G 91 28.54 -39.58 18.17
N MET G 92 28.33 -39.54 19.47
CA MET G 92 29.44 -39.42 20.40
C MET G 92 30.33 -40.67 20.34
N GLN G 93 29.69 -41.84 20.37
CA GLN G 93 30.40 -43.11 20.41
C GLN G 93 31.20 -43.34 19.16
N ARG G 94 30.68 -42.98 18.01
CA ARG G 94 31.42 -43.19 16.79
C ARG G 94 32.68 -42.34 16.73
N ILE G 95 32.71 -41.24 17.48
CA ILE G 95 33.88 -40.37 17.50
C ILE G 95 34.90 -40.82 18.56
N GLN G 96 34.44 -41.08 19.78
CA GLN G 96 35.33 -41.52 20.84
C GLN G 96 36.19 -42.71 20.40
N ARG G 97 35.65 -43.56 19.56
CA ARG G 97 36.33 -44.76 19.13
C ARG G 97 37.40 -44.49 18.07
N LEU G 98 37.75 -43.24 17.81
CA LEU G 98 38.86 -42.95 16.92
C LEU G 98 40.12 -42.63 17.76
N GLN G 99 41.24 -42.57 17.05
CA GLN G 99 42.52 -42.37 17.70
C GLN G 99 42.77 -40.89 17.97
N ALA G 100 42.52 -40.06 16.95
CA ALA G 100 42.69 -38.62 17.04
C ALA G 100 42.03 -38.09 18.29
N ASP G 101 42.68 -37.10 18.88
CA ASP G 101 42.39 -36.56 20.23
C ASP G 101 41.25 -35.52 20.16
N TRP G 102 40.00 -36.03 20.08
CA TRP G 102 38.83 -35.16 19.88
C TRP G 102 38.35 -34.74 21.24
N VAL G 103 38.01 -33.46 21.36
CA VAL G 103 37.39 -32.98 22.60
C VAL G 103 35.94 -32.69 22.28
N LEU G 104 35.06 -33.19 23.16
CA LEU G 104 33.63 -33.21 23.03
C LEU G 104 32.99 -32.39 24.11
N GLU G 105 32.07 -31.51 23.68
CA GLU G 105 31.26 -30.68 24.55
C GLU G 105 29.83 -30.93 24.13
N ILE G 106 28.97 -31.09 25.14
CA ILE G 106 27.52 -31.03 25.00
C ILE G 106 27.11 -29.67 25.51
N ASP G 107 26.31 -28.92 24.70
CA ASP G 107 25.91 -27.54 25.00
C ASP G 107 24.39 -27.48 25.15
N THR G 108 23.95 -27.51 26.41
CA THR G 108 22.57 -27.79 26.73
C THR G 108 21.92 -26.55 27.29
N PHE G 109 20.76 -26.16 26.69
CA PHE G 109 20.14 -24.87 26.99
C PHE G 109 18.62 -25.01 26.93
N LEU G 110 17.96 -24.09 27.64
CA LEU G 110 16.52 -23.95 27.65
C LEU G 110 16.04 -22.80 26.76
N SER G 111 15.12 -23.06 25.85
CA SER G 111 14.45 -22.00 25.08
C SER G 111 12.92 -22.14 25.03
N GLN G 112 12.23 -21.04 24.75
CA GLN G 112 10.78 -21.05 24.62
C GLN G 112 10.40 -21.43 23.18
N THR G 113 9.22 -22.07 23.01
CA THR G 113 8.68 -22.53 21.72
C THR G 113 7.15 -22.32 21.67
N PRO G 114 6.50 -22.55 20.51
CA PRO G 114 5.02 -22.50 20.45
C PRO G 114 4.31 -23.45 21.36
N TYR G 115 4.97 -24.53 21.79
CA TYR G 115 4.40 -25.49 22.72
C TYR G 115 4.97 -25.33 24.15
N GLY G 116 5.68 -24.23 24.40
CA GLY G 116 6.23 -23.95 25.71
C GLY G 116 7.72 -24.19 25.78
N TYR G 117 8.20 -24.14 27.00
CA TYR G 117 9.61 -24.35 27.28
C TYR G 117 10.07 -25.73 26.89
N ARG G 118 11.30 -25.79 26.39
CA ARG G 118 11.89 -27.05 25.96
C ARG G 118 13.41 -26.88 26.06
N SER G 119 14.14 -27.98 26.33
CA SER G 119 15.59 -28.06 26.35
C SER G 119 16.13 -28.70 25.07
N PHE G 120 17.29 -28.22 24.60
CA PHE G 120 17.98 -28.65 23.38
C PHE G 120 19.47 -28.95 23.70
N SER G 121 20.18 -29.71 22.86
CA SER G 121 21.64 -29.89 23.10
C SER G 121 22.41 -29.93 21.77
N ASN G 122 23.19 -28.88 21.49
CA ASN G 122 24.17 -28.94 20.42
C ASN G 122 25.31 -29.87 20.83
N ILE G 123 25.91 -30.57 19.84
CA ILE G 123 27.09 -31.41 20.05
C ILE G 123 28.27 -30.74 19.32
N ILE G 124 29.41 -30.61 20.00
CA ILE G 124 30.59 -29.90 19.47
C ILE G 124 31.85 -30.76 19.67
N SER G 125 32.60 -30.95 18.60
CA SER G 125 33.73 -31.85 18.59
C SER G 125 34.96 -31.13 18.05
N THR G 126 36.00 -30.99 18.90
CA THR G 126 37.16 -30.15 18.60
C THR G 126 38.51 -30.87 18.76
N LEU G 127 39.37 -30.65 17.74
CA LEU G 127 40.79 -30.99 17.73
C LEU G 127 41.64 -29.76 18.10
N ASN G 128 42.28 -29.80 19.28
CA ASN G 128 43.18 -28.71 19.70
C ASN G 128 42.39 -27.50 20.12
N PRO G 129 41.70 -27.57 21.26
CA PRO G 129 40.75 -26.49 21.60
C PRO G 129 41.39 -25.14 21.69
N THR G 130 42.69 -25.12 21.93
CA THR G 130 43.48 -23.98 22.36
C THR G 130 43.99 -23.15 21.20
N ALA G 131 44.18 -23.79 20.03
CA ALA G 131 44.55 -23.11 18.78
C ALA G 131 43.60 -21.95 18.48
N LYS G 132 44.14 -20.83 18.05
CA LYS G 132 43.24 -19.69 17.85
C LYS G 132 42.22 -19.94 16.77
N ARG G 133 42.62 -20.65 15.70
CA ARG G 133 41.91 -20.78 14.44
C ARG G 133 41.42 -22.20 14.16
N HIS G 134 40.18 -22.32 13.66
CA HIS G 134 39.57 -23.63 13.38
C HIS G 134 38.76 -23.54 12.09
N LEU G 135 38.96 -24.52 11.22
CA LEU G 135 38.03 -24.77 10.13
C LEU G 135 36.85 -25.56 10.68
N VAL G 136 35.63 -25.13 10.32
CA VAL G 136 34.41 -25.65 10.92
C VAL G 136 33.50 -26.32 9.89
N LEU G 137 33.10 -27.56 10.18
CA LEU G 137 32.12 -28.31 9.38
C LEU G 137 30.82 -28.44 10.16
N ALA G 138 29.67 -28.10 9.52
CA ALA G 138 28.43 -28.16 10.31
C ALA G 138 27.23 -28.72 9.53
N CYS G 139 26.28 -29.26 10.29
CA CYS G 139 24.98 -29.72 9.81
C CYS G 139 24.05 -29.69 11.02
N HIS G 140 22.79 -30.09 10.82
CA HIS G 140 21.84 -30.21 11.94
C HIS G 140 21.40 -31.65 12.12
N TYR G 141 21.23 -32.06 13.36
CA TYR G 141 20.96 -33.47 13.65
C TYR G 141 19.53 -33.72 14.13
N ASP G 142 18.74 -32.68 14.42
CA ASP G 142 17.30 -32.89 14.67
C ASP G 142 16.56 -33.19 13.37
N SER G 143 15.40 -33.84 13.52
CA SER G 143 14.44 -34.06 12.43
C SER G 143 13.11 -33.32 12.70
N LYS G 144 12.50 -32.76 11.65
CA LYS G 144 11.28 -31.97 11.78
C LYS G 144 10.10 -32.71 12.43
N TYR G 145 9.48 -32.06 13.41
CA TYR G 145 8.34 -32.65 14.09
C TYR G 145 7.11 -32.69 13.18
N PHE G 146 6.48 -33.87 13.10
CA PHE G 146 5.21 -34.16 12.39
C PHE G 146 4.39 -35.20 13.17
N SER G 147 3.07 -35.22 12.95
CA SER G 147 2.28 -36.39 13.38
C SER G 147 2.63 -37.61 12.48
N HIS G 148 2.02 -38.79 12.75
CA HIS G 148 2.31 -40.00 11.94
C HIS G 148 1.30 -40.10 10.78
N TRP G 149 1.61 -39.37 9.70
CA TRP G 149 0.69 -39.16 8.59
C TRP G 149 0.67 -40.40 7.67
N ASN G 150 -0.54 -40.84 7.30
CA ASN G 150 -0.74 -42.03 6.49
C ASN G 150 -0.06 -43.23 7.11
N ASN G 151 0.06 -43.18 8.44
CA ASN G 151 0.73 -44.20 9.24
C ASN G 151 2.18 -44.37 8.82
N ARG G 152 2.84 -43.25 8.56
CA ARG G 152 4.27 -43.24 8.30
C ARG G 152 4.97 -42.30 9.28
N VAL G 153 6.32 -42.33 9.23
CA VAL G 153 7.15 -41.58 10.15
C VAL G 153 8.18 -40.80 9.32
N PHE G 154 8.41 -39.53 9.71
CA PHE G 154 9.35 -38.68 9.03
C PHE G 154 10.71 -38.86 9.66
N VAL G 155 11.74 -39.07 8.84
CA VAL G 155 13.09 -39.35 9.35
C VAL G 155 14.18 -38.61 8.59
N GLY G 156 13.80 -37.73 7.65
CA GLY G 156 14.73 -36.78 7.06
C GLY G 156 16.06 -37.32 6.58
N ALA G 157 16.02 -38.12 5.49
CA ALA G 157 17.21 -38.85 5.09
C ALA G 157 18.22 -37.91 4.44
N THR G 158 17.75 -36.96 3.63
CA THR G 158 18.62 -35.87 3.21
C THR G 158 18.66 -34.72 4.23
N ASP G 159 17.75 -34.72 5.20
CA ASP G 159 17.41 -33.52 5.97
C ASP G 159 17.40 -33.82 7.48
N SER G 160 18.59 -33.99 8.06
CA SER G 160 19.93 -33.92 7.42
C SER G 160 20.83 -35.11 7.94
N ALA G 161 20.35 -36.34 7.80
CA ALA G 161 21.06 -37.51 8.37
C ALA G 161 22.25 -37.94 7.53
N VAL G 162 22.15 -37.85 6.20
CA VAL G 162 23.30 -38.09 5.31
C VAL G 162 24.38 -37.08 5.68
N PRO G 163 24.14 -35.79 5.56
CA PRO G 163 25.18 -34.84 6.01
C PRO G 163 25.88 -35.24 7.33
N CYS G 164 25.15 -35.64 8.38
CA CYS G 164 25.81 -36.09 9.61
C CYS G 164 26.83 -37.19 9.30
N ALA G 165 26.38 -38.25 8.60
CA ALA G 165 27.20 -39.42 8.36
C ALA G 165 28.42 -39.11 7.50
N MET G 166 28.31 -38.20 6.56
CA MET G 166 29.50 -37.83 5.80
C MET G 166 30.53 -37.21 6.76
N MET G 167 30.06 -36.40 7.73
CA MET G 167 30.97 -35.84 8.73
C MET G 167 31.63 -36.94 9.53
N LEU G 168 30.82 -37.92 9.95
CA LEU G 168 31.38 -39.05 10.67
C LEU G 168 32.35 -39.88 9.79
N GLU G 169 32.03 -40.10 8.50
CA GLU G 169 32.97 -40.85 7.66
C GLU G 169 34.22 -40.03 7.27
N LEU G 170 34.22 -38.71 7.43
CA LEU G 170 35.44 -37.91 7.19
C LEU G 170 36.43 -38.07 8.35
N ALA G 171 35.96 -37.94 9.57
CA ALA G 171 36.88 -38.07 10.70
C ALA G 171 37.57 -39.41 10.72
N ARG G 172 36.88 -40.45 10.24
CA ARG G 172 37.41 -41.83 10.23
C ARG G 172 38.39 -42.04 9.07
N ALA G 173 38.01 -41.63 7.85
CA ALA G 173 38.91 -41.77 6.70
C ALA G 173 40.25 -41.10 6.98
N LEU G 174 40.23 -39.94 7.63
CA LEU G 174 41.42 -39.13 7.80
C LEU G 174 41.96 -39.14 9.24
N ASP G 175 41.41 -39.99 10.15
CA ASP G 175 41.88 -40.09 11.55
C ASP G 175 43.38 -40.21 11.65
N LYS G 176 44.00 -40.70 10.57
CA LYS G 176 45.46 -40.86 10.50
C LYS G 176 46.16 -39.51 10.37
N LYS G 177 45.87 -38.76 9.30
CA LYS G 177 46.47 -37.44 9.19
C LYS G 177 45.99 -36.52 10.31
N LEU G 178 44.76 -36.68 10.78
CA LEU G 178 44.27 -35.79 11.81
C LEU G 178 44.98 -36.01 13.15
N LEU G 179 45.52 -37.21 13.36
CA LEU G 179 46.32 -37.42 14.56
C LEU G 179 47.66 -36.70 14.52
N SER G 180 48.22 -36.43 13.34
CA SER G 180 49.50 -35.73 13.27
C SER G 180 49.39 -34.30 13.78
N LEU G 181 48.58 -34.11 14.85
CA LEU G 181 48.33 -32.83 15.52
C LEU G 181 48.29 -33.08 17.03
N LYS G 182 48.92 -34.15 17.51
CA LYS G 182 49.12 -34.42 18.93
C LYS G 182 47.88 -35.08 19.59
N PRO G 189 51.27 -21.84 10.79
CA PRO G 189 49.83 -21.54 10.90
C PRO G 189 49.21 -22.35 12.00
N ASP G 190 48.75 -21.66 13.05
CA ASP G 190 48.21 -22.34 14.23
C ASP G 190 46.70 -22.60 14.06
N LEU G 191 46.38 -23.74 13.47
CA LEU G 191 45.05 -24.02 12.92
C LEU G 191 44.71 -25.49 13.13
N SER G 192 43.44 -25.81 13.36
CA SER G 192 42.97 -27.21 13.53
C SER G 192 41.55 -27.34 12.96
N LEU G 193 40.77 -28.33 13.45
CA LEU G 193 39.45 -28.66 12.85
C LEU G 193 38.39 -28.77 13.93
N GLN G 194 37.17 -28.42 13.53
CA GLN G 194 36.03 -28.47 14.42
C GLN G 194 34.78 -28.92 13.66
N LEU G 195 33.93 -29.67 14.39
CA LEU G 195 32.64 -30.20 13.92
C LEU G 195 31.53 -29.75 14.84
N ILE G 196 30.48 -29.16 14.25
CA ILE G 196 29.28 -28.79 15.02
C ILE G 196 28.07 -29.53 14.49
N PHE G 197 27.24 -30.04 15.40
CA PHE G 197 26.01 -30.75 15.07
C PHE G 197 24.86 -30.05 15.79
N PHE G 198 24.15 -29.16 15.11
CA PHE G 198 23.09 -28.35 15.75
C PHE G 198 21.84 -29.17 16.10
N ASP G 199 21.22 -28.84 17.25
CA ASP G 199 19.85 -29.24 17.60
C ASP G 199 18.90 -28.08 17.18
N GLY G 200 17.63 -28.39 17.03
CA GLY G 200 16.60 -27.35 16.72
C GLY G 200 16.72 -26.46 15.50
N GLU G 201 17.09 -26.99 14.33
CA GLU G 201 17.08 -26.17 13.15
C GLU G 201 15.67 -25.94 12.60
N GLU G 202 14.80 -26.90 12.70
CA GLU G 202 13.51 -26.82 12.08
C GLU G 202 12.51 -26.15 13.02
N ALA G 203 11.55 -25.44 12.44
CA ALA G 203 10.43 -24.93 13.21
C ALA G 203 9.58 -26.06 13.80
N PHE G 204 9.00 -25.79 14.97
CA PHE G 204 8.04 -26.71 15.58
C PHE G 204 6.68 -26.57 14.92
N LEU G 205 6.20 -25.33 14.75
CA LEU G 205 4.84 -25.05 14.30
C LEU G 205 4.75 -24.24 13.01
N HIS G 206 5.41 -23.06 12.94
CA HIS G 206 5.39 -22.11 11.79
C HIS G 206 6.71 -21.32 11.77
N TRP G 207 7.51 -21.45 10.68
CA TRP G 207 8.81 -20.77 10.48
C TRP G 207 8.72 -19.25 10.67
N SER G 208 9.25 -18.79 11.77
CA SER G 208 9.46 -17.38 12.09
C SER G 208 10.80 -17.15 12.76
N PRO G 209 11.22 -15.90 12.93
CA PRO G 209 12.50 -15.67 13.61
C PRO G 209 12.58 -16.27 14.98
N GLN G 210 11.48 -16.34 15.70
CA GLN G 210 11.48 -16.88 17.06
C GLN G 210 11.18 -18.38 17.13
N ASP G 211 10.67 -18.97 16.06
CA ASP G 211 10.49 -20.41 15.90
C ASP G 211 11.33 -20.97 14.73
N SER G 212 12.63 -21.05 14.92
CA SER G 212 13.52 -21.79 14.05
C SER G 212 14.94 -21.61 14.60
N LEU G 213 15.92 -22.37 14.05
CA LEU G 213 17.35 -22.15 14.31
C LEU G 213 17.65 -21.92 15.80
N TYR G 214 17.03 -22.71 16.69
CA TYR G 214 17.22 -22.59 18.13
C TYR G 214 18.69 -22.82 18.55
N GLY G 215 19.39 -23.76 17.91
CA GLY G 215 20.69 -24.20 18.37
C GLY G 215 21.74 -23.27 17.90
N SER G 216 21.68 -22.86 16.61
CA SER G 216 22.66 -21.95 16.04
C SER G 216 22.54 -20.51 16.57
N ARG G 217 21.33 -20.03 16.88
CA ARG G 217 21.19 -18.70 17.49
C ARG G 217 21.86 -18.62 18.87
N HIS G 218 21.66 -19.65 19.70
CA HIS G 218 22.29 -19.76 21.00
C HIS G 218 23.82 -19.96 20.91
N LEU G 219 24.27 -20.83 20.04
CA LEU G 219 25.71 -21.07 19.86
C LEU G 219 26.49 -19.81 19.38
N ALA G 220 25.94 -19.06 18.40
CA ALA G 220 26.63 -17.89 17.86
C ALA G 220 26.81 -16.79 18.90
N ALA G 221 25.78 -16.55 19.70
CA ALA G 221 25.88 -15.62 20.81
C ALA G 221 26.85 -16.11 21.88
N LYS G 222 26.69 -17.34 22.37
CA LYS G 222 27.67 -17.86 23.33
C LYS G 222 29.15 -17.61 22.91
N MET G 223 29.51 -17.90 21.65
CA MET G 223 30.90 -17.76 21.20
C MET G 223 31.31 -16.30 21.05
N ALA G 224 30.40 -15.44 20.59
CA ALA G 224 30.70 -14.03 20.49
C ALA G 224 31.14 -13.45 21.81
N SER G 225 30.63 -13.96 22.93
CA SER G 225 30.94 -13.45 24.26
C SER G 225 31.92 -14.32 25.07
N THR G 226 32.60 -15.29 24.45
CA THR G 226 33.61 -16.11 25.17
C THR G 226 35.01 -15.68 24.73
N PRO G 227 35.91 -15.30 25.63
CA PRO G 227 37.25 -14.87 25.18
C PRO G 227 38.09 -16.04 24.66
N HIS G 228 38.89 -15.74 23.63
CA HIS G 228 39.71 -16.75 22.94
C HIS G 228 40.94 -16.18 22.21
N PRO G 229 42.11 -16.81 22.40
CA PRO G 229 42.37 -17.96 23.27
C PRO G 229 42.22 -17.69 24.75
N PRO G 230 42.33 -18.72 25.58
CA PRO G 230 42.12 -18.50 27.02
C PRO G 230 43.06 -17.41 27.53
N GLY G 231 42.52 -16.52 28.39
CA GLY G 231 43.21 -15.30 28.87
C GLY G 231 43.18 -14.11 27.91
N ALA G 232 42.60 -14.19 26.73
CA ALA G 232 42.61 -13.05 25.81
C ALA G 232 41.76 -11.90 26.35
N ARG G 233 42.11 -10.68 25.92
CA ARG G 233 41.43 -9.48 26.40
C ARG G 233 40.53 -8.83 25.34
N GLY G 234 40.77 -9.05 24.07
CA GLY G 234 40.03 -8.32 23.05
C GLY G 234 39.50 -9.15 21.90
N THR G 235 39.51 -10.50 21.97
CA THR G 235 39.04 -11.34 20.85
C THR G 235 38.21 -12.52 21.37
N SER G 236 37.56 -13.22 20.44
CA SER G 236 36.53 -14.18 20.81
C SER G 236 36.61 -15.45 19.97
N GLN G 237 35.81 -16.45 20.40
CA GLN G 237 35.69 -17.71 19.67
C GLN G 237 35.17 -17.52 18.22
N LEU G 238 34.23 -16.58 17.99
CA LEU G 238 33.75 -16.30 16.63
C LEU G 238 34.87 -15.85 15.72
N HIS G 239 35.65 -14.89 16.17
CA HIS G 239 36.80 -14.44 15.39
C HIS G 239 37.67 -15.63 15.02
N GLY G 240 37.61 -16.73 15.83
CA GLY G 240 38.42 -17.93 15.60
C GLY G 240 37.92 -18.89 14.53
N MET G 241 36.71 -18.67 14.03
CA MET G 241 36.11 -19.45 12.96
C MET G 241 36.75 -19.01 11.64
N ASP G 242 37.46 -19.93 10.97
CA ASP G 242 38.18 -19.53 9.76
C ASP G 242 37.23 -19.42 8.61
N LEU G 243 36.31 -20.38 8.49
CA LEU G 243 35.27 -20.53 7.48
C LEU G 243 34.26 -21.51 8.06
N LEU G 244 32.96 -21.29 7.78
CA LEU G 244 31.89 -22.24 8.13
C LEU G 244 31.29 -22.96 6.89
N VAL G 245 31.50 -24.28 6.81
CA VAL G 245 30.93 -25.12 5.74
C VAL G 245 29.68 -25.84 6.26
N LEU G 246 28.56 -25.43 5.70
CA LEU G 246 27.24 -25.89 6.11
C LEU G 246 26.69 -26.82 5.05
N LEU G 247 26.44 -28.08 5.44
CA LEU G 247 25.76 -29.04 4.58
C LEU G 247 24.30 -29.19 5.01
N ASP G 248 23.41 -29.11 4.05
CA ASP G 248 22.00 -29.28 4.29
C ASP G 248 21.44 -29.92 3.05
N LEU G 249 20.51 -30.87 3.21
CA LEU G 249 19.71 -31.39 2.12
C LEU G 249 20.56 -32.08 1.04
N ILE G 250 21.48 -32.95 1.48
CA ILE G 250 22.34 -33.70 0.57
C ILE G 250 21.91 -35.14 0.57
N GLY G 251 21.96 -35.78 -0.63
CA GLY G 251 21.59 -37.18 -0.76
C GLY G 251 20.76 -37.55 -1.95
N ALA G 252 20.17 -36.61 -2.56
CA ALA G 252 19.38 -36.86 -3.73
C ALA G 252 20.25 -36.87 -5.00
N PRO G 253 19.75 -37.45 -6.07
CA PRO G 253 20.51 -37.44 -7.31
C PRO G 253 20.44 -36.11 -8.05
N ASN G 254 21.56 -35.73 -8.64
CA ASN G 254 21.67 -34.58 -9.50
C ASN G 254 21.48 -33.25 -8.78
N PRO G 255 22.09 -33.04 -7.61
CA PRO G 255 21.98 -31.73 -6.96
C PRO G 255 22.74 -30.71 -7.77
N THR G 256 22.39 -29.45 -7.57
CA THR G 256 23.19 -28.37 -8.09
C THR G 256 23.36 -27.32 -6.99
N PHE G 257 24.62 -26.93 -6.69
CA PHE G 257 25.00 -26.04 -5.59
C PHE G 257 25.51 -24.74 -6.17
N PRO G 258 24.87 -23.62 -5.82
CA PRO G 258 25.32 -22.32 -6.34
C PRO G 258 26.32 -21.58 -5.46
N ASN G 259 26.90 -20.52 -6.04
CA ASN G 259 27.69 -19.53 -5.32
C ASN G 259 26.76 -18.55 -4.59
N PHE G 260 26.77 -18.60 -3.27
CA PHE G 260 25.92 -17.67 -2.55
C PHE G 260 26.64 -16.37 -2.20
N PHE G 261 27.94 -16.39 -1.86
CA PHE G 261 28.54 -15.19 -1.24
C PHE G 261 29.86 -14.74 -1.89
N PRO G 262 30.07 -13.44 -2.14
CA PRO G 262 31.30 -13.04 -2.83
C PRO G 262 32.55 -13.04 -1.99
N ASN G 263 32.43 -13.16 -0.69
CA ASN G 263 33.55 -13.20 0.25
C ASN G 263 34.09 -14.63 0.44
N SER G 264 33.40 -15.64 -0.12
CA SER G 264 33.84 -17.02 -0.07
C SER G 264 33.89 -17.58 -1.48
N ALA G 265 33.63 -16.74 -2.47
CA ALA G 265 33.77 -17.11 -3.89
C ALA G 265 35.08 -17.84 -4.19
N ARG G 266 36.20 -17.36 -3.68
CA ARG G 266 37.44 -17.98 -4.12
C ARG G 266 37.56 -19.43 -3.63
N TRP G 267 36.88 -19.80 -2.53
CA TRP G 267 36.96 -21.16 -2.00
C TRP G 267 35.96 -22.11 -2.63
N PHE G 268 34.81 -21.57 -3.09
CA PHE G 268 33.86 -22.37 -3.85
C PHE G 268 34.47 -22.78 -5.18
N GLU G 269 35.26 -21.87 -5.76
CA GLU G 269 36.03 -22.13 -6.97
C GLU G 269 36.97 -23.30 -6.79
N ARG G 270 37.63 -23.41 -5.62
CA ARG G 270 38.43 -24.60 -5.38
C ARG G 270 37.58 -25.86 -5.43
N LEU G 271 36.31 -25.78 -5.02
CA LEU G 271 35.49 -27.00 -5.06
C LEU G 271 35.28 -27.46 -6.50
N GLN G 272 34.91 -26.54 -7.38
CA GLN G 272 34.88 -26.83 -8.80
C GLN G 272 36.15 -27.56 -9.26
N ALA G 273 37.31 -26.90 -9.17
CA ALA G 273 38.56 -27.45 -9.71
C ALA G 273 38.92 -28.81 -9.13
N ILE G 274 38.56 -29.06 -7.89
CA ILE G 274 38.78 -30.37 -7.29
C ILE G 274 37.86 -31.39 -7.95
N GLU G 275 36.59 -31.03 -8.20
CA GLU G 275 35.62 -31.94 -8.80
C GLU G 275 36.02 -32.33 -10.21
N HIS G 276 36.48 -31.34 -10.98
CA HIS G 276 36.88 -31.48 -12.38
C HIS G 276 38.13 -32.33 -12.56
N GLU G 277 39.09 -32.20 -11.65
CA GLU G 277 40.32 -32.99 -11.72
C GLU G 277 40.09 -34.44 -11.31
N LEU G 278 39.34 -34.70 -10.24
CA LEU G 278 38.98 -36.10 -9.92
C LEU G 278 38.11 -36.78 -10.99
N HIS G 279 37.45 -36.00 -11.86
CA HIS G 279 36.75 -36.61 -12.99
C HIS G 279 37.73 -37.07 -14.09
N GLU G 280 38.63 -36.18 -14.53
CA GLU G 280 39.53 -36.50 -15.63
C GLU G 280 40.43 -37.67 -15.27
N LEU G 281 40.72 -37.86 -13.98
CA LEU G 281 41.38 -39.08 -13.46
C LEU G 281 40.41 -40.23 -13.28
N GLY G 282 39.16 -40.10 -13.75
CA GLY G 282 38.15 -41.12 -13.54
C GLY G 282 38.22 -41.68 -12.15
N LEU G 283 38.35 -40.83 -11.14
CA LEU G 283 38.34 -41.28 -9.77
C LEU G 283 36.95 -41.22 -9.13
N LEU G 284 35.94 -40.73 -9.87
CA LEU G 284 34.54 -40.68 -9.48
C LEU G 284 33.70 -41.71 -10.25
N LYS G 285 32.41 -41.83 -9.87
CA LYS G 285 31.47 -42.85 -10.36
C LYS G 285 30.17 -42.26 -10.91
N ASP G 286 29.67 -42.88 -11.97
CA ASP G 286 28.42 -42.45 -12.61
C ASP G 286 28.39 -40.97 -12.81
N HIS G 287 29.57 -40.34 -12.89
CA HIS G 287 29.67 -38.89 -12.86
C HIS G 287 29.94 -38.30 -14.26
N SER G 288 29.33 -37.14 -14.52
CA SER G 288 29.52 -36.48 -15.79
C SER G 288 29.80 -34.97 -15.62
N LEU G 289 30.61 -34.43 -16.54
CA LEU G 289 31.00 -33.02 -16.60
C LEU G 289 29.95 -32.14 -17.23
N GLU G 290 28.88 -32.74 -17.71
CA GLU G 290 27.77 -32.05 -18.34
C GLU G 290 26.71 -31.61 -17.33
N GLY G 291 26.55 -32.36 -16.24
CA GLY G 291 25.86 -31.87 -15.07
C GLY G 291 26.73 -32.00 -13.82
N ARG G 292 27.59 -30.99 -13.60
CA ARG G 292 28.48 -31.01 -12.46
C ARG G 292 27.70 -30.55 -11.24
N TYR G 293 28.11 -31.02 -10.07
CA TYR G 293 27.45 -30.58 -8.86
C TYR G 293 27.64 -29.07 -8.61
N PHE G 294 28.87 -28.55 -8.77
CA PHE G 294 29.15 -27.13 -8.50
C PHE G 294 29.16 -26.33 -9.80
N GLN G 295 28.07 -25.62 -10.06
CA GLN G 295 27.90 -24.84 -11.28
C GLN G 295 28.52 -23.46 -11.13
N ASN G 296 28.47 -22.65 -12.19
CA ASN G 296 29.01 -21.28 -12.12
C ASN G 296 27.91 -20.27 -12.43
N TYR G 297 27.03 -20.08 -11.44
CA TYR G 297 25.90 -19.15 -11.50
C TYR G 297 25.53 -18.75 -10.06
N SER G 298 25.89 -17.51 -9.64
CA SER G 298 25.56 -17.03 -8.29
C SER G 298 24.04 -16.96 -8.13
N TYR G 299 23.56 -17.30 -6.93
CA TYR G 299 22.10 -17.36 -6.70
C TYR G 299 21.51 -15.98 -6.43
N GLY G 300 22.19 -15.16 -5.62
CA GLY G 300 21.79 -13.77 -5.39
C GLY G 300 21.20 -13.47 -4.03
N GLY G 301 19.97 -13.95 -3.80
CA GLY G 301 19.40 -13.94 -2.47
C GLY G 301 20.06 -14.95 -1.56
N VAL G 302 19.39 -15.27 -0.45
CA VAL G 302 19.85 -16.33 0.43
C VAL G 302 18.66 -17.06 1.03
N ILE G 303 18.93 -18.26 1.36
CA ILE G 303 18.01 -19.20 1.98
C ILE G 303 18.22 -19.10 3.48
N GLN G 304 17.15 -19.12 4.26
CA GLN G 304 17.27 -19.11 5.71
C GLN G 304 17.79 -20.46 6.21
N ASP G 305 18.73 -20.46 7.15
CA ASP G 305 19.41 -21.69 7.62
C ASP G 305 20.33 -21.34 8.80
N ASP G 306 21.03 -22.37 9.32
CA ASP G 306 21.78 -22.27 10.60
C ASP G 306 22.93 -21.27 10.53
N HIS G 307 23.40 -20.94 9.33
CA HIS G 307 24.53 -20.03 9.17
C HIS G 307 24.19 -18.59 9.51
N ILE G 308 22.91 -18.24 9.52
CA ILE G 308 22.50 -16.83 9.50
C ILE G 308 23.00 -16.06 10.72
N PRO G 309 22.84 -16.55 11.94
CA PRO G 309 23.44 -15.82 13.09
C PRO G 309 24.97 -15.68 13.03
N PHE G 310 25.65 -16.56 12.32
CA PHE G 310 27.10 -16.43 12.16
C PHE G 310 27.43 -15.35 11.12
N LEU G 311 26.82 -15.45 9.94
CA LEU G 311 26.95 -14.53 8.81
C LEU G 311 26.87 -13.06 9.21
N ARG G 312 25.90 -12.69 10.05
CA ARG G 312 25.55 -11.30 10.37
C ARG G 312 26.42 -10.70 11.45
N ARG G 313 27.40 -11.47 11.90
CA ARG G 313 28.44 -11.05 12.83
C ARG G 313 29.79 -11.05 12.12
N GLY G 314 29.80 -11.31 10.79
CA GLY G 314 30.98 -11.29 9.92
C GLY G 314 31.75 -12.60 9.74
N VAL G 315 31.19 -13.76 10.08
CA VAL G 315 31.89 -15.02 9.81
C VAL G 315 31.72 -15.41 8.34
N PRO G 316 32.79 -15.80 7.65
CA PRO G 316 32.64 -16.30 6.26
C PRO G 316 32.01 -17.67 6.17
N VAL G 317 31.18 -17.85 5.14
CA VAL G 317 30.34 -19.03 4.99
C VAL G 317 30.42 -19.56 3.56
N LEU G 318 30.65 -20.90 3.44
CA LEU G 318 30.41 -21.69 2.25
C LEU G 318 29.18 -22.59 2.44
N HIS G 319 28.06 -22.29 1.73
CA HIS G 319 26.76 -22.89 2.01
C HIS G 319 26.46 -23.96 0.94
N LEU G 320 26.55 -25.23 1.39
CA LEU G 320 26.40 -26.40 0.56
C LEU G 320 25.00 -26.97 0.80
N ILE G 321 24.03 -26.23 0.25
CA ILE G 321 22.60 -26.57 0.18
C ILE G 321 22.27 -26.39 -1.30
N PRO G 322 21.59 -27.35 -1.93
CA PRO G 322 21.32 -27.22 -3.36
C PRO G 322 20.11 -26.36 -3.66
N SER G 323 20.16 -25.75 -4.83
CA SER G 323 18.97 -25.13 -5.36
C SER G 323 18.62 -25.64 -6.80
N PRO G 324 17.42 -26.22 -6.97
CA PRO G 324 16.30 -26.55 -6.08
C PRO G 324 16.50 -27.56 -4.94
N PHE G 325 15.50 -27.66 -4.03
CA PHE G 325 15.43 -28.63 -2.94
C PHE G 325 15.06 -30.02 -3.49
N PRO G 326 15.60 -31.10 -2.95
CA PRO G 326 15.20 -32.43 -3.45
C PRO G 326 13.74 -32.47 -3.81
N GLU G 327 13.32 -33.29 -4.77
CA GLU G 327 11.90 -33.49 -5.04
C GLU G 327 11.10 -34.06 -3.84
N VAL G 328 11.76 -34.60 -2.80
CA VAL G 328 11.11 -35.25 -1.66
C VAL G 328 10.97 -34.32 -0.45
N TRP G 329 11.36 -33.05 -0.61
CA TRP G 329 11.54 -32.17 0.52
C TRP G 329 10.30 -32.11 1.39
N HIS G 330 10.48 -32.53 2.64
CA HIS G 330 9.46 -32.45 3.66
C HIS G 330 8.28 -33.40 3.39
N THR G 331 8.56 -34.55 2.74
CA THR G 331 7.56 -35.59 2.48
C THR G 331 7.88 -36.89 3.23
N MET G 332 6.84 -37.71 3.41
CA MET G 332 7.13 -39.00 4.02
C MET G 332 8.08 -39.86 3.19
N ASP G 333 8.39 -39.46 1.94
CA ASP G 333 9.27 -40.16 1.02
C ASP G 333 10.74 -39.65 0.97
N ASP G 334 11.14 -38.78 1.88
CA ASP G 334 12.58 -38.53 2.06
C ASP G 334 13.10 -39.63 2.99
N ASN G 335 13.37 -40.82 2.41
CA ASN G 335 13.87 -42.02 3.14
C ASN G 335 15.09 -42.63 2.46
N GLU G 336 15.57 -43.74 3.07
CA GLU G 336 16.72 -44.48 2.52
C GLU G 336 16.51 -44.90 1.07
N GLU G 337 15.27 -45.19 0.69
CA GLU G 337 14.95 -45.77 -0.62
C GLU G 337 15.27 -44.80 -1.74
N ASN G 338 15.10 -43.50 -1.47
CA ASN G 338 15.30 -42.47 -2.48
C ASN G 338 16.70 -41.85 -2.49
N LEU G 339 17.57 -42.18 -1.53
CA LEU G 339 18.99 -41.83 -1.57
C LEU G 339 19.64 -42.36 -2.84
N ASP G 340 20.86 -41.91 -3.08
CA ASP G 340 21.61 -42.25 -4.30
C ASP G 340 23.07 -42.48 -3.96
N GLU G 341 23.46 -43.76 -3.80
CA GLU G 341 24.72 -44.15 -3.21
C GLU G 341 25.91 -43.53 -3.91
N SER G 342 25.82 -43.32 -5.21
CA SER G 342 27.00 -42.89 -5.95
C SER G 342 27.29 -41.41 -5.71
N THR G 343 26.28 -40.54 -5.84
CA THR G 343 26.44 -39.11 -5.57
C THR G 343 27.10 -38.91 -4.19
N ILE G 344 26.59 -39.57 -3.15
CA ILE G 344 27.10 -39.30 -1.83
C ILE G 344 28.60 -39.59 -1.80
N ASP G 345 29.03 -40.68 -2.48
CA ASP G 345 30.39 -41.22 -2.49
C ASP G 345 31.33 -40.31 -3.22
N ASN G 346 30.83 -39.63 -4.24
CA ASN G 346 31.61 -38.59 -4.89
C ASN G 346 31.83 -37.40 -3.98
N LEU G 347 30.79 -36.99 -3.26
CA LEU G 347 30.88 -35.77 -2.48
C LEU G 347 31.78 -36.00 -1.30
N ASN G 348 31.68 -37.17 -0.68
CA ASN G 348 32.61 -37.54 0.39
C ASN G 348 34.05 -37.34 -0.05
N LYS G 349 34.36 -37.71 -1.29
CA LYS G 349 35.73 -37.64 -1.81
C LYS G 349 36.21 -36.19 -1.98
N ILE G 350 35.49 -35.37 -2.75
CA ILE G 350 35.84 -33.97 -2.93
C ILE G 350 35.99 -33.27 -1.62
N LEU G 351 35.00 -33.44 -0.77
CA LEU G 351 35.07 -32.86 0.55
C LEU G 351 36.33 -33.27 1.25
N GLN G 352 36.62 -34.58 1.31
CA GLN G 352 37.75 -35.03 2.12
C GLN G 352 39.04 -34.38 1.68
N VAL G 353 39.11 -33.96 0.42
CA VAL G 353 40.32 -33.36 -0.15
C VAL G 353 40.45 -31.90 0.28
N PHE G 354 39.32 -31.19 0.29
CA PHE G 354 39.22 -29.79 0.66
C PHE G 354 39.63 -29.54 2.13
N VAL G 355 39.12 -30.34 3.05
CA VAL G 355 39.65 -30.31 4.41
C VAL G 355 41.15 -30.54 4.41
N LEU G 356 41.62 -31.52 3.64
CA LEU G 356 43.04 -31.88 3.64
C LEU G 356 43.94 -30.77 3.06
N GLU G 357 43.48 -30.06 2.01
CA GLU G 357 44.30 -28.99 1.45
C GLU G 357 44.20 -27.70 2.28
N TYR G 358 42.98 -27.34 2.75
CA TYR G 358 42.83 -26.21 3.68
C TYR G 358 43.76 -26.35 4.88
N LEU G 359 43.80 -27.53 5.45
CA LEU G 359 44.61 -27.72 6.63
C LEU G 359 46.08 -27.99 6.31
N HIS G 360 46.52 -27.80 5.05
CA HIS G 360 47.91 -28.13 4.64
C HIS G 360 48.37 -29.49 5.19
N LEU G 361 47.54 -30.54 5.04
CA LEU G 361 47.83 -31.93 5.49
C LEU G 361 47.86 -32.95 4.32
N ALA H 33 4.61 24.24 -15.64
CA ALA H 33 4.64 22.82 -15.27
C ALA H 33 3.77 22.57 -14.05
N SER H 34 2.61 23.26 -13.99
CA SER H 34 1.72 23.17 -12.83
C SER H 34 0.47 24.09 -12.92
N ALA H 35 0.02 24.56 -11.75
CA ALA H 35 -1.14 25.42 -11.60
C ALA H 35 -0.80 26.53 -10.62
N TRP H 36 0.31 27.24 -10.88
CA TRP H 36 0.72 28.41 -10.12
C TRP H 36 -0.27 29.57 -10.24
N PRO H 37 -1.14 29.62 -11.27
CA PRO H 37 -2.12 30.74 -11.32
C PRO H 37 -3.08 30.84 -10.11
N GLU H 38 -3.17 29.79 -9.28
CA GLU H 38 -3.93 29.73 -8.04
C GLU H 38 -3.30 30.51 -6.91
N GLU H 39 -2.07 30.90 -6.99
CA GLU H 39 -1.43 31.41 -5.79
C GLU H 39 -2.09 32.69 -5.32
N LYS H 40 -2.47 33.60 -6.24
CA LYS H 40 -2.99 34.92 -5.84
C LYS H 40 -4.20 34.83 -4.92
N ASN H 41 -5.01 33.79 -5.04
CA ASN H 41 -6.18 33.56 -4.19
C ASN H 41 -5.82 33.30 -2.73
N TYR H 42 -4.63 32.71 -2.45
CA TYR H 42 -4.25 32.42 -1.07
C TYR H 42 -3.37 33.52 -0.45
N HIS H 43 -2.71 34.36 -1.29
CA HIS H 43 -1.78 35.39 -0.82
C HIS H 43 -2.36 36.26 0.32
N GLN H 44 -1.49 36.56 1.31
CA GLN H 44 -1.80 37.33 2.52
C GLN H 44 -0.80 38.45 2.72
N PRO H 45 -1.22 39.56 3.32
CA PRO H 45 -0.29 40.66 3.56
C PRO H 45 0.59 40.46 4.80
N ALA H 46 1.77 41.12 4.77
CA ALA H 46 2.72 41.21 5.87
C ALA H 46 2.67 42.62 6.55
N ILE H 47 1.84 42.77 7.59
CA ILE H 47 1.62 44.10 8.18
C ILE H 47 2.91 44.72 8.73
N LEU H 48 2.96 46.04 8.69
CA LEU H 48 4.03 46.83 9.28
C LEU H 48 3.58 47.34 10.66
N ASN H 49 4.52 47.40 11.61
CA ASN H 49 4.28 47.87 12.97
C ASN H 49 4.31 49.40 13.06
N SER H 50 4.10 49.91 14.27
CA SER H 50 3.90 51.35 14.45
C SER H 50 5.14 52.18 14.12
N SER H 51 6.34 51.66 14.37
CA SER H 51 7.53 52.41 14.01
C SER H 51 7.84 52.34 12.51
N ALA H 52 7.38 51.28 11.81
CA ALA H 52 7.53 51.23 10.35
C ALA H 52 6.55 52.16 9.65
N LEU H 53 5.35 52.35 10.21
CA LEU H 53 4.37 53.28 9.66
C LEU H 53 4.83 54.73 9.77
N ARG H 54 5.48 55.09 10.88
CA ARG H 54 6.08 56.40 11.02
C ARG H 54 7.15 56.58 9.96
N GLN H 55 7.96 55.54 9.74
CA GLN H 55 9.06 55.64 8.79
C GLN H 55 8.55 55.96 7.39
N ILE H 56 7.50 55.25 6.95
CA ILE H 56 6.95 55.44 5.60
C ILE H 56 6.31 56.81 5.44
N ALA H 57 5.74 57.33 6.51
CA ALA H 57 5.24 58.69 6.50
C ALA H 57 6.35 59.68 6.21
N GLU H 58 7.46 59.57 6.91
CA GLU H 58 8.49 60.58 6.74
C GLU H 58 9.33 60.34 5.48
N GLY H 59 9.00 59.28 4.71
CA GLY H 59 9.76 58.92 3.51
C GLY H 59 9.43 59.72 2.25
N THR H 60 8.25 60.40 2.21
CA THR H 60 7.59 60.91 1.02
C THR H 60 7.47 62.45 1.08
N SER H 61 7.67 63.09 -0.05
CA SER H 61 7.76 64.53 -0.15
C SER H 61 6.74 64.97 -1.18
N ILE H 62 5.55 65.32 -0.69
CA ILE H 62 4.52 65.96 -1.49
C ILE H 62 4.99 67.23 -2.16
N SER H 63 6.15 67.77 -1.77
CA SER H 63 6.60 68.99 -2.45
C SER H 63 7.56 68.68 -3.61
N GLU H 64 8.43 67.67 -3.46
CA GLU H 64 9.28 67.27 -4.57
C GLU H 64 8.49 66.49 -5.61
N MET H 65 7.42 65.80 -5.22
CA MET H 65 6.56 65.22 -6.24
C MET H 65 5.94 66.32 -7.10
N TRP H 66 5.28 67.29 -6.46
CA TRP H 66 4.68 68.40 -7.19
C TRP H 66 5.66 69.06 -8.16
N GLN H 67 6.89 69.32 -7.73
CA GLN H 67 7.74 70.14 -8.61
C GLN H 67 8.43 69.30 -9.68
N ASN H 68 8.85 68.07 -9.40
CA ASN H 68 9.66 67.32 -10.37
C ASN H 68 8.91 66.18 -11.10
N ASP H 69 7.73 65.75 -10.60
CA ASP H 69 6.97 64.66 -11.20
C ASP H 69 5.68 65.14 -11.86
N LEU H 70 4.95 66.03 -11.21
CA LEU H 70 3.62 66.55 -11.61
C LEU H 70 3.64 67.72 -12.61
N GLN H 71 4.21 68.85 -12.25
CA GLN H 71 4.13 70.05 -13.09
C GLN H 71 4.48 69.81 -14.56
N PRO H 72 5.51 69.01 -14.93
CA PRO H 72 5.83 68.83 -16.37
C PRO H 72 4.76 68.11 -17.16
N LEU H 73 3.83 67.43 -16.48
CA LEU H 73 2.76 66.68 -17.12
C LEU H 73 1.58 67.56 -17.46
N LEU H 74 1.50 68.79 -16.94
CA LEU H 74 0.26 69.57 -17.04
C LEU H 74 0.26 70.26 -18.40
N ILE H 75 -0.12 69.52 -19.44
CA ILE H 75 -0.01 70.02 -20.80
C ILE H 75 -0.98 69.22 -21.64
N GLU H 76 -1.33 69.77 -22.78
CA GLU H 76 -2.17 69.10 -23.76
C GLU H 76 -1.42 67.95 -24.35
N ARG H 77 -1.92 66.71 -24.13
CA ARG H 77 -1.24 65.49 -24.59
C ARG H 77 -2.19 64.40 -25.21
N TYR H 78 -3.25 64.78 -25.90
CA TYR H 78 -4.07 63.76 -26.52
C TYR H 78 -3.25 62.87 -27.45
N PRO H 79 -3.76 61.68 -27.77
CA PRO H 79 -2.96 60.73 -28.58
C PRO H 79 -2.59 61.36 -29.90
N GLY H 80 -1.30 61.27 -30.25
CA GLY H 80 -0.79 61.83 -31.48
C GLY H 80 -0.22 63.25 -31.38
N SER H 81 -0.41 63.97 -30.26
CA SER H 81 0.00 65.36 -30.12
C SER H 81 1.45 65.50 -29.64
N PRO H 82 2.03 66.71 -29.79
CA PRO H 82 3.40 66.92 -29.28
C PRO H 82 3.57 66.70 -27.79
N GLY H 83 2.57 67.05 -26.97
CA GLY H 83 2.56 66.71 -25.56
C GLY H 83 2.60 65.21 -25.28
N SER H 84 1.94 64.38 -26.13
CA SER H 84 2.07 62.92 -26.01
C SER H 84 3.54 62.50 -26.01
N TYR H 85 4.31 62.87 -27.04
CA TYR H 85 5.71 62.45 -27.09
C TYR H 85 6.50 62.98 -25.88
N ALA H 86 6.27 64.26 -25.54
CA ALA H 86 6.86 64.89 -24.35
C ALA H 86 6.51 64.15 -23.07
N ALA H 87 5.23 63.84 -22.85
CA ALA H 87 4.88 63.23 -21.57
C ALA H 87 5.44 61.84 -21.46
N ARG H 88 5.70 61.20 -22.60
CA ARG H 88 6.18 59.82 -22.59
C ARG H 88 7.67 59.79 -22.32
N GLN H 89 8.40 60.83 -22.75
CA GLN H 89 9.80 60.95 -22.44
C GLN H 89 10.00 61.32 -20.99
N HIS H 90 9.25 62.30 -20.50
CA HIS H 90 9.36 62.68 -19.09
C HIS H 90 9.20 61.47 -18.15
N ILE H 91 8.11 60.69 -18.27
CA ILE H 91 7.90 59.55 -17.39
C ILE H 91 9.10 58.59 -17.46
N MET H 92 9.63 58.37 -18.68
CA MET H 92 10.67 57.37 -18.89
C MET H 92 11.99 57.77 -18.26
N GLN H 93 12.30 59.07 -18.33
CA GLN H 93 13.52 59.65 -17.74
C GLN H 93 13.51 59.55 -16.22
N ARG H 94 12.37 59.86 -15.58
CA ARG H 94 12.30 59.79 -14.12
C ARG H 94 12.50 58.37 -13.62
N ILE H 95 12.08 57.38 -14.39
CA ILE H 95 12.18 56.02 -13.89
C ILE H 95 13.61 55.51 -13.99
N GLN H 96 14.23 55.77 -15.16
CA GLN H 96 15.64 55.54 -15.50
C GLN H 96 16.64 56.21 -14.57
N ARG H 97 16.21 57.21 -13.84
CA ARG H 97 17.11 57.88 -12.93
C ARG H 97 17.16 57.21 -11.57
N LEU H 98 16.32 56.20 -11.30
CA LEU H 98 16.28 55.57 -9.99
C LEU H 98 17.16 54.32 -9.98
N GLN H 99 17.35 53.76 -8.80
CA GLN H 99 18.39 52.74 -8.61
C GLN H 99 17.89 51.33 -8.90
N ALA H 100 16.67 51.00 -8.44
CA ALA H 100 16.09 49.71 -8.73
C ALA H 100 16.11 49.46 -10.24
N ASP H 101 16.25 48.19 -10.61
CA ASP H 101 16.48 47.81 -12.00
C ASP H 101 15.13 47.67 -12.71
N TRP H 102 14.52 48.85 -13.02
CA TRP H 102 13.30 48.90 -13.80
C TRP H 102 13.60 48.60 -15.27
N VAL H 103 12.80 47.71 -15.85
CA VAL H 103 12.83 47.41 -17.25
C VAL H 103 11.63 48.07 -17.94
N LEU H 104 11.93 48.87 -18.97
CA LEU H 104 10.94 49.61 -19.76
C LEU H 104 10.70 49.02 -21.14
N GLU H 105 9.43 48.99 -21.53
CA GLU H 105 8.94 48.63 -22.86
C GLU H 105 8.05 49.77 -23.32
N ILE H 106 8.03 50.00 -24.62
CA ILE H 106 7.14 50.98 -25.26
C ILE H 106 6.34 50.18 -26.30
N ASP H 107 5.04 49.95 -26.02
CA ASP H 107 4.20 49.09 -26.82
C ASP H 107 3.35 49.97 -27.72
N THR H 108 3.65 49.95 -29.04
CA THR H 108 3.15 50.94 -29.99
C THR H 108 2.30 50.22 -31.02
N PHE H 109 1.10 50.74 -31.35
CA PHE H 109 0.14 50.02 -32.19
C PHE H 109 -0.69 51.03 -32.99
N LEU H 110 -1.39 50.54 -34.01
CA LEU H 110 -2.28 51.35 -34.82
C LEU H 110 -3.74 50.92 -34.64
N SER H 111 -4.68 51.89 -34.61
CA SER H 111 -6.09 51.54 -34.53
C SER H 111 -6.93 52.57 -35.29
N GLN H 112 -8.06 52.11 -35.83
CA GLN H 112 -9.09 52.96 -36.38
C GLN H 112 -9.79 53.77 -35.27
N THR H 113 -10.16 55.04 -35.60
CA THR H 113 -10.83 56.03 -34.77
C THR H 113 -11.88 56.80 -35.58
N PRO H 114 -12.77 57.56 -34.93
CA PRO H 114 -13.73 58.40 -35.71
C PRO H 114 -13.08 59.45 -36.61
N TYR H 115 -11.82 59.79 -36.39
CA TYR H 115 -11.10 60.73 -37.26
C TYR H 115 -10.14 60.01 -38.20
N GLY H 116 -10.14 58.66 -38.25
CA GLY H 116 -9.21 57.87 -39.06
C GLY H 116 -8.20 57.10 -38.21
N TYR H 117 -7.31 56.36 -38.90
CA TYR H 117 -6.22 55.63 -38.27
C TYR H 117 -5.32 56.53 -37.40
N ARG H 118 -4.75 55.95 -36.33
CA ARG H 118 -3.83 56.65 -35.44
C ARG H 118 -2.88 55.69 -34.69
N SER H 119 -1.76 56.24 -34.21
CA SER H 119 -0.76 55.52 -33.46
C SER H 119 -0.82 55.93 -31.99
N PHE H 120 -0.59 54.91 -31.17
CA PHE H 120 -0.74 54.93 -29.74
C PHE H 120 0.46 54.18 -29.18
N SER H 121 0.89 54.60 -27.99
CA SER H 121 2.03 54.00 -27.29
C SER H 121 1.75 53.76 -25.81
N ASN H 122 1.51 52.50 -25.42
CA ASN H 122 1.55 52.16 -24.00
C ASN H 122 3.00 52.17 -23.48
N ILE H 123 3.15 52.56 -22.21
CA ILE H 123 4.41 52.64 -21.47
C ILE H 123 4.35 51.58 -20.36
N ILE H 124 5.30 50.62 -20.33
CA ILE H 124 5.26 49.48 -19.37
C ILE H 124 6.63 49.36 -18.63
N SER H 125 6.60 49.48 -17.29
CA SER H 125 7.79 49.56 -16.45
C SER H 125 7.75 48.36 -15.49
N THR H 126 8.78 47.49 -15.51
CA THR H 126 8.66 46.21 -14.84
C THR H 126 9.91 45.82 -14.07
N LEU H 127 9.72 45.36 -12.84
CA LEU H 127 10.78 44.78 -12.04
C LEU H 127 10.72 43.24 -12.09
N ASN H 128 11.83 42.62 -12.49
CA ASN H 128 11.94 41.16 -12.58
C ASN H 128 10.98 40.59 -13.64
N PRO H 129 11.26 40.84 -14.89
CA PRO H 129 10.34 40.39 -15.98
C PRO H 129 10.01 38.90 -15.98
N THR H 130 10.92 38.09 -15.49
CA THR H 130 10.88 36.63 -15.54
C THR H 130 10.08 35.98 -14.38
N ALA H 131 9.83 36.70 -13.29
CA ALA H 131 8.94 36.27 -12.20
C ALA H 131 7.58 35.84 -12.72
N LYS H 132 6.98 34.83 -12.08
CA LYS H 132 5.69 34.37 -12.58
C LYS H 132 4.56 35.37 -12.30
N ARG H 133 4.66 36.08 -11.17
CA ARG H 133 3.63 36.87 -10.56
C ARG H 133 4.08 38.33 -10.32
N HIS H 134 3.18 39.27 -10.65
CA HIS H 134 3.40 40.69 -10.48
C HIS H 134 2.14 41.34 -9.94
N LEU H 135 2.33 42.23 -8.96
CA LEU H 135 1.32 43.17 -8.54
C LEU H 135 1.35 44.32 -9.54
N VAL H 136 0.16 44.81 -9.97
CA VAL H 136 0.09 45.84 -11.01
C VAL H 136 -0.56 47.13 -10.53
N LEU H 137 0.17 48.24 -10.67
CA LEU H 137 -0.35 49.62 -10.56
C LEU H 137 -0.47 50.24 -11.93
N ALA H 138 -1.55 51.02 -12.12
CA ALA H 138 -1.85 51.60 -13.43
C ALA H 138 -2.73 52.85 -13.39
N CYS H 139 -2.62 53.65 -14.44
CA CYS H 139 -3.45 54.81 -14.73
C CYS H 139 -3.34 55.06 -16.24
N HIS H 140 -4.04 56.09 -16.75
CA HIS H 140 -3.84 56.58 -18.13
C HIS H 140 -3.03 57.89 -18.14
N TYR H 141 -2.14 58.05 -19.15
CA TYR H 141 -1.39 59.30 -19.33
C TYR H 141 -1.86 60.17 -20.52
N ASP H 142 -2.86 59.76 -21.29
CA ASP H 142 -3.43 60.71 -22.27
C ASP H 142 -4.36 61.75 -21.59
N SER H 143 -4.62 62.84 -22.32
CA SER H 143 -5.59 63.87 -21.92
C SER H 143 -6.63 63.96 -23.01
N LYS H 144 -7.86 64.18 -22.60
CA LYS H 144 -8.98 64.27 -23.56
C LYS H 144 -8.79 65.41 -24.59
N TYR H 145 -9.09 65.08 -25.84
CA TYR H 145 -9.08 65.98 -26.97
C TYR H 145 -10.32 66.87 -26.98
N PHE H 146 -10.09 68.17 -26.81
CA PHE H 146 -11.09 69.22 -26.90
C PHE H 146 -10.54 70.33 -27.80
N SER H 147 -11.42 71.22 -28.30
CA SER H 147 -10.90 72.46 -28.86
C SER H 147 -10.45 73.41 -27.72
N HIS H 148 -10.09 74.66 -28.03
CA HIS H 148 -9.57 75.61 -27.01
C HIS H 148 -10.67 76.63 -26.62
N TRP H 149 -11.54 76.19 -25.70
CA TRP H 149 -12.74 76.90 -25.29
C TRP H 149 -12.41 78.17 -24.53
N ASN H 150 -13.27 79.19 -24.69
CA ASN H 150 -12.99 80.52 -24.16
C ASN H 150 -11.50 80.83 -24.27
N ASN H 151 -10.81 80.29 -25.26
CA ASN H 151 -9.35 80.44 -25.36
C ASN H 151 -8.60 79.77 -24.20
N ARG H 152 -9.18 78.74 -23.57
CA ARG H 152 -8.55 77.96 -22.51
C ARG H 152 -8.12 76.57 -23.07
N VAL H 153 -7.32 75.82 -22.29
CA VAL H 153 -6.69 74.55 -22.73
C VAL H 153 -6.94 73.48 -21.66
N PHE H 154 -7.41 72.28 -22.10
CA PHE H 154 -7.72 71.18 -21.18
C PHE H 154 -6.45 70.36 -20.84
N VAL H 155 -6.14 70.24 -19.55
CA VAL H 155 -4.93 69.54 -19.09
C VAL H 155 -5.23 68.34 -18.20
N GLY H 156 -6.47 68.11 -17.80
CA GLY H 156 -6.79 66.98 -16.95
C GLY H 156 -5.88 66.78 -15.75
N ALA H 157 -5.94 67.69 -14.80
CA ALA H 157 -5.11 67.57 -13.61
C ALA H 157 -5.49 66.34 -12.78
N THR H 158 -6.80 66.07 -12.59
CA THR H 158 -7.16 64.88 -11.80
C THR H 158 -7.32 63.66 -12.67
N ASP H 159 -7.31 63.89 -13.99
CA ASP H 159 -7.81 63.00 -15.04
C ASP H 159 -6.80 62.97 -16.21
N SER H 160 -5.62 62.34 -16.04
CA SER H 160 -5.19 61.66 -14.78
C SER H 160 -3.68 61.95 -14.53
N ALA H 161 -3.28 63.22 -14.50
CA ALA H 161 -1.88 63.61 -14.28
C ALA H 161 -1.40 63.39 -12.84
N VAL H 162 -2.26 63.59 -11.84
CA VAL H 162 -1.89 63.36 -10.44
C VAL H 162 -1.64 61.85 -10.25
N PRO H 163 -2.59 60.97 -10.64
CA PRO H 163 -2.27 59.53 -10.61
C PRO H 163 -0.94 59.16 -11.26
N CYS H 164 -0.65 59.71 -12.41
CA CYS H 164 0.64 59.52 -13.04
C CYS H 164 1.79 59.87 -12.05
N ALA H 165 1.71 61.01 -11.38
CA ALA H 165 2.79 61.44 -10.50
C ALA H 165 2.73 60.79 -9.12
N MET H 166 1.58 60.29 -8.67
CA MET H 166 1.65 59.41 -7.50
C MET H 166 2.44 58.16 -7.79
N MET H 167 2.35 57.66 -9.03
CA MET H 167 3.04 56.41 -9.34
C MET H 167 4.53 56.62 -9.39
N LEU H 168 4.97 57.78 -9.93
CA LEU H 168 6.40 58.11 -9.97
C LEU H 168 6.98 58.32 -8.56
N GLU H 169 6.32 59.15 -7.75
CA GLU H 169 6.79 59.37 -6.38
C GLU H 169 6.88 58.08 -5.58
N LEU H 170 6.13 57.04 -5.95
CA LEU H 170 6.18 55.82 -5.14
C LEU H 170 7.38 54.97 -5.52
N ALA H 171 7.68 54.87 -6.82
CA ALA H 171 8.93 54.25 -7.24
C ALA H 171 10.14 54.97 -6.63
N ARG H 172 10.06 56.26 -6.32
CA ARG H 172 11.17 57.00 -5.73
C ARG H 172 11.25 56.80 -4.20
N ALA H 173 10.12 56.91 -3.52
CA ALA H 173 10.10 56.86 -2.07
C ALA H 173 10.65 55.55 -1.53
N LEU H 174 10.36 54.44 -2.21
CA LEU H 174 10.75 53.12 -1.75
C LEU H 174 11.85 52.49 -2.58
N ASP H 175 12.57 53.28 -3.39
CA ASP H 175 13.57 52.73 -4.33
C ASP H 175 14.56 51.86 -3.58
N LYS H 176 14.78 52.18 -2.31
CA LYS H 176 15.76 51.45 -1.51
C LYS H 176 15.28 50.00 -1.26
N LYS H 177 14.04 49.84 -0.79
CA LYS H 177 13.53 48.49 -0.56
C LYS H 177 13.32 47.72 -1.87
N LEU H 178 12.66 48.34 -2.87
CA LEU H 178 12.39 47.67 -4.16
C LEU H 178 13.67 47.09 -4.76
N LEU H 179 14.82 47.67 -4.44
CA LEU H 179 16.11 47.17 -4.90
C LEU H 179 16.55 45.87 -4.22
N SER H 180 15.91 45.44 -3.11
CA SER H 180 16.27 44.18 -2.47
C SER H 180 15.80 42.96 -3.24
N LEU H 181 15.11 43.16 -4.35
CA LEU H 181 14.76 42.10 -5.30
C LEU H 181 15.83 41.94 -6.37
N LYS H 182 17.10 42.13 -5.96
CA LYS H 182 18.26 41.84 -6.80
C LYS H 182 18.25 42.72 -8.03
N PRO H 189 8.39 33.34 -2.15
CA PRO H 189 7.40 33.81 -3.18
C PRO H 189 8.02 34.52 -4.43
N ASP H 190 7.73 33.97 -5.61
CA ASP H 190 8.21 34.49 -6.91
C ASP H 190 7.30 35.63 -7.42
N LEU H 191 7.38 36.77 -6.72
CA LEU H 191 6.49 37.91 -6.84
C LEU H 191 7.21 39.26 -6.76
N SER H 192 6.83 40.19 -7.64
CA SER H 192 7.48 41.49 -7.82
C SER H 192 6.41 42.50 -8.29
N LEU H 193 6.87 43.67 -8.85
CA LEU H 193 6.05 44.83 -9.14
C LEU H 193 6.11 45.35 -10.59
N GLN H 194 4.96 45.82 -11.07
CA GLN H 194 4.82 46.40 -12.39
C GLN H 194 3.95 47.66 -12.39
N LEU H 195 4.37 48.65 -13.18
CA LEU H 195 3.65 49.89 -13.48
C LEU H 195 3.20 49.94 -14.95
N ILE H 196 1.99 50.42 -15.17
CA ILE H 196 1.48 50.58 -16.53
C ILE H 196 0.87 51.98 -16.66
N PHE H 197 1.19 52.65 -17.75
CA PHE H 197 0.64 53.96 -18.08
C PHE H 197 0.07 53.78 -19.48
N PHE H 198 -1.26 53.85 -19.60
CA PHE H 198 -2.01 53.62 -20.86
C PHE H 198 -2.16 54.88 -21.74
N ASP H 199 -2.05 54.70 -23.06
CA ASP H 199 -2.48 55.68 -24.04
C ASP H 199 -3.98 55.45 -24.37
N GLY H 200 -4.64 56.51 -24.84
CA GLY H 200 -5.97 56.41 -25.44
C GLY H 200 -7.19 56.02 -24.59
N GLU H 201 -7.23 56.34 -23.32
CA GLU H 201 -8.35 55.89 -22.51
C GLU H 201 -9.63 56.64 -22.90
N GLU H 202 -9.54 57.95 -23.20
CA GLU H 202 -10.68 58.81 -23.51
C GLU H 202 -11.20 58.62 -24.95
N ALA H 203 -12.51 58.83 -25.10
CA ALA H 203 -13.05 58.84 -26.44
C ALA H 203 -12.63 60.12 -27.15
N PHE H 204 -12.47 60.02 -28.45
CA PHE H 204 -12.16 61.23 -29.21
C PHE H 204 -13.40 62.07 -29.46
N LEU H 205 -14.54 61.43 -29.79
CA LEU H 205 -15.81 62.08 -30.16
C LEU H 205 -17.01 61.69 -29.31
N HIS H 206 -17.42 60.41 -29.34
CA HIS H 206 -18.55 59.87 -28.55
C HIS H 206 -18.14 58.51 -27.92
N TRP H 207 -18.33 58.34 -26.59
CA TRP H 207 -17.95 57.11 -25.86
C TRP H 207 -18.78 55.89 -26.29
N SER H 208 -18.08 54.91 -26.80
CA SER H 208 -18.68 53.70 -27.34
C SER H 208 -17.65 52.58 -27.27
N PRO H 209 -18.07 51.34 -27.48
CA PRO H 209 -17.10 50.25 -27.41
C PRO H 209 -15.95 50.43 -28.36
N GLN H 210 -16.19 51.01 -29.55
CA GLN H 210 -15.13 51.18 -30.53
C GLN H 210 -14.35 52.48 -30.36
N ASP H 211 -14.87 53.45 -29.63
CA ASP H 211 -14.23 54.77 -29.48
C ASP H 211 -14.06 55.01 -27.99
N SER H 212 -12.92 54.53 -27.45
CA SER H 212 -12.58 54.50 -26.03
C SER H 212 -11.69 53.34 -25.69
N LEU H 213 -10.99 53.48 -24.57
CA LEU H 213 -10.13 52.44 -24.00
C LEU H 213 -9.23 51.77 -25.05
N TYR H 214 -8.62 52.57 -25.98
CA TYR H 214 -7.75 52.02 -27.06
C TYR H 214 -6.53 51.23 -26.52
N GLY H 215 -5.85 51.72 -25.49
CA GLY H 215 -4.58 51.10 -25.08
C GLY H 215 -4.71 49.82 -24.27
N SER H 216 -5.72 49.79 -23.41
CA SER H 216 -6.08 48.64 -22.57
C SER H 216 -6.78 47.50 -23.33
N ARG H 217 -7.80 47.77 -24.16
CA ARG H 217 -8.26 46.71 -25.07
C ARG H 217 -7.10 46.04 -25.78
N HIS H 218 -6.13 46.83 -26.31
CA HIS H 218 -4.99 46.28 -27.07
C HIS H 218 -4.09 45.39 -26.20
N LEU H 219 -3.75 45.89 -25.01
CA LEU H 219 -2.72 45.32 -24.16
C LEU H 219 -3.21 44.06 -23.47
N ALA H 220 -4.47 44.05 -22.99
CA ALA H 220 -5.04 42.79 -22.45
C ALA H 220 -5.13 41.69 -23.52
N ALA H 221 -5.45 42.03 -24.76
CA ALA H 221 -5.45 40.99 -25.82
C ALA H 221 -4.04 40.42 -26.01
N LYS H 222 -3.04 41.29 -26.05
CA LYS H 222 -1.64 40.87 -26.20
C LYS H 222 -1.19 39.91 -25.07
N MET H 223 -1.44 40.25 -23.80
CA MET H 223 -0.99 39.42 -22.70
C MET H 223 -1.73 38.09 -22.66
N ALA H 224 -3.06 38.13 -22.89
CA ALA H 224 -3.83 36.90 -22.99
C ALA H 224 -3.17 35.88 -23.89
N SER H 225 -2.45 36.32 -24.91
CA SER H 225 -1.88 35.40 -25.89
C SER H 225 -0.35 35.35 -25.87
N THR H 226 0.29 35.83 -24.82
CA THR H 226 1.74 35.75 -24.62
C THR H 226 2.12 34.71 -23.54
N PRO H 227 2.63 33.51 -23.88
CA PRO H 227 3.05 32.56 -22.83
C PRO H 227 3.94 33.22 -21.80
N HIS H 228 3.69 32.89 -20.55
CA HIS H 228 4.48 33.34 -19.39
C HIS H 228 4.45 32.26 -18.28
N PRO H 229 5.60 31.99 -17.63
CA PRO H 229 6.90 32.62 -17.95
C PRO H 229 7.45 31.97 -19.24
N PRO H 230 8.63 32.40 -19.67
CA PRO H 230 9.15 32.01 -20.99
C PRO H 230 9.29 30.50 -21.19
N GLY H 231 8.82 30.00 -22.32
CA GLY H 231 8.87 28.58 -22.58
C GLY H 231 7.63 27.82 -22.15
N ALA H 232 6.72 28.50 -21.46
CA ALA H 232 5.56 27.82 -20.92
C ALA H 232 4.67 27.34 -22.05
N ARG H 233 3.92 26.27 -21.74
CA ARG H 233 3.00 25.67 -22.71
C ARG H 233 1.51 25.94 -22.48
N GLY H 234 1.06 26.38 -21.29
CA GLY H 234 -0.38 26.55 -21.07
C GLY H 234 -0.85 27.67 -20.15
N THR H 235 0.03 28.64 -19.93
CA THR H 235 -0.21 29.80 -19.05
C THR H 235 0.23 31.06 -19.78
N SER H 236 -0.44 32.18 -19.49
CA SER H 236 -0.27 33.42 -20.27
C SER H 236 0.18 34.56 -19.33
N GLN H 237 0.55 35.72 -19.91
CA GLN H 237 0.95 36.86 -19.04
C GLN H 237 -0.19 37.38 -18.14
N LEU H 238 -1.43 37.40 -18.67
CA LEU H 238 -2.61 37.79 -17.88
C LEU H 238 -2.77 36.94 -16.61
N HIS H 239 -2.50 35.64 -16.71
CA HIS H 239 -2.57 34.78 -15.52
C HIS H 239 -1.64 35.29 -14.39
N GLY H 240 -0.63 36.11 -14.73
CA GLY H 240 0.44 36.58 -13.86
C GLY H 240 0.06 37.83 -13.10
N MET H 241 -0.96 38.56 -13.58
CA MET H 241 -1.41 39.76 -12.89
C MET H 241 -2.09 39.31 -11.60
N ASP H 242 -1.41 39.53 -10.48
CA ASP H 242 -1.96 39.14 -9.17
C ASP H 242 -3.21 39.94 -8.79
N LEU H 243 -3.19 41.24 -9.04
CA LEU H 243 -4.28 42.14 -8.74
C LEU H 243 -3.99 43.47 -9.44
N LEU H 244 -5.03 44.07 -10.07
CA LEU H 244 -4.92 45.33 -10.84
C LEU H 244 -5.50 46.51 -10.05
N VAL H 245 -4.61 47.39 -9.59
CA VAL H 245 -4.93 48.60 -8.84
C VAL H 245 -4.84 49.76 -9.84
N LEU H 246 -6.02 50.21 -10.23
CA LEU H 246 -6.22 51.25 -11.25
C LEU H 246 -6.63 52.53 -10.59
N LEU H 247 -5.80 53.60 -10.79
CA LEU H 247 -6.02 54.94 -10.22
C LEU H 247 -6.62 55.90 -11.26
N ASP H 248 -7.63 56.63 -10.85
CA ASP H 248 -8.37 57.43 -11.82
C ASP H 248 -9.16 58.51 -11.13
N LEU H 249 -9.13 59.68 -11.75
CA LEU H 249 -9.80 60.88 -11.23
C LEU H 249 -9.52 61.21 -9.73
N ILE H 250 -8.24 61.19 -9.33
CA ILE H 250 -7.82 61.49 -7.95
C ILE H 250 -7.21 62.90 -7.83
N GLY H 251 -7.54 63.59 -6.74
CA GLY H 251 -6.97 64.93 -6.56
C GLY H 251 -7.93 65.97 -6.01
N ALA H 252 -9.26 65.78 -6.18
CA ALA H 252 -10.18 66.76 -5.64
C ALA H 252 -10.20 66.55 -4.14
N PRO H 253 -10.77 67.51 -3.37
CA PRO H 253 -10.96 67.33 -1.94
C PRO H 253 -12.11 66.43 -1.59
N ASN H 254 -11.97 65.83 -0.42
CA ASN H 254 -12.99 64.99 0.19
C ASN H 254 -13.58 63.95 -0.78
N PRO H 255 -12.72 63.15 -1.40
CA PRO H 255 -13.24 62.05 -2.22
C PRO H 255 -13.78 60.93 -1.35
N THR H 256 -14.60 60.08 -1.97
CA THR H 256 -15.07 58.86 -1.35
C THR H 256 -15.14 57.78 -2.42
N PHE H 257 -14.41 56.67 -2.20
CA PHE H 257 -14.22 55.52 -3.06
C PHE H 257 -15.07 54.35 -2.56
N PRO H 258 -15.93 53.73 -3.39
CA PRO H 258 -16.64 52.54 -2.93
C PRO H 258 -15.89 51.26 -3.24
N ASN H 259 -16.39 50.20 -2.63
CA ASN H 259 -15.97 48.84 -2.88
C ASN H 259 -16.80 48.22 -4.00
N PHE H 260 -16.22 48.10 -5.19
CA PHE H 260 -17.01 47.66 -6.33
C PHE H 260 -17.19 46.12 -6.40
N PHE H 261 -16.17 45.29 -6.11
CA PHE H 261 -16.26 43.88 -6.54
C PHE H 261 -16.07 42.92 -5.37
N PRO H 262 -16.89 41.85 -5.25
CA PRO H 262 -16.78 40.94 -4.09
C PRO H 262 -15.58 40.01 -4.05
N ASN H 263 -14.87 39.84 -5.17
CA ASN H 263 -13.65 39.07 -5.31
C ASN H 263 -12.36 39.82 -4.92
N SER H 264 -12.42 41.10 -4.62
CA SER H 264 -11.25 41.87 -4.17
C SER H 264 -11.57 42.63 -2.91
N ALA H 265 -12.69 42.29 -2.26
CA ALA H 265 -13.17 42.98 -1.08
C ALA H 265 -12.16 42.96 0.04
N ARG H 266 -11.58 41.80 0.35
CA ARG H 266 -10.68 41.72 1.49
C ARG H 266 -9.49 42.67 1.35
N TRP H 267 -9.08 43.03 0.13
CA TRP H 267 -7.96 44.00 0.00
C TRP H 267 -8.37 45.47 0.18
N PHE H 268 -9.63 45.83 -0.15
CA PHE H 268 -10.20 47.13 0.22
C PHE H 268 -10.31 47.30 1.73
N GLU H 269 -10.53 46.22 2.52
CA GLU H 269 -10.47 46.40 3.96
C GLU H 269 -9.02 46.58 4.36
N ARG H 270 -8.09 45.91 3.67
CA ARG H 270 -6.69 46.23 3.92
C ARG H 270 -6.43 47.72 3.79
N LEU H 271 -7.14 48.40 2.90
CA LEU H 271 -6.99 49.86 2.70
C LEU H 271 -7.68 50.68 3.78
N GLN H 272 -8.80 50.18 4.29
CA GLN H 272 -9.51 50.80 5.40
C GLN H 272 -8.67 50.76 6.66
N ALA H 273 -8.06 49.60 6.94
CA ALA H 273 -7.24 49.42 8.11
C ALA H 273 -5.97 50.29 8.06
N ILE H 274 -5.32 50.39 6.90
CA ILE H 274 -4.20 51.34 6.77
C ILE H 274 -4.67 52.78 7.10
N GLU H 275 -5.88 53.19 6.67
CA GLU H 275 -6.32 54.58 6.91
C GLU H 275 -6.64 54.86 8.38
N HIS H 276 -7.29 53.92 9.08
CA HIS H 276 -7.74 54.18 10.46
C HIS H 276 -6.58 54.18 11.47
N GLU H 277 -5.56 53.36 11.29
CA GLU H 277 -4.44 53.41 12.23
C GLU H 277 -3.54 54.60 11.98
N LEU H 278 -3.28 54.92 10.71
CA LEU H 278 -2.45 56.09 10.40
C LEU H 278 -3.03 57.35 11.04
N HIS H 279 -4.36 57.47 11.04
CA HIS H 279 -5.02 58.55 11.76
C HIS H 279 -4.70 58.51 13.24
N GLU H 280 -4.93 57.34 13.88
CA GLU H 280 -4.69 57.18 15.32
C GLU H 280 -3.27 57.46 15.74
N LEU H 281 -2.30 57.52 14.81
CA LEU H 281 -0.92 57.76 15.13
C LEU H 281 -0.42 59.17 14.79
N GLY H 282 -1.24 60.04 14.24
CA GLY H 282 -0.80 61.40 13.99
C GLY H 282 -0.20 61.67 12.64
N LEU H 283 -0.18 60.69 11.74
CA LEU H 283 0.60 60.75 10.51
C LEU H 283 -0.17 61.33 9.30
N LEU H 284 -1.34 61.93 9.52
CA LEU H 284 -2.22 62.38 8.47
C LEU H 284 -2.59 63.86 8.68
N LYS H 285 -2.85 64.60 7.59
CA LYS H 285 -3.07 66.05 7.65
C LYS H 285 -4.46 66.44 7.10
N ASP H 286 -5.22 67.23 7.89
CA ASP H 286 -6.58 67.66 7.52
C ASP H 286 -7.53 66.45 7.34
N HIS H 287 -7.48 65.51 8.29
CA HIS H 287 -8.14 64.22 8.14
C HIS H 287 -9.06 63.89 9.32
N SER H 288 -10.32 63.62 9.04
CA SER H 288 -11.31 63.28 10.05
C SER H 288 -11.82 61.89 9.80
N LEU H 289 -11.86 61.08 10.84
CA LEU H 289 -12.43 59.75 10.71
C LEU H 289 -13.92 59.73 10.37
N GLU H 290 -14.54 60.91 10.30
CA GLU H 290 -15.94 61.03 9.89
C GLU H 290 -16.07 60.92 8.38
N GLY H 291 -15.44 61.87 7.66
CA GLY H 291 -15.27 61.81 6.24
C GLY H 291 -14.03 61.04 5.84
N ARG H 292 -13.96 59.73 6.14
CA ARG H 292 -12.89 58.87 5.62
C ARG H 292 -13.06 58.70 4.11
N TYR H 293 -11.98 58.26 3.44
CA TYR H 293 -12.05 58.05 1.99
C TYR H 293 -12.62 56.68 1.67
N PHE H 294 -12.04 55.63 2.28
CA PHE H 294 -12.46 54.25 2.11
C PHE H 294 -13.44 53.93 3.21
N GLN H 295 -14.65 54.41 3.03
CA GLN H 295 -15.75 54.13 3.95
C GLN H 295 -16.54 52.98 3.36
N ASN H 296 -17.14 52.14 4.21
CA ASN H 296 -17.61 50.84 3.75
C ASN H 296 -19.08 50.86 3.38
N TYR H 297 -19.33 50.56 2.10
CA TYR H 297 -20.61 50.48 1.43
C TYR H 297 -20.28 50.05 -0.01
N SER H 298 -20.90 48.97 -0.48
CA SER H 298 -20.67 48.49 -1.83
C SER H 298 -21.45 49.34 -2.85
N TYR H 299 -21.04 49.28 -4.13
CA TYR H 299 -21.65 50.04 -5.21
C TYR H 299 -22.26 49.13 -6.31
N GLY H 300 -23.44 49.54 -6.81
CA GLY H 300 -24.19 48.75 -7.78
C GLY H 300 -23.50 48.67 -9.14
N GLY H 301 -24.10 49.33 -10.14
CA GLY H 301 -23.61 49.31 -11.52
C GLY H 301 -22.30 50.04 -11.77
N VAL H 302 -21.24 49.27 -12.01
CA VAL H 302 -19.89 49.81 -12.12
C VAL H 302 -19.71 50.69 -13.39
N ILE H 303 -18.52 51.27 -13.44
CA ILE H 303 -18.15 52.40 -14.22
C ILE H 303 -17.13 51.94 -15.26
N GLN H 304 -17.26 52.40 -16.49
CA GLN H 304 -16.33 51.93 -17.51
C GLN H 304 -14.97 52.59 -17.33
N ASP H 305 -13.90 51.84 -17.69
CA ASP H 305 -12.53 52.32 -17.50
C ASP H 305 -11.51 51.28 -17.95
N ASP H 306 -10.20 51.56 -17.81
CA ASP H 306 -9.20 50.71 -18.44
C ASP H 306 -9.24 49.25 -17.91
N HIS H 307 -9.88 48.97 -16.78
CA HIS H 307 -9.96 47.60 -16.23
C HIS H 307 -10.92 46.64 -16.97
N ILE H 308 -11.95 47.16 -17.65
CA ILE H 308 -12.98 46.34 -18.28
C ILE H 308 -12.38 45.20 -19.09
N PRO H 309 -11.43 45.42 -20.01
CA PRO H 309 -10.91 44.29 -20.82
C PRO H 309 -10.18 43.17 -20.05
N PHE H 310 -9.70 43.42 -18.83
CA PHE H 310 -9.06 42.41 -18.00
C PHE H 310 -10.09 41.78 -17.06
N LEU H 311 -11.06 42.54 -16.58
CA LEU H 311 -12.06 41.98 -15.69
C LEU H 311 -12.86 40.90 -16.40
N ARG H 312 -13.22 41.14 -17.66
CA ARG H 312 -13.94 40.17 -18.50
C ARG H 312 -13.13 38.94 -18.92
N ARG H 313 -11.88 38.83 -18.52
CA ARG H 313 -11.05 37.65 -18.74
C ARG H 313 -10.62 36.98 -17.44
N GLY H 314 -11.01 37.49 -16.28
CA GLY H 314 -10.76 36.84 -15.02
C GLY H 314 -9.88 37.57 -14.05
N VAL H 315 -9.32 38.72 -14.40
CA VAL H 315 -8.30 39.37 -13.57
C VAL H 315 -8.97 40.08 -12.40
N PRO H 316 -8.49 39.91 -11.15
CA PRO H 316 -9.06 40.64 -10.01
C PRO H 316 -8.64 42.10 -10.04
N VAL H 317 -9.57 42.97 -9.64
CA VAL H 317 -9.36 44.41 -9.72
C VAL H 317 -9.70 45.14 -8.40
N LEU H 318 -8.78 46.05 -7.98
CA LEU H 318 -8.99 47.07 -6.98
C LEU H 318 -9.11 48.46 -7.66
N HIS H 319 -10.33 49.02 -7.72
CA HIS H 319 -10.66 50.14 -8.62
C HIS H 319 -10.80 51.42 -7.79
N LEU H 320 -9.71 52.21 -7.75
CA LEU H 320 -9.65 53.40 -6.92
C LEU H 320 -10.11 54.62 -7.73
N ILE H 321 -11.40 54.60 -8.06
CA ILE H 321 -12.07 55.71 -8.71
C ILE H 321 -13.17 56.15 -7.75
N PRO H 322 -13.26 57.44 -7.45
CA PRO H 322 -14.29 57.94 -6.54
C PRO H 322 -15.68 58.03 -7.15
N SER H 323 -16.68 57.93 -6.26
CA SER H 323 -18.08 58.18 -6.63
C SER H 323 -18.75 59.08 -5.57
N PRO H 324 -19.16 60.31 -5.96
CA PRO H 324 -19.12 60.85 -7.33
C PRO H 324 -17.78 61.23 -7.97
N PHE H 325 -17.85 61.64 -9.23
CA PHE H 325 -16.72 62.26 -9.91
C PHE H 325 -16.42 63.66 -9.32
N PRO H 326 -15.18 64.14 -9.38
CA PRO H 326 -14.92 65.53 -8.93
C PRO H 326 -15.80 66.58 -9.63
N GLU H 327 -16.05 67.68 -8.91
CA GLU H 327 -16.83 68.79 -9.50
C GLU H 327 -16.27 69.19 -10.87
N VAL H 328 -14.93 69.25 -11.01
CA VAL H 328 -14.31 69.76 -12.23
C VAL H 328 -14.33 68.78 -13.41
N TRP H 329 -14.82 67.56 -13.23
CA TRP H 329 -14.85 66.56 -14.28
C TRP H 329 -15.18 67.18 -15.63
N HIS H 330 -14.24 67.01 -16.58
CA HIS H 330 -14.36 67.34 -18.00
C HIS H 330 -14.67 68.83 -18.26
N THR H 331 -14.22 69.70 -17.36
CA THR H 331 -14.30 71.13 -17.54
C THR H 331 -12.88 71.67 -17.60
N MET H 332 -12.74 72.91 -18.12
CA MET H 332 -11.47 73.63 -18.10
C MET H 332 -10.94 73.92 -16.71
N ASP H 333 -11.76 73.78 -15.67
CA ASP H 333 -11.30 74.03 -14.32
C ASP H 333 -10.68 72.77 -13.66
N ASP H 334 -10.45 71.68 -14.41
CA ASP H 334 -9.62 70.56 -13.91
C ASP H 334 -8.14 70.88 -14.05
N ASN H 335 -7.55 71.51 -13.02
CA ASN H 335 -6.21 72.13 -13.14
C ASN H 335 -5.52 72.16 -11.77
N GLU H 336 -4.33 72.79 -11.74
CA GLU H 336 -3.51 72.86 -10.54
C GLU H 336 -4.16 73.64 -9.39
N GLU H 337 -4.86 74.73 -9.71
CA GLU H 337 -5.49 75.58 -8.70
C GLU H 337 -6.53 74.81 -7.88
N ASN H 338 -7.28 73.91 -8.53
CA ASN H 338 -8.39 73.24 -7.87
C ASN H 338 -8.00 71.91 -7.25
N LEU H 339 -6.70 71.59 -7.19
CA LEU H 339 -6.12 70.48 -6.45
C LEU H 339 -6.02 70.76 -4.96
N ASP H 340 -5.72 69.70 -4.21
CA ASP H 340 -5.62 69.73 -2.76
C ASP H 340 -4.34 69.00 -2.37
N GLU H 341 -3.31 69.81 -1.99
CA GLU H 341 -1.99 69.31 -1.61
C GLU H 341 -2.08 68.28 -0.49
N SER H 342 -3.05 68.47 0.40
CA SER H 342 -3.14 67.67 1.60
C SER H 342 -3.61 66.25 1.30
N THR H 343 -4.74 66.12 0.58
CA THR H 343 -5.36 64.83 0.31
C THR H 343 -4.42 63.91 -0.49
N ILE H 344 -3.69 64.47 -1.46
CA ILE H 344 -2.81 63.65 -2.29
C ILE H 344 -1.72 63.02 -1.44
N ASP H 345 -1.03 63.84 -0.63
CA ASP H 345 0.00 63.44 0.36
C ASP H 345 -0.52 62.32 1.28
N ASN H 346 -1.81 62.28 1.55
CA ASN H 346 -2.38 61.24 2.40
C ASN H 346 -2.58 59.92 1.64
N LEU H 347 -3.10 60.00 0.42
CA LEU H 347 -3.21 58.80 -0.38
C LEU H 347 -1.86 58.21 -0.75
N ASN H 348 -0.82 59.06 -0.91
CA ASN H 348 0.52 58.60 -1.27
C ASN H 348 1.05 57.70 -0.19
N LYS H 349 0.53 57.88 1.00
CA LYS H 349 0.99 57.22 2.20
C LYS H 349 0.25 55.91 2.44
N ILE H 350 -1.07 55.95 2.35
CA ILE H 350 -1.85 54.73 2.46
C ILE H 350 -1.45 53.77 1.37
N LEU H 351 -1.06 54.31 0.23
CA LEU H 351 -0.70 53.48 -0.91
C LEU H 351 0.72 52.94 -0.79
N GLN H 352 1.65 53.71 -0.23
CA GLN H 352 3.00 53.18 -0.13
C GLN H 352 3.08 52.03 0.86
N VAL H 353 2.23 52.08 1.90
CA VAL H 353 2.11 50.99 2.86
C VAL H 353 1.47 49.74 2.23
N PHE H 354 0.35 49.92 1.52
CA PHE H 354 -0.33 48.82 0.83
C PHE H 354 0.66 48.00 0.00
N VAL H 355 1.58 48.67 -0.70
CA VAL H 355 2.48 47.97 -1.62
C VAL H 355 3.52 47.17 -0.86
N LEU H 356 4.25 47.84 0.03
CA LEU H 356 5.24 47.16 0.87
C LEU H 356 4.63 45.95 1.58
N GLU H 357 3.44 46.11 2.16
CA GLU H 357 2.78 44.99 2.83
C GLU H 357 2.49 43.84 1.87
N TYR H 358 1.90 44.15 0.68
CA TYR H 358 1.57 43.13 -0.33
C TYR H 358 2.80 42.36 -0.76
N LEU H 359 3.95 43.02 -0.88
CA LEU H 359 5.17 42.34 -1.33
C LEU H 359 6.05 41.80 -0.19
N HIS H 360 5.64 41.93 1.09
CA HIS H 360 6.36 41.41 2.29
C HIS H 360 7.67 42.19 2.52
N LEU H 361 7.69 43.50 2.27
CA LEU H 361 8.93 44.28 2.43
C LEU H 361 8.89 45.35 3.51
N ALA I 33 -0.38 59.81 -43.21
CA ALA I 33 -1.10 59.23 -44.36
C ALA I 33 -0.73 59.87 -45.75
N SER I 34 0.14 59.11 -46.46
CA SER I 34 0.59 59.33 -47.83
C SER I 34 -0.07 58.29 -48.76
N ALA I 35 0.38 58.28 -50.01
CA ALA I 35 -0.29 57.54 -51.07
C ALA I 35 0.28 56.15 -51.35
N TRP I 36 1.52 55.85 -50.88
CA TRP I 36 2.35 54.73 -51.32
C TRP I 36 1.65 53.36 -51.29
N PRO I 37 0.69 53.08 -50.41
CA PRO I 37 -0.03 51.80 -50.54
C PRO I 37 -0.69 51.56 -51.87
N GLU I 38 -0.81 52.57 -52.75
CA GLU I 38 -1.41 52.35 -54.05
C GLU I 38 -0.33 52.05 -55.10
N GLU I 39 0.94 52.29 -54.78
CA GLU I 39 2.01 51.94 -55.69
C GLU I 39 1.87 50.52 -56.22
N LYS I 40 1.59 49.56 -55.31
CA LYS I 40 1.54 48.13 -55.67
C LYS I 40 0.54 47.85 -56.79
N ASN I 41 -0.59 48.55 -56.80
CA ASN I 41 -1.52 48.49 -57.91
C ASN I 41 -0.84 48.77 -59.26
N TYR I 42 0.35 49.48 -59.28
CA TYR I 42 0.98 49.94 -60.51
C TYR I 42 2.28 49.25 -60.86
N HIS I 43 2.87 48.51 -59.91
CA HIS I 43 4.13 47.83 -60.18
C HIS I 43 4.06 46.99 -61.45
N GLN I 44 5.21 46.95 -62.13
CA GLN I 44 5.37 46.27 -63.39
C GLN I 44 6.65 45.43 -63.40
N PRO I 45 6.67 44.30 -64.14
CA PRO I 45 7.90 43.48 -64.21
C PRO I 45 8.97 43.98 -65.17
N ALA I 46 10.23 43.68 -64.79
CA ALA I 46 11.47 43.85 -65.56
C ALA I 46 11.91 42.47 -66.05
N ILE I 47 11.66 42.17 -67.32
CA ILE I 47 11.77 40.81 -67.84
C ILE I 47 13.21 40.50 -68.25
N LEU I 48 13.49 39.20 -68.39
CA LEU I 48 14.79 38.67 -68.73
C LEU I 48 14.85 38.11 -70.15
N ASN I 49 16.06 38.17 -70.74
CA ASN I 49 16.38 37.71 -72.10
C ASN I 49 16.79 36.24 -72.14
N SER I 50 17.05 35.71 -73.35
CA SER I 50 17.51 34.33 -73.47
C SER I 50 18.77 34.09 -72.65
N SER I 51 19.80 34.93 -72.81
CA SER I 51 21.04 34.74 -72.06
C SER I 51 20.80 34.54 -70.56
N ALA I 52 20.10 35.50 -69.92
CA ALA I 52 19.92 35.50 -68.46
C ALA I 52 18.99 34.36 -67.98
N LEU I 53 18.00 33.96 -68.80
CA LEU I 53 17.18 32.79 -68.47
C LEU I 53 18.05 31.51 -68.36
N ARG I 54 19.11 31.39 -69.16
CA ARG I 54 20.03 30.27 -68.97
C ARG I 54 20.85 30.45 -67.71
N GLN I 55 21.35 31.66 -67.47
CA GLN I 55 22.16 31.89 -66.28
C GLN I 55 21.36 31.58 -65.00
N ILE I 56 20.03 31.66 -65.07
CA ILE I 56 19.25 31.34 -63.88
C ILE I 56 18.98 29.85 -63.74
N ALA I 57 18.78 29.16 -64.86
CA ALA I 57 18.48 27.73 -64.81
C ALA I 57 19.72 26.90 -64.48
N GLU I 58 20.88 27.28 -65.00
CA GLU I 58 22.12 26.56 -64.71
C GLU I 58 22.55 26.70 -63.25
N GLY I 59 22.09 27.75 -62.55
CA GLY I 59 22.44 28.00 -61.16
C GLY I 59 21.58 27.42 -60.04
N THR I 60 20.49 26.72 -60.30
CA THR I 60 19.74 26.04 -59.25
C THR I 60 20.05 24.53 -59.34
N SER I 61 20.34 23.97 -58.18
CA SER I 61 20.73 22.59 -58.03
C SER I 61 19.63 21.85 -57.27
N ILE I 62 18.89 21.01 -57.97
CA ILE I 62 17.90 20.20 -57.26
C ILE I 62 18.60 19.23 -56.32
N SER I 63 19.74 18.69 -56.74
CA SER I 63 20.33 17.58 -56.00
C SER I 63 20.83 18.06 -54.66
N GLU I 64 21.35 19.29 -54.61
CA GLU I 64 21.82 19.88 -53.37
C GLU I 64 20.64 20.19 -52.45
N MET I 65 19.58 20.79 -52.98
CA MET I 65 18.34 20.94 -52.20
C MET I 65 17.89 19.63 -51.55
N TRP I 66 17.80 18.57 -52.33
CA TRP I 66 17.16 17.35 -51.84
C TRP I 66 17.87 16.77 -50.63
N GLN I 67 19.19 16.94 -50.56
CA GLN I 67 19.99 16.42 -49.46
C GLN I 67 20.16 17.42 -48.32
N ASN I 68 20.34 18.70 -48.61
CA ASN I 68 20.70 19.65 -47.59
C ASN I 68 19.49 20.41 -47.01
N ASP I 69 18.46 20.64 -47.83
CA ASP I 69 17.29 21.41 -47.45
C ASP I 69 16.09 20.51 -47.15
N LEU I 70 15.69 19.66 -48.09
CA LEU I 70 14.55 18.79 -47.88
C LEU I 70 14.71 17.84 -46.71
N GLN I 71 15.68 16.94 -46.86
CA GLN I 71 15.72 15.72 -46.04
C GLN I 71 15.65 15.89 -44.52
N PRO I 72 16.27 16.89 -43.90
CA PRO I 72 15.98 17.15 -42.46
C PRO I 72 14.49 17.44 -42.15
N LEU I 73 13.77 18.16 -43.02
CA LEU I 73 12.36 18.39 -42.73
C LEU I 73 11.46 17.15 -42.91
N LEU I 74 11.95 15.95 -43.23
CA LEU I 74 11.02 14.86 -43.47
C LEU I 74 10.84 13.99 -42.21
N ILE I 75 10.37 14.66 -41.15
CA ILE I 75 10.18 14.10 -39.84
C ILE I 75 8.81 14.49 -39.28
N GLU I 76 8.40 13.83 -38.19
CA GLU I 76 7.15 14.17 -37.50
C GLU I 76 7.32 15.48 -36.76
N ARG I 77 6.49 16.47 -37.08
CA ARG I 77 6.68 17.84 -36.60
C ARG I 77 5.35 18.56 -36.41
N TYR I 78 4.39 17.97 -35.64
CA TYR I 78 3.19 18.71 -35.23
C TYR I 78 3.57 19.68 -34.12
N PRO I 79 2.81 20.75 -33.89
CA PRO I 79 3.31 21.77 -32.95
C PRO I 79 3.37 21.26 -31.51
N GLY I 80 4.31 21.79 -30.76
CA GLY I 80 4.58 21.29 -29.43
C GLY I 80 5.56 20.14 -29.41
N SER I 81 5.64 19.38 -30.51
CA SER I 81 6.49 18.19 -30.62
C SER I 81 7.96 18.56 -30.83
N PRO I 82 8.89 17.62 -30.50
CA PRO I 82 10.33 17.94 -30.60
C PRO I 82 10.77 18.09 -32.04
N GLY I 83 10.04 17.42 -32.95
CA GLY I 83 10.21 17.70 -34.37
C GLY I 83 9.91 19.15 -34.76
N SER I 84 8.81 19.71 -34.26
CA SER I 84 8.55 21.14 -34.52
C SER I 84 9.74 22.03 -34.13
N TYR I 85 10.44 21.72 -33.01
CA TYR I 85 11.63 22.49 -32.60
C TYR I 85 12.87 22.23 -33.49
N ALA I 86 13.10 20.96 -33.87
CA ALA I 86 14.20 20.62 -34.75
C ALA I 86 14.05 21.29 -36.11
N ALA I 87 12.85 21.19 -36.67
CA ALA I 87 12.53 21.82 -37.95
C ALA I 87 12.84 23.30 -37.91
N ARG I 88 12.47 23.96 -36.82
CA ARG I 88 12.67 25.40 -36.70
C ARG I 88 14.17 25.79 -36.73
N GLN I 89 15.02 25.01 -36.05
CA GLN I 89 16.45 25.33 -36.02
C GLN I 89 17.13 25.01 -37.34
N HIS I 90 16.67 23.99 -38.07
CA HIS I 90 17.19 23.74 -39.39
C HIS I 90 17.00 24.94 -40.32
N ILE I 91 15.74 25.42 -40.44
CA ILE I 91 15.40 26.49 -41.36
C ILE I 91 16.17 27.74 -41.01
N MET I 92 16.33 28.02 -39.73
CA MET I 92 17.11 29.19 -39.37
C MET I 92 18.56 29.05 -39.84
N GLN I 93 19.17 27.92 -39.46
CA GLN I 93 20.58 27.65 -39.75
C GLN I 93 20.91 27.81 -41.22
N ARG I 94 20.03 27.38 -42.10
CA ARG I 94 20.29 27.50 -43.53
C ARG I 94 20.29 28.94 -44.02
N ILE I 95 19.66 29.87 -43.29
CA ILE I 95 19.61 31.25 -43.71
C ILE I 95 20.74 32.00 -43.05
N GLN I 96 21.13 31.57 -41.87
CA GLN I 96 22.16 32.33 -41.18
C GLN I 96 23.50 32.17 -41.88
N ARG I 97 23.68 31.07 -42.61
CA ARG I 97 24.92 30.75 -43.31
C ARG I 97 25.04 31.41 -44.69
N LEU I 98 24.12 32.30 -45.04
CA LEU I 98 24.08 32.99 -46.32
C LEU I 98 24.63 34.40 -46.17
N GLN I 99 24.94 35.01 -47.30
CA GLN I 99 25.58 36.32 -47.29
C GLN I 99 24.62 37.49 -47.04
N ALA I 100 23.53 37.59 -47.82
CA ALA I 100 22.51 38.61 -47.63
C ALA I 100 22.12 38.71 -46.16
N ASP I 101 21.98 39.92 -45.61
CA ASP I 101 21.65 39.95 -44.20
C ASP I 101 20.14 39.86 -44.16
N TRP I 102 19.68 38.62 -43.96
CA TRP I 102 18.31 38.33 -43.59
C TRP I 102 18.16 38.61 -42.11
N VAL I 103 17.12 39.34 -41.74
CA VAL I 103 16.78 39.59 -40.35
C VAL I 103 15.68 38.61 -39.92
N LEU I 104 16.00 37.74 -38.97
CA LEU I 104 15.12 36.67 -38.51
C LEU I 104 14.33 37.09 -37.27
N GLU I 105 13.03 36.74 -37.26
CA GLU I 105 12.06 37.01 -36.20
C GLU I 105 11.40 35.69 -35.75
N ILE I 106 11.18 35.53 -34.46
CA ILE I 106 10.52 34.33 -33.95
C ILE I 106 9.36 34.80 -33.11
N ASP I 107 8.16 34.49 -33.60
CA ASP I 107 6.91 35.09 -33.20
C ASP I 107 6.13 33.99 -32.44
N THR I 108 6.31 33.94 -31.11
CA THR I 108 5.76 32.87 -30.27
C THR I 108 4.48 33.38 -29.62
N PHE I 109 3.40 32.58 -29.68
CA PHE I 109 2.08 33.00 -29.18
C PHE I 109 1.36 31.80 -28.57
N LEU I 110 0.40 32.11 -27.71
CA LEU I 110 -0.45 31.12 -27.05
C LEU I 110 -1.88 31.23 -27.59
N SER I 111 -2.47 30.07 -27.91
CA SER I 111 -3.83 29.92 -28.37
C SER I 111 -4.50 28.70 -27.75
N GLN I 112 -5.83 28.73 -27.72
CA GLN I 112 -6.69 27.63 -27.29
C GLN I 112 -6.94 26.68 -28.48
N THR I 113 -7.05 25.35 -28.17
CA THR I 113 -7.24 24.27 -29.16
C THR I 113 -8.25 23.24 -28.63
N PRO I 114 -8.63 22.21 -29.41
CA PRO I 114 -9.53 21.18 -28.88
C PRO I 114 -8.93 20.37 -27.73
N TYR I 115 -7.63 20.43 -27.52
CA TYR I 115 -6.93 19.74 -26.47
C TYR I 115 -6.42 20.69 -25.40
N GLY I 116 -6.83 21.96 -25.41
CA GLY I 116 -6.38 22.94 -24.41
C GLY I 116 -5.37 23.97 -24.93
N TYR I 117 -4.84 24.75 -23.99
CA TYR I 117 -3.86 25.78 -24.29
C TYR I 117 -2.56 25.20 -24.82
N ARG I 118 -2.02 25.80 -25.90
CA ARG I 118 -0.77 25.36 -26.54
C ARG I 118 0.04 26.54 -27.08
N SER I 119 1.35 26.30 -27.29
CA SER I 119 2.30 27.26 -27.82
C SER I 119 2.77 26.99 -29.26
N PHE I 120 2.81 28.07 -30.05
CA PHE I 120 3.14 28.06 -31.47
C PHE I 120 4.22 29.13 -31.74
N SER I 121 4.97 28.93 -32.85
CA SER I 121 6.02 29.90 -33.27
C SER I 121 6.09 30.01 -34.78
N ASN I 122 5.78 31.19 -35.31
CA ASN I 122 6.04 31.47 -36.70
C ASN I 122 7.50 31.88 -36.91
N ILE I 123 7.96 31.75 -38.16
CA ILE I 123 9.29 32.22 -38.56
C ILE I 123 9.17 33.26 -39.68
N ILE I 124 9.76 34.43 -39.48
CA ILE I 124 9.76 35.50 -40.46
C ILE I 124 11.21 35.85 -40.80
N SER I 125 11.49 36.03 -42.09
CA SER I 125 12.83 36.24 -42.60
C SER I 125 12.75 37.40 -43.58
N THR I 126 13.48 38.51 -43.30
CA THR I 126 13.30 39.74 -44.04
C THR I 126 14.62 40.40 -44.45
N LEU I 127 14.61 40.91 -45.69
CA LEU I 127 15.64 41.78 -46.19
C LEU I 127 15.11 43.20 -46.18
N ASN I 128 15.95 44.15 -45.75
CA ASN I 128 15.54 45.55 -45.70
C ASN I 128 14.29 45.72 -44.86
N PRO I 129 14.35 45.40 -43.59
CA PRO I 129 13.11 45.40 -42.78
C PRO I 129 12.38 46.71 -42.82
N THR I 130 13.08 47.75 -43.17
CA THR I 130 12.60 49.12 -43.06
C THR I 130 11.94 49.63 -44.36
N ALA I 131 12.21 48.95 -45.47
CA ALA I 131 11.57 49.21 -46.76
C ALA I 131 10.05 49.18 -46.66
N LYS I 132 9.39 50.17 -47.31
CA LYS I 132 7.94 50.28 -47.21
C LYS I 132 7.21 49.04 -47.71
N ARG I 133 7.73 48.42 -48.75
CA ARG I 133 7.05 47.38 -49.54
C ARG I 133 7.84 46.07 -49.59
N HIS I 134 7.12 44.93 -49.62
CA HIS I 134 7.78 43.64 -49.72
C HIS I 134 6.98 42.64 -50.56
N LEU I 135 7.68 41.96 -51.46
CA LEU I 135 7.07 40.83 -52.10
C LEU I 135 7.18 39.73 -51.08
N VAL I 136 6.13 38.92 -50.93
CA VAL I 136 6.09 37.94 -49.86
C VAL I 136 5.94 36.55 -50.44
N LEU I 137 6.67 35.59 -49.85
CA LEU I 137 6.69 34.18 -50.22
C LEU I 137 6.49 33.30 -49.00
N ALA I 138 5.65 32.26 -49.10
CA ALA I 138 5.25 31.57 -47.87
C ALA I 138 4.77 30.14 -48.09
N CYS I 139 4.84 29.36 -47.00
CA CYS I 139 4.35 27.98 -46.86
C CYS I 139 4.05 27.73 -45.38
N HIS I 140 3.69 26.51 -45.03
CA HIS I 140 3.63 26.15 -43.62
C HIS I 140 4.61 25.03 -43.30
N TYR I 141 5.21 25.08 -42.08
CA TYR I 141 6.28 24.14 -41.74
C TYR I 141 5.85 23.05 -40.74
N ASP I 142 4.65 23.13 -40.18
CA ASP I 142 4.09 22.06 -39.36
C ASP I 142 3.56 20.92 -40.23
N SER I 143 3.48 19.72 -39.64
CA SER I 143 2.85 18.55 -40.27
C SER I 143 1.64 18.13 -39.43
N LYS I 144 0.66 17.48 -40.09
CA LYS I 144 -0.59 17.13 -39.40
C LYS I 144 -0.35 16.04 -38.35
N TYR I 145 -1.01 16.23 -37.19
CA TYR I 145 -1.05 15.30 -36.08
C TYR I 145 -1.96 14.13 -36.40
N PHE I 146 -1.36 12.95 -36.46
CA PHE I 146 -2.02 11.67 -36.60
C PHE I 146 -1.34 10.74 -35.58
N SER I 147 -1.89 9.54 -35.38
CA SER I 147 -1.18 8.53 -34.60
C SER I 147 -0.19 7.84 -35.54
N HIS I 148 0.41 6.72 -35.09
CA HIS I 148 1.29 5.89 -35.93
C HIS I 148 0.53 4.71 -36.56
N TRP I 149 -0.33 5.02 -37.53
CA TRP I 149 -1.31 4.06 -38.07
C TRP I 149 -0.63 2.90 -38.78
N ASN I 150 -1.04 1.67 -38.44
CA ASN I 150 -0.35 0.46 -38.94
C ASN I 150 1.16 0.59 -38.74
N ASN I 151 1.56 1.22 -37.63
CA ASN I 151 2.99 1.30 -37.31
C ASN I 151 3.76 2.16 -38.33
N ARG I 152 3.21 3.34 -38.67
CA ARG I 152 3.86 4.34 -39.56
C ARG I 152 3.74 5.76 -38.97
N VAL I 153 4.31 6.75 -39.67
CA VAL I 153 4.37 8.13 -39.17
C VAL I 153 4.20 9.12 -40.32
N PHE I 154 3.21 9.99 -40.22
CA PHE I 154 2.97 11.00 -41.26
C PHE I 154 4.04 12.12 -41.20
N VAL I 155 4.57 12.48 -42.38
CA VAL I 155 5.64 13.47 -42.50
C VAL I 155 5.34 14.57 -43.52
N GLY I 156 4.24 14.49 -44.26
CA GLY I 156 3.82 15.58 -45.11
C GLY I 156 4.92 16.16 -45.98
N ALA I 157 5.24 15.30 -46.96
CA ALA I 157 6.35 15.53 -47.90
C ALA I 157 6.02 16.64 -48.88
N THR I 158 4.87 16.48 -49.59
CA THR I 158 4.19 17.54 -50.34
C THR I 158 3.54 18.59 -49.42
N ASP I 159 3.19 18.20 -48.19
CA ASP I 159 2.33 19.01 -47.33
C ASP I 159 3.01 19.32 -45.95
N SER I 160 3.89 20.32 -45.87
CA SER I 160 4.39 21.12 -46.99
C SER I 160 5.90 21.25 -47.01
N ALA I 161 6.60 20.15 -46.72
CA ALA I 161 8.07 20.15 -46.58
C ALA I 161 8.78 20.45 -47.88
N VAL I 162 8.27 20.00 -49.04
CA VAL I 162 8.82 20.48 -50.33
C VAL I 162 8.68 21.99 -50.46
N PRO I 163 7.53 22.58 -50.29
CA PRO I 163 7.48 24.06 -50.40
C PRO I 163 8.38 24.80 -49.42
N CYS I 164 8.67 24.28 -48.21
CA CYS I 164 9.69 24.92 -47.36
C CYS I 164 11.05 24.80 -48.00
N ALA I 165 11.34 23.60 -48.55
CA ALA I 165 12.69 23.36 -49.08
C ALA I 165 12.88 24.11 -50.38
N MET I 166 11.81 24.24 -51.17
CA MET I 166 11.92 25.03 -52.40
C MET I 166 12.32 26.47 -52.08
N MET I 167 12.00 26.92 -50.87
CA MET I 167 12.18 28.31 -50.44
C MET I 167 13.62 28.55 -50.03
N LEU I 168 14.12 27.69 -49.15
CA LEU I 168 15.53 27.69 -48.79
C LEU I 168 16.43 27.68 -50.02
N GLU I 169 16.24 26.69 -50.90
CA GLU I 169 16.98 26.58 -52.16
C GLU I 169 16.99 27.90 -52.91
N LEU I 170 15.81 28.58 -53.01
CA LEU I 170 15.73 29.81 -53.81
C LEU I 170 16.48 31.01 -53.19
N ALA I 171 16.55 31.11 -51.85
CA ALA I 171 17.33 32.22 -51.26
C ALA I 171 18.83 31.95 -51.26
N ARG I 172 19.24 30.74 -51.61
CA ARG I 172 20.64 30.46 -51.90
C ARG I 172 20.97 30.79 -53.35
N ALA I 173 20.39 30.05 -54.30
CA ALA I 173 20.62 30.33 -55.71
C ALA I 173 20.77 31.84 -56.02
N LEU I 174 19.87 32.67 -55.54
CA LEU I 174 20.00 34.09 -55.84
C LEU I 174 20.65 34.90 -54.73
N ASP I 175 21.45 34.27 -53.88
CA ASP I 175 21.98 34.97 -52.71
C ASP I 175 22.81 36.18 -53.13
N LYS I 176 23.56 36.06 -54.23
CA LYS I 176 24.46 37.12 -54.68
C LYS I 176 23.70 38.26 -55.32
N LYS I 177 22.69 37.93 -56.14
CA LYS I 177 21.90 39.01 -56.70
C LYS I 177 21.10 39.68 -55.58
N LEU I 178 20.51 38.88 -54.67
CA LEU I 178 19.77 39.45 -53.53
C LEU I 178 20.63 40.43 -52.74
N LEU I 179 21.91 40.11 -52.59
CA LEU I 179 22.84 40.95 -51.86
C LEU I 179 23.00 42.34 -52.49
N SER I 180 22.53 42.54 -53.74
CA SER I 180 22.53 43.80 -54.47
C SER I 180 21.46 44.77 -54.02
N LEU I 181 20.76 44.47 -52.94
CA LEU I 181 19.86 45.45 -52.32
C LEU I 181 20.50 46.05 -51.07
N LYS I 182 21.78 46.39 -51.24
CA LYS I 182 22.63 46.95 -50.19
C LYS I 182 22.30 46.31 -48.85
N PRO I 189 12.72 51.87 -56.89
CA PRO I 189 11.62 51.35 -56.07
C PRO I 189 12.07 50.89 -54.69
N ASP I 190 11.35 51.30 -53.65
CA ASP I 190 11.64 50.89 -52.26
C ASP I 190 10.99 49.54 -51.89
N LEU I 191 11.46 48.50 -52.55
CA LEU I 191 10.89 47.17 -52.53
C LEU I 191 12.02 46.15 -52.32
N SER I 192 11.69 45.06 -51.63
CA SER I 192 12.62 44.01 -51.22
C SER I 192 11.74 42.76 -51.02
N LEU I 193 12.23 41.77 -50.26
CA LEU I 193 11.56 40.47 -50.19
C LEU I 193 11.52 39.95 -48.76
N GLN I 194 10.44 39.19 -48.47
CA GLN I 194 10.14 38.59 -47.18
C GLN I 194 9.70 37.14 -47.39
N LEU I 195 10.09 36.29 -46.43
CA LEU I 195 9.66 34.89 -46.31
C LEU I 195 8.95 34.65 -44.99
N ILE I 196 7.89 33.86 -45.04
CA ILE I 196 7.14 33.48 -43.85
C ILE I 196 7.02 31.94 -43.82
N PHE I 197 7.30 31.35 -42.66
CA PHE I 197 7.06 29.93 -42.43
C PHE I 197 5.98 29.78 -41.32
N PHE I 198 4.70 29.54 -41.66
CA PHE I 198 3.63 29.45 -40.67
C PHE I 198 3.66 28.12 -39.90
N ASP I 199 3.38 28.19 -38.57
CA ASP I 199 3.07 27.07 -37.65
C ASP I 199 1.56 26.82 -37.53
N GLY I 200 1.18 25.57 -37.34
CA GLY I 200 -0.21 25.18 -37.03
C GLY I 200 -1.32 25.48 -38.02
N GLU I 201 -1.03 25.37 -39.31
CA GLU I 201 -2.04 25.49 -40.35
C GLU I 201 -3.12 24.40 -40.23
N GLU I 202 -2.72 23.17 -39.92
CA GLU I 202 -3.68 22.08 -39.93
C GLU I 202 -4.47 21.98 -38.62
N ALA I 203 -5.64 21.40 -38.74
CA ALA I 203 -6.49 21.18 -37.59
C ALA I 203 -5.85 20.16 -36.66
N PHE I 204 -6.05 20.35 -35.33
CA PHE I 204 -5.66 19.29 -34.39
C PHE I 204 -6.62 18.11 -34.47
N LEU I 205 -7.95 18.39 -34.63
CA LEU I 205 -9.03 17.41 -34.53
C LEU I 205 -10.06 17.46 -35.67
N HIS I 206 -10.67 18.62 -35.96
CA HIS I 206 -11.74 18.75 -36.96
C HIS I 206 -11.73 20.17 -37.50
N TRP I 207 -11.67 20.32 -38.85
CA TRP I 207 -11.40 21.61 -39.50
C TRP I 207 -12.58 22.56 -39.33
N SER I 208 -12.33 23.63 -38.62
CA SER I 208 -13.31 24.68 -38.36
C SER I 208 -12.57 26.00 -38.29
N PRO I 209 -13.31 27.11 -38.17
CA PRO I 209 -12.68 28.43 -38.01
C PRO I 209 -11.81 28.57 -36.80
N GLN I 210 -12.10 27.81 -35.75
CA GLN I 210 -11.28 27.92 -34.55
C GLN I 210 -10.29 26.77 -34.37
N ASP I 211 -10.35 25.73 -35.22
CA ASP I 211 -9.36 24.65 -35.22
C ASP I 211 -8.82 24.57 -36.65
N SER I 212 -7.81 25.43 -36.90
CA SER I 212 -7.14 25.64 -38.18
C SER I 212 -6.51 27.04 -38.22
N LEU I 213 -5.57 27.22 -39.17
CA LEU I 213 -4.97 28.53 -39.51
C LEU I 213 -4.60 29.32 -38.29
N TYR I 214 -3.91 28.64 -37.35
CA TYR I 214 -3.52 29.23 -36.07
C TYR I 214 -2.44 30.28 -36.26
N GLY I 215 -1.44 30.03 -37.13
CA GLY I 215 -0.32 30.96 -37.30
C GLY I 215 -0.66 32.15 -38.19
N SER I 216 -1.41 31.90 -39.25
CA SER I 216 -1.74 32.96 -40.16
C SER I 216 -2.84 33.88 -39.60
N ARG I 217 -3.91 33.34 -39.00
CA ARG I 217 -4.88 34.22 -38.34
C ARG I 217 -4.18 35.12 -37.32
N HIS I 218 -3.18 34.61 -36.59
CA HIS I 218 -2.49 35.44 -35.58
C HIS I 218 -1.60 36.52 -36.20
N LEU I 219 -0.80 36.19 -37.23
CA LEU I 219 0.16 37.16 -37.77
C LEU I 219 -0.54 38.27 -38.58
N ALA I 220 -1.56 37.91 -39.34
CA ALA I 220 -2.37 38.89 -40.07
C ALA I 220 -2.91 39.99 -39.14
N ALA I 221 -3.48 39.61 -38.00
CA ALA I 221 -4.01 40.58 -37.03
C ALA I 221 -2.92 41.50 -36.50
N LYS I 222 -1.72 40.92 -36.20
CA LYS I 222 -0.59 41.73 -35.70
C LYS I 222 -0.17 42.79 -36.72
N MET I 223 0.07 42.36 -37.99
CA MET I 223 0.57 43.24 -39.04
C MET I 223 -0.39 44.39 -39.29
N ALA I 224 -1.69 44.13 -39.19
CA ALA I 224 -2.66 45.19 -39.39
C ALA I 224 -2.76 46.15 -38.18
N SER I 225 -2.29 45.77 -37.01
CA SER I 225 -2.18 46.70 -35.88
C SER I 225 -0.75 47.19 -35.59
N THR I 226 0.21 46.97 -36.50
CA THR I 226 1.58 47.52 -36.42
C THR I 226 1.81 48.64 -37.44
N PRO I 227 2.15 49.86 -37.03
CA PRO I 227 2.51 50.89 -38.00
C PRO I 227 3.71 50.55 -38.87
N HIS I 228 3.67 51.03 -40.11
CA HIS I 228 4.74 50.81 -41.04
C HIS I 228 4.74 51.88 -42.11
N PRO I 229 5.89 52.54 -42.34
CA PRO I 229 7.19 52.32 -41.74
C PRO I 229 7.24 52.84 -40.31
N PRO I 230 8.32 52.59 -39.57
CA PRO I 230 8.39 53.12 -38.21
C PRO I 230 8.22 54.64 -38.17
N GLY I 231 7.55 55.12 -37.11
CA GLY I 231 7.16 56.52 -36.99
C GLY I 231 5.79 56.79 -37.58
N ALA I 232 5.34 55.97 -38.53
CA ALA I 232 4.17 56.26 -39.35
C ALA I 232 2.90 56.41 -38.51
N ARG I 233 1.94 57.14 -39.08
CA ARG I 233 0.69 57.55 -38.41
C ARG I 233 -0.52 56.88 -39.01
N GLY I 234 -0.47 56.54 -40.30
CA GLY I 234 -1.69 56.02 -40.87
C GLY I 234 -1.66 54.71 -41.58
N THR I 235 -0.55 53.94 -41.53
CA THR I 235 -0.22 52.84 -42.46
C THR I 235 0.30 51.68 -41.66
N SER I 236 0.06 50.44 -42.16
CA SER I 236 0.28 49.19 -41.42
C SER I 236 1.23 48.25 -42.16
N GLN I 237 1.93 47.37 -41.40
CA GLN I 237 2.74 46.35 -42.06
C GLN I 237 1.96 45.61 -43.16
N LEU I 238 0.64 45.49 -43.02
CA LEU I 238 -0.18 44.76 -43.98
C LEU I 238 -0.40 45.55 -45.26
N HIS I 239 -0.42 46.88 -45.18
CA HIS I 239 -0.44 47.68 -46.40
C HIS I 239 0.84 47.46 -47.22
N GLY I 240 1.96 47.12 -46.53
CA GLY I 240 3.27 46.88 -47.10
C GLY I 240 3.40 45.60 -47.88
N MET I 241 2.44 44.66 -47.76
CA MET I 241 2.48 43.33 -48.40
C MET I 241 2.03 43.49 -49.85
N ASP I 242 3.02 43.48 -50.75
CA ASP I 242 2.77 43.81 -52.16
C ASP I 242 1.92 42.73 -52.86
N LEU I 243 2.33 41.47 -52.74
CA LEU I 243 1.53 40.33 -53.18
C LEU I 243 1.94 39.24 -52.22
N LEU I 244 1.04 38.27 -52.01
CA LEU I 244 1.32 37.06 -51.22
C LEU I 244 1.33 35.81 -52.11
N VAL I 245 2.48 35.13 -52.19
CA VAL I 245 2.60 33.89 -53.00
C VAL I 245 2.60 32.71 -52.04
N LEU I 246 1.45 32.03 -51.92
CA LEU I 246 1.35 30.96 -50.94
C LEU I 246 1.55 29.58 -51.63
N LEU I 247 2.68 28.95 -51.33
CA LEU I 247 3.04 27.61 -51.81
C LEU I 247 2.48 26.49 -50.91
N ASP I 248 1.78 25.52 -51.52
CA ASP I 248 1.11 24.46 -50.73
C ASP I 248 0.79 23.27 -51.65
N LEU I 249 1.00 22.04 -51.12
CA LEU I 249 0.70 20.74 -51.77
C LEU I 249 1.51 20.47 -53.06
N ILE I 250 2.84 20.77 -53.02
CA ILE I 250 3.77 20.55 -54.14
C ILE I 250 4.82 19.45 -53.84
N GLY I 251 5.04 18.59 -54.87
CA GLY I 251 5.99 17.49 -54.92
C GLY I 251 5.51 16.37 -55.84
N ALA I 252 4.34 16.42 -56.20
CA ALA I 252 3.75 15.35 -56.94
C ALA I 252 3.82 15.59 -58.47
N PRO I 253 3.62 14.54 -59.27
CA PRO I 253 3.71 14.68 -60.74
C PRO I 253 2.38 15.06 -61.41
N ASN I 254 2.48 15.82 -62.52
CA ASN I 254 1.33 16.32 -63.26
C ASN I 254 0.40 17.24 -62.47
N PRO I 255 0.91 18.25 -61.77
CA PRO I 255 0.02 19.22 -61.18
C PRO I 255 -0.58 20.11 -62.22
N THR I 256 -1.69 20.72 -61.84
CA THR I 256 -2.39 21.71 -62.66
C THR I 256 -2.91 22.81 -61.73
N PHE I 257 -2.29 23.99 -61.76
CA PHE I 257 -2.74 25.09 -60.93
C PHE I 257 -3.79 25.97 -61.64
N PRO I 258 -4.97 26.29 -60.97
CA PRO I 258 -5.95 27.23 -61.53
C PRO I 258 -5.68 28.70 -61.23
N ASN I 259 -6.53 29.60 -61.77
CA ASN I 259 -6.48 31.04 -61.51
C ASN I 259 -7.62 31.47 -60.59
N PHE I 260 -7.32 31.81 -59.35
CA PHE I 260 -8.41 31.95 -58.39
C PHE I 260 -9.02 33.34 -58.31
N PHE I 261 -8.23 34.39 -58.51
CA PHE I 261 -8.63 35.73 -58.10
C PHE I 261 -8.55 36.69 -59.27
N PRO I 262 -9.63 37.42 -59.60
CA PRO I 262 -9.55 38.36 -60.72
C PRO I 262 -8.52 39.46 -60.52
N ASN I 263 -8.17 39.80 -59.28
CA ASN I 263 -7.25 40.89 -58.99
C ASN I 263 -5.76 40.49 -58.86
N SER I 264 -5.34 39.28 -59.22
CA SER I 264 -3.92 38.94 -59.37
C SER I 264 -3.70 38.21 -60.68
N ALA I 265 -4.64 38.33 -61.61
CA ALA I 265 -4.66 37.56 -62.84
C ALA I 265 -3.52 37.91 -63.79
N ARG I 266 -2.98 39.11 -63.76
CA ARG I 266 -1.85 39.43 -64.62
C ARG I 266 -0.57 38.76 -64.13
N TRP I 267 -0.38 38.69 -62.81
CA TRP I 267 0.74 37.92 -62.26
C TRP I 267 0.62 36.40 -62.55
N PHE I 268 -0.60 35.86 -62.61
CA PHE I 268 -0.74 34.48 -63.05
C PHE I 268 -0.39 34.32 -64.53
N GLU I 269 -0.90 35.21 -65.39
CA GLU I 269 -0.50 35.18 -66.80
C GLU I 269 1.03 35.17 -66.96
N ARG I 270 1.72 36.03 -66.20
CA ARG I 270 3.17 36.06 -66.26
C ARG I 270 3.78 34.68 -66.02
N LEU I 271 3.24 33.89 -65.05
CA LEU I 271 3.75 32.54 -64.80
C LEU I 271 3.56 31.62 -65.99
N GLN I 272 2.52 31.84 -66.77
CA GLN I 272 2.27 31.04 -67.97
C GLN I 272 3.38 31.20 -68.98
N ALA I 273 3.47 32.42 -69.51
CA ALA I 273 4.62 32.97 -70.21
C ALA I 273 5.93 32.34 -69.82
N ILE I 274 6.29 32.45 -68.54
CA ILE I 274 7.59 31.98 -68.09
C ILE I 274 7.73 30.46 -68.30
N GLU I 275 6.68 29.70 -67.98
CA GLU I 275 6.75 28.26 -68.27
C GLU I 275 7.05 28.02 -69.76
N HIS I 276 6.29 28.71 -70.65
CA HIS I 276 6.35 28.50 -72.10
C HIS I 276 7.71 28.89 -72.72
N GLU I 277 8.30 30.02 -72.34
CA GLU I 277 9.63 30.30 -72.86
C GLU I 277 10.73 29.41 -72.24
N LEU I 278 10.60 28.93 -71.02
CA LEU I 278 11.71 28.07 -70.55
C LEU I 278 11.73 26.72 -71.28
N HIS I 279 10.59 26.31 -71.89
CA HIS I 279 10.49 25.07 -72.68
C HIS I 279 10.95 25.28 -74.12
N GLU I 280 10.43 26.34 -74.78
CA GLU I 280 10.80 26.64 -76.15
C GLU I 280 12.27 26.95 -76.25
N LEU I 281 12.85 27.46 -75.19
CA LEU I 281 14.31 27.51 -75.07
C LEU I 281 14.92 26.15 -74.71
N GLY I 282 14.08 25.11 -74.56
CA GLY I 282 14.51 23.79 -74.13
C GLY I 282 15.16 23.71 -72.77
N LEU I 283 14.77 24.60 -71.83
CA LEU I 283 15.38 24.66 -70.51
C LEU I 283 14.64 23.86 -69.45
N LEU I 284 13.69 23.03 -69.85
CA LEU I 284 12.91 22.17 -68.97
C LEU I 284 13.08 20.71 -69.38
N LYS I 285 12.71 19.81 -68.47
CA LYS I 285 12.97 18.40 -68.57
C LYS I 285 11.67 17.62 -68.38
N ASP I 286 11.54 16.50 -69.08
CA ASP I 286 10.36 15.66 -68.97
C ASP I 286 9.07 16.49 -69.00
N HIS I 287 9.15 17.70 -69.56
CA HIS I 287 8.04 18.65 -69.64
C HIS I 287 7.42 18.56 -71.03
N SER I 288 6.10 18.67 -71.08
CA SER I 288 5.38 18.81 -72.33
C SER I 288 4.54 20.06 -72.25
N LEU I 289 4.16 20.55 -73.43
CA LEU I 289 3.25 21.68 -73.50
C LEU I 289 1.81 21.27 -73.42
N GLU I 290 1.56 19.98 -73.37
CA GLU I 290 0.23 19.44 -73.13
C GLU I 290 0.09 18.83 -71.75
N GLY I 291 1.17 18.85 -70.95
CA GLY I 291 1.15 18.49 -69.53
C GLY I 291 1.54 19.69 -68.70
N ARG I 292 0.93 20.82 -69.05
CA ARG I 292 1.31 22.16 -68.62
C ARG I 292 0.78 22.47 -67.22
N TYR I 293 1.63 23.03 -66.36
CA TYR I 293 1.26 23.25 -64.96
C TYR I 293 0.21 24.33 -64.83
N PHE I 294 0.56 25.57 -65.20
CA PHE I 294 -0.35 26.71 -65.08
C PHE I 294 -1.21 26.81 -66.32
N GLN I 295 -2.33 26.16 -66.26
CA GLN I 295 -3.26 26.22 -67.35
C GLN I 295 -4.15 27.41 -67.13
N ASN I 296 -4.83 27.83 -68.18
CA ASN I 296 -5.82 28.89 -68.01
C ASN I 296 -7.16 28.23 -67.66
N TYR I 297 -7.60 28.39 -66.41
CA TYR I 297 -8.92 27.87 -66.03
C TYR I 297 -9.16 28.40 -64.62
N SER I 298 -9.78 29.59 -64.52
CA SER I 298 -10.07 30.12 -63.20
C SER I 298 -10.89 29.10 -62.42
N TYR I 299 -10.84 29.21 -61.09
CA TYR I 299 -11.58 28.32 -60.20
C TYR I 299 -12.55 29.17 -59.37
N GLY I 300 -13.82 28.83 -59.47
CA GLY I 300 -14.86 29.51 -58.72
C GLY I 300 -14.60 29.68 -57.23
N GLY I 301 -14.66 28.59 -56.43
CA GLY I 301 -14.83 28.70 -54.98
C GLY I 301 -13.69 28.41 -54.01
N VAL I 302 -12.98 29.45 -53.58
CA VAL I 302 -11.78 29.35 -52.75
C VAL I 302 -11.67 28.06 -51.94
N ILE I 303 -10.47 27.73 -51.69
CA ILE I 303 -10.08 26.70 -50.76
C ILE I 303 -9.65 27.38 -49.46
N GLN I 304 -9.99 26.79 -48.31
CA GLN I 304 -9.45 27.27 -47.04
C GLN I 304 -7.96 26.97 -46.92
N ASP I 305 -7.20 27.95 -46.44
CA ASP I 305 -5.73 27.86 -46.36
C ASP I 305 -5.21 29.14 -45.71
N ASP I 306 -3.89 29.27 -45.50
CA ASP I 306 -3.25 30.33 -44.68
C ASP I 306 -3.47 31.73 -45.25
N HIS I 307 -3.92 31.85 -46.48
CA HIS I 307 -4.12 33.19 -47.03
C HIS I 307 -5.44 33.86 -46.60
N ILE I 308 -6.44 33.06 -46.17
CA ILE I 308 -7.80 33.59 -45.90
C ILE I 308 -7.71 34.83 -45.02
N PRO I 309 -6.91 34.85 -43.96
CA PRO I 309 -6.91 36.01 -43.05
C PRO I 309 -6.44 37.32 -43.64
N PHE I 310 -5.54 37.31 -44.68
CA PHE I 310 -4.99 38.49 -45.34
C PHE I 310 -5.86 38.97 -46.49
N LEU I 311 -6.37 38.01 -47.28
CA LEU I 311 -7.27 38.31 -48.37
C LEU I 311 -8.51 39.05 -47.92
N ARG I 312 -9.12 38.66 -46.79
CA ARG I 312 -10.33 39.31 -46.26
C ARG I 312 -10.04 40.70 -45.64
N ARG I 313 -8.81 41.12 -45.70
CA ARG I 313 -8.39 42.45 -45.29
C ARG I 313 -7.82 43.21 -46.48
N GLY I 314 -7.85 42.61 -47.66
CA GLY I 314 -7.51 43.28 -48.91
C GLY I 314 -6.13 43.06 -49.45
N VAL I 315 -5.42 42.02 -49.00
CA VAL I 315 -4.09 41.70 -49.58
C VAL I 315 -4.29 40.81 -50.81
N PRO I 316 -3.60 41.08 -51.92
CA PRO I 316 -3.78 40.25 -53.10
C PRO I 316 -2.91 39.01 -53.04
N VAL I 317 -3.44 37.99 -53.65
CA VAL I 317 -2.88 36.68 -53.45
C VAL I 317 -2.68 35.96 -54.76
N LEU I 318 -1.55 35.28 -54.85
CA LEU I 318 -1.26 34.29 -55.84
C LEU I 318 -1.19 32.97 -55.08
N HIS I 319 -2.13 32.09 -55.29
CA HIS I 319 -2.28 30.90 -54.45
C HIS I 319 -1.80 29.69 -55.27
N LEU I 320 -0.56 29.25 -55.02
CA LEU I 320 0.07 28.14 -55.74
C LEU I 320 -0.19 26.83 -55.00
N ILE I 321 -1.43 26.35 -55.13
CA ILE I 321 -1.90 25.07 -54.63
C ILE I 321 -2.63 24.31 -55.77
N PRO I 322 -2.41 23.01 -55.98
CA PRO I 322 -3.06 22.38 -57.14
C PRO I 322 -4.49 21.92 -56.87
N SER I 323 -5.31 21.99 -57.91
CA SER I 323 -6.64 21.38 -57.92
C SER I 323 -6.78 20.39 -59.08
N PRO I 324 -7.04 19.12 -58.77
CA PRO I 324 -7.25 18.45 -57.46
C PRO I 324 -6.02 18.32 -56.56
N PHE I 325 -6.26 18.05 -55.27
CA PHE I 325 -5.17 17.81 -54.36
C PHE I 325 -4.34 16.61 -54.84
N PRO I 326 -3.12 16.43 -54.35
CA PRO I 326 -2.38 15.26 -54.76
C PRO I 326 -3.15 13.99 -54.39
N GLU I 327 -2.86 12.92 -55.13
CA GLU I 327 -3.49 11.64 -54.87
C GLU I 327 -3.17 11.08 -53.48
N VAL I 328 -1.97 11.34 -52.95
CA VAL I 328 -1.57 10.86 -51.64
C VAL I 328 -1.96 11.79 -50.49
N TRP I 329 -2.81 12.80 -50.73
CA TRP I 329 -3.11 13.81 -49.71
C TRP I 329 -3.63 13.20 -48.40
N HIS I 330 -3.07 13.67 -47.28
CA HIS I 330 -3.38 13.17 -45.93
C HIS I 330 -3.35 11.64 -45.86
N THR I 331 -2.17 11.09 -46.14
CA THR I 331 -1.94 9.65 -46.30
C THR I 331 -0.51 9.34 -45.83
N MET I 332 -0.27 8.11 -45.36
CA MET I 332 1.08 7.72 -44.95
C MET I 332 2.05 7.59 -46.13
N ASP I 333 1.52 7.36 -47.33
CA ASP I 333 2.22 7.48 -48.59
C ASP I 333 2.59 8.96 -49.03
N ASP I 334 2.34 10.00 -48.24
CA ASP I 334 2.90 11.32 -48.56
C ASP I 334 4.37 11.34 -48.13
N ASN I 335 5.20 10.65 -48.90
CA ASN I 335 6.61 10.40 -48.60
C ASN I 335 7.53 10.82 -49.77
N GLU I 336 8.81 10.52 -49.57
CA GLU I 336 9.87 10.81 -50.54
C GLU I 336 9.73 9.97 -51.82
N GLU I 337 9.36 8.70 -51.68
CA GLU I 337 9.19 7.83 -52.85
C GLU I 337 8.30 8.48 -53.90
N ASN I 338 7.16 9.02 -53.47
CA ASN I 338 6.13 9.47 -54.40
C ASN I 338 6.37 10.91 -54.90
N LEU I 339 7.44 11.56 -54.49
CA LEU I 339 7.85 12.81 -55.09
C LEU I 339 8.45 12.58 -56.47
N ASP I 340 8.36 13.59 -57.34
CA ASP I 340 9.00 13.55 -58.65
C ASP I 340 10.00 14.71 -58.78
N GLU I 341 11.30 14.35 -58.80
CA GLU I 341 12.41 15.28 -59.05
C GLU I 341 12.19 16.22 -60.23
N SER I 342 11.78 15.67 -61.38
CA SER I 342 11.67 16.51 -62.59
C SER I 342 10.70 17.66 -62.37
N THR I 343 9.46 17.35 -62.00
CA THR I 343 8.48 18.41 -61.98
C THR I 343 8.81 19.43 -60.90
N ILE I 344 9.58 19.04 -59.88
CA ILE I 344 9.91 20.01 -58.80
C ILE I 344 10.96 21.00 -59.26
N ASP I 345 11.95 20.51 -60.08
CA ASP I 345 13.09 21.28 -60.59
C ASP I 345 12.61 22.33 -61.60
N ASN I 346 11.64 21.97 -62.42
CA ASN I 346 11.09 22.96 -63.35
C ASN I 346 10.38 24.08 -62.60
N LEU I 347 9.84 23.82 -61.39
CA LEU I 347 9.06 24.82 -60.63
C LEU I 347 9.96 25.83 -59.85
N ASN I 348 11.07 25.35 -59.31
CA ASN I 348 12.13 26.23 -58.81
C ASN I 348 12.64 27.20 -59.89
N LYS I 349 12.72 26.71 -61.10
CA LYS I 349 13.27 27.53 -62.15
C LYS I 349 12.31 28.65 -62.50
N ILE I 350 11.04 28.32 -62.69
CA ILE I 350 10.01 29.31 -63.00
C ILE I 350 9.83 30.28 -61.83
N LEU I 351 9.99 29.81 -60.59
CA LEU I 351 9.76 30.71 -59.46
C LEU I 351 10.85 31.73 -59.38
N GLN I 352 12.11 31.27 -59.45
CA GLN I 352 13.27 32.15 -59.30
C GLN I 352 13.25 33.26 -60.34
N VAL I 353 12.76 32.95 -61.54
CA VAL I 353 12.57 33.97 -62.58
C VAL I 353 11.49 34.97 -62.16
N PHE I 354 10.27 34.47 -61.81
CA PHE I 354 9.16 35.31 -61.36
C PHE I 354 9.68 36.35 -60.35
N VAL I 355 10.53 35.90 -59.43
CA VAL I 355 10.91 36.75 -58.29
C VAL I 355 11.97 37.74 -58.70
N LEU I 356 12.84 37.32 -59.63
CA LEU I 356 13.83 38.23 -60.18
C LEU I 356 13.19 39.30 -61.04
N GLU I 357 12.14 38.93 -61.81
CA GLU I 357 11.43 39.88 -62.66
C GLU I 357 10.57 40.81 -61.85
N TYR I 358 10.11 40.38 -60.67
CA TYR I 358 9.36 41.26 -59.79
C TYR I 358 10.28 42.26 -59.13
N LEU I 359 11.49 41.86 -58.78
CA LEU I 359 12.38 42.75 -58.04
C LEU I 359 13.38 43.51 -58.91
N HIS I 360 13.27 43.49 -60.25
CA HIS I 360 14.16 44.24 -61.16
C HIS I 360 15.63 43.90 -60.88
N LEU I 361 15.93 42.61 -60.85
CA LEU I 361 17.32 42.17 -60.73
C LEU I 361 17.65 41.14 -61.79
N ALA J 33 -6.00 11.60 -28.17
CA ALA J 33 -6.75 11.40 -26.92
C ALA J 33 -8.11 10.79 -27.26
N SER J 34 -8.13 9.45 -27.28
CA SER J 34 -9.22 8.71 -27.93
C SER J 34 -9.10 9.12 -29.38
N ALA J 35 -8.44 8.26 -30.15
CA ALA J 35 -8.07 8.61 -31.50
C ALA J 35 -9.07 8.13 -32.55
N TRP J 36 -10.11 7.42 -32.15
CA TRP J 36 -11.00 6.76 -33.10
C TRP J 36 -11.64 7.73 -34.11
N PRO J 37 -11.76 9.05 -33.85
CA PRO J 37 -12.31 9.93 -34.91
C PRO J 37 -11.53 9.89 -36.22
N GLU J 38 -10.24 9.51 -36.18
CA GLU J 38 -9.39 9.53 -37.36
C GLU J 38 -9.48 8.24 -38.17
N GLU J 39 -10.25 7.25 -37.71
CA GLU J 39 -10.32 5.99 -38.43
C GLU J 39 -10.91 6.21 -39.82
N LYS J 40 -11.95 7.04 -39.91
CA LYS J 40 -12.58 7.32 -41.20
C LYS J 40 -11.59 7.87 -42.25
N ASN J 41 -10.55 8.62 -41.84
CA ASN J 41 -9.62 9.14 -42.84
C ASN J 41 -8.90 8.03 -43.57
N TYR J 42 -8.99 6.78 -43.10
CA TYR J 42 -8.30 5.63 -43.69
C TYR J 42 -9.23 4.61 -44.35
N HIS J 43 -10.46 4.45 -43.87
CA HIS J 43 -11.33 3.35 -44.29
C HIS J 43 -11.40 3.18 -45.82
N GLN J 44 -11.54 1.92 -46.26
CA GLN J 44 -11.46 1.51 -47.67
C GLN J 44 -12.53 0.49 -48.03
N PRO J 45 -13.03 0.51 -49.27
CA PRO J 45 -14.17 -0.35 -49.63
C PRO J 45 -13.78 -1.78 -50.01
N ALA J 46 -14.79 -2.66 -49.95
CA ALA J 46 -14.71 -4.07 -50.34
C ALA J 46 -15.50 -4.28 -51.64
N ILE J 47 -14.81 -4.10 -52.77
CA ILE J 47 -15.45 -4.12 -54.08
C ILE J 47 -16.25 -5.41 -54.26
N LEU J 48 -17.49 -5.25 -54.69
CA LEU J 48 -18.25 -6.40 -55.14
C LEU J 48 -17.68 -6.92 -56.47
N ASN J 49 -17.95 -8.20 -56.79
CA ASN J 49 -17.55 -8.79 -58.06
C ASN J 49 -18.73 -8.75 -59.03
N SER J 50 -18.49 -9.26 -60.24
CA SER J 50 -19.49 -9.23 -61.30
C SER J 50 -20.56 -10.32 -61.19
N SER J 51 -20.69 -10.98 -60.05
CA SER J 51 -21.80 -11.87 -59.74
C SER J 51 -22.71 -11.24 -58.71
N ALA J 52 -22.07 -10.69 -57.66
CA ALA J 52 -22.70 -9.76 -56.73
C ALA J 52 -23.40 -8.60 -57.44
N LEU J 53 -22.76 -8.03 -58.46
CA LEU J 53 -23.32 -6.85 -59.11
C LEU J 53 -24.65 -7.17 -59.80
N ARG J 54 -24.71 -8.30 -60.52
CA ARG J 54 -26.00 -8.72 -61.07
C ARG J 54 -26.99 -9.06 -59.97
N GLN J 55 -26.52 -9.57 -58.81
CA GLN J 55 -27.40 -9.86 -57.69
C GLN J 55 -28.19 -8.61 -57.28
N ILE J 56 -27.48 -7.49 -57.13
CA ILE J 56 -28.08 -6.25 -56.63
C ILE J 56 -29.02 -5.68 -57.67
N ALA J 57 -28.55 -5.58 -58.91
CA ALA J 57 -29.41 -5.05 -59.96
C ALA J 57 -30.79 -5.68 -59.88
N GLU J 58 -30.83 -7.00 -59.86
CA GLU J 58 -32.11 -7.65 -59.95
C GLU J 58 -32.82 -7.72 -58.60
N GLY J 59 -32.12 -7.37 -57.52
CA GLY J 59 -32.70 -7.35 -56.18
C GLY J 59 -33.62 -6.18 -55.85
N THR J 60 -33.56 -5.06 -56.60
CA THR J 60 -34.41 -3.89 -56.40
C THR J 60 -35.47 -3.69 -57.49
N SER J 61 -36.68 -3.30 -57.08
CA SER J 61 -37.87 -3.12 -57.94
C SER J 61 -38.40 -1.69 -57.94
N ILE J 62 -38.09 -0.93 -59.00
CA ILE J 62 -38.61 0.44 -59.21
C ILE J 62 -40.12 0.54 -59.03
N SER J 63 -40.82 -0.52 -59.33
CA SER J 63 -42.27 -0.54 -59.38
C SER J 63 -42.87 -0.69 -57.99
N GLU J 64 -42.21 -1.49 -57.15
CA GLU J 64 -42.65 -1.61 -55.78
C GLU J 64 -42.40 -0.30 -55.05
N MET J 65 -41.24 0.32 -55.30
CA MET J 65 -40.98 1.63 -54.72
C MET J 65 -42.07 2.65 -55.11
N TRP J 66 -42.38 2.77 -56.41
CA TRP J 66 -43.33 3.78 -56.90
C TRP J 66 -44.69 3.68 -56.22
N GLN J 67 -45.21 2.47 -56.08
CA GLN J 67 -46.54 2.29 -55.52
C GLN J 67 -46.53 2.38 -54.00
N ASN J 68 -45.53 1.79 -53.33
CA ASN J 68 -45.61 1.65 -51.87
C ASN J 68 -44.88 2.74 -51.10
N ASP J 69 -43.74 3.22 -51.62
CA ASP J 69 -42.95 4.20 -50.89
C ASP J 69 -43.20 5.65 -51.35
N LEU J 70 -43.38 5.91 -52.64
CA LEU J 70 -43.36 7.26 -53.22
C LEU J 70 -44.72 7.91 -53.41
N GLN J 71 -45.77 7.18 -53.61
CA GLN J 71 -47.07 7.85 -53.88
C GLN J 71 -47.75 8.48 -52.68
N PRO J 72 -47.64 7.85 -51.50
CA PRO J 72 -48.30 8.41 -50.34
C PRO J 72 -47.65 9.68 -49.91
N LEU J 73 -46.42 9.95 -50.42
CA LEU J 73 -45.66 11.14 -50.12
C LEU J 73 -45.99 12.31 -51.02
N LEU J 74 -46.82 12.16 -52.05
CA LEU J 74 -47.03 13.27 -53.00
C LEU J 74 -48.21 14.11 -52.53
N ILE J 75 -47.99 14.74 -51.40
CA ILE J 75 -48.99 15.53 -50.71
C ILE J 75 -48.34 16.81 -50.17
N GLU J 76 -49.18 17.81 -49.95
CA GLU J 76 -48.77 19.07 -49.36
C GLU J 76 -48.29 18.85 -47.93
N ARG J 77 -46.97 18.96 -47.66
CA ARG J 77 -46.45 18.62 -46.34
C ARG J 77 -45.54 19.72 -45.77
N TYR J 78 -45.93 20.99 -45.83
CA TYR J 78 -45.06 21.99 -45.25
C TYR J 78 -45.08 21.91 -43.70
N PRO J 79 -44.01 22.39 -43.05
CA PRO J 79 -43.87 22.19 -41.59
C PRO J 79 -45.12 22.66 -40.85
N GLY J 80 -45.59 21.85 -39.91
CA GLY J 80 -46.75 22.16 -39.11
C GLY J 80 -48.10 21.83 -39.74
N SER J 81 -48.12 21.22 -40.94
CA SER J 81 -49.37 20.96 -41.63
C SER J 81 -49.89 19.53 -41.39
N PRO J 82 -51.18 19.31 -41.60
CA PRO J 82 -51.71 17.93 -41.63
C PRO J 82 -50.86 16.96 -42.41
N GLY J 83 -50.40 17.41 -43.56
CA GLY J 83 -49.54 16.59 -44.38
C GLY J 83 -48.22 16.24 -43.71
N SER J 84 -47.66 17.13 -42.86
CA SER J 84 -46.40 16.84 -42.16
C SER J 84 -46.55 15.61 -41.25
N TYR J 85 -47.68 15.47 -40.55
CA TYR J 85 -47.90 14.35 -39.65
C TYR J 85 -48.13 13.01 -40.41
N ALA J 86 -48.98 13.05 -41.44
CA ALA J 86 -49.13 11.93 -42.37
C ALA J 86 -47.80 11.39 -42.86
N ALA J 87 -46.95 12.28 -43.38
CA ALA J 87 -45.72 11.87 -44.02
C ALA J 87 -44.76 11.27 -43.02
N ARG J 88 -44.81 11.74 -41.78
CA ARG J 88 -43.98 11.20 -40.73
C ARG J 88 -44.45 9.78 -40.39
N GLN J 89 -45.78 9.56 -40.37
CA GLN J 89 -46.30 8.24 -40.03
C GLN J 89 -45.87 7.21 -41.05
N HIS J 90 -46.08 7.52 -42.34
CA HIS J 90 -45.78 6.62 -43.45
C HIS J 90 -44.30 6.23 -43.54
N ILE J 91 -43.37 7.18 -43.31
CA ILE J 91 -41.93 6.89 -43.20
C ILE J 91 -41.63 5.93 -42.03
N MET J 92 -42.22 6.21 -40.86
CA MET J 92 -41.94 5.37 -39.71
C MET J 92 -42.49 3.95 -39.89
N GLN J 93 -43.68 3.81 -40.49
CA GLN J 93 -44.30 2.48 -40.69
C GLN J 93 -43.46 1.63 -41.65
N ARG J 94 -43.35 2.06 -42.93
CA ARG J 94 -42.55 1.36 -43.93
C ARG J 94 -41.23 0.84 -43.38
N ILE J 95 -40.68 1.52 -42.36
CA ILE J 95 -39.41 1.18 -41.71
C ILE J 95 -39.55 -0.02 -40.79
N GLN J 96 -40.33 0.18 -39.73
CA GLN J 96 -40.50 -0.84 -38.68
C GLN J 96 -41.15 -2.11 -39.19
N ARG J 97 -41.68 -2.13 -40.39
CA ARG J 97 -42.14 -3.36 -41.02
C ARG J 97 -41.01 -4.21 -41.53
N LEU J 98 -39.78 -3.70 -41.52
CA LEU J 98 -38.61 -4.47 -41.93
C LEU J 98 -38.09 -5.31 -40.76
N GLN J 99 -37.13 -6.15 -41.06
CA GLN J 99 -36.62 -7.14 -40.12
C GLN J 99 -35.38 -6.70 -39.37
N ALA J 100 -34.54 -5.88 -40.01
CA ALA J 100 -33.38 -5.32 -39.31
C ALA J 100 -33.83 -4.51 -38.10
N ASP J 101 -32.97 -4.49 -37.08
CA ASP J 101 -33.33 -3.94 -35.78
C ASP J 101 -33.12 -2.42 -35.83
N TRP J 102 -33.95 -1.75 -36.66
CA TRP J 102 -33.92 -0.29 -36.74
C TRP J 102 -34.48 0.30 -35.46
N VAL J 103 -33.79 1.35 -35.00
CA VAL J 103 -34.12 2.13 -33.82
C VAL J 103 -34.44 3.55 -34.24
N LEU J 104 -35.69 3.98 -34.02
CA LEU J 104 -36.21 5.26 -34.49
C LEU J 104 -36.38 6.28 -33.36
N GLU J 105 -35.90 7.53 -33.58
CA GLU J 105 -36.34 8.64 -32.72
C GLU J 105 -36.90 9.82 -33.53
N ILE J 106 -37.80 10.57 -32.90
CA ILE J 106 -38.38 11.79 -33.43
C ILE J 106 -37.77 12.94 -32.65
N ASP J 107 -36.99 13.80 -33.32
CA ASP J 107 -36.26 14.92 -32.68
C ASP J 107 -37.06 16.18 -32.96
N THR J 108 -37.79 16.62 -31.94
CA THR J 108 -38.85 17.60 -32.07
C THR J 108 -38.45 18.88 -31.38
N PHE J 109 -38.64 20.05 -32.02
CA PHE J 109 -38.06 21.25 -31.43
C PHE J 109 -38.91 22.47 -31.80
N LEU J 110 -38.58 23.61 -31.23
CA LEU J 110 -39.28 24.85 -31.51
C LEU J 110 -38.31 25.88 -32.08
N SER J 111 -38.84 26.75 -32.95
CA SER J 111 -38.02 27.76 -33.60
C SER J 111 -38.87 28.95 -34.00
N GLN J 112 -38.27 30.13 -33.84
CA GLN J 112 -38.78 31.36 -34.42
C GLN J 112 -38.57 31.37 -35.95
N THR J 113 -39.59 31.85 -36.68
CA THR J 113 -39.75 31.94 -38.13
C THR J 113 -40.34 33.28 -38.53
N PRO J 114 -40.32 33.62 -39.83
CA PRO J 114 -40.99 34.84 -40.30
C PRO J 114 -42.49 34.93 -40.02
N TYR J 115 -43.21 33.83 -39.82
CA TYR J 115 -44.59 33.87 -39.32
C TYR J 115 -44.73 33.58 -37.79
N GLY J 116 -43.65 33.59 -37.01
CA GLY J 116 -43.68 33.33 -35.56
C GLY J 116 -43.11 31.96 -35.20
N TYR J 117 -43.25 31.60 -33.94
CA TYR J 117 -42.82 30.29 -33.52
C TYR J 117 -43.57 29.19 -34.25
N ARG J 118 -42.87 28.08 -34.45
CA ARG J 118 -43.41 26.86 -35.03
C ARG J 118 -42.65 25.67 -34.44
N SER J 119 -43.34 24.52 -34.43
CA SER J 119 -42.81 23.22 -34.11
C SER J 119 -42.29 22.47 -35.32
N PHE J 120 -41.12 21.84 -35.17
CA PHE J 120 -40.48 21.00 -36.19
C PHE J 120 -40.12 19.65 -35.57
N SER J 121 -40.03 18.60 -36.43
CA SER J 121 -39.70 17.19 -36.05
C SER J 121 -38.78 16.48 -37.08
N ASN J 122 -37.51 16.23 -36.72
CA ASN J 122 -36.63 15.41 -37.55
C ASN J 122 -36.96 13.94 -37.35
N ILE J 123 -36.68 13.10 -38.37
CA ILE J 123 -36.79 11.63 -38.22
C ILE J 123 -35.40 11.02 -38.37
N ILE J 124 -34.99 10.16 -37.40
CA ILE J 124 -33.68 9.45 -37.42
C ILE J 124 -33.84 7.93 -37.21
N SER J 125 -33.17 7.15 -38.05
CA SER J 125 -33.30 5.70 -38.05
C SER J 125 -31.91 5.12 -37.96
N THR J 126 -31.66 4.27 -36.95
CA THR J 126 -30.30 3.86 -36.64
C THR J 126 -30.18 2.35 -36.42
N LEU J 127 -29.25 1.72 -37.10
CA LEU J 127 -28.88 0.35 -36.80
C LEU J 127 -27.69 0.43 -35.86
N ASN J 128 -27.77 -0.30 -34.73
CA ASN J 128 -26.65 -0.41 -33.77
C ASN J 128 -26.29 0.95 -33.19
N PRO J 129 -27.14 1.58 -32.37
CA PRO J 129 -26.86 2.96 -31.92
C PRO J 129 -25.57 3.18 -31.16
N THR J 130 -24.86 2.09 -30.77
CA THR J 130 -23.76 2.12 -29.81
C THR J 130 -22.38 2.08 -30.47
N ALA J 131 -22.29 1.55 -31.71
CA ALA J 131 -21.05 1.57 -32.50
C ALA J 131 -20.52 3.01 -32.58
N LYS J 132 -19.21 3.15 -32.60
CA LYS J 132 -18.65 4.49 -32.65
C LYS J 132 -18.96 5.20 -33.96
N ARG J 133 -18.71 4.53 -35.11
CA ARG J 133 -18.80 5.13 -36.46
C ARG J 133 -20.03 4.66 -37.23
N HIS J 134 -20.57 5.60 -38.02
CA HIS J 134 -21.78 5.38 -38.81
C HIS J 134 -21.70 6.16 -40.13
N LEU J 135 -22.02 5.49 -41.24
CA LEU J 135 -22.17 6.15 -42.53
C LEU J 135 -23.63 6.58 -42.63
N VAL J 136 -23.83 7.80 -43.14
CA VAL J 136 -25.12 8.47 -42.98
C VAL J 136 -25.74 8.75 -44.34
N LEU J 137 -27.02 8.49 -44.44
CA LEU J 137 -27.76 8.78 -45.66
C LEU J 137 -28.89 9.70 -45.25
N ALA J 138 -29.08 10.81 -45.98
CA ALA J 138 -30.11 11.76 -45.61
C ALA J 138 -30.69 12.51 -46.80
N CYS J 139 -31.87 13.07 -46.56
CA CYS J 139 -32.57 14.07 -47.42
C CYS J 139 -33.48 14.91 -46.52
N HIS J 140 -34.37 15.69 -47.12
CA HIS J 140 -35.45 16.41 -46.40
C HIS J 140 -36.85 15.95 -46.86
N TYR J 141 -37.76 15.85 -45.88
CA TYR J 141 -39.07 15.35 -46.13
C TYR J 141 -40.15 16.42 -46.05
N ASP J 142 -39.81 17.70 -45.83
CA ASP J 142 -40.82 18.78 -45.93
C ASP J 142 -41.01 19.20 -47.38
N SER J 143 -42.12 19.92 -47.63
CA SER J 143 -42.43 20.51 -48.93
C SER J 143 -42.65 22.00 -48.76
N LYS J 144 -42.06 22.77 -49.69
CA LYS J 144 -42.06 24.24 -49.63
C LYS J 144 -43.48 24.83 -49.57
N TYR J 145 -43.75 25.59 -48.50
CA TYR J 145 -44.98 26.34 -48.35
C TYR J 145 -45.24 27.25 -49.56
N PHE J 146 -46.44 27.12 -50.13
CA PHE J 146 -46.96 27.99 -51.21
C PHE J 146 -48.47 28.19 -51.05
N SER J 147 -48.98 29.25 -51.68
CA SER J 147 -50.43 29.38 -51.86
C SER J 147 -50.90 28.35 -52.90
N HIS J 148 -52.20 28.37 -53.24
CA HIS J 148 -52.75 27.43 -54.22
C HIS J 148 -52.85 28.20 -55.53
N TRP J 149 -51.70 28.31 -56.18
CA TRP J 149 -51.50 29.17 -57.33
C TRP J 149 -52.12 28.51 -58.55
N ASN J 150 -53.14 29.16 -59.13
CA ASN J 150 -53.85 28.65 -60.30
C ASN J 150 -54.66 27.38 -59.98
N ASN J 151 -55.16 27.26 -58.74
CA ASN J 151 -55.87 26.06 -58.29
C ASN J 151 -54.99 24.81 -58.35
N ARG J 152 -53.69 24.99 -58.22
CA ARG J 152 -52.75 23.86 -58.17
C ARG J 152 -52.09 23.79 -56.78
N VAL J 153 -51.36 22.71 -56.52
CA VAL J 153 -50.78 22.41 -55.20
C VAL J 153 -49.36 21.86 -55.39
N PHE J 154 -48.37 22.48 -54.72
CA PHE J 154 -46.97 22.06 -54.82
C PHE J 154 -46.67 20.86 -53.92
N VAL J 155 -46.15 19.79 -54.53
CA VAL J 155 -45.89 18.53 -53.86
C VAL J 155 -44.42 18.13 -53.92
N GLY J 156 -43.61 18.86 -54.67
CA GLY J 156 -42.18 18.64 -54.75
C GLY J 156 -41.78 17.21 -54.96
N ALA J 157 -41.96 16.70 -56.19
CA ALA J 157 -41.65 15.31 -56.52
C ALA J 157 -40.15 15.03 -56.49
N THR J 158 -39.34 15.87 -57.16
CA THR J 158 -37.88 15.85 -56.99
C THR J 158 -37.40 16.47 -55.68
N ASP J 159 -38.16 17.38 -55.09
CA ASP J 159 -37.69 18.25 -54.03
C ASP J 159 -38.47 18.11 -52.70
N SER J 160 -38.35 16.99 -51.94
CA SER J 160 -37.55 15.78 -52.29
C SER J 160 -38.23 14.43 -51.95
N ALA J 161 -39.50 14.22 -52.35
CA ALA J 161 -40.14 12.93 -52.08
C ALA J 161 -39.40 11.75 -52.72
N VAL J 162 -38.88 11.87 -53.96
CA VAL J 162 -38.14 10.74 -54.55
C VAL J 162 -36.94 10.35 -53.67
N PRO J 163 -36.06 11.25 -53.29
CA PRO J 163 -35.05 10.84 -52.30
C PRO J 163 -35.67 10.20 -51.03
N CYS J 164 -36.80 10.64 -50.50
CA CYS J 164 -37.28 9.92 -49.34
C CYS J 164 -37.46 8.45 -49.71
N ALA J 165 -38.02 8.19 -50.90
CA ALA J 165 -38.39 6.84 -51.30
C ALA J 165 -37.23 6.02 -51.83
N MET J 166 -36.20 6.65 -52.39
CA MET J 166 -34.99 5.89 -52.69
C MET J 166 -34.38 5.41 -51.40
N MET J 167 -34.65 6.12 -50.31
CA MET J 167 -34.09 5.76 -49.03
C MET J 167 -34.87 4.62 -48.37
N LEU J 168 -36.21 4.67 -48.45
CA LEU J 168 -37.05 3.57 -47.97
C LEU J 168 -36.82 2.29 -48.80
N GLU J 169 -36.78 2.42 -50.14
CA GLU J 169 -36.51 1.28 -51.03
C GLU J 169 -35.14 0.67 -50.79
N LEU J 170 -34.17 1.47 -50.36
CA LEU J 170 -32.85 0.90 -50.12
C LEU J 170 -32.85 -0.06 -48.92
N ALA J 171 -33.67 0.25 -47.91
CA ALA J 171 -33.74 -0.54 -46.69
C ALA J 171 -34.46 -1.87 -46.93
N ARG J 172 -35.44 -1.90 -47.85
CA ARG J 172 -36.12 -3.12 -48.28
C ARG J 172 -35.17 -4.05 -49.06
N ALA J 173 -34.61 -3.54 -50.16
CA ALA J 173 -33.75 -4.35 -51.00
C ALA J 173 -32.68 -5.08 -50.20
N LEU J 174 -31.96 -4.35 -49.37
CA LEU J 174 -30.80 -4.83 -48.65
C LEU J 174 -31.13 -5.37 -47.28
N ASP J 175 -32.39 -5.36 -46.86
CA ASP J 175 -32.78 -5.74 -45.50
C ASP J 175 -32.08 -7.01 -45.02
N LYS J 176 -31.85 -7.95 -45.93
CA LYS J 176 -31.21 -9.20 -45.55
C LYS J 176 -29.79 -8.96 -45.05
N LYS J 177 -28.97 -8.30 -45.85
CA LYS J 177 -27.58 -8.13 -45.43
C LYS J 177 -27.44 -7.24 -44.19
N LEU J 178 -28.38 -6.32 -43.93
CA LEU J 178 -28.34 -5.41 -42.79
C LEU J 178 -28.64 -6.14 -41.49
N LEU J 179 -29.13 -7.35 -41.59
CA LEU J 179 -29.40 -8.16 -40.41
C LEU J 179 -28.14 -8.80 -39.86
N SER J 180 -27.06 -8.92 -40.66
CA SER J 180 -25.81 -9.54 -40.24
C SER J 180 -25.10 -8.74 -39.14
N LEU J 181 -25.55 -7.52 -38.90
CA LEU J 181 -25.07 -6.67 -37.83
C LEU J 181 -25.81 -6.93 -36.53
N LYS J 182 -26.74 -7.89 -36.54
CA LYS J 182 -27.19 -8.64 -35.35
C LYS J 182 -28.39 -8.03 -34.66
N PRO J 189 -14.46 -4.07 -37.41
CA PRO J 189 -14.68 -2.60 -37.40
C PRO J 189 -16.03 -2.17 -36.83
N ASP J 190 -16.01 -1.26 -35.86
CA ASP J 190 -17.23 -0.73 -35.24
C ASP J 190 -17.87 0.33 -36.14
N LEU J 191 -18.68 -0.13 -37.11
CA LEU J 191 -19.24 0.73 -38.16
C LEU J 191 -20.60 0.19 -38.59
N SER J 192 -21.56 1.09 -38.84
CA SER J 192 -22.95 0.70 -39.19
C SER J 192 -23.65 1.83 -39.99
N LEU J 193 -24.98 1.81 -39.99
CA LEU J 193 -25.78 2.61 -40.90
C LEU J 193 -26.84 3.42 -40.16
N GLN J 194 -27.05 4.63 -40.68
CA GLN J 194 -28.03 5.59 -40.18
C GLN J 194 -28.66 6.41 -41.30
N LEU J 195 -29.95 6.69 -41.13
CA LEU J 195 -30.74 7.53 -42.02
C LEU J 195 -31.32 8.77 -41.29
N ILE J 196 -31.31 9.93 -41.96
CA ILE J 196 -31.91 11.17 -41.42
C ILE J 196 -32.86 11.79 -42.44
N PHE J 197 -34.08 12.04 -42.01
CA PHE J 197 -35.11 12.80 -42.75
C PHE J 197 -35.30 14.15 -42.02
N PHE J 198 -34.72 15.23 -42.56
CA PHE J 198 -34.85 16.58 -42.01
C PHE J 198 -36.24 17.25 -42.25
N ASP J 199 -36.76 17.90 -41.21
CA ASP J 199 -37.84 18.87 -41.37
C ASP J 199 -37.25 20.28 -41.66
N GLY J 200 -38.08 21.12 -42.27
CA GLY J 200 -37.79 22.58 -42.40
C GLY J 200 -36.55 22.97 -43.17
N GLU J 201 -36.15 22.18 -44.15
CA GLU J 201 -35.06 22.60 -45.05
C GLU J 201 -35.38 23.93 -45.75
N GLU J 202 -36.57 24.07 -46.35
CA GLU J 202 -36.92 25.20 -47.20
C GLU J 202 -37.20 26.47 -46.37
N ALA J 203 -36.88 27.65 -46.95
CA ALA J 203 -37.40 28.87 -46.39
C ALA J 203 -38.94 28.91 -46.46
N PHE J 204 -39.50 29.63 -45.50
CA PHE J 204 -40.93 29.94 -45.37
C PHE J 204 -41.30 31.19 -46.20
N LEU J 205 -40.42 32.20 -46.27
CA LEU J 205 -40.64 33.47 -46.96
C LEU J 205 -39.49 33.96 -47.87
N HIS J 206 -38.22 34.03 -47.38
CA HIS J 206 -37.06 34.52 -48.15
C HIS J 206 -35.78 33.85 -47.61
N TRP J 207 -34.99 33.21 -48.47
CA TRP J 207 -33.86 32.42 -47.99
C TRP J 207 -32.83 33.31 -47.29
N SER J 208 -32.48 32.88 -46.09
CA SER J 208 -31.83 33.67 -45.06
C SER J 208 -31.08 32.69 -44.15
N PRO J 209 -30.04 33.14 -43.47
CA PRO J 209 -29.41 32.25 -42.51
C PRO J 209 -30.36 31.91 -41.41
N GLN J 210 -31.29 32.81 -41.10
CA GLN J 210 -32.26 32.52 -40.08
C GLN J 210 -33.61 32.02 -40.63
N ASP J 211 -33.91 32.19 -41.92
CA ASP J 211 -35.10 31.59 -42.56
C ASP J 211 -34.66 30.53 -43.56
N SER J 212 -34.28 29.38 -43.04
CA SER J 212 -33.94 28.20 -43.83
C SER J 212 -33.22 27.23 -42.90
N LEU J 213 -33.09 25.99 -43.39
CA LEU J 213 -32.25 24.94 -42.84
C LEU J 213 -32.51 24.71 -41.35
N TYR J 214 -33.79 24.68 -40.98
CA TYR J 214 -34.19 24.68 -39.59
C TYR J 214 -33.81 23.38 -38.89
N GLY J 215 -34.09 22.23 -39.51
CA GLY J 215 -33.86 20.94 -38.81
C GLY J 215 -32.40 20.55 -38.70
N SER J 216 -31.62 20.90 -39.71
CA SER J 216 -30.21 20.52 -39.77
C SER J 216 -29.32 21.44 -38.92
N ARG J 217 -29.63 22.76 -38.84
CA ARG J 217 -28.91 23.61 -37.88
C ARG J 217 -29.13 23.16 -36.45
N HIS J 218 -30.36 22.72 -36.09
CA HIS J 218 -30.68 22.31 -34.71
C HIS J 218 -29.97 21.02 -34.33
N LEU J 219 -29.95 20.07 -35.27
CA LEU J 219 -29.50 18.71 -35.09
C LEU J 219 -27.95 18.59 -35.10
N ALA J 220 -27.25 19.28 -36.01
CA ALA J 220 -25.78 19.37 -35.91
C ALA J 220 -25.32 19.95 -34.57
N ALA J 221 -26.01 20.94 -34.03
CA ALA J 221 -25.60 21.44 -32.71
C ALA J 221 -25.90 20.44 -31.58
N LYS J 222 -27.01 19.66 -31.66
CA LYS J 222 -27.31 18.62 -30.70
C LYS J 222 -26.20 17.55 -30.67
N MET J 223 -25.80 17.06 -31.85
CA MET J 223 -24.76 16.03 -31.91
C MET J 223 -23.40 16.56 -31.49
N ALA J 224 -23.06 17.82 -31.84
CA ALA J 224 -21.77 18.32 -31.42
C ALA J 224 -21.62 18.41 -29.88
N SER J 225 -22.71 18.32 -29.10
CA SER J 225 -22.61 18.41 -27.64
C SER J 225 -23.29 17.24 -26.92
N THR J 226 -23.42 16.09 -27.59
CA THR J 226 -23.76 14.78 -27.08
C THR J 226 -22.56 13.84 -27.11
N PRO J 227 -22.00 13.40 -25.97
CA PRO J 227 -20.89 12.40 -26.00
C PRO J 227 -21.27 11.05 -26.55
N HIS J 228 -20.37 10.55 -27.41
CA HIS J 228 -20.53 9.26 -28.15
C HIS J 228 -19.13 8.62 -28.19
N PRO J 229 -19.00 7.32 -27.88
CA PRO J 229 -20.10 6.46 -27.49
C PRO J 229 -20.50 6.77 -26.06
N PRO J 230 -21.58 6.15 -25.61
CA PRO J 230 -22.07 6.42 -24.25
C PRO J 230 -21.02 6.29 -23.18
N GLY J 231 -20.92 7.30 -22.31
CA GLY J 231 -19.98 7.31 -21.19
C GLY J 231 -18.70 8.06 -21.49
N ALA J 232 -18.46 8.37 -22.77
CA ALA J 232 -17.20 8.97 -23.19
C ALA J 232 -17.01 10.33 -22.57
N ARG J 233 -15.76 10.71 -22.47
CA ARG J 233 -15.32 11.95 -21.83
C ARG J 233 -14.98 13.05 -22.82
N GLY J 234 -14.66 12.75 -24.08
CA GLY J 234 -14.06 13.76 -24.96
C GLY J 234 -14.37 13.64 -26.45
N THR J 235 -15.37 12.85 -26.84
CA THR J 235 -15.71 12.64 -28.24
C THR J 235 -17.22 12.69 -28.42
N SER J 236 -17.70 13.31 -29.53
CA SER J 236 -19.13 13.51 -29.75
C SER J 236 -19.73 12.66 -30.87
N GLN J 237 -21.06 12.64 -30.84
CA GLN J 237 -21.79 11.99 -31.92
C GLN J 237 -21.40 12.50 -33.30
N LEU J 238 -21.04 13.78 -33.41
CA LEU J 238 -20.63 14.38 -34.68
C LEU J 238 -19.35 13.74 -35.22
N HIS J 239 -18.38 13.46 -34.33
CA HIS J 239 -17.16 12.76 -34.71
C HIS J 239 -17.42 11.35 -35.22
N GLY J 240 -18.55 10.74 -34.82
CA GLY J 240 -18.92 9.42 -35.28
C GLY J 240 -19.44 9.37 -36.70
N MET J 241 -19.81 10.52 -37.30
CA MET J 241 -20.32 10.58 -38.68
C MET J 241 -19.18 10.34 -39.67
N ASP J 242 -19.13 9.12 -40.23
CA ASP J 242 -18.07 8.75 -41.18
C ASP J 242 -18.16 9.56 -42.46
N LEU J 243 -19.34 9.61 -43.09
CA LEU J 243 -19.51 10.40 -44.31
C LEU J 243 -20.98 10.74 -44.45
N LEU J 244 -21.29 11.96 -44.87
CA LEU J 244 -22.66 12.45 -44.97
C LEU J 244 -23.12 12.45 -46.42
N VAL J 245 -24.04 11.55 -46.76
CA VAL J 245 -24.44 11.30 -48.15
C VAL J 245 -25.83 11.91 -48.33
N LEU J 246 -25.89 13.08 -48.98
CA LEU J 246 -27.07 13.91 -49.00
C LEU J 246 -27.67 13.87 -50.41
N LEU J 247 -28.87 13.28 -50.52
CA LEU J 247 -29.60 13.27 -51.76
C LEU J 247 -30.60 14.42 -51.76
N ASP J 248 -30.54 15.22 -52.81
CA ASP J 248 -31.44 16.35 -52.96
C ASP J 248 -31.77 16.47 -54.44
N LEU J 249 -33.02 16.89 -54.73
CA LEU J 249 -33.51 17.27 -56.09
C LEU J 249 -33.30 16.22 -57.19
N ILE J 250 -33.72 14.98 -56.95
CA ILE J 250 -33.47 13.89 -57.89
C ILE J 250 -34.79 13.35 -58.44
N GLY J 251 -34.76 12.95 -59.72
CA GLY J 251 -35.97 12.54 -60.40
C GLY J 251 -36.04 12.98 -61.86
N ALA J 252 -35.65 14.22 -62.20
CA ALA J 252 -35.65 14.74 -63.57
C ALA J 252 -34.66 13.94 -64.43
N PRO J 253 -34.71 14.09 -65.76
CA PRO J 253 -33.86 13.28 -66.63
C PRO J 253 -32.52 13.92 -66.99
N ASN J 254 -31.56 13.03 -67.28
CA ASN J 254 -30.26 13.49 -67.76
C ASN J 254 -29.62 14.40 -66.73
N PRO J 255 -29.38 13.89 -65.52
CA PRO J 255 -28.75 14.70 -64.48
C PRO J 255 -27.23 14.73 -64.59
N THR J 256 -26.63 15.69 -63.85
CA THR J 256 -25.17 15.95 -63.82
C THR J 256 -24.70 16.20 -62.37
N PHE J 257 -23.84 15.35 -61.85
CA PHE J 257 -23.35 15.55 -60.48
C PHE J 257 -21.91 16.05 -60.37
N PRO J 258 -21.67 17.29 -59.90
CA PRO J 258 -20.29 17.78 -59.75
C PRO J 258 -19.54 17.18 -58.58
N ASN J 259 -18.22 17.18 -58.73
CA ASN J 259 -17.33 16.84 -57.62
C ASN J 259 -17.07 18.03 -56.70
N PHE J 260 -17.87 18.16 -55.64
CA PHE J 260 -17.88 19.41 -54.88
C PHE J 260 -16.63 19.61 -53.99
N PHE J 261 -16.21 18.60 -53.20
CA PHE J 261 -15.25 18.89 -52.11
C PHE J 261 -13.97 18.07 -52.19
N PRO J 262 -12.78 18.70 -52.09
CA PRO J 262 -11.53 17.93 -52.06
C PRO J 262 -11.37 16.81 -51.02
N ASN J 263 -12.11 16.80 -49.94
CA ASN J 263 -11.90 15.76 -48.94
C ASN J 263 -12.87 14.57 -49.06
N SER J 264 -13.71 14.53 -50.11
CA SER J 264 -14.56 13.38 -50.35
C SER J 264 -14.33 12.81 -51.74
N ALA J 265 -13.29 13.30 -52.43
CA ALA J 265 -13.09 13.05 -53.84
C ALA J 265 -12.81 11.57 -54.14
N ARG J 266 -12.07 10.86 -53.28
CA ARG J 266 -11.84 9.44 -53.55
C ARG J 266 -13.15 8.65 -53.60
N TRP J 267 -14.20 9.11 -52.91
CA TRP J 267 -15.48 8.42 -52.96
C TRP J 267 -16.31 8.84 -54.15
N PHE J 268 -16.09 10.04 -54.69
CA PHE J 268 -16.72 10.39 -55.96
C PHE J 268 -16.18 9.51 -57.08
N GLU J 269 -14.87 9.30 -57.11
CA GLU J 269 -14.29 8.32 -58.01
C GLU J 269 -15.00 6.98 -57.87
N ARG J 270 -15.21 6.54 -56.61
CA ARG J 270 -15.92 5.28 -56.39
C ARG J 270 -17.28 5.26 -57.08
N LEU J 271 -17.99 6.39 -57.11
CA LEU J 271 -19.26 6.41 -57.84
C LEU J 271 -19.05 6.34 -59.37
N GLN J 272 -18.01 6.99 -59.89
CA GLN J 272 -17.71 6.86 -61.31
C GLN J 272 -17.53 5.38 -61.70
N ALA J 273 -16.80 4.61 -60.89
CA ALA J 273 -16.51 3.22 -61.24
C ALA J 273 -17.76 2.33 -61.22
N ILE J 274 -18.65 2.50 -60.25
CA ILE J 274 -19.88 1.71 -60.28
C ILE J 274 -20.72 2.08 -61.51
N GLU J 275 -20.85 3.37 -61.82
CA GLU J 275 -21.61 3.77 -63.02
C GLU J 275 -21.13 3.07 -64.28
N HIS J 276 -19.83 2.77 -64.35
CA HIS J 276 -19.22 2.22 -65.56
C HIS J 276 -19.48 0.72 -65.68
N GLU J 277 -18.91 -0.07 -64.76
CA GLU J 277 -19.10 -1.51 -64.82
C GLU J 277 -20.59 -1.88 -64.92
N LEU J 278 -21.44 -1.29 -64.10
CA LEU J 278 -22.87 -1.61 -64.25
C LEU J 278 -23.38 -1.25 -65.65
N HIS J 279 -22.70 -0.35 -66.36
CA HIS J 279 -23.04 -0.11 -67.77
C HIS J 279 -22.56 -1.24 -68.67
N GLU J 280 -21.24 -1.48 -68.71
CA GLU J 280 -20.70 -2.53 -69.55
C GLU J 280 -21.43 -3.88 -69.33
N LEU J 281 -21.64 -4.29 -68.08
CA LEU J 281 -22.34 -5.54 -67.82
C LEU J 281 -23.77 -5.54 -68.36
N GLY J 282 -24.36 -4.38 -68.53
CA GLY J 282 -25.69 -4.31 -69.12
C GLY J 282 -26.81 -4.29 -68.11
N LEU J 283 -26.56 -3.71 -66.92
CA LEU J 283 -27.52 -3.68 -65.83
C LEU J 283 -28.19 -2.33 -65.66
N LEU J 284 -27.90 -1.38 -66.55
CA LEU J 284 -28.57 -0.10 -66.60
C LEU J 284 -29.58 -0.11 -67.74
N LYS J 285 -30.39 0.94 -67.82
CA LYS J 285 -31.54 0.98 -68.71
C LYS J 285 -31.61 2.40 -69.25
N ASP J 286 -31.59 2.56 -70.57
CA ASP J 286 -31.67 3.87 -71.18
C ASP J 286 -30.42 4.71 -70.87
N HIS J 287 -29.28 4.06 -70.58
CA HIS J 287 -28.07 4.73 -70.10
C HIS J 287 -26.97 4.77 -71.15
N SER J 288 -26.48 5.97 -71.43
CA SER J 288 -25.33 6.25 -72.29
C SER J 288 -24.09 6.52 -71.48
N LEU J 289 -22.96 5.92 -71.88
CA LEU J 289 -21.69 6.28 -71.28
C LEU J 289 -21.25 7.70 -71.63
N GLU J 290 -21.82 8.26 -72.68
CA GLU J 290 -21.43 9.57 -73.16
C GLU J 290 -22.15 10.66 -72.39
N GLY J 291 -23.43 10.39 -72.06
CA GLY J 291 -24.21 11.16 -71.11
C GLY J 291 -24.32 10.55 -69.71
N ARG J 292 -23.20 10.00 -69.21
CA ARG J 292 -23.02 9.59 -67.82
C ARG J 292 -23.41 10.64 -66.77
N TYR J 293 -23.72 10.18 -65.54
CA TYR J 293 -24.17 11.04 -64.46
C TYR J 293 -23.00 11.72 -63.76
N PHE J 294 -21.93 10.96 -63.53
CA PHE J 294 -20.75 11.48 -62.84
C PHE J 294 -19.53 11.66 -63.75
N GLN J 295 -19.61 12.53 -64.76
CA GLN J 295 -18.42 12.98 -65.47
C GLN J 295 -17.48 13.70 -64.49
N ASN J 296 -16.30 14.18 -64.92
CA ASN J 296 -15.33 14.69 -63.95
C ASN J 296 -15.07 16.20 -64.13
N TYR J 297 -16.05 17.00 -63.68
CA TYR J 297 -15.90 18.43 -63.54
C TYR J 297 -16.13 18.76 -62.07
N SER J 298 -15.25 19.59 -61.51
CA SER J 298 -15.39 19.98 -60.12
C SER J 298 -16.16 21.29 -60.05
N TYR J 299 -16.87 21.47 -58.94
CA TYR J 299 -17.52 22.73 -58.60
C TYR J 299 -16.70 23.38 -57.49
N GLY J 300 -16.60 24.72 -57.52
CA GLY J 300 -15.85 25.42 -56.51
C GLY J 300 -16.74 26.08 -55.46
N GLY J 301 -17.72 26.86 -55.93
CA GLY J 301 -18.67 27.53 -55.05
C GLY J 301 -19.91 26.70 -54.86
N VAL J 302 -20.15 26.36 -53.61
CA VAL J 302 -21.11 25.31 -53.30
C VAL J 302 -22.52 25.87 -53.23
N ILE J 303 -23.43 24.96 -53.16
CA ILE J 303 -24.83 25.24 -53.05
C ILE J 303 -25.23 25.05 -51.59
N GLN J 304 -26.00 25.97 -51.08
CA GLN J 304 -26.43 25.93 -49.71
C GLN J 304 -27.52 24.88 -49.48
N ASP J 305 -27.32 23.93 -48.54
CA ASP J 305 -28.26 22.85 -48.25
C ASP J 305 -28.12 22.41 -46.79
N ASP J 306 -28.76 21.26 -46.46
CA ASP J 306 -28.73 20.68 -45.14
C ASP J 306 -27.31 20.27 -44.70
N HIS J 307 -26.33 20.22 -45.59
CA HIS J 307 -24.97 19.83 -45.20
C HIS J 307 -24.15 20.96 -44.58
N ILE J 308 -24.50 22.24 -44.81
CA ILE J 308 -23.62 23.34 -44.41
C ILE J 308 -23.36 23.33 -42.91
N PRO J 309 -24.34 23.03 -42.02
CA PRO J 309 -24.02 22.94 -40.55
C PRO J 309 -23.05 21.83 -40.13
N PHE J 310 -22.99 20.69 -40.84
CA PHE J 310 -22.06 19.60 -40.56
C PHE J 310 -20.73 19.84 -41.24
N LEU J 311 -20.74 20.47 -42.43
CA LEU J 311 -19.49 20.78 -43.14
C LEU J 311 -18.66 21.78 -42.33
N ARG J 312 -19.32 22.78 -41.78
CA ARG J 312 -18.66 23.83 -41.02
C ARG J 312 -17.98 23.30 -39.76
N ARG J 313 -18.16 22.05 -39.40
CA ARG J 313 -17.60 21.46 -38.19
C ARG J 313 -16.70 20.25 -38.48
N GLY J 314 -16.32 20.07 -39.73
CA GLY J 314 -15.33 19.12 -40.13
C GLY J 314 -15.84 17.82 -40.67
N VAL J 315 -17.15 17.62 -40.80
CA VAL J 315 -17.75 16.36 -41.26
C VAL J 315 -17.57 16.24 -42.76
N PRO J 316 -17.03 15.13 -43.29
CA PRO J 316 -16.86 15.02 -44.76
C PRO J 316 -18.20 14.80 -45.44
N VAL J 317 -18.38 15.42 -46.63
CA VAL J 317 -19.71 15.49 -47.27
C VAL J 317 -19.64 14.95 -48.70
N LEU J 318 -20.64 14.18 -49.06
CA LEU J 318 -20.85 13.76 -50.45
C LEU J 318 -22.22 14.24 -50.92
N HIS J 319 -22.22 15.40 -51.60
CA HIS J 319 -23.42 16.18 -51.89
C HIS J 319 -23.99 15.82 -53.28
N LEU J 320 -25.07 15.01 -53.29
CA LEU J 320 -25.68 14.48 -54.52
C LEU J 320 -26.84 15.35 -55.03
N ILE J 321 -26.44 16.46 -55.61
CA ILE J 321 -27.37 17.45 -56.10
C ILE J 321 -26.90 17.82 -57.52
N PRO J 322 -27.81 17.90 -58.50
CA PRO J 322 -27.39 18.21 -59.87
C PRO J 322 -27.15 19.69 -60.15
N SER J 323 -26.19 19.91 -61.05
CA SER J 323 -25.97 21.23 -61.58
C SER J 323 -26.04 21.09 -63.10
N PRO J 324 -27.06 21.73 -63.74
CA PRO J 324 -28.14 22.55 -63.17
C PRO J 324 -29.27 21.92 -62.38
N PHE J 325 -30.01 22.77 -61.69
CA PHE J 325 -31.25 22.36 -61.07
C PHE J 325 -32.21 21.79 -62.12
N PRO J 326 -33.01 20.83 -61.78
CA PRO J 326 -34.09 20.46 -62.71
C PRO J 326 -34.83 21.63 -63.33
N GLU J 327 -35.26 21.50 -64.59
CA GLU J 327 -36.04 22.57 -65.23
C GLU J 327 -37.21 22.99 -64.33
N VAL J 328 -37.95 22.01 -63.78
CA VAL J 328 -39.18 22.24 -63.01
C VAL J 328 -39.00 22.80 -61.60
N TRP J 329 -37.76 22.95 -61.14
CA TRP J 329 -37.44 23.54 -59.84
C TRP J 329 -38.35 24.72 -59.51
N HIS J 330 -38.96 24.61 -58.33
CA HIS J 330 -39.93 25.50 -57.64
C HIS J 330 -41.15 25.93 -58.47
N THR J 331 -41.64 25.02 -59.30
CA THR J 331 -42.91 25.24 -59.99
C THR J 331 -43.87 24.07 -59.80
N MET J 332 -45.12 24.31 -60.24
CA MET J 332 -46.25 23.39 -60.05
C MET J 332 -46.20 22.16 -60.94
N ASP J 333 -45.34 22.14 -61.94
CA ASP J 333 -45.00 20.97 -62.75
C ASP J 333 -43.89 20.09 -62.13
N ASP J 334 -43.47 20.30 -60.87
CA ASP J 334 -42.55 19.37 -60.15
C ASP J 334 -43.44 18.32 -59.48
N ASN J 335 -43.81 17.32 -60.29
CA ASN J 335 -44.89 16.38 -60.02
C ASN J 335 -44.52 15.03 -60.62
N GLU J 336 -45.42 14.04 -60.40
CA GLU J 336 -45.22 12.64 -60.81
C GLU J 336 -45.06 12.44 -62.31
N GLU J 337 -45.73 13.30 -63.09
CA GLU J 337 -45.75 13.28 -64.54
C GLU J 337 -44.35 13.49 -65.12
N ASN J 338 -43.63 14.51 -64.63
CA ASN J 338 -42.35 14.88 -65.21
C ASN J 338 -41.21 14.06 -64.62
N LEU J 339 -41.52 12.96 -63.95
CA LEU J 339 -40.44 12.06 -63.57
C LEU J 339 -40.06 11.18 -64.74
N ASP J 340 -38.82 10.73 -64.69
CA ASP J 340 -38.30 9.75 -65.61
C ASP J 340 -37.83 8.65 -64.67
N GLU J 341 -38.63 7.58 -64.58
CA GLU J 341 -38.41 6.46 -63.70
C GLU J 341 -37.26 5.59 -64.12
N SER J 342 -36.88 5.69 -65.39
CA SER J 342 -35.68 5.02 -65.88
C SER J 342 -34.47 5.44 -65.07
N THR J 343 -34.29 6.76 -64.88
CA THR J 343 -33.12 7.33 -64.22
C THR J 343 -33.09 7.06 -62.71
N ILE J 344 -34.25 6.93 -62.05
CA ILE J 344 -34.31 6.62 -60.61
C ILE J 344 -33.91 5.18 -60.32
N ASP J 345 -34.16 4.25 -61.27
CA ASP J 345 -33.84 2.83 -61.12
C ASP J 345 -32.33 2.60 -61.26
N ASN J 346 -31.75 3.22 -62.29
CA ASN J 346 -30.30 3.17 -62.45
C ASN J 346 -29.59 3.74 -61.23
N LEU J 347 -30.09 4.83 -60.66
CA LEU J 347 -29.47 5.38 -59.46
C LEU J 347 -29.65 4.47 -58.23
N ASN J 348 -30.87 3.98 -57.97
CA ASN J 348 -31.09 3.06 -56.87
C ASN J 348 -30.07 1.95 -56.85
N LYS J 349 -29.57 1.57 -58.02
CA LYS J 349 -28.63 0.47 -58.17
C LYS J 349 -27.21 0.92 -57.84
N ILE J 350 -26.78 2.00 -58.49
CA ILE J 350 -25.47 2.56 -58.21
C ILE J 350 -25.27 2.82 -56.73
N LEU J 351 -26.34 3.14 -56.02
CA LEU J 351 -26.27 3.55 -54.62
C LEU J 351 -26.30 2.37 -53.66
N GLN J 352 -27.13 1.37 -53.98
CA GLN J 352 -27.18 0.15 -53.18
C GLN J 352 -25.83 -0.55 -53.19
N VAL J 353 -25.17 -0.51 -54.35
CA VAL J 353 -23.84 -1.04 -54.52
C VAL J 353 -22.84 -0.22 -53.68
N PHE J 354 -22.97 1.11 -53.69
CA PHE J 354 -22.07 1.94 -52.89
C PHE J 354 -22.14 1.55 -51.43
N VAL J 355 -23.34 1.42 -50.89
CA VAL J 355 -23.43 1.21 -49.46
C VAL J 355 -22.98 -0.20 -49.10
N LEU J 356 -23.27 -1.19 -49.94
CA LEU J 356 -22.78 -2.55 -49.63
C LEU J 356 -21.27 -2.61 -49.63
N GLU J 357 -20.64 -2.02 -50.63
CA GLU J 357 -19.18 -1.96 -50.63
C GLU J 357 -18.65 -1.18 -49.44
N TYR J 358 -19.24 0.00 -49.11
CA TYR J 358 -18.74 0.82 -47.98
C TYR J 358 -18.75 0.02 -46.67
N LEU J 359 -19.78 -0.78 -46.44
CA LEU J 359 -20.02 -1.51 -45.21
C LEU J 359 -19.40 -2.92 -45.21
N HIS J 360 -18.71 -3.32 -46.28
CA HIS J 360 -18.08 -4.64 -46.42
C HIS J 360 -19.10 -5.78 -46.37
N LEU J 361 -20.23 -5.61 -47.05
CA LEU J 361 -21.22 -6.69 -47.17
C LEU J 361 -21.54 -7.14 -48.62
N ALA K 33 -8.09 20.78 12.36
CA ALA K 33 -7.32 19.63 12.93
C ALA K 33 -7.91 19.12 14.29
N SER K 34 -8.95 18.26 14.22
CA SER K 34 -9.86 18.02 15.36
C SER K 34 -9.30 17.29 16.60
N ALA K 35 -9.51 17.75 17.83
CA ALA K 35 -10.40 18.81 18.30
C ALA K 35 -10.72 18.42 19.73
N TRP K 36 -11.81 17.64 19.79
CA TRP K 36 -12.43 17.26 21.05
C TRP K 36 -11.55 16.42 22.00
N PRO K 37 -10.51 15.68 21.56
CA PRO K 37 -9.71 14.92 22.54
C PRO K 37 -9.08 15.76 23.65
N GLU K 38 -9.28 17.05 23.57
CA GLU K 38 -8.80 17.99 24.58
C GLU K 38 -9.90 18.37 25.59
N GLU K 39 -11.16 18.08 25.31
CA GLU K 39 -12.19 18.50 26.22
C GLU K 39 -11.92 17.98 27.62
N LYS K 40 -11.34 16.79 27.72
CA LYS K 40 -11.17 16.09 29.00
C LYS K 40 -10.26 16.84 29.96
N ASN K 41 -9.42 17.74 29.47
CA ASN K 41 -8.52 18.49 30.32
C ASN K 41 -9.19 19.69 31.02
N TYR K 42 -10.28 20.21 30.48
CA TYR K 42 -11.03 21.28 31.12
C TYR K 42 -12.18 20.80 31.97
N HIS K 43 -12.37 19.51 32.12
CA HIS K 43 -13.61 19.05 32.70
C HIS K 43 -13.63 19.33 34.21
N GLN K 44 -14.78 19.66 34.73
CA GLN K 44 -15.00 20.02 36.12
C GLN K 44 -16.15 19.19 36.64
N PRO K 45 -16.20 18.87 37.95
CA PRO K 45 -17.34 18.13 38.48
C PRO K 45 -18.48 19.04 38.89
N ALA K 46 -19.63 18.41 39.18
CA ALA K 46 -20.88 19.07 39.56
C ALA K 46 -21.28 18.54 40.93
N ILE K 47 -20.77 19.18 41.99
CA ILE K 47 -20.76 18.58 43.34
C ILE K 47 -22.17 18.44 43.93
N LEU K 48 -22.35 17.35 44.68
CA LEU K 48 -23.59 17.11 45.40
C LEU K 48 -23.59 17.84 46.76
N ASN K 49 -24.80 18.13 47.27
CA ASN K 49 -25.02 18.73 48.59
C ASN K 49 -25.22 17.63 49.64
N SER K 50 -25.65 18.02 50.86
CA SER K 50 -25.83 17.03 51.92
C SER K 50 -27.00 16.07 51.65
N SER K 51 -28.13 16.58 51.15
CA SER K 51 -29.28 15.69 51.03
C SER K 51 -29.04 14.66 49.95
N ALA K 52 -28.33 15.02 48.88
CA ALA K 52 -27.96 14.03 47.87
C ALA K 52 -26.88 13.08 48.39
N LEU K 53 -25.96 13.57 49.22
CA LEU K 53 -24.97 12.70 49.85
C LEU K 53 -25.64 11.64 50.75
N ARG K 54 -26.81 11.93 51.33
CA ARG K 54 -27.50 10.97 52.19
C ARG K 54 -28.31 9.98 51.39
N GLN K 55 -28.93 10.45 50.31
CA GLN K 55 -29.70 9.56 49.46
C GLN K 55 -28.76 8.53 48.86
N ILE K 56 -27.64 8.99 48.30
CA ILE K 56 -26.65 8.07 47.74
C ILE K 56 -26.24 7.03 48.77
N ALA K 57 -25.95 7.45 50.01
CA ALA K 57 -25.57 6.47 51.04
C ALA K 57 -26.66 5.43 51.32
N GLU K 58 -27.94 5.74 51.08
CA GLU K 58 -28.99 4.82 51.47
C GLU K 58 -29.48 3.96 50.31
N GLY K 59 -29.20 4.35 49.06
CA GLY K 59 -29.48 3.54 47.89
C GLY K 59 -28.54 2.37 47.59
N THR K 60 -27.46 2.11 48.40
CA THR K 60 -26.52 1.01 48.15
C THR K 60 -26.49 -0.01 49.29
N SER K 61 -26.61 -1.29 48.91
CA SER K 61 -26.78 -2.41 49.85
C SER K 61 -25.53 -3.28 49.89
N ILE K 62 -24.69 -3.07 50.91
CA ILE K 62 -23.53 -3.97 51.07
C ILE K 62 -23.94 -5.42 51.18
N SER K 63 -25.19 -5.73 51.61
CA SER K 63 -25.63 -7.11 51.81
C SER K 63 -26.06 -7.73 50.47
N GLU K 64 -26.88 -7.00 49.70
CA GLU K 64 -27.28 -7.40 48.35
C GLU K 64 -26.07 -7.71 47.46
N MET K 65 -25.04 -6.85 47.50
CA MET K 65 -23.84 -7.15 46.74
C MET K 65 -23.25 -8.49 47.19
N TRP K 66 -22.82 -8.58 48.43
CA TRP K 66 -22.13 -9.77 48.94
C TRP K 66 -22.73 -11.09 48.49
N GLN K 67 -24.06 -11.21 48.45
CA GLN K 67 -24.65 -12.50 48.05
C GLN K 67 -24.93 -12.61 46.57
N ASN K 68 -25.40 -11.55 45.90
CA ASN K 68 -25.76 -11.67 44.51
C ASN K 68 -24.60 -11.39 43.55
N ASP K 69 -23.61 -10.56 43.93
CA ASP K 69 -22.52 -10.22 43.01
C ASP K 69 -21.19 -10.86 43.37
N LEU K 70 -20.80 -10.91 44.65
CA LEU K 70 -19.46 -11.35 45.01
C LEU K 70 -19.31 -12.88 45.13
N GLN K 71 -20.15 -13.49 45.95
CA GLN K 71 -19.95 -14.88 46.31
C GLN K 71 -19.91 -15.79 45.11
N PRO K 72 -20.73 -15.57 44.07
CA PRO K 72 -20.60 -16.38 42.83
C PRO K 72 -19.21 -16.32 42.20
N LEU K 73 -18.40 -15.32 42.49
CA LEU K 73 -17.10 -15.21 41.85
C LEU K 73 -15.95 -15.77 42.69
N LEU K 74 -16.19 -16.29 43.89
CA LEU K 74 -15.05 -16.79 44.66
C LEU K 74 -14.75 -18.26 44.32
N ILE K 75 -14.32 -18.52 43.07
CA ILE K 75 -13.90 -19.83 42.61
C ILE K 75 -12.56 -19.72 41.82
N GLU K 76 -12.00 -20.90 41.51
CA GLU K 76 -10.85 -21.02 40.62
C GLU K 76 -11.24 -20.66 39.18
N ARG K 77 -10.70 -19.54 38.64
CA ARG K 77 -11.08 -19.00 37.31
C ARG K 77 -9.89 -18.48 36.50
N TYR K 78 -8.81 -19.24 36.45
CA TYR K 78 -7.65 -18.89 35.65
C TYR K 78 -7.95 -19.06 34.15
N PRO K 79 -7.23 -18.34 33.27
CA PRO K 79 -7.57 -18.33 31.84
C PRO K 79 -7.67 -19.74 31.26
N GLY K 80 -8.73 -19.99 30.46
CA GLY K 80 -8.96 -21.30 29.91
C GLY K 80 -9.76 -22.30 30.76
N SER K 81 -10.06 -21.98 32.03
CA SER K 81 -10.68 -22.95 32.95
C SER K 81 -12.21 -22.92 32.87
N PRO K 82 -12.88 -23.97 33.33
CA PRO K 82 -14.34 -23.89 33.42
C PRO K 82 -14.81 -22.66 34.20
N GLY K 83 -14.09 -22.30 35.29
CA GLY K 83 -14.42 -21.14 36.13
C GLY K 83 -14.39 -19.81 35.40
N SER K 84 -13.49 -19.67 34.37
CA SER K 84 -13.40 -18.43 33.59
C SER K 84 -14.71 -18.14 32.85
N TYR K 85 -15.23 -19.16 32.13
CA TYR K 85 -16.48 -19.04 31.40
C TYR K 85 -17.69 -18.82 32.31
N ALA K 86 -17.64 -19.33 33.53
CA ALA K 86 -18.70 -19.10 34.50
C ALA K 86 -18.73 -17.68 35.04
N ALA K 87 -17.54 -17.13 35.38
CA ALA K 87 -17.44 -15.70 35.74
C ALA K 87 -17.91 -14.77 34.60
N ARG K 88 -17.63 -15.11 33.35
CA ARG K 88 -18.08 -14.28 32.22
C ARG K 88 -19.63 -14.24 32.10
N GLN K 89 -20.28 -15.40 32.35
CA GLN K 89 -21.75 -15.51 32.31
C GLN K 89 -22.40 -14.81 33.49
N HIS K 90 -21.82 -14.92 34.68
CA HIS K 90 -22.36 -14.21 35.84
C HIS K 90 -22.30 -12.70 35.62
N ILE K 91 -21.15 -12.19 35.20
CA ILE K 91 -21.00 -10.76 34.95
C ILE K 91 -21.96 -10.31 33.87
N MET K 92 -22.11 -11.05 32.78
CA MET K 92 -23.02 -10.59 31.73
C MET K 92 -24.48 -10.62 32.18
N GLN K 93 -24.87 -11.67 32.92
CA GLN K 93 -26.27 -11.77 33.30
C GLN K 93 -26.65 -10.70 34.31
N ARG K 94 -25.77 -10.43 35.27
CA ARG K 94 -26.13 -9.45 36.27
C ARG K 94 -26.36 -8.13 35.59
N ILE K 95 -25.62 -7.85 34.51
CA ILE K 95 -25.73 -6.55 33.87
C ILE K 95 -26.99 -6.44 33.04
N GLN K 96 -27.42 -7.56 32.48
CA GLN K 96 -28.58 -7.62 31.61
C GLN K 96 -29.88 -7.47 32.35
N ARG K 97 -29.90 -7.81 33.65
CA ARG K 97 -31.14 -7.61 34.39
C ARG K 97 -31.44 -6.16 34.70
N LEU K 98 -30.59 -5.21 34.28
CA LEU K 98 -30.79 -3.81 34.60
C LEU K 98 -31.59 -3.17 33.47
N GLN K 99 -32.15 -1.99 33.76
CA GLN K 99 -32.98 -1.25 32.78
C GLN K 99 -32.16 -0.41 31.83
N ALA K 100 -31.12 0.29 32.31
CA ALA K 100 -30.24 1.02 31.41
C ALA K 100 -29.83 0.13 30.22
N ASP K 101 -29.55 0.84 29.12
CA ASP K 101 -29.20 0.24 27.81
C ASP K 101 -27.70 -0.03 27.69
N TRP K 102 -27.24 -1.03 28.44
CA TRP K 102 -25.84 -1.42 28.38
C TRP K 102 -25.60 -2.25 27.13
N VAL K 103 -24.53 -1.93 26.40
CA VAL K 103 -24.11 -2.71 25.24
C VAL K 103 -22.87 -3.50 25.65
N LEU K 104 -22.91 -4.82 25.44
CA LEU K 104 -21.84 -5.74 25.84
C LEU K 104 -21.09 -6.37 24.67
N GLU K 105 -19.75 -6.47 24.81
CA GLU K 105 -18.90 -6.98 23.75
C GLU K 105 -17.90 -8.01 24.34
N ILE K 106 -17.67 -9.15 23.65
CA ILE K 106 -16.60 -10.09 24.03
C ILE K 106 -15.44 -10.01 23.03
N ASP K 107 -14.29 -9.59 23.56
CA ASP K 107 -13.04 -9.46 22.84
C ASP K 107 -12.15 -10.67 23.15
N THR K 108 -12.23 -11.68 22.27
CA THR K 108 -11.55 -12.97 22.41
C THR K 108 -10.34 -12.98 21.48
N PHE K 109 -9.17 -13.42 21.96
CA PHE K 109 -7.93 -13.36 21.19
C PHE K 109 -7.00 -14.52 21.58
N LEU K 110 -5.90 -14.62 20.88
CA LEU K 110 -4.96 -15.70 20.97
C LEU K 110 -3.61 -15.12 21.33
N SER K 111 -2.90 -15.76 22.27
CA SER K 111 -1.61 -15.26 22.70
C SER K 111 -0.72 -16.39 23.17
N GLN K 112 0.57 -16.19 22.92
CA GLN K 112 1.60 -17.09 23.39
C GLN K 112 1.86 -16.92 24.88
N THR K 113 2.22 -18.03 25.56
CA THR K 113 2.43 -18.08 27.00
C THR K 113 3.52 -19.09 27.36
N PRO K 114 3.94 -19.20 28.63
CA PRO K 114 5.07 -20.10 28.96
C PRO K 114 4.80 -21.54 28.68
N TYR K 115 3.54 -21.87 28.53
CA TYR K 115 3.07 -23.21 28.30
C TYR K 115 2.53 -23.40 26.89
N GLY K 116 2.45 -22.35 26.08
CA GLY K 116 2.00 -22.42 24.69
C GLY K 116 0.92 -21.39 24.39
N TYR K 117 0.41 -21.41 23.14
CA TYR K 117 -0.73 -20.58 22.78
C TYR K 117 -1.93 -20.97 23.63
N ARG K 118 -2.85 -19.99 23.83
CA ARG K 118 -4.02 -20.03 24.70
C ARG K 118 -4.96 -18.88 24.29
N SER K 119 -6.24 -19.04 24.63
CA SER K 119 -7.32 -18.12 24.34
C SER K 119 -7.74 -17.37 25.59
N PHE K 120 -8.10 -16.11 25.41
CA PHE K 120 -8.45 -15.15 26.45
C PHE K 120 -9.67 -14.36 25.96
N SER K 121 -10.47 -13.82 26.92
CA SER K 121 -11.67 -13.02 26.61
C SER K 121 -11.82 -11.83 27.56
N ASN K 122 -11.67 -10.57 27.08
CA ASN K 122 -12.03 -9.45 27.94
C ASN K 122 -13.56 -9.29 27.85
N ILE K 123 -14.17 -8.59 28.83
CA ILE K 123 -15.59 -8.22 28.80
C ILE K 123 -15.70 -6.70 28.76
N ILE K 124 -16.44 -6.16 27.79
CA ILE K 124 -16.60 -4.69 27.71
C ILE K 124 -18.07 -4.30 27.83
N SER K 125 -18.37 -3.32 28.70
CA SER K 125 -19.75 -2.92 28.97
C SER K 125 -19.87 -1.40 28.80
N THR K 126 -20.62 -0.98 27.77
CA THR K 126 -20.68 0.41 27.40
C THR K 126 -22.11 0.92 27.28
N LEU K 127 -22.34 2.10 27.88
CA LEU K 127 -23.51 2.95 27.65
C LEU K 127 -23.22 4.01 26.60
N ASN K 128 -24.13 4.18 25.61
CA ASN K 128 -23.95 5.23 24.58
C ASN K 128 -22.64 4.99 23.85
N PRO K 129 -22.52 3.90 23.10
CA PRO K 129 -21.24 3.56 22.42
C PRO K 129 -20.74 4.59 21.39
N THR K 130 -21.64 5.47 20.93
CA THR K 130 -21.46 6.40 19.82
C THR K 130 -20.95 7.73 20.29
N ALA K 131 -21.15 8.06 21.58
CA ALA K 131 -20.63 9.27 22.20
C ALA K 131 -19.11 9.40 21.96
N LYS K 132 -18.59 10.58 22.00
CA LYS K 132 -17.16 10.67 21.75
C LYS K 132 -16.32 10.25 22.95
N ARG K 133 -16.81 10.53 24.17
CA ARG K 133 -16.04 10.51 25.41
C ARG K 133 -16.70 9.55 26.41
N HIS K 134 -15.88 8.86 27.22
CA HIS K 134 -16.37 7.89 28.18
C HIS K 134 -15.44 7.89 29.35
N LEU K 135 -16.01 8.01 30.58
CA LEU K 135 -15.30 7.63 31.82
C LEU K 135 -15.26 6.09 32.00
N VAL K 136 -14.10 5.56 32.39
CA VAL K 136 -13.83 4.12 32.37
C VAL K 136 -13.50 3.64 33.75
N LEU K 137 -14.31 2.68 34.26
CA LEU K 137 -14.06 1.89 35.48
C LEU K 137 -13.43 0.58 35.07
N ALA K 138 -12.42 0.08 35.82
CA ALA K 138 -11.82 -1.20 35.37
C ALA K 138 -11.14 -2.02 36.47
N CYS K 139 -11.11 -3.34 36.23
CA CYS K 139 -10.41 -4.30 37.09
C CYS K 139 -10.18 -5.54 36.25
N HIS K 140 -9.41 -6.52 36.80
CA HIS K 140 -9.20 -7.84 36.20
C HIS K 140 -10.03 -8.97 36.86
N TYR K 141 -10.60 -9.87 36.05
CA TYR K 141 -11.49 -10.94 36.52
C TYR K 141 -10.84 -12.33 36.54
N ASP K 142 -9.61 -12.46 36.07
CA ASP K 142 -9.01 -13.74 36.25
C ASP K 142 -8.50 -13.89 37.68
N SER K 143 -8.23 -15.16 38.05
CA SER K 143 -7.46 -15.56 39.23
C SER K 143 -6.15 -16.23 38.82
N LYS K 144 -5.15 -16.03 39.64
CA LYS K 144 -3.82 -16.61 39.40
C LYS K 144 -3.79 -18.13 39.51
N TYR K 145 -3.14 -18.75 38.53
CA TYR K 145 -2.99 -20.19 38.43
C TYR K 145 -1.96 -20.73 39.42
N PHE K 146 -2.48 -21.49 40.44
CA PHE K 146 -1.72 -22.16 41.48
C PHE K 146 -2.04 -23.66 41.60
N SER K 147 -1.08 -24.44 42.09
CA SER K 147 -1.47 -25.81 42.43
C SER K 147 -2.21 -25.82 43.76
N HIS K 148 -2.74 -26.97 44.14
CA HIS K 148 -3.64 -27.04 45.30
C HIS K 148 -2.82 -27.25 46.57
N TRP K 149 -2.18 -26.16 47.02
CA TRP K 149 -1.29 -26.14 48.21
C TRP K 149 -2.05 -26.52 49.46
N ASN K 150 -1.56 -27.58 50.15
CA ASN K 150 -2.25 -28.17 51.30
C ASN K 150 -3.71 -28.53 50.99
N ASN K 151 -3.97 -29.08 49.82
CA ASN K 151 -5.33 -29.42 49.40
C ASN K 151 -6.30 -28.23 49.45
N ARG K 152 -5.76 -26.99 49.41
CA ARG K 152 -6.49 -25.72 49.25
C ARG K 152 -6.44 -25.14 47.82
N VAL K 153 -7.39 -24.21 47.53
CA VAL K 153 -7.55 -23.60 46.20
C VAL K 153 -7.60 -22.08 46.29
N PHE K 154 -6.60 -21.42 45.66
CA PHE K 154 -6.57 -19.96 45.52
C PHE K 154 -7.78 -19.41 44.73
N VAL K 155 -8.45 -18.39 45.28
CA VAL K 155 -9.63 -17.76 44.69
C VAL K 155 -9.56 -16.22 44.56
N GLY K 156 -8.53 -15.60 45.12
CA GLY K 156 -8.31 -14.18 44.87
C GLY K 156 -9.48 -13.28 45.18
N ALA K 157 -9.77 -13.17 46.49
CA ALA K 157 -10.97 -12.50 46.96
C ALA K 157 -10.81 -11.00 46.88
N THR K 158 -9.68 -10.47 47.35
CA THR K 158 -9.31 -9.07 47.06
C THR K 158 -8.64 -8.87 45.67
N ASP K 159 -8.21 -9.96 45.01
CA ASP K 159 -7.35 -10.00 43.83
C ASP K 159 -8.01 -10.82 42.70
N SER K 160 -9.07 -10.33 42.06
CA SER K 160 -9.82 -9.09 42.36
C SER K 160 -11.30 -9.36 42.26
N ALA K 161 -11.77 -10.37 43.01
CA ALA K 161 -13.22 -10.63 43.06
C ALA K 161 -14.01 -9.43 43.60
N VAL K 162 -13.56 -8.81 44.73
CA VAL K 162 -14.30 -7.66 45.29
C VAL K 162 -14.43 -6.50 44.34
N PRO K 163 -13.37 -6.02 43.70
CA PRO K 163 -13.55 -4.90 42.73
C PRO K 163 -14.50 -5.24 41.59
N CYS K 164 -14.50 -6.50 41.07
CA CYS K 164 -15.56 -6.90 40.15
C CYS K 164 -16.94 -6.61 40.73
N ALA K 165 -17.16 -7.07 41.96
CA ALA K 165 -18.49 -6.94 42.61
C ALA K 165 -18.87 -5.48 42.94
N MET K 166 -17.91 -4.67 43.40
CA MET K 166 -18.13 -3.23 43.52
C MET K 166 -18.60 -2.61 42.21
N MET K 167 -18.03 -3.08 41.09
CA MET K 167 -18.43 -2.58 39.77
C MET K 167 -19.87 -3.00 39.47
N LEU K 168 -20.25 -4.20 39.89
CA LEU K 168 -21.66 -4.59 39.65
C LEU K 168 -22.63 -3.88 40.58
N GLU K 169 -22.18 -3.59 41.81
CA GLU K 169 -22.99 -2.85 42.77
C GLU K 169 -23.13 -1.38 42.38
N LEU K 170 -22.12 -0.77 41.75
CA LEU K 170 -22.31 0.62 41.28
C LEU K 170 -23.36 0.69 40.15
N ALA K 171 -23.36 -0.30 39.24
CA ALA K 171 -24.31 -0.27 38.12
C ALA K 171 -25.72 -0.53 38.59
N ARG K 172 -25.90 -1.41 39.59
CA ARG K 172 -27.21 -1.54 40.19
C ARG K 172 -27.59 -0.25 40.92
N ALA K 173 -26.84 0.12 41.98
CA ALA K 173 -27.32 1.23 42.80
C ALA K 173 -27.71 2.48 42.01
N LEU K 174 -27.04 2.78 40.89
CA LEU K 174 -27.30 4.02 40.15
C LEU K 174 -28.17 3.80 38.92
N ASP K 175 -28.81 2.63 38.78
CA ASP K 175 -29.46 2.32 37.52
C ASP K 175 -30.47 3.39 37.15
N LYS K 176 -31.11 4.01 38.14
CA LYS K 176 -32.14 4.99 37.82
C LYS K 176 -31.53 6.26 37.24
N LYS K 177 -30.40 6.69 37.80
CA LYS K 177 -29.79 7.92 37.31
C LYS K 177 -29.16 7.71 35.90
N LEU K 178 -28.60 6.52 35.62
CA LEU K 178 -27.90 6.32 34.35
C LEU K 178 -28.85 6.04 33.17
N LEU K 179 -30.06 5.51 33.38
CA LEU K 179 -30.91 5.36 32.19
C LEU K 179 -31.43 6.70 31.65
N SER K 180 -31.04 7.84 32.24
CA SER K 180 -31.40 9.14 31.72
C SER K 180 -30.52 9.60 30.56
N LEU K 181 -29.38 8.95 30.32
CA LEU K 181 -28.54 9.27 29.16
C LEU K 181 -29.04 8.67 27.86
N LYS K 182 -30.18 7.95 27.91
CA LYS K 182 -31.04 7.51 26.78
C LYS K 182 -30.80 6.02 26.50
N PRO K 189 -22.33 18.23 26.91
CA PRO K 189 -21.20 17.27 26.80
C PRO K 189 -21.60 15.87 26.29
N ASP K 190 -20.80 15.37 25.36
CA ASP K 190 -21.05 14.08 24.73
C ASP K 190 -20.21 13.05 25.50
N LEU K 191 -20.72 12.67 26.68
CA LEU K 191 -19.98 11.97 27.73
C LEU K 191 -20.87 10.92 28.38
N SER K 192 -20.27 9.78 28.78
CA SER K 192 -20.97 8.60 29.33
C SER K 192 -19.95 7.67 30.02
N LEU K 193 -20.36 6.40 30.24
CA LEU K 193 -19.69 5.49 31.15
C LEU K 193 -19.42 4.16 30.47
N GLN K 194 -18.28 3.57 30.87
CA GLN K 194 -17.87 2.24 30.40
C GLN K 194 -17.23 1.48 31.53
N LEU K 195 -17.46 0.16 31.50
CA LEU K 195 -16.77 -0.84 32.35
C LEU K 195 -15.92 -1.82 31.54
N ILE K 196 -14.77 -2.15 32.07
CA ILE K 196 -13.91 -3.15 31.44
C ILE K 196 -13.42 -4.16 32.51
N PHE K 197 -13.57 -5.45 32.22
CA PHE K 197 -13.08 -6.57 33.03
C PHE K 197 -12.03 -7.32 32.22
N PHE K 198 -10.78 -7.11 32.54
CA PHE K 198 -9.70 -7.76 31.81
C PHE K 198 -9.49 -9.26 32.13
N ASP K 199 -9.21 -10.07 31.10
CA ASP K 199 -8.61 -11.42 31.27
C ASP K 199 -7.07 -11.38 31.24
N GLY K 200 -6.42 -12.39 31.83
CA GLY K 200 -4.95 -12.50 31.81
C GLY K 200 -4.03 -11.45 32.45
N GLU K 201 -4.50 -10.72 33.47
CA GLU K 201 -3.67 -9.80 34.27
C GLU K 201 -2.47 -10.50 34.94
N GLU K 202 -2.65 -11.63 35.63
CA GLU K 202 -1.47 -12.22 36.29
C GLU K 202 -0.61 -13.03 35.32
N ALA K 203 0.65 -13.22 35.74
CA ALA K 203 1.57 -14.12 35.04
C ALA K 203 1.16 -15.61 35.20
N PHE K 204 1.52 -16.43 34.22
CA PHE K 204 1.28 -17.88 34.30
C PHE K 204 2.37 -18.62 35.06
N LEU K 205 3.59 -18.08 35.07
CA LEU K 205 4.79 -18.75 35.57
C LEU K 205 5.82 -17.80 36.26
N HIS K 206 6.15 -16.65 35.66
CA HIS K 206 7.10 -15.68 36.24
C HIS K 206 6.88 -14.33 35.58
N TRP K 207 6.50 -13.31 36.37
CA TRP K 207 6.20 -11.96 35.85
C TRP K 207 7.30 -11.38 34.96
N SER K 208 7.04 -11.36 33.64
CA SER K 208 7.83 -10.55 32.69
C SER K 208 6.95 -9.73 31.71
N PRO K 209 7.56 -8.97 30.80
CA PRO K 209 6.73 -8.18 29.87
C PRO K 209 5.90 -9.06 28.97
N GLN K 210 6.44 -10.25 28.66
CA GLN K 210 5.76 -11.29 27.89
C GLN K 210 5.00 -12.30 28.73
N ASP K 211 4.90 -12.13 30.10
CA ASP K 211 4.10 -13.09 30.96
C ASP K 211 3.40 -12.25 32.02
N SER K 212 2.38 -11.55 31.57
CA SER K 212 1.59 -10.62 32.36
C SER K 212 0.80 -9.79 31.38
N LEU K 213 -0.16 -9.08 31.95
CA LEU K 213 -1.04 -8.07 31.34
C LEU K 213 -1.44 -8.43 29.92
N TYR K 214 -1.93 -9.66 29.78
CA TYR K 214 -2.32 -10.18 28.45
C TYR K 214 -3.49 -9.39 27.83
N GLY K 215 -4.58 -9.19 28.55
CA GLY K 215 -5.76 -8.61 27.93
C GLY K 215 -5.71 -7.11 27.77
N SER K 216 -5.00 -6.42 28.67
CA SER K 216 -4.81 -4.98 28.60
C SER K 216 -3.77 -4.59 27.56
N ARG K 217 -2.63 -5.31 27.45
CA ARG K 217 -1.75 -5.06 26.32
C ARG K 217 -2.51 -5.23 25.00
N HIS K 218 -3.36 -6.29 24.88
CA HIS K 218 -4.14 -6.50 23.66
C HIS K 218 -5.15 -5.38 23.41
N LEU K 219 -5.95 -5.04 24.41
CA LEU K 219 -7.07 -4.12 24.17
C LEU K 219 -6.58 -2.69 23.83
N ALA K 220 -5.54 -2.22 24.53
CA ALA K 220 -4.89 -0.94 24.23
C ALA K 220 -4.41 -0.84 22.77
N ALA K 221 -3.70 -1.85 22.25
CA ALA K 221 -3.30 -1.82 20.84
C ALA K 221 -4.50 -1.71 19.90
N LYS K 222 -5.62 -2.38 20.24
CA LYS K 222 -6.81 -2.40 19.40
C LYS K 222 -7.59 -1.05 19.44
N MET K 223 -7.59 -0.30 20.56
CA MET K 223 -8.35 0.94 20.68
C MET K 223 -7.59 2.10 19.98
N ALA K 224 -6.26 2.08 20.13
CA ALA K 224 -5.33 2.95 19.41
C ALA K 224 -5.50 2.86 17.88
N SER K 225 -5.87 1.69 17.34
CA SER K 225 -6.05 1.49 15.92
C SER K 225 -7.53 1.41 15.47
N THR K 226 -8.46 1.92 16.26
CA THR K 226 -9.90 1.91 15.87
C THR K 226 -10.46 3.33 15.76
N PRO K 227 -10.99 3.73 14.61
CA PRO K 227 -11.57 5.08 14.45
C PRO K 227 -12.77 5.27 15.38
N HIS K 228 -12.74 6.40 16.09
CA HIS K 228 -13.78 6.91 17.01
C HIS K 228 -13.90 8.50 16.96
N PRO K 229 -15.17 9.01 16.91
CA PRO K 229 -16.35 8.13 16.70
C PRO K 229 -16.46 7.56 15.26
N PRO K 230 -17.32 6.61 15.07
CA PRO K 230 -17.60 6.12 13.71
C PRO K 230 -17.53 7.13 12.57
N GLY K 231 -16.90 6.71 11.46
CA GLY K 231 -16.57 7.58 10.34
C GLY K 231 -15.40 8.56 10.52
N ALA K 232 -14.97 8.83 11.75
CA ALA K 232 -13.82 9.71 11.96
C ALA K 232 -12.60 9.30 11.12
N ARG K 233 -11.82 10.31 10.74
CA ARG K 233 -10.65 10.24 9.90
C ARG K 233 -9.35 10.34 10.69
N GLY K 234 -9.33 11.05 11.82
CA GLY K 234 -8.08 11.26 12.54
C GLY K 234 -8.08 10.98 14.04
N THR K 235 -9.12 10.32 14.60
CA THR K 235 -9.19 10.05 16.05
C THR K 235 -9.62 8.63 16.35
N SER K 236 -9.19 8.19 17.51
CA SER K 236 -9.29 6.79 17.90
C SER K 236 -10.08 6.64 19.21
N GLN K 237 -10.60 5.42 19.43
CA GLN K 237 -11.25 5.03 20.70
C GLN K 237 -10.41 5.32 21.94
N LEU K 238 -9.11 5.04 21.89
CA LEU K 238 -8.17 5.37 22.95
C LEU K 238 -8.22 6.87 23.29
N HIS K 239 -8.30 7.74 22.27
CA HIS K 239 -8.44 9.16 22.53
C HIS K 239 -9.75 9.52 23.22
N GLY K 240 -10.69 8.60 23.31
CA GLY K 240 -11.99 8.84 23.92
C GLY K 240 -12.13 8.46 25.38
N MET K 241 -11.06 7.89 25.96
CA MET K 241 -10.94 7.53 27.38
C MET K 241 -10.60 8.78 28.22
N ASP K 242 -11.65 9.33 28.87
CA ASP K 242 -11.50 10.54 29.69
C ASP K 242 -10.56 10.34 30.87
N LEU K 243 -10.69 9.20 31.58
CA LEU K 243 -9.93 8.83 32.77
C LEU K 243 -10.13 7.35 33.03
N LEU K 244 -9.01 6.65 33.31
CA LEU K 244 -9.01 5.24 33.63
C LEU K 244 -8.85 5.02 35.12
N VAL K 245 -9.94 4.63 35.76
CA VAL K 245 -9.97 4.37 37.21
C VAL K 245 -9.89 2.86 37.40
N LEU K 246 -8.68 2.40 37.73
CA LEU K 246 -8.32 0.99 37.90
C LEU K 246 -8.38 0.56 39.35
N LEU K 247 -9.32 -0.33 39.66
CA LEU K 247 -9.51 -0.90 40.99
C LEU K 247 -8.80 -2.23 41.06
N ASP K 248 -7.95 -2.40 42.09
CA ASP K 248 -7.14 -3.59 42.30
C ASP K 248 -6.79 -3.79 43.77
N LEU K 249 -6.76 -5.04 44.21
CA LEU K 249 -6.32 -5.45 45.59
C LEU K 249 -7.08 -4.77 46.74
N ILE K 250 -8.42 -4.83 46.70
CA ILE K 250 -9.35 -4.14 47.62
C ILE K 250 -10.16 -5.17 48.41
N GLY K 251 -10.51 -4.82 49.67
CA GLY K 251 -11.13 -5.78 50.57
C GLY K 251 -10.54 -5.89 51.98
N ALA K 252 -9.26 -5.61 52.15
CA ALA K 252 -8.70 -5.64 53.48
C ALA K 252 -8.95 -4.34 54.26
N PRO K 253 -8.82 -4.37 55.58
CA PRO K 253 -9.06 -3.14 56.35
C PRO K 253 -7.84 -2.24 56.40
N ASN K 254 -8.11 -0.96 56.57
CA ASN K 254 -7.11 0.10 56.74
C ASN K 254 -6.20 0.28 55.53
N PRO K 255 -6.77 0.40 54.34
CA PRO K 255 -5.92 0.52 53.16
C PRO K 255 -5.48 1.95 52.94
N THR K 256 -4.16 2.14 52.64
CA THR K 256 -3.58 3.44 52.30
C THR K 256 -3.27 3.55 50.80
N PHE K 257 -4.08 4.36 50.12
CA PHE K 257 -3.98 4.57 48.69
C PHE K 257 -3.08 5.75 48.35
N PRO K 258 -1.84 5.52 47.82
CA PRO K 258 -0.97 6.63 47.40
C PRO K 258 -1.49 7.50 46.25
N ASN K 259 -0.75 8.56 45.91
CA ASN K 259 -1.12 9.56 44.89
C ASN K 259 -0.02 9.55 43.82
N PHE K 260 -0.29 8.91 42.69
CA PHE K 260 0.81 8.45 41.85
C PHE K 260 1.24 9.43 40.80
N PHE K 261 0.32 10.16 40.16
CA PHE K 261 0.64 10.91 38.91
C PHE K 261 0.26 12.39 38.96
N PRO K 262 1.18 13.29 38.55
CA PRO K 262 0.89 14.75 38.58
C PRO K 262 -0.28 15.18 37.72
N ASN K 263 -0.41 14.59 36.55
CA ASN K 263 -1.48 14.91 35.59
C ASN K 263 -2.87 14.45 36.02
N SER K 264 -3.02 13.52 36.99
CA SER K 264 -4.35 13.19 37.51
C SER K 264 -4.59 13.62 38.98
N ALA K 265 -3.74 14.49 39.55
CA ALA K 265 -3.80 14.83 40.98
C ALA K 265 -5.15 15.41 41.41
N ARG K 266 -5.77 16.26 40.62
CA ARG K 266 -6.92 16.92 41.17
C ARG K 266 -8.12 16.00 41.38
N TRP K 267 -8.25 14.90 40.58
CA TRP K 267 -9.30 13.91 40.78
C TRP K 267 -9.02 13.01 42.01
N PHE K 268 -7.74 12.77 42.33
CA PHE K 268 -7.44 12.22 43.66
C PHE K 268 -7.91 13.15 44.80
N GLU K 269 -7.71 14.47 44.65
CA GLU K 269 -8.12 15.45 45.63
C GLU K 269 -9.64 15.51 45.75
N ARG K 270 -10.38 15.27 44.67
CA ARG K 270 -11.81 15.08 44.85
C ARG K 270 -12.11 13.96 45.84
N LEU K 271 -11.45 12.79 45.67
CA LEU K 271 -11.69 11.63 46.54
C LEU K 271 -11.50 11.97 48.03
N GLN K 272 -10.40 12.64 48.40
CA GLN K 272 -10.14 13.03 49.77
C GLN K 272 -11.32 13.80 50.39
N ALA K 273 -11.87 14.78 49.66
CA ALA K 273 -12.90 15.66 50.20
C ALA K 273 -14.24 14.96 50.30
N ILE K 274 -14.55 14.19 49.28
CA ILE K 274 -15.69 13.28 49.33
C ILE K 274 -15.61 12.40 50.57
N GLU K 275 -14.45 11.78 50.82
CA GLU K 275 -14.30 10.92 51.99
C GLU K 275 -14.67 11.69 53.23
N HIS K 276 -14.11 12.89 53.33
CA HIS K 276 -14.09 13.68 54.56
C HIS K 276 -15.46 14.20 54.91
N GLU K 277 -16.24 14.62 53.90
CA GLU K 277 -17.56 15.15 54.16
C GLU K 277 -18.63 14.07 54.34
N LEU K 278 -18.46 12.86 53.81
CA LEU K 278 -19.35 11.78 54.26
C LEU K 278 -19.06 11.41 55.72
N HIS K 279 -17.77 11.25 56.07
CA HIS K 279 -17.39 11.00 57.46
C HIS K 279 -18.09 11.95 58.39
N GLU K 280 -18.18 13.23 57.97
CA GLU K 280 -18.77 14.29 58.77
C GLU K 280 -20.24 14.54 58.46
N LEU K 281 -20.98 13.51 58.08
CA LEU K 281 -22.44 13.50 58.22
C LEU K 281 -22.89 12.19 58.82
N GLY K 282 -21.94 11.39 59.32
CA GLY K 282 -22.15 10.05 59.84
C GLY K 282 -22.71 9.08 58.82
N LEU K 283 -22.21 9.14 57.60
CA LEU K 283 -22.62 8.20 56.56
C LEU K 283 -21.59 7.10 56.39
N LEU K 284 -20.54 7.12 57.21
CA LEU K 284 -19.51 6.09 57.16
C LEU K 284 -19.59 5.24 58.42
N LYS K 285 -18.81 4.16 58.46
CA LYS K 285 -18.90 3.22 59.57
C LYS K 285 -17.54 2.61 59.90
N ASP K 286 -17.30 2.44 61.20
CA ASP K 286 -16.03 1.93 61.72
C ASP K 286 -14.85 2.75 61.20
N HIS K 287 -15.14 4.04 60.90
CA HIS K 287 -14.28 4.99 60.22
C HIS K 287 -13.82 6.13 61.12
N SER K 288 -12.53 6.46 61.06
CA SER K 288 -11.96 7.62 61.73
C SER K 288 -11.14 8.52 60.79
N LEU K 289 -11.28 9.85 60.94
CA LEU K 289 -10.43 10.76 60.14
C LEU K 289 -8.94 10.56 60.41
N GLU K 290 -8.56 10.04 61.56
CA GLU K 290 -7.16 9.79 61.82
C GLU K 290 -6.62 8.59 61.05
N GLY K 291 -7.49 7.77 60.44
CA GLY K 291 -6.99 6.72 59.58
C GLY K 291 -7.65 6.69 58.23
N ARG K 292 -7.51 7.74 57.41
CA ARG K 292 -8.25 7.78 56.14
C ARG K 292 -7.62 6.86 55.08
N TYR K 293 -8.42 6.53 54.10
CA TYR K 293 -7.92 5.73 52.98
C TYR K 293 -7.06 6.56 52.01
N PHE K 294 -7.50 7.78 51.68
CA PHE K 294 -6.78 8.69 50.80
C PHE K 294 -6.08 9.77 51.61
N GLN K 295 -4.98 9.40 52.23
CA GLN K 295 -4.14 10.42 52.83
C GLN K 295 -3.29 10.91 51.70
N ASN K 296 -2.80 12.15 51.74
CA ASN K 296 -1.94 12.52 50.64
C ASN K 296 -0.55 12.01 50.94
N TYR K 297 0.03 11.35 49.95
CA TYR K 297 1.37 10.83 50.11
C TYR K 297 1.87 10.44 48.70
N SER K 298 2.71 11.29 48.11
CA SER K 298 3.28 10.99 46.81
C SER K 298 4.17 9.76 46.92
N TYR K 299 3.96 8.78 46.04
CA TYR K 299 4.83 7.61 45.91
C TYR K 299 6.03 7.91 45.00
N GLY K 300 5.79 8.08 43.69
CA GLY K 300 6.78 8.59 42.74
C GLY K 300 7.14 7.63 41.59
N GLY K 301 7.15 6.31 41.88
CA GLY K 301 7.41 5.29 40.90
C GLY K 301 6.15 4.50 40.58
N VAL K 302 6.33 3.40 39.85
CA VAL K 302 5.13 2.70 39.45
C VAL K 302 5.12 1.29 40.00
N ILE K 303 3.89 0.79 40.08
CA ILE K 303 3.56 -0.57 40.37
C ILE K 303 2.99 -1.17 39.08
N GLN K 304 3.59 -2.26 38.59
CA GLN K 304 3.13 -2.89 37.35
C GLN K 304 1.69 -3.39 37.47
N ASP K 305 0.91 -3.22 36.41
CA ASP K 305 -0.53 -3.44 36.39
C ASP K 305 -1.12 -3.03 35.01
N ASP K 306 -2.42 -3.33 34.89
CA ASP K 306 -3.20 -3.25 33.66
C ASP K 306 -3.23 -1.83 33.11
N HIS K 307 -2.90 -0.85 33.93
CA HIS K 307 -2.84 0.53 33.51
C HIS K 307 -1.64 0.83 32.59
N ILE K 308 -0.58 0.02 32.65
CA ILE K 308 0.68 0.41 32.00
C ILE K 308 0.53 0.57 30.50
N PRO K 309 -0.21 -0.25 29.77
CA PRO K 309 -0.24 -0.07 28.32
C PRO K 309 -1.09 1.12 27.86
N PHE K 310 -1.90 1.73 28.74
CA PHE K 310 -2.68 2.91 28.40
C PHE K 310 -1.95 4.20 28.80
N LEU K 311 -1.25 4.17 29.95
CA LEU K 311 -0.43 5.28 30.43
C LEU K 311 0.59 5.73 29.39
N ARG K 312 1.46 4.80 28.97
CA ARG K 312 2.39 4.82 27.84
C ARG K 312 1.90 5.42 26.52
N ARG K 313 0.64 5.65 26.40
CA ARG K 313 0.10 6.27 25.20
C ARG K 313 -0.58 7.60 25.49
N GLY K 314 -0.53 8.08 26.74
CA GLY K 314 -1.09 9.35 27.17
C GLY K 314 -2.50 9.36 27.77
N VAL K 315 -3.07 8.20 28.13
CA VAL K 315 -4.37 8.16 28.84
C VAL K 315 -4.13 8.51 30.31
N PRO K 316 -4.89 9.44 30.90
CA PRO K 316 -4.66 9.76 32.31
C PRO K 316 -5.25 8.67 33.17
N VAL K 317 -4.54 8.33 34.26
CA VAL K 317 -4.82 7.14 35.09
C VAL K 317 -5.05 7.53 36.57
N LEU K 318 -6.18 7.08 37.13
CA LEU K 318 -6.45 7.08 38.57
C LEU K 318 -6.38 5.65 39.15
N HIS K 319 -5.31 5.33 39.86
CA HIS K 319 -4.93 3.94 40.13
C HIS K 319 -5.20 3.61 41.62
N LEU K 320 -6.30 2.87 41.89
CA LEU K 320 -6.72 2.53 43.25
C LEU K 320 -6.20 1.15 43.61
N ILE K 321 -4.91 1.13 43.96
CA ILE K 321 -4.21 -0.05 44.46
C ILE K 321 -3.49 0.43 45.72
N PRO K 322 -3.78 -0.11 46.90
CA PRO K 322 -3.04 0.29 48.11
C PRO K 322 -1.56 -0.12 48.10
N SER K 323 -0.80 0.58 48.95
CA SER K 323 0.59 0.22 49.35
C SER K 323 0.79 0.50 50.88
N PRO K 324 1.14 -0.51 51.69
CA PRO K 324 1.57 -1.87 51.33
C PRO K 324 0.43 -2.75 50.84
N PHE K 325 0.78 -3.89 50.25
CA PHE K 325 -0.25 -4.78 49.71
C PHE K 325 -0.96 -5.46 50.88
N PRO K 326 -2.21 -5.92 50.68
CA PRO K 326 -2.89 -6.73 51.72
C PRO K 326 -2.00 -7.84 52.23
N GLU K 327 -2.12 -8.11 53.52
CA GLU K 327 -1.21 -9.04 54.19
C GLU K 327 -1.36 -10.45 53.65
N VAL K 328 -2.51 -10.77 53.02
CA VAL K 328 -2.82 -12.10 52.50
C VAL K 328 -2.43 -12.30 51.04
N TRP K 329 -1.71 -11.32 50.46
CA TRP K 329 -1.42 -11.25 49.03
C TRP K 329 -0.70 -12.51 48.52
N HIS K 330 -1.31 -13.14 47.50
CA HIS K 330 -0.87 -14.40 46.86
C HIS K 330 -0.63 -15.52 47.88
N THR K 331 -1.57 -15.64 48.83
CA THR K 331 -1.63 -16.77 49.78
C THR K 331 -3.04 -17.34 49.72
N MET K 332 -3.23 -18.51 50.37
CA MET K 332 -4.53 -19.19 50.35
C MET K 332 -5.55 -18.56 51.32
N ASP K 333 -5.07 -17.71 52.26
CA ASP K 333 -5.97 -16.91 53.10
C ASP K 333 -6.48 -15.63 52.46
N ASP K 334 -6.29 -15.41 51.14
CA ASP K 334 -7.08 -14.41 50.39
C ASP K 334 -8.46 -15.00 50.10
N ASN K 335 -9.27 -15.12 51.16
CA ASN K 335 -10.64 -15.66 51.14
C ASN K 335 -11.67 -14.68 51.74
N GLU K 336 -12.93 -15.11 51.66
CA GLU K 336 -14.10 -14.41 52.19
C GLU K 336 -14.01 -14.03 53.69
N GLU K 337 -13.40 -14.91 54.54
CA GLU K 337 -13.34 -14.71 55.99
C GLU K 337 -12.41 -13.56 56.38
N ASN K 338 -11.35 -13.30 55.60
CA ASN K 338 -10.55 -12.09 55.87
C ASN K 338 -11.00 -10.80 55.13
N LEU K 339 -12.19 -10.74 54.54
CA LEU K 339 -12.64 -9.49 53.95
C LEU K 339 -13.27 -8.63 55.03
N ASP K 340 -13.25 -7.29 54.83
CA ASP K 340 -13.89 -6.33 55.73
C ASP K 340 -15.16 -5.78 55.11
N GLU K 341 -16.30 -6.20 55.64
CA GLU K 341 -17.59 -5.67 55.20
C GLU K 341 -17.60 -4.15 55.19
N SER K 342 -17.25 -3.54 56.30
CA SER K 342 -17.53 -2.11 56.39
C SER K 342 -16.52 -1.26 55.62
N THR K 343 -15.21 -1.59 55.63
CA THR K 343 -14.30 -0.84 54.74
C THR K 343 -14.85 -0.84 53.31
N ILE K 344 -15.22 -2.03 52.81
CA ILE K 344 -15.78 -2.15 51.45
C ILE K 344 -17.01 -1.25 51.29
N ASP K 345 -18.01 -1.43 52.16
CA ASP K 345 -19.23 -0.63 52.07
C ASP K 345 -18.89 0.86 51.99
N ASN K 346 -17.85 1.32 52.70
CA ASN K 346 -17.53 2.74 52.70
C ASN K 346 -17.06 3.18 51.33
N LEU K 347 -16.14 2.42 50.73
CA LEU K 347 -15.62 2.77 49.42
C LEU K 347 -16.67 2.70 48.33
N ASN K 348 -17.68 1.83 48.44
CA ASN K 348 -18.78 1.82 47.44
C ASN K 348 -19.50 3.15 47.37
N LYS K 349 -19.51 3.87 48.49
CA LYS K 349 -20.22 5.12 48.63
C LYS K 349 -19.41 6.27 48.06
N ILE K 350 -18.19 6.39 48.53
CA ILE K 350 -17.29 7.36 47.94
C ILE K 350 -17.32 7.23 46.42
N LEU K 351 -17.11 6.02 45.91
CA LEU K 351 -16.97 5.86 44.46
C LEU K 351 -18.28 6.21 43.74
N GLN K 352 -19.44 5.86 44.30
CA GLN K 352 -20.67 6.21 43.60
C GLN K 352 -20.86 7.73 43.54
N VAL K 353 -20.52 8.46 44.62
CA VAL K 353 -20.56 9.93 44.61
C VAL K 353 -19.63 10.48 43.54
N PHE K 354 -18.37 10.00 43.51
CA PHE K 354 -17.39 10.43 42.51
C PHE K 354 -17.95 10.35 41.08
N VAL K 355 -18.50 9.18 40.70
CA VAL K 355 -19.01 8.98 39.35
C VAL K 355 -20.18 9.92 39.05
N LEU K 356 -21.12 10.09 39.98
CA LEU K 356 -22.29 10.95 39.72
C LEU K 356 -21.88 12.40 39.50
N GLU K 357 -20.88 12.90 40.25
CA GLU K 357 -20.30 14.22 40.01
C GLU K 357 -19.58 14.28 38.66
N TYR K 358 -18.86 13.20 38.29
CA TYR K 358 -18.14 13.21 37.04
C TYR K 358 -19.10 13.33 35.84
N LEU K 359 -20.30 12.76 35.91
CA LEU K 359 -21.23 12.80 34.78
C LEU K 359 -22.29 13.92 34.82
N HIS K 360 -22.30 14.76 35.89
CA HIS K 360 -23.38 15.70 36.27
C HIS K 360 -24.75 15.03 36.39
N LEU K 361 -24.81 14.00 37.22
CA LEU K 361 -26.06 13.25 37.34
C LEU K 361 -26.77 13.35 38.70
N ALA L 33 8.91 -31.13 39.98
CA ALA L 33 7.44 -31.28 39.98
C ALA L 33 6.73 -30.74 38.69
N SER L 34 7.24 -29.62 38.10
CA SER L 34 6.61 -28.79 37.00
C SER L 34 6.40 -27.21 37.17
N ALA L 35 6.04 -26.54 38.29
CA ALA L 35 5.54 -27.00 39.63
C ALA L 35 6.20 -26.29 40.81
N TRP L 36 7.48 -26.65 41.06
CA TRP L 36 8.26 -26.27 42.23
C TRP L 36 8.68 -24.82 42.27
N PRO L 37 8.79 -24.09 41.10
CA PRO L 37 9.12 -22.65 41.18
C PRO L 37 8.13 -21.85 42.03
N GLU L 38 7.05 -22.52 42.48
CA GLU L 38 5.93 -22.01 43.28
C GLU L 38 6.27 -21.83 44.75
N GLU L 39 7.22 -22.63 45.22
CA GLU L 39 7.41 -22.80 46.64
C GLU L 39 7.92 -21.53 47.33
N LYS L 40 8.88 -20.82 46.74
CA LYS L 40 9.37 -19.60 47.38
C LYS L 40 8.25 -18.68 47.93
N ASN L 41 7.03 -18.75 47.37
CA ASN L 41 5.94 -17.83 47.74
C ASN L 41 5.38 -18.13 49.14
N TYR L 42 5.55 -19.37 49.60
CA TYR L 42 4.93 -19.86 50.82
C TYR L 42 5.93 -20.06 51.94
N HIS L 43 7.24 -20.07 51.61
CA HIS L 43 8.31 -20.15 52.60
C HIS L 43 8.14 -19.14 53.74
N GLN L 44 8.47 -19.62 54.92
CA GLN L 44 8.21 -18.99 56.16
C GLN L 44 9.45 -19.30 56.96
N PRO L 45 9.92 -18.38 57.81
CA PRO L 45 11.18 -18.61 58.51
C PRO L 45 11.01 -19.37 59.82
N ALA L 46 12.13 -19.95 60.28
CA ALA L 46 12.23 -20.63 61.57
C ALA L 46 12.84 -19.70 62.64
N ILE L 47 11.99 -18.87 63.27
CA ILE L 47 12.48 -17.85 64.23
C ILE L 47 13.18 -18.47 65.43
N LEU L 48 14.27 -17.79 65.84
CA LEU L 48 15.18 -18.19 66.91
C LEU L 48 14.90 -17.51 68.27
N ASN L 49 15.14 -18.30 69.33
CA ASN L 49 14.94 -17.94 70.74
C ASN L 49 16.11 -17.10 71.26
N SER L 50 15.96 -16.57 72.50
CA SER L 50 16.93 -15.62 73.04
C SER L 50 18.29 -16.27 73.31
N SER L 51 18.32 -17.49 73.83
CA SER L 51 19.62 -18.15 74.02
C SER L 51 20.43 -18.19 72.74
N ALA L 52 19.80 -18.55 71.61
CA ALA L 52 20.53 -18.75 70.36
C ALA L 52 21.06 -17.43 69.76
N LEU L 53 20.25 -16.36 69.78
CA LEU L 53 20.71 -15.07 69.29
C LEU L 53 22.07 -14.68 69.89
N ARG L 54 22.09 -14.56 71.23
CA ARG L 54 23.33 -14.46 72.00
C ARG L 54 24.42 -15.35 71.44
N GLN L 55 24.12 -16.62 71.20
CA GLN L 55 25.18 -17.48 70.69
C GLN L 55 25.87 -16.88 69.48
N ILE L 56 25.14 -16.20 68.60
CA ILE L 56 25.70 -15.86 67.28
C ILE L 56 26.36 -14.50 67.29
N ALA L 57 25.82 -13.60 68.14
CA ALA L 57 26.50 -12.36 68.51
C ALA L 57 27.93 -12.66 68.94
N GLU L 58 28.07 -13.62 69.86
CA GLU L 58 29.38 -14.04 70.29
C GLU L 58 30.16 -14.75 69.21
N GLY L 59 29.49 -15.28 68.18
CA GLY L 59 30.18 -16.14 67.22
C GLY L 59 30.91 -15.43 66.09
N THR L 60 30.74 -14.11 65.95
CA THR L 60 31.44 -13.36 64.94
C THR L 60 32.23 -12.22 65.59
N SER L 61 33.41 -11.98 65.04
CA SER L 61 34.34 -10.97 65.47
C SER L 61 34.66 -10.07 64.29
N ILE L 62 34.39 -8.78 64.44
CA ILE L 62 34.61 -7.79 63.40
C ILE L 62 36.10 -7.51 63.19
N SER L 63 36.91 -7.79 64.21
CA SER L 63 38.35 -7.56 64.12
C SER L 63 39.03 -8.59 63.25
N GLU L 64 38.50 -9.81 63.21
CA GLU L 64 39.04 -10.83 62.31
C GLU L 64 38.73 -10.50 60.85
N MET L 65 37.46 -10.14 60.58
CA MET L 65 37.04 -9.66 59.26
C MET L 65 37.98 -8.59 58.74
N TRP L 66 38.13 -7.51 59.51
CA TRP L 66 38.95 -6.36 59.14
C TRP L 66 40.34 -6.75 58.61
N GLN L 67 41.06 -7.58 59.37
CA GLN L 67 42.49 -7.82 59.10
C GLN L 67 42.71 -8.85 58.01
N ASN L 68 41.93 -9.94 58.03
CA ASN L 68 42.13 -11.00 57.08
C ASN L 68 41.16 -10.97 55.89
N ASP L 69 39.98 -10.33 56.01
CA ASP L 69 38.98 -10.28 54.94
C ASP L 69 38.86 -8.93 54.23
N LEU L 70 38.92 -7.79 54.94
CA LEU L 70 38.74 -6.47 54.33
C LEU L 70 40.03 -5.84 53.81
N GLN L 71 41.00 -5.58 54.66
CA GLN L 71 42.13 -4.76 54.23
C GLN L 71 42.84 -5.29 52.98
N PRO L 72 42.82 -6.60 52.67
CA PRO L 72 43.46 -7.06 51.43
C PRO L 72 42.74 -6.62 50.19
N LEU L 73 41.45 -6.25 50.31
CA LEU L 73 40.62 -5.75 49.23
C LEU L 73 40.59 -4.23 49.14
N LEU L 74 41.35 -3.51 49.97
CA LEU L 74 41.36 -2.06 49.81
C LEU L 74 42.47 -1.65 48.82
N ILE L 75 42.16 -1.74 47.54
CA ILE L 75 43.14 -1.60 46.46
C ILE L 75 42.46 -1.18 45.14
N GLU L 76 43.23 -0.59 44.21
CA GLU L 76 42.74 -0.31 42.87
C GLU L 76 42.41 -1.61 42.12
N ARG L 77 41.13 -1.80 41.77
CA ARG L 77 40.65 -3.07 41.19
C ARG L 77 39.49 -2.84 40.21
N TYR L 78 39.73 -2.00 39.18
CA TYR L 78 38.74 -1.82 38.14
C TYR L 78 38.95 -2.92 37.09
N PRO L 79 37.92 -3.25 36.29
CA PRO L 79 38.00 -4.41 35.38
C PRO L 79 39.29 -4.45 34.54
N GLY L 80 39.94 -5.62 34.52
CA GLY L 80 41.12 -5.85 33.75
C GLY L 80 42.42 -5.45 34.42
N SER L 81 42.36 -4.86 35.61
CA SER L 81 43.55 -4.38 36.29
C SER L 81 44.16 -5.47 37.19
N PRO L 82 45.47 -5.36 37.44
CA PRO L 82 46.14 -6.35 38.28
C PRO L 82 45.47 -6.58 39.58
N GLY L 83 44.82 -5.58 40.14
CA GLY L 83 44.16 -5.75 41.41
C GLY L 83 42.85 -6.50 41.30
N SER L 84 42.17 -6.37 40.16
CA SER L 84 41.05 -7.24 39.88
C SER L 84 41.49 -8.71 39.99
N TYR L 85 42.61 -9.05 39.42
CA TYR L 85 43.03 -10.46 39.52
C TYR L 85 43.34 -10.86 40.96
N ALA L 86 43.78 -9.92 41.77
CA ALA L 86 44.24 -10.15 43.12
C ALA L 86 43.10 -10.13 44.12
N ALA L 87 42.15 -9.23 43.88
CA ALA L 87 40.89 -9.30 44.56
C ALA L 87 40.28 -10.66 44.36
N ARG L 88 40.32 -11.18 43.15
CA ARG L 88 39.71 -12.47 42.86
C ARG L 88 40.41 -13.62 43.59
N GLN L 89 41.75 -13.66 43.51
CA GLN L 89 42.47 -14.78 44.12
C GLN L 89 42.30 -14.81 45.62
N HIS L 90 42.17 -13.65 46.25
CA HIS L 90 41.96 -13.60 47.68
C HIS L 90 40.62 -14.13 48.04
N ILE L 91 39.58 -13.66 47.33
CA ILE L 91 38.20 -14.03 47.66
C ILE L 91 38.04 -15.53 47.53
N MET L 92 38.63 -16.09 46.48
CA MET L 92 38.67 -17.51 46.28
C MET L 92 39.34 -18.22 47.45
N GLN L 93 40.50 -17.72 47.89
CA GLN L 93 41.30 -18.43 48.90
C GLN L 93 40.66 -18.35 50.28
N ARG L 94 39.99 -17.26 50.58
CA ARG L 94 39.35 -17.18 51.87
C ARG L 94 38.26 -18.24 51.98
N ILE L 95 37.67 -18.62 50.86
CA ILE L 95 36.56 -19.57 50.86
C ILE L 95 37.07 -21.00 50.80
N GLN L 96 38.10 -21.23 50.00
CA GLN L 96 38.68 -22.54 49.75
C GLN L 96 39.10 -23.27 51.03
N ARG L 97 39.09 -22.54 52.13
CA ARG L 97 39.72 -23.00 53.35
C ARG L 97 38.71 -23.28 54.44
N LEU L 98 37.43 -23.23 54.09
CA LEU L 98 36.44 -23.55 55.12
C LEU L 98 36.07 -25.03 54.98
N GLN L 99 35.15 -25.45 55.84
CA GLN L 99 34.74 -26.84 55.96
C GLN L 99 33.63 -27.21 54.99
N ALA L 100 32.48 -26.52 55.11
CA ALA L 100 31.34 -26.70 54.21
C ALA L 100 31.84 -26.81 52.80
N ASP L 101 31.16 -27.65 52.01
CA ASP L 101 31.58 -28.04 50.65
C ASP L 101 31.09 -26.98 49.63
N TRP L 102 31.78 -25.83 49.61
CA TRP L 102 31.53 -24.76 48.64
C TRP L 102 32.08 -25.16 47.28
N VAL L 103 31.26 -24.99 46.25
CA VAL L 103 31.68 -25.16 44.86
C VAL L 103 31.83 -23.77 44.23
N LEU L 104 32.98 -23.56 43.61
CA LEU L 104 33.38 -22.29 43.05
C LEU L 104 33.31 -22.34 41.54
N GLU L 105 32.61 -21.36 40.95
CA GLU L 105 32.47 -21.19 39.51
C GLU L 105 33.07 -19.84 39.12
N ILE L 106 33.84 -19.81 38.04
CA ILE L 106 34.38 -18.54 37.51
C ILE L 106 33.79 -18.29 36.12
N ASP L 107 32.97 -17.23 36.00
CA ASP L 107 32.23 -16.91 34.78
C ASP L 107 32.93 -15.76 34.03
N THR L 108 33.67 -16.07 32.95
CA THR L 108 34.59 -15.12 32.30
C THR L 108 34.11 -14.83 30.88
N PHE L 109 33.79 -13.59 30.61
CA PHE L 109 33.12 -13.27 29.35
C PHE L 109 33.74 -12.01 28.69
N LEU L 110 33.42 -11.82 27.43
CA LEU L 110 33.91 -10.68 26.67
C LEU L 110 32.73 -9.75 26.32
N SER L 111 32.81 -8.49 26.75
CA SER L 111 31.86 -7.43 26.37
C SER L 111 32.56 -6.22 25.76
N GLN L 112 31.75 -5.34 25.17
CA GLN L 112 32.16 -4.08 24.59
C GLN L 112 32.00 -2.96 25.60
N THR L 113 32.95 -2.00 25.56
CA THR L 113 32.91 -0.85 26.47
C THR L 113 33.17 0.40 25.65
N PRO L 114 33.09 1.61 26.28
CA PRO L 114 33.54 2.87 25.60
C PRO L 114 35.02 2.90 25.20
N TYR L 115 35.83 1.96 25.71
CA TYR L 115 37.23 1.84 25.37
C TYR L 115 37.54 0.61 24.53
N GLY L 116 36.54 -0.04 23.94
CA GLY L 116 36.72 -1.29 23.22
C GLY L 116 36.49 -2.53 24.05
N TYR L 117 36.89 -3.65 23.48
CA TYR L 117 36.68 -4.96 24.07
C TYR L 117 37.50 -5.17 25.32
N ARG L 118 36.86 -5.87 26.27
CA ARG L 118 37.34 -6.17 27.62
C ARG L 118 36.76 -7.49 28.11
N SER L 119 37.52 -8.14 28.98
CA SER L 119 37.18 -9.37 29.67
C SER L 119 36.80 -9.11 31.12
N PHE L 120 35.71 -9.75 31.61
CA PHE L 120 35.27 -9.68 33.00
C PHE L 120 35.19 -11.07 33.63
N SER L 121 35.20 -11.12 34.96
CA SER L 121 35.02 -12.45 35.62
C SER L 121 34.21 -12.33 36.91
N ASN L 122 33.00 -12.87 36.88
CA ASN L 122 32.11 -13.01 38.04
C ASN L 122 32.60 -14.22 38.90
N ILE L 123 32.35 -14.17 40.21
CA ILE L 123 32.66 -15.27 41.14
C ILE L 123 31.36 -15.76 41.80
N ILE L 124 31.10 -17.06 41.73
CA ILE L 124 29.88 -17.67 42.27
C ILE L 124 30.28 -18.81 43.20
N SER L 125 29.68 -18.83 44.40
CA SER L 125 30.01 -19.79 45.44
C SER L 125 28.74 -20.50 45.94
N THR L 126 28.70 -21.85 45.82
CA THR L 126 27.46 -22.58 46.02
C THR L 126 27.64 -23.80 46.92
N LEU L 127 26.75 -23.88 47.89
CA LEU L 127 26.53 -25.09 48.64
C LEU L 127 25.39 -25.91 48.03
N ASN L 128 25.70 -27.13 47.62
CA ASN L 128 24.82 -28.19 47.12
C ASN L 128 24.26 -27.72 45.79
N PRO L 129 25.07 -27.68 44.81
CA PRO L 129 24.68 -27.13 43.49
C PRO L 129 23.43 -27.73 42.86
N THR L 130 23.00 -28.87 43.40
CA THR L 130 21.96 -29.69 42.81
C THR L 130 20.60 -29.36 43.38
N ALA L 131 20.54 -28.70 44.52
CA ALA L 131 19.26 -28.36 45.11
C ALA L 131 18.47 -27.50 44.12
N LYS L 132 17.17 -27.66 44.10
CA LYS L 132 16.40 -26.89 43.15
C LYS L 132 16.51 -25.41 43.45
N ARG L 133 16.50 -25.07 44.74
CA ARG L 133 16.41 -23.71 45.22
C ARG L 133 17.64 -23.28 46.02
N HIS L 134 18.03 -22.01 45.84
CA HIS L 134 19.08 -21.39 46.64
C HIS L 134 18.67 -19.98 47.01
N LEU L 135 18.79 -19.63 48.29
CA LEU L 135 18.74 -18.23 48.74
C LEU L 135 20.06 -17.59 48.33
N VAL L 136 20.02 -16.33 47.81
CA VAL L 136 21.21 -15.73 47.19
C VAL L 136 21.60 -14.38 47.79
N LEU L 137 22.87 -14.31 48.21
CA LEU L 137 23.52 -13.11 48.75
C LEU L 137 24.53 -12.59 47.74
N ALA L 138 24.60 -11.24 47.58
CA ALA L 138 25.47 -10.72 46.51
C ALA L 138 25.97 -9.26 46.67
N CYS L 139 27.06 -8.95 45.95
CA CYS L 139 27.57 -7.58 45.83
C CYS L 139 28.49 -7.50 44.61
N HIS L 140 29.09 -6.31 44.38
CA HIS L 140 30.07 -6.13 43.30
C HIS L 140 31.49 -5.97 43.88
N TYR L 141 32.47 -6.61 43.24
CA TYR L 141 33.85 -6.59 43.73
C TYR L 141 34.77 -5.75 42.85
N ASP L 142 34.27 -5.13 41.80
CA ASP L 142 35.06 -4.13 41.08
C ASP L 142 35.02 -2.79 41.81
N SER L 143 36.11 -2.02 41.75
CA SER L 143 36.16 -0.59 42.07
C SER L 143 36.08 0.26 40.79
N LYS L 144 35.65 1.52 40.94
CA LYS L 144 35.39 2.39 39.78
C LYS L 144 36.68 3.04 39.22
N TYR L 145 36.78 3.09 37.86
CA TYR L 145 37.95 3.60 37.16
C TYR L 145 38.04 5.13 37.23
N PHE L 146 39.16 5.61 37.78
CA PHE L 146 39.49 7.02 37.91
C PHE L 146 40.97 7.22 37.63
N SER L 147 41.32 8.39 37.14
CA SER L 147 42.74 8.78 37.17
C SER L 147 43.15 8.99 38.64
N HIS L 148 44.45 9.20 38.91
CA HIS L 148 44.93 9.37 40.29
C HIS L 148 44.86 10.85 40.69
N TRP L 149 43.66 11.27 41.07
CA TRP L 149 43.38 12.67 41.32
C TRP L 149 44.01 13.15 42.64
N ASN L 150 44.73 14.27 42.57
CA ASN L 150 45.42 14.86 43.73
C ASN L 150 46.47 13.94 44.29
N ASN L 151 46.94 12.98 43.49
CA ASN L 151 47.87 11.93 43.91
C ASN L 151 47.24 10.91 44.83
N ARG L 152 45.90 10.78 44.80
CA ARG L 152 45.19 9.78 45.58
C ARG L 152 44.60 8.69 44.66
N VAL L 153 44.22 7.56 45.25
CA VAL L 153 43.81 6.37 44.52
C VAL L 153 42.48 5.90 45.08
N PHE L 154 41.43 5.88 44.23
CA PHE L 154 40.08 5.48 44.65
C PHE L 154 40.04 3.96 44.86
N VAL L 155 39.47 3.54 46.01
CA VAL L 155 39.45 2.13 46.44
C VAL L 155 38.10 1.65 46.97
N GLY L 156 37.10 2.50 46.88
CA GLY L 156 35.74 2.14 47.25
C GLY L 156 35.66 1.29 48.51
N ALA L 157 35.70 1.92 49.68
CA ALA L 157 35.67 1.12 50.89
C ALA L 157 34.24 0.74 51.24
N THR L 158 33.29 1.65 51.07
CA THR L 158 31.88 1.25 51.22
C THR L 158 31.28 0.68 49.94
N ASP L 159 31.97 0.84 48.79
CA ASP L 159 31.42 0.72 47.45
C ASP L 159 32.43 -0.04 46.54
N SER L 160 32.56 -1.36 46.77
CA SER L 160 31.83 -2.11 47.80
C SER L 160 32.77 -3.08 48.60
N ALA L 161 33.92 -2.63 49.10
CA ALA L 161 34.90 -3.56 49.71
C ALA L 161 34.35 -4.23 50.98
N VAL L 162 33.65 -3.47 51.83
CA VAL L 162 33.01 -3.93 53.05
C VAL L 162 32.07 -5.08 52.65
N PRO L 163 30.92 -4.80 51.96
CA PRO L 163 30.11 -5.89 51.42
C PRO L 163 30.79 -7.22 51.10
N CYS L 164 31.90 -7.27 50.32
CA CYS L 164 32.66 -8.52 50.14
C CYS L 164 33.11 -9.11 51.49
N ALA L 165 33.66 -8.27 52.35
CA ALA L 165 34.14 -8.74 53.63
C ALA L 165 33.01 -9.17 54.56
N MET L 166 31.81 -8.64 54.43
CA MET L 166 30.74 -9.12 55.29
C MET L 166 30.28 -10.51 54.86
N MET L 167 30.27 -10.75 53.55
CA MET L 167 29.93 -12.06 53.01
C MET L 167 31.03 -13.04 53.35
N LEU L 168 32.28 -12.60 53.23
CA LEU L 168 33.35 -13.50 53.61
C LEU L 168 33.22 -13.92 55.09
N GLU L 169 33.25 -12.97 56.04
CA GLU L 169 32.94 -13.24 57.44
C GLU L 169 31.73 -14.16 57.68
N LEU L 170 30.56 -13.80 57.15
CA LEU L 170 29.36 -14.62 57.38
C LEU L 170 29.61 -16.13 57.16
N ALA L 171 30.28 -16.50 56.04
CA ALA L 171 30.42 -17.93 55.74
C ALA L 171 31.36 -18.61 56.72
N ARG L 172 32.32 -17.85 57.27
CA ARG L 172 33.26 -18.33 58.29
C ARG L 172 32.55 -18.59 59.60
N ALA L 173 31.70 -17.63 60.06
CA ALA L 173 31.06 -17.69 61.37
C ALA L 173 29.94 -18.71 61.46
N LEU L 174 29.40 -19.14 60.32
CA LEU L 174 28.35 -20.14 60.27
C LEU L 174 28.79 -21.38 59.52
N ASP L 175 30.10 -21.49 59.21
CA ASP L 175 30.65 -22.68 58.57
C ASP L 175 30.23 -23.94 59.27
N LYS L 176 30.07 -23.85 60.58
CA LYS L 176 29.54 -24.86 61.49
C LYS L 176 28.18 -25.41 61.06
N LYS L 177 27.17 -24.55 61.07
CA LYS L 177 25.83 -24.98 60.74
C LYS L 177 25.66 -25.23 59.24
N LEU L 178 26.40 -24.48 58.41
CA LEU L 178 26.31 -24.62 56.96
C LEU L 178 26.89 -25.94 56.46
N LEU L 179 27.76 -26.56 57.26
CA LEU L 179 28.31 -27.84 56.87
C LEU L 179 27.34 -28.96 57.17
N SER L 180 26.39 -28.71 58.07
CA SER L 180 25.35 -29.66 58.41
C SER L 180 24.57 -30.11 57.18
N LEU L 181 24.51 -29.26 56.12
CA LEU L 181 23.90 -29.63 54.83
C LEU L 181 24.77 -30.61 54.02
N LYS L 182 25.91 -31.08 54.57
CA LYS L 182 26.77 -32.17 54.02
C LYS L 182 27.77 -31.76 52.94
N PRO L 189 11.98 -29.35 52.30
CA PRO L 189 12.54 -28.02 52.16
C PRO L 189 13.95 -28.10 51.54
N ASP L 190 13.98 -28.26 50.22
CA ASP L 190 15.20 -28.61 49.45
C ASP L 190 16.00 -27.37 49.00
N LEU L 191 16.58 -26.69 49.98
CA LEU L 191 16.98 -25.29 49.90
C LEU L 191 18.35 -25.08 50.53
N SER L 192 19.27 -24.53 49.75
CA SER L 192 20.61 -24.26 50.29
C SER L 192 20.96 -22.79 50.03
N LEU L 193 22.22 -22.47 49.80
CA LEU L 193 22.66 -21.09 49.86
C LEU L 193 23.73 -20.83 48.81
N GLN L 194 23.66 -19.63 48.22
CA GLN L 194 24.59 -19.18 47.19
C GLN L 194 25.05 -17.75 47.47
N LEU L 195 26.29 -17.49 47.09
CA LEU L 195 26.89 -16.15 47.08
C LEU L 195 27.38 -15.76 45.69
N ILE L 196 27.05 -14.53 45.26
CA ILE L 196 27.53 -13.97 43.98
C ILE L 196 28.35 -12.69 44.20
N PHE L 197 29.49 -12.62 43.51
CA PHE L 197 30.42 -11.48 43.48
C PHE L 197 30.52 -10.97 42.02
N PHE L 198 29.78 -9.91 41.64
CA PHE L 198 29.82 -9.43 40.27
C PHE L 198 31.10 -8.67 39.92
N ASP L 199 31.52 -8.79 38.66
CA ASP L 199 32.46 -7.86 38.05
C ASP L 199 31.70 -6.77 37.30
N GLY L 200 32.34 -5.62 37.14
CA GLY L 200 31.87 -4.60 36.16
C GLY L 200 30.53 -3.98 36.42
N GLU L 201 30.15 -3.80 37.69
CA GLU L 201 28.97 -3.03 38.02
C GLU L 201 29.11 -1.54 37.62
N GLU L 202 30.30 -0.92 37.70
CA GLU L 202 30.32 0.53 37.46
C GLU L 202 30.53 0.85 35.97
N ALA L 203 30.04 2.02 35.57
CA ALA L 203 30.33 2.54 34.25
C ALA L 203 31.83 2.84 34.06
N PHE L 204 32.30 2.71 32.83
CA PHE L 204 33.69 3.04 32.54
C PHE L 204 33.90 4.52 32.27
N LEU L 205 32.92 5.16 31.63
CA LEU L 205 32.97 6.55 31.20
C LEU L 205 31.72 7.34 31.59
N HIS L 206 30.55 6.97 31.11
CA HIS L 206 29.30 7.66 31.39
C HIS L 206 28.18 6.65 31.57
N TRP L 207 27.45 6.72 32.68
CA TRP L 207 26.43 5.72 33.01
C TRP L 207 25.26 5.72 32.00
N SER L 208 25.05 4.54 31.43
CA SER L 208 24.08 4.28 30.39
C SER L 208 23.70 2.80 30.44
N PRO L 209 22.73 2.37 29.64
CA PRO L 209 22.41 0.92 29.58
C PRO L 209 23.48 0.03 28.99
N GLN L 210 24.34 0.57 28.12
CA GLN L 210 25.45 -0.17 27.53
C GLN L 210 26.76 0.03 28.28
N ASP L 211 26.82 0.95 29.26
CA ASP L 211 28.03 1.23 30.03
C ASP L 211 27.60 1.21 31.50
N SER L 212 27.50 0.00 32.06
CA SER L 212 27.01 -0.32 33.40
C SER L 212 26.59 -1.77 33.44
N LEU L 213 26.65 -2.36 34.66
CA LEU L 213 26.07 -3.67 35.00
C LEU L 213 26.49 -4.74 33.98
N TYR L 214 27.77 -4.74 33.61
CA TYR L 214 28.23 -5.71 32.64
C TYR L 214 28.11 -7.13 33.17
N GLY L 215 28.35 -7.34 34.47
CA GLY L 215 28.40 -8.67 35.09
C GLY L 215 27.02 -9.21 35.36
N SER L 216 26.19 -8.44 36.06
CA SER L 216 24.81 -8.85 36.27
C SER L 216 24.03 -9.08 34.94
N ARG L 217 24.29 -8.30 33.88
CA ARG L 217 23.50 -8.47 32.65
C ARG L 217 23.89 -9.76 31.90
N HIS L 218 25.13 -10.18 32.05
CA HIS L 218 25.57 -11.45 31.49
C HIS L 218 24.95 -12.68 32.20
N LEU L 219 25.04 -12.70 33.53
CA LEU L 219 24.67 -13.88 34.38
C LEU L 219 23.17 -14.13 34.39
N ALA L 220 22.36 -13.08 34.45
CA ALA L 220 20.91 -13.19 34.28
C ALA L 220 20.52 -13.88 32.99
N ALA L 221 21.07 -13.43 31.89
CA ALA L 221 20.79 -14.13 30.65
C ALA L 221 21.29 -15.57 30.68
N LYS L 222 22.54 -15.81 31.12
CA LYS L 222 23.02 -17.18 31.19
C LYS L 222 22.10 -18.07 32.08
N MET L 223 21.66 -17.54 33.24
CA MET L 223 20.86 -18.36 34.18
C MET L 223 19.46 -18.64 33.63
N ALA L 224 18.81 -17.65 33.05
CA ALA L 224 17.49 -17.83 32.48
C ALA L 224 17.44 -18.82 31.29
N SER L 225 18.56 -19.08 30.63
CA SER L 225 18.67 -20.04 29.53
C SER L 225 19.36 -21.35 29.93
N THR L 226 19.59 -21.65 31.29
CA THR L 226 20.19 -22.91 31.75
C THR L 226 19.13 -23.77 32.49
N PRO L 227 18.91 -25.03 32.09
CA PRO L 227 17.94 -25.84 32.83
C PRO L 227 18.40 -26.26 34.23
N HIS L 228 17.46 -26.22 35.16
CA HIS L 228 17.67 -26.50 36.55
C HIS L 228 16.40 -27.22 37.05
N PRO L 229 16.56 -28.30 37.82
CA PRO L 229 17.82 -28.99 38.16
C PRO L 229 18.30 -29.86 37.00
N PRO L 230 19.59 -30.22 36.95
CA PRO L 230 20.10 -30.95 35.76
C PRO L 230 19.10 -31.97 35.15
N GLY L 231 18.85 -31.86 33.83
CA GLY L 231 17.85 -32.67 33.14
C GLY L 231 16.46 -32.08 33.03
N ALA L 232 16.17 -30.92 33.60
CA ALA L 232 14.81 -30.38 33.50
C ALA L 232 14.48 -29.93 32.07
N ARG L 233 13.17 -29.84 31.80
CA ARG L 233 12.60 -29.47 30.50
C ARG L 233 11.87 -28.16 30.46
N GLY L 234 11.18 -27.76 31.51
CA GLY L 234 10.47 -26.47 31.50
C GLY L 234 10.86 -25.43 32.55
N THR L 235 11.97 -25.59 33.31
CA THR L 235 12.38 -24.67 34.39
C THR L 235 13.88 -24.34 34.29
N SER L 236 14.31 -23.22 34.92
CA SER L 236 15.66 -22.65 34.78
C SER L 236 16.29 -22.26 36.13
N GLN L 237 17.62 -21.98 36.10
CA GLN L 237 18.35 -21.58 37.32
C GLN L 237 17.76 -20.30 37.94
N LEU L 238 17.42 -19.33 37.13
CA LEU L 238 16.65 -18.14 37.53
C LEU L 238 15.39 -18.45 38.34
N HIS L 239 14.60 -19.44 37.92
CA HIS L 239 13.45 -19.91 38.72
C HIS L 239 13.88 -20.39 40.12
N GLY L 240 15.04 -21.04 40.24
CA GLY L 240 15.62 -21.48 41.49
C GLY L 240 16.13 -20.39 42.47
N MET L 241 16.06 -19.10 42.14
CA MET L 241 16.54 -18.05 43.06
C MET L 241 15.41 -17.62 44.01
N ASP L 242 15.39 -18.18 45.23
CA ASP L 242 14.29 -17.97 46.15
C ASP L 242 14.07 -16.50 46.44
N LEU L 243 15.16 -15.79 46.79
CA LEU L 243 15.20 -14.34 46.98
C LEU L 243 16.64 -13.83 46.78
N LEU L 244 16.76 -12.59 46.27
CA LEU L 244 18.07 -11.94 46.07
C LEU L 244 18.31 -10.82 47.07
N VAL L 245 19.32 -10.99 47.94
CA VAL L 245 19.77 -9.93 48.85
C VAL L 245 21.07 -9.31 48.31
N LEU L 246 20.91 -8.13 47.72
CA LEU L 246 22.00 -7.33 47.17
C LEU L 246 22.40 -6.26 48.18
N LEU L 247 23.67 -6.34 48.66
CA LEU L 247 24.28 -5.36 49.56
C LEU L 247 25.21 -4.46 48.77
N ASP L 248 25.16 -3.16 49.05
CA ASP L 248 25.87 -2.16 48.27
C ASP L 248 25.96 -0.89 49.10
N LEU L 249 27.15 -0.24 49.09
CA LEU L 249 27.34 1.11 49.66
C LEU L 249 27.19 1.14 51.18
N ILE L 250 27.93 0.27 51.87
CA ILE L 250 27.71 -0.06 53.29
C ILE L 250 29.02 0.14 54.05
N GLY L 251 28.94 0.79 55.20
CA GLY L 251 30.14 0.99 56.02
C GLY L 251 30.22 2.37 56.64
N ALA L 252 29.18 3.15 56.46
CA ALA L 252 29.15 4.48 56.98
C ALA L 252 28.17 4.57 58.14
N PRO L 253 28.31 5.59 58.97
CA PRO L 253 27.51 5.64 60.18
C PRO L 253 26.13 6.18 59.91
N ASN L 254 25.20 5.75 60.73
CA ASN L 254 23.82 6.19 60.65
C ASN L 254 23.22 5.93 59.27
N PRO L 255 23.38 4.72 58.74
CA PRO L 255 22.71 4.38 57.49
C PRO L 255 21.22 4.18 57.73
N THR L 256 20.40 4.45 56.71
CA THR L 256 18.96 4.16 56.72
C THR L 256 18.55 3.59 55.37
N PHE L 257 17.94 2.38 55.35
CA PHE L 257 17.56 1.57 54.18
C PHE L 257 16.05 1.54 54.07
N PRO L 258 15.46 1.99 52.94
CA PRO L 258 14.01 1.99 52.81
C PRO L 258 13.45 0.65 52.28
N ASN L 259 12.12 0.56 52.26
CA ASN L 259 11.48 -0.65 51.78
C ASN L 259 11.18 -0.45 50.30
N PHE L 260 11.91 -1.15 49.45
CA PHE L 260 11.87 -0.81 48.05
C PHE L 260 10.70 -1.45 47.31
N PHE L 261 10.37 -2.73 47.56
CA PHE L 261 9.35 -3.40 46.72
C PHE L 261 8.22 -4.05 47.50
N PRO L 262 6.97 -3.97 47.02
CA PRO L 262 5.87 -4.61 47.73
C PRO L 262 5.80 -6.15 47.66
N ASN L 263 6.63 -6.81 46.85
CA ASN L 263 6.62 -8.27 46.78
C ASN L 263 7.61 -8.92 47.75
N SER L 264 8.64 -8.21 48.19
CA SER L 264 9.52 -8.74 49.24
C SER L 264 9.28 -8.05 50.58
N ALA L 265 8.23 -7.23 50.66
CA ALA L 265 7.91 -6.46 51.86
C ALA L 265 8.00 -7.30 53.14
N ARG L 266 7.39 -8.47 53.18
CA ARG L 266 7.34 -9.18 54.45
C ARG L 266 8.75 -9.56 54.93
N TRP L 267 9.66 -9.92 54.02
CA TRP L 267 11.00 -10.32 54.43
C TRP L 267 11.82 -9.16 55.02
N PHE L 268 11.43 -7.92 54.72
CA PHE L 268 12.06 -6.72 55.27
C PHE L 268 11.52 -6.43 56.68
N GLU L 269 10.22 -6.70 56.88
CA GLU L 269 9.67 -6.66 58.23
C GLU L 269 10.46 -7.60 59.14
N ARG L 270 10.88 -8.77 58.64
CA ARG L 270 11.77 -9.59 59.46
C ARG L 270 13.00 -8.80 59.94
N LEU L 271 13.83 -8.28 59.03
CA LEU L 271 14.97 -7.46 59.46
C LEU L 271 14.66 -6.43 60.55
N GLN L 272 13.55 -5.68 60.42
CA GLN L 272 13.10 -4.76 61.48
C GLN L 272 13.01 -5.46 62.83
N ALA L 273 12.44 -6.65 62.87
CA ALA L 273 12.16 -7.34 64.12
C ALA L 273 13.34 -8.12 64.64
N ILE L 274 14.30 -8.47 63.78
CA ILE L 274 15.59 -8.99 64.20
C ILE L 274 16.41 -7.85 64.79
N GLU L 275 16.21 -6.63 64.31
CA GLU L 275 16.97 -5.48 64.81
C GLU L 275 16.45 -5.03 66.16
N HIS L 276 15.13 -5.10 66.33
CA HIS L 276 14.47 -4.66 67.54
C HIS L 276 14.57 -5.67 68.70
N GLU L 277 14.98 -6.91 68.43
CA GLU L 277 15.17 -7.93 69.46
C GLU L 277 16.62 -8.14 69.84
N LEU L 278 17.58 -7.51 69.16
CA LEU L 278 18.96 -7.55 69.64
C LEU L 278 19.29 -6.28 70.40
N HIS L 279 18.51 -5.22 70.18
CA HIS L 279 18.64 -4.04 71.02
C HIS L 279 18.24 -4.34 72.44
N GLU L 280 17.00 -4.84 72.62
CA GLU L 280 16.43 -5.10 73.95
C GLU L 280 17.23 -6.17 74.68
N LEU L 281 17.79 -7.14 73.94
CA LEU L 281 18.70 -8.12 74.53
C LEU L 281 20.08 -7.54 74.87
N GLY L 282 20.43 -6.39 74.32
CA GLY L 282 21.73 -5.79 74.59
C GLY L 282 22.88 -6.48 73.88
N LEU L 283 22.68 -6.90 72.63
CA LEU L 283 23.74 -7.51 71.83
C LEU L 283 24.21 -6.57 70.72
N LEU L 284 23.65 -5.37 70.62
CA LEU L 284 24.13 -4.35 69.69
C LEU L 284 24.94 -3.30 70.44
N LYS L 285 25.68 -2.47 69.67
CA LYS L 285 26.58 -1.46 70.23
C LYS L 285 26.38 -0.08 69.62
N ASP L 286 26.48 0.92 70.50
CA ASP L 286 26.30 2.32 70.15
C ASP L 286 25.07 2.44 69.30
N HIS L 287 23.98 1.75 69.67
CA HIS L 287 22.76 1.66 68.87
C HIS L 287 21.51 2.11 69.64
N SER L 288 20.67 2.89 68.98
CA SER L 288 19.41 3.33 69.55
C SER L 288 18.22 2.94 68.65
N LEU L 289 17.03 2.99 69.23
CA LEU L 289 15.76 2.75 68.54
C LEU L 289 15.18 4.02 67.98
N GLU L 290 15.97 5.08 67.92
CA GLU L 290 15.60 6.27 67.20
C GLU L 290 16.54 6.51 66.03
N GLY L 291 17.72 5.87 66.04
CA GLY L 291 18.59 5.78 64.89
C GLY L 291 18.66 4.37 64.32
N ARG L 292 17.49 3.77 64.07
CA ARG L 292 17.40 2.41 63.55
C ARG L 292 17.69 2.40 62.05
N TYR L 293 18.21 1.27 61.59
CA TYR L 293 18.62 1.13 60.20
C TYR L 293 17.41 0.86 59.28
N PHE L 294 16.48 0.03 59.69
CA PHE L 294 15.35 -0.35 58.85
C PHE L 294 14.08 0.29 59.38
N GLN L 295 13.67 1.34 58.71
CA GLN L 295 12.66 2.24 59.25
C GLN L 295 11.49 2.17 58.31
N ASN L 296 10.44 1.41 58.67
CA ASN L 296 9.37 1.16 57.71
C ASN L 296 8.95 2.50 57.12
N TYR L 297 9.47 2.69 55.91
CA TYR L 297 9.34 3.86 55.04
C TYR L 297 9.07 3.28 53.65
N SER L 298 9.07 4.13 52.63
CA SER L 298 8.69 3.65 51.31
C SER L 298 9.82 3.89 50.30
N TYR L 299 9.94 5.10 49.75
CA TYR L 299 10.81 5.32 48.55
C TYR L 299 11.06 3.97 47.85
N GLY L 300 10.12 3.43 47.06
CA GLY L 300 8.91 4.11 46.61
C GLY L 300 9.11 4.48 45.16
N GLY L 301 10.37 4.35 44.72
CA GLY L 301 10.78 4.46 43.33
C GLY L 301 11.84 3.40 43.15
N VAL L 302 12.90 3.69 42.41
CA VAL L 302 13.91 2.65 42.12
C VAL L 302 15.24 3.30 41.81
N ILE L 303 16.31 2.61 42.21
CA ILE L 303 17.70 2.91 41.92
C ILE L 303 18.27 1.83 41.00
N GLN L 304 19.11 2.21 40.03
CA GLN L 304 19.76 1.28 39.10
C GLN L 304 20.90 0.53 39.75
N ASP L 305 20.98 -0.80 39.55
CA ASP L 305 21.98 -1.62 40.24
C ASP L 305 21.93 -3.04 39.67
N ASP L 306 22.77 -3.91 40.23
CA ASP L 306 22.96 -5.26 39.71
C ASP L 306 21.69 -6.09 39.87
N HIS L 307 20.71 -5.62 40.63
CA HIS L 307 19.45 -6.33 40.73
C HIS L 307 18.59 -6.12 39.49
N ILE L 308 18.86 -5.10 38.64
CA ILE L 308 17.88 -4.72 37.61
C ILE L 308 17.58 -5.84 36.64
N PRO L 309 18.58 -6.52 36.04
CA PRO L 309 18.27 -7.56 35.01
C PRO L 309 17.68 -8.84 35.58
N PHE L 310 17.82 -9.09 36.88
CA PHE L 310 17.13 -10.18 37.54
C PHE L 310 15.69 -9.80 37.85
N LEU L 311 15.47 -8.57 38.35
CA LEU L 311 14.14 -8.12 38.77
C LEU L 311 13.12 -8.09 37.62
N ARG L 312 13.57 -7.69 36.41
CA ARG L 312 12.70 -7.55 35.24
C ARG L 312 12.39 -8.89 34.58
N ARG L 313 12.94 -10.00 35.09
CA ARG L 313 12.57 -11.36 34.71
C ARG L 313 11.82 -12.08 35.83
N GLY L 314 11.42 -11.35 36.88
CA GLY L 314 10.58 -11.90 37.94
C GLY L 314 11.23 -12.42 39.19
N VAL L 315 12.49 -12.07 39.48
CA VAL L 315 13.14 -12.53 40.72
C VAL L 315 12.81 -11.60 41.90
N PRO L 316 12.45 -12.11 43.08
CA PRO L 316 12.19 -11.19 44.22
C PRO L 316 13.46 -10.63 44.79
N VAL L 317 13.43 -9.32 45.08
CA VAL L 317 14.61 -8.57 45.47
C VAL L 317 14.42 -7.93 46.85
N LEU L 318 15.44 -8.10 47.72
CA LEU L 318 15.64 -7.38 48.94
C LEU L 318 16.89 -6.56 48.72
N HIS L 319 16.72 -5.22 48.48
CA HIS L 319 17.81 -4.36 48.01
C HIS L 319 18.37 -3.58 49.19
N LEU L 320 19.60 -3.95 49.63
CA LEU L 320 20.18 -3.40 50.86
C LEU L 320 21.23 -2.35 50.52
N ILE L 321 20.69 -1.23 50.00
CA ILE L 321 21.41 -0.04 49.60
C ILE L 321 20.75 1.11 50.37
N PRO L 322 21.50 2.01 50.99
CA PRO L 322 20.88 3.14 51.69
C PRO L 322 20.42 4.28 50.77
N SER L 323 19.56 5.09 51.35
CA SER L 323 19.13 6.33 50.74
C SER L 323 19.03 7.34 51.88
N PRO L 324 19.89 8.40 51.90
CA PRO L 324 20.86 8.88 50.89
C PRO L 324 22.09 8.04 50.65
N PHE L 325 22.88 8.30 49.62
CA PHE L 325 24.16 7.60 49.55
C PHE L 325 25.09 8.17 50.63
N PRO L 326 26.06 7.36 51.10
CA PRO L 326 27.13 7.90 51.94
C PRO L 326 27.64 9.27 51.50
N GLU L 327 27.93 10.12 52.50
CA GLU L 327 28.40 11.49 52.28
C GLU L 327 29.67 11.53 51.44
N VAL L 328 30.48 10.45 51.47
CA VAL L 328 31.73 10.32 50.74
C VAL L 328 31.61 9.63 49.38
N TRP L 329 30.38 9.38 48.95
CA TRP L 329 30.08 8.63 47.73
C TRP L 329 30.82 9.21 46.56
N HIS L 330 31.73 8.40 46.03
CA HIS L 330 32.49 8.63 44.83
C HIS L 330 33.58 9.68 44.97
N THR L 331 34.00 9.99 46.20
CA THR L 331 35.15 10.89 46.48
C THR L 331 36.44 10.09 46.80
N MET L 332 37.61 10.78 46.82
CA MET L 332 38.84 10.08 47.21
C MET L 332 38.85 9.77 48.70
N ASP L 333 37.90 10.29 49.47
CA ASP L 333 37.79 10.06 50.90
C ASP L 333 36.80 8.95 51.27
N ASP L 334 36.45 8.05 50.33
CA ASP L 334 35.66 6.85 50.68
C ASP L 334 36.66 5.73 50.96
N ASN L 335 37.20 5.73 52.19
CA ASN L 335 38.39 4.94 52.56
C ASN L 335 38.21 4.30 53.95
N GLU L 336 39.31 3.70 54.44
CA GLU L 336 39.28 2.95 55.70
C GLU L 336 38.94 3.87 56.88
N GLU L 337 39.64 4.99 56.96
CA GLU L 337 39.45 5.96 58.03
C GLU L 337 38.00 6.39 58.26
N ASN L 338 37.16 6.35 57.21
CA ASN L 338 35.80 6.91 57.34
C ASN L 338 34.71 5.89 57.64
N LEU L 339 35.04 4.60 57.59
CA LEU L 339 34.16 3.54 58.08
C LEU L 339 33.90 3.74 59.56
N ASP L 340 32.86 3.05 60.03
CA ASP L 340 32.46 2.98 61.42
C ASP L 340 32.39 1.51 61.85
N GLU L 341 33.39 1.06 62.65
CA GLU L 341 33.46 -0.32 63.13
C GLU L 341 32.15 -0.81 63.72
N SER L 342 31.41 0.07 64.39
CA SER L 342 30.26 -0.40 65.15
C SER L 342 29.15 -0.88 64.21
N THR L 343 28.70 -0.01 63.30
CA THR L 343 27.56 -0.33 62.43
C THR L 343 27.80 -1.62 61.62
N ILE L 344 29.03 -1.84 61.18
CA ILE L 344 29.29 -3.04 60.39
C ILE L 344 29.15 -4.31 61.23
N ASP L 345 29.48 -4.24 62.54
CA ASP L 345 29.36 -5.37 63.46
C ASP L 345 27.90 -5.65 63.75
N ASN L 346 27.12 -4.58 63.97
CA ASN L 346 25.68 -4.73 64.15
C ASN L 346 25.05 -5.37 62.93
N LEU L 347 25.32 -4.79 61.76
CA LEU L 347 24.77 -5.29 60.52
C LEU L 347 25.09 -6.76 60.32
N ASN L 348 26.37 -7.14 60.49
CA ASN L 348 26.73 -8.56 60.44
C ASN L 348 25.78 -9.42 61.30
N LYS L 349 25.49 -8.97 62.52
CA LYS L 349 24.72 -9.78 63.45
C LYS L 349 23.32 -10.04 62.93
N ILE L 350 22.63 -8.98 62.51
CA ILE L 350 21.29 -9.08 61.94
C ILE L 350 21.28 -9.98 60.74
N LEU L 351 22.30 -9.90 59.93
CA LEU L 351 22.19 -10.62 58.68
C LEU L 351 22.47 -12.09 58.87
N GLN L 352 23.43 -12.41 59.74
CA GLN L 352 23.73 -13.82 60.05
C GLN L 352 22.50 -14.49 60.63
N VAL L 353 21.72 -13.76 61.43
CA VAL L 353 20.43 -14.21 61.95
C VAL L 353 19.49 -14.56 60.80
N PHE L 354 19.09 -13.54 60.01
CA PHE L 354 18.23 -13.70 58.85
C PHE L 354 18.50 -15.00 58.03
N VAL L 355 19.76 -15.27 57.73
CA VAL L 355 20.09 -16.40 56.90
C VAL L 355 19.84 -17.72 57.61
N LEU L 356 20.13 -17.81 58.91
CA LEU L 356 19.80 -19.02 59.67
C LEU L 356 18.29 -19.22 59.83
N GLU L 357 17.55 -18.16 60.20
CA GLU L 357 16.08 -18.23 60.19
C GLU L 357 15.51 -18.51 58.78
N TYR L 358 16.11 -17.94 57.70
CA TYR L 358 15.61 -18.25 56.34
C TYR L 358 15.82 -19.72 56.00
N LEU L 359 17.00 -20.26 56.30
CA LEU L 359 17.37 -21.61 55.99
C LEU L 359 16.88 -22.66 57.03
N HIS L 360 16.07 -22.27 58.05
CA HIS L 360 15.57 -23.18 59.12
C HIS L 360 16.70 -23.92 59.86
N LEU L 361 17.87 -23.27 60.04
CA LEU L 361 19.01 -23.84 60.79
C LEU L 361 19.16 -23.14 62.14
#